data_4K1P
#
_entry.id   4K1P
#
_cell.length_a   309.008
_cell.length_b   58.242
_cell.length_c   172.999
_cell.angle_alpha   90.00
_cell.angle_beta   110.61
_cell.angle_gamma   90.00
#
_symmetry.space_group_name_H-M   'C 1 2 1'
#
loop_
_entity.id
_entity.type
_entity.pdbx_description
1 polymer NheA
2 non-polymer 1,2-ETHANEDIOL
3 non-polymer 'SULFATE ION'
4 water water
#
_entity_poly.entity_id   1
_entity_poly.type   'polypeptide(L)'
_entity_poly.pdbx_seq_one_letter_code
;KEGQTEVKTVYAQNVIAPNTLSNSIRMLGSQSPLIQAYGLVILQQPDIKVNAMSSLTNHQKFAKANVREWIDEYNPKLID
LNQEMMRYSIRFNSYYSKLYELAGNINEDEQSKADFTNAYGKLQLQVQSIQENMEQDLLELNRFKTVLDKDSNNLSIKAD
EAIKTLQGSSGDIVKLREDIKRIQGEIQAELTTILNRPQEIIKGSINIGKQVFTITNQTAQTKTIDFVSIGTLSNEIVNA
ADSQTREAALRIQQKQKELLPLIQKLSQTEAEATQITFVEDQVSSFTELIDRQITTLETLLTDWKVLNNNMIQIQKNVEE
GTYTDSSLLQKHFNQIKKVSDEMNKQTNQFEDYVTNVEVH
;
_entity_poly.pdbx_strand_id   A,B,C,D,E,F,G,H
#
# COMPACT_ATOMS: atom_id res chain seq x y z
N ILE A 16 48.27 -2.13 -22.79
CA ILE A 16 47.48 -1.31 -21.83
C ILE A 16 46.27 -0.67 -22.51
N ALA A 17 45.09 -1.16 -22.14
CA ALA A 17 43.85 -0.67 -22.72
C ALA A 17 43.43 0.65 -22.05
N PRO A 18 42.92 1.61 -22.85
CA PRO A 18 42.36 2.84 -22.27
C PRO A 18 41.31 2.55 -21.20
N ASN A 19 40.70 1.37 -21.28
CA ASN A 19 39.63 0.96 -20.37
C ASN A 19 40.15 0.18 -19.16
N THR A 20 41.46 0.19 -18.94
CA THR A 20 42.07 -0.59 -17.88
C THR A 20 41.31 -0.49 -16.56
N LEU A 21 40.97 0.73 -16.17
CA LEU A 21 40.37 0.97 -14.85
C LEU A 21 38.84 0.89 -14.87
N SER A 22 38.28 0.37 -15.96
CA SER A 22 36.83 0.19 -16.10
C SER A 22 36.06 1.44 -15.66
N ASN A 23 34.92 1.25 -15.02
CA ASN A 23 34.13 2.39 -14.53
C ASN A 23 34.03 2.50 -13.01
N SER A 24 35.05 2.02 -12.30
CA SER A 24 34.96 1.85 -10.86
C SER A 24 35.02 3.20 -10.12
N ILE A 25 35.92 4.07 -10.57
CA ILE A 25 36.04 5.39 -9.97
C ILE A 25 34.71 6.15 -9.99
N ARG A 26 34.07 6.19 -11.15
CA ARG A 26 32.79 6.88 -11.30
C ARG A 26 31.72 6.25 -10.41
N MET A 27 31.59 4.92 -10.51
CA MET A 27 30.61 4.18 -9.74
C MET A 27 30.77 4.31 -8.23
N LEU A 28 31.99 4.45 -7.74
CA LEU A 28 32.21 4.68 -6.32
C LEU A 28 31.56 6.01 -5.95
N GLY A 29 31.61 6.97 -6.86
CA GLY A 29 30.95 8.25 -6.65
C GLY A 29 29.45 8.18 -6.72
N SER A 30 28.91 7.42 -7.68
CA SER A 30 27.47 7.45 -7.91
C SER A 30 26.76 6.56 -6.89
N GLN A 31 27.51 5.62 -6.32
CA GLN A 31 27.01 4.80 -5.25
C GLN A 31 26.87 5.56 -3.94
N SER A 32 27.54 6.70 -3.86
CA SER A 32 27.74 7.35 -2.58
C SER A 32 26.49 8.05 -2.02
N PRO A 33 25.75 8.79 -2.88
CA PRO A 33 24.54 9.46 -2.40
C PRO A 33 23.48 8.49 -1.90
N LEU A 34 23.37 7.32 -2.52
CA LEU A 34 22.39 6.35 -2.06
C LEU A 34 22.78 5.76 -0.72
N ILE A 35 24.08 5.58 -0.51
CA ILE A 35 24.55 5.11 0.78
C ILE A 35 24.33 6.18 1.84
N GLN A 36 24.46 7.44 1.47
CA GLN A 36 24.23 8.50 2.44
C GLN A 36 22.75 8.60 2.82
N ALA A 37 21.88 8.41 1.83
CA ALA A 37 20.45 8.40 2.07
C ALA A 37 19.97 7.23 2.94
N TYR A 38 20.32 6.02 2.53
CA TYR A 38 19.90 4.86 3.30
C TYR A 38 20.44 4.89 4.72
N GLY A 39 21.49 5.69 4.91
CA GLY A 39 22.12 5.83 6.21
C GLY A 39 21.38 6.81 7.09
N LEU A 40 20.95 7.92 6.48
CA LEU A 40 20.21 8.93 7.20
C LEU A 40 18.84 8.40 7.61
N VAL A 41 18.30 7.48 6.82
CA VAL A 41 17.05 6.83 7.17
C VAL A 41 17.20 6.06 8.49
N ILE A 42 18.28 5.30 8.63
CA ILE A 42 18.57 4.60 9.87
C ILE A 42 18.76 5.57 11.05
N LEU A 43 19.49 6.64 10.81
CA LEU A 43 19.73 7.62 11.89
C LEU A 43 18.42 8.25 12.37
N GLN A 44 17.50 8.45 11.43
CA GLN A 44 16.32 9.25 11.69
C GLN A 44 15.10 8.46 12.14
N GLN A 45 15.07 7.16 11.87
CA GLN A 45 14.04 6.29 12.43
C GLN A 45 14.14 6.34 13.96
N PRO A 46 13.00 6.53 14.66
CA PRO A 46 13.20 6.82 16.08
C PRO A 46 13.56 5.62 16.95
N ASP A 47 14.35 5.91 17.98
CA ASP A 47 14.80 4.92 18.97
C ASP A 47 13.58 4.23 19.52
N ILE A 48 13.60 2.91 19.52
CA ILE A 48 12.39 2.17 19.79
C ILE A 48 12.65 0.99 20.73
N LYS A 49 11.72 0.76 21.65
CA LYS A 49 11.65 -0.50 22.39
C LYS A 49 10.42 -1.31 21.99
N VAL A 50 10.61 -2.61 21.86
CA VAL A 50 9.55 -3.53 21.48
C VAL A 50 9.61 -4.75 22.41
N ASN A 51 8.51 -5.05 23.10
CA ASN A 51 8.51 -6.09 24.12
C ASN A 51 8.70 -7.47 23.50
N ALA A 52 8.22 -7.63 22.28
CA ALA A 52 8.25 -8.92 21.58
C ALA A 52 9.67 -9.29 21.13
N MET A 53 10.55 -8.30 21.06
CA MET A 53 11.94 -8.51 20.70
C MET A 53 12.83 -7.55 21.49
N SER A 54 13.25 -7.99 22.67
CA SER A 54 13.92 -7.09 23.60
C SER A 54 15.33 -6.75 23.15
N SER A 55 15.91 -7.55 22.24
CA SER A 55 17.21 -7.18 21.65
C SER A 55 17.11 -6.01 20.67
N LEU A 56 15.90 -5.66 20.23
CA LEU A 56 15.76 -4.77 19.08
C LEU A 56 16.44 -3.43 19.34
N THR A 57 16.23 -2.89 20.55
CA THR A 57 16.79 -1.60 20.89
C THR A 57 18.29 -1.58 20.66
N ASN A 58 19.00 -2.56 21.23
CA ASN A 58 20.44 -2.64 21.02
C ASN A 58 20.85 -2.88 19.57
N HIS A 59 20.14 -3.71 18.83
CA HIS A 59 20.52 -3.87 17.43
C HIS A 59 20.44 -2.53 16.72
N GLN A 60 19.44 -1.75 17.08
CA GLN A 60 19.22 -0.45 16.46
C GLN A 60 20.35 0.51 16.85
N LYS A 61 20.76 0.43 18.12
CA LYS A 61 21.94 1.18 18.59
C LYS A 61 23.16 0.88 17.73
N PHE A 62 23.43 -0.40 17.54
CA PHE A 62 24.58 -0.80 16.75
C PHE A 62 24.44 -0.23 15.34
N ALA A 63 23.26 -0.34 14.76
CA ALA A 63 23.05 0.12 13.40
C ALA A 63 23.39 1.63 13.28
N LYS A 64 22.90 2.43 14.21
CA LYS A 64 23.19 3.88 14.16
C LYS A 64 24.66 4.16 14.34
N ALA A 65 25.30 3.46 15.27
CA ALA A 65 26.73 3.65 15.46
C ALA A 65 27.50 3.23 14.23
N ASN A 66 27.08 2.13 13.59
CA ASN A 66 27.75 1.72 12.35
C ASN A 66 27.64 2.81 11.29
N VAL A 67 26.43 3.34 11.08
CA VAL A 67 26.27 4.39 10.08
C VAL A 67 27.22 5.56 10.36
N ARG A 68 27.34 5.93 11.63
CA ARG A 68 28.17 7.11 11.97
C ARG A 68 29.66 6.83 11.79
N GLU A 69 30.07 5.63 12.17
CA GLU A 69 31.40 5.12 11.79
C GLU A 69 31.67 5.23 10.29
N TRP A 70 30.67 4.95 9.46
CA TRP A 70 30.90 5.04 8.01
C TRP A 70 31.05 6.51 7.61
N ILE A 71 30.20 7.36 8.18
CA ILE A 71 30.28 8.79 7.91
C ILE A 71 31.60 9.39 8.41
N ASP A 72 31.96 9.13 9.66
CA ASP A 72 33.09 9.79 10.31
C ASP A 72 34.45 9.23 9.90
N GLU A 73 34.54 7.91 9.68
CA GLU A 73 35.84 7.22 9.56
C GLU A 73 36.10 6.68 8.15
N TYR A 74 35.12 6.00 7.57
CA TYR A 74 35.39 5.21 6.40
C TYR A 74 35.13 5.98 5.10
N ASN A 75 33.95 6.57 4.96
CA ASN A 75 33.64 7.22 3.70
C ASN A 75 34.70 8.23 3.25
N PRO A 76 35.33 8.96 4.20
CA PRO A 76 36.27 9.99 3.76
C PRO A 76 37.59 9.44 3.24
N LYS A 77 37.86 8.16 3.50
CA LYS A 77 38.97 7.47 2.87
C LYS A 77 38.76 7.47 1.36
N LEU A 78 37.52 7.23 0.97
CA LEU A 78 37.17 7.09 -0.44
C LEU A 78 37.31 8.43 -1.09
N ILE A 79 36.87 9.47 -0.38
CA ILE A 79 37.01 10.84 -0.85
C ILE A 79 38.49 11.20 -0.99
N ASP A 80 39.30 10.80 -0.02
CA ASP A 80 40.75 11.06 -0.09
C ASP A 80 41.44 10.30 -1.21
N LEU A 81 41.12 9.02 -1.37
CA LEU A 81 41.65 8.27 -2.49
C LEU A 81 41.37 9.02 -3.78
N ASN A 82 40.11 9.40 -3.97
CA ASN A 82 39.70 10.03 -5.20
C ASN A 82 40.51 11.30 -5.49
N GLN A 83 40.77 12.09 -4.46
CA GLN A 83 41.58 13.29 -4.65
C GLN A 83 42.99 12.90 -5.08
N GLU A 84 43.49 11.81 -4.53
CA GLU A 84 44.85 11.37 -4.83
C GLU A 84 44.96 10.94 -6.28
N MET A 85 43.95 10.27 -6.81
CA MET A 85 44.01 9.80 -8.19
C MET A 85 43.84 10.96 -9.15
N MET A 86 43.03 11.93 -8.75
CA MET A 86 42.85 13.17 -9.52
C MET A 86 44.15 13.97 -9.66
N ARG A 87 44.80 14.20 -8.53
CA ARG A 87 46.07 14.91 -8.50
C ARG A 87 47.18 14.18 -9.25
N TYR A 88 47.20 12.85 -9.19
CA TYR A 88 48.11 12.10 -10.03
C TYR A 88 47.87 12.38 -11.51
N SER A 89 46.62 12.27 -11.93
CA SER A 89 46.29 12.45 -13.34
C SER A 89 46.62 13.88 -13.82
N ILE A 90 46.36 14.87 -12.98
CA ILE A 90 46.78 16.24 -13.28
C ILE A 90 48.29 16.29 -13.48
N ARG A 91 49.05 15.78 -12.52
CA ARG A 91 50.50 15.76 -12.60
C ARG A 91 50.96 15.11 -13.90
N PHE A 92 50.51 13.89 -14.14
CA PHE A 92 50.93 13.15 -15.30
C PHE A 92 50.69 13.99 -16.55
N ASN A 93 49.48 14.51 -16.67
CA ASN A 93 49.11 15.25 -17.86
C ASN A 93 50.00 16.46 -18.05
N SER A 94 50.48 17.02 -16.94
CA SER A 94 51.31 18.23 -17.00
C SER A 94 52.71 17.93 -17.51
N TYR A 95 53.16 16.69 -17.35
CA TYR A 95 54.50 16.30 -17.78
C TYR A 95 54.49 15.62 -19.14
N TYR A 96 53.30 15.31 -19.66
CA TYR A 96 53.19 14.40 -20.79
C TYR A 96 54.02 14.86 -22.02
N SER A 97 53.94 16.13 -22.39
CA SER A 97 54.57 16.57 -23.65
C SER A 97 56.09 16.44 -23.63
N LYS A 98 56.71 16.83 -22.53
CA LYS A 98 58.15 16.78 -22.40
C LYS A 98 58.65 15.34 -22.26
N LEU A 99 57.84 14.50 -21.64
CA LEU A 99 58.25 13.13 -21.38
C LEU A 99 57.96 12.25 -22.60
N TYR A 100 56.95 12.62 -23.36
CA TYR A 100 56.74 12.07 -24.69
C TYR A 100 57.94 12.37 -25.60
N GLU A 101 58.45 13.60 -25.50
CA GLU A 101 59.60 14.02 -26.31
C GLU A 101 60.88 13.29 -25.90
N LEU A 102 61.12 13.19 -24.61
CA LEU A 102 62.24 12.41 -24.10
C LEU A 102 62.13 10.94 -24.54
N ALA A 103 60.93 10.41 -24.51
CA ALA A 103 60.71 9.00 -24.84
C ALA A 103 61.20 8.73 -26.26
N GLY A 104 61.01 9.69 -27.14
CA GLY A 104 61.39 9.54 -28.53
C GLY A 104 62.88 9.68 -28.76
N ASN A 105 63.59 10.19 -27.76
CA ASN A 105 65.03 10.43 -27.87
C ASN A 105 65.90 9.49 -27.02
N ILE A 106 65.32 8.42 -26.47
CA ILE A 106 66.07 7.59 -25.52
C ILE A 106 67.31 6.92 -26.13
N ASN A 107 67.27 6.64 -27.42
CA ASN A 107 68.40 6.01 -28.10
C ASN A 107 69.31 7.04 -28.77
N GLU A 108 68.86 8.30 -28.80
CA GLU A 108 69.56 9.34 -29.52
C GLU A 108 70.69 9.89 -28.67
N ASP A 109 70.64 9.60 -27.38
CA ASP A 109 71.61 10.12 -26.44
C ASP A 109 71.37 9.52 -25.05
N GLU A 110 72.45 9.03 -24.44
CA GLU A 110 72.35 8.31 -23.18
C GLU A 110 71.85 9.18 -22.02
N GLN A 111 71.93 10.50 -22.18
CA GLN A 111 71.50 11.43 -21.13
C GLN A 111 69.97 11.59 -21.11
N SER A 112 69.37 11.67 -22.30
CA SER A 112 67.92 11.66 -22.42
C SER A 112 67.33 10.36 -21.85
N LYS A 113 68.02 9.25 -22.07
CA LYS A 113 67.57 7.94 -21.56
C LYS A 113 67.56 7.95 -20.05
N ALA A 114 68.61 8.52 -19.47
CA ALA A 114 68.65 8.85 -18.05
C ALA A 114 67.46 9.71 -17.61
N ASP A 115 67.18 10.78 -18.36
CA ASP A 115 66.21 11.80 -17.92
C ASP A 115 64.78 11.27 -17.94
N PHE A 116 64.48 10.45 -18.95
CA PHE A 116 63.18 9.78 -19.04
C PHE A 116 62.99 8.76 -17.92
N THR A 117 64.02 7.96 -17.66
CA THR A 117 63.90 6.88 -16.69
C THR A 117 63.80 7.46 -15.30
N ASN A 118 64.42 8.61 -15.08
CA ASN A 118 64.26 9.30 -13.82
C ASN A 118 62.84 9.81 -13.56
N ALA A 119 62.28 10.54 -14.53
CA ALA A 119 60.98 11.17 -14.34
C ALA A 119 59.85 10.14 -14.36
N TYR A 120 59.91 9.22 -15.32
CA TYR A 120 58.93 8.16 -15.41
C TYR A 120 58.92 7.34 -14.13
N GLY A 121 60.09 7.09 -13.58
CA GLY A 121 60.24 6.36 -12.33
C GLY A 121 59.56 7.07 -11.16
N LYS A 122 59.64 8.39 -11.11
CA LYS A 122 58.96 9.14 -10.06
C LYS A 122 57.44 8.96 -10.17
N LEU A 123 56.93 9.01 -11.40
CA LEU A 123 55.49 8.87 -11.62
C LEU A 123 55.02 7.46 -11.27
N GLN A 124 55.86 6.47 -11.50
CA GLN A 124 55.49 5.10 -11.15
C GLN A 124 55.46 4.93 -9.63
N LEU A 125 56.39 5.59 -8.95
CA LEU A 125 56.42 5.61 -7.50
C LEU A 125 55.14 6.22 -6.94
N GLN A 126 54.66 7.29 -7.56
CA GLN A 126 53.41 7.92 -7.15
C GLN A 126 52.25 6.95 -7.33
N VAL A 127 52.24 6.25 -8.46
CA VAL A 127 51.26 5.20 -8.71
C VAL A 127 51.36 4.09 -7.66
N GLN A 128 52.58 3.64 -7.40
CA GLN A 128 52.85 2.73 -6.27
C GLN A 128 52.24 3.22 -4.96
N SER A 129 52.42 4.50 -4.67
CA SER A 129 51.99 5.05 -3.38
C SER A 129 50.46 5.04 -3.23
N ILE A 130 49.76 5.32 -4.31
CA ILE A 130 48.31 5.22 -4.33
C ILE A 130 47.85 3.78 -4.18
N GLN A 131 48.58 2.86 -4.80
CA GLN A 131 48.23 1.45 -4.67
C GLN A 131 48.30 1.03 -3.21
N GLU A 132 49.31 1.48 -2.49
CA GLU A 132 49.51 1.05 -1.11
C GLU A 132 48.49 1.69 -0.18
N ASN A 133 48.04 2.89 -0.51
CA ASN A 133 47.01 3.54 0.28
C ASN A 133 45.69 2.84 0.07
N MET A 134 45.42 2.49 -1.17
CA MET A 134 44.26 1.68 -1.51
C MET A 134 44.23 0.39 -0.70
N GLU A 135 45.36 -0.32 -0.73
CA GLU A 135 45.44 -1.62 -0.08
C GLU A 135 45.18 -1.48 1.42
N GLN A 136 45.74 -0.43 2.03
CA GLN A 136 45.51 -0.19 3.45
C GLN A 136 44.04 0.15 3.70
N ASP A 137 43.49 1.04 2.88
CA ASP A 137 42.08 1.44 3.00
C ASP A 137 41.20 0.20 3.03
N LEU A 138 41.43 -0.69 2.06
CA LEU A 138 40.59 -1.87 1.93
C LEU A 138 40.71 -2.84 3.12
N LEU A 139 41.90 -2.96 3.68
CA LEU A 139 42.07 -3.74 4.91
C LEU A 139 41.18 -3.17 6.01
N GLU A 140 41.16 -1.86 6.14
CA GLU A 140 40.39 -1.24 7.22
C GLU A 140 38.90 -1.30 6.90
N LEU A 141 38.56 -1.21 5.63
CA LEU A 141 37.16 -1.18 5.24
C LEU A 141 36.53 -2.54 5.43
N ASN A 142 37.30 -3.59 5.16
CA ASN A 142 36.81 -4.97 5.35
C ASN A 142 36.63 -5.34 6.81
N ARG A 143 37.34 -4.67 7.71
CA ARG A 143 37.09 -4.87 9.15
C ARG A 143 35.71 -4.36 9.51
N PHE A 144 35.36 -3.17 9.02
CA PHE A 144 34.01 -2.63 9.18
C PHE A 144 32.94 -3.49 8.48
N LYS A 145 33.18 -3.86 7.23
CA LYS A 145 32.28 -4.77 6.50
C LYS A 145 32.01 -6.08 7.26
N THR A 146 33.05 -6.61 7.90
CA THR A 146 32.90 -7.82 8.73
C THR A 146 31.94 -7.58 9.90
N VAL A 147 32.06 -6.45 10.58
CA VAL A 147 31.23 -6.17 11.74
C VAL A 147 29.80 -5.92 11.25
N LEU A 148 29.69 -5.05 10.24
CA LEU A 148 28.38 -4.67 9.71
C LEU A 148 27.61 -5.89 9.18
N ASP A 149 28.26 -6.68 8.33
CA ASP A 149 27.63 -7.87 7.75
C ASP A 149 27.12 -8.79 8.87
N LYS A 150 27.94 -8.98 9.91
CA LYS A 150 27.51 -9.79 11.05
C LYS A 150 26.34 -9.15 11.80
N ASP A 151 26.42 -7.85 12.05
CA ASP A 151 25.36 -7.15 12.77
C ASP A 151 24.02 -7.31 12.07
N SER A 152 24.01 -7.10 10.77
CA SER A 152 22.78 -7.17 10.00
C SER A 152 22.18 -8.57 10.04
N ASN A 153 23.03 -9.58 9.90
CA ASN A 153 22.58 -10.97 9.89
C ASN A 153 22.06 -11.42 11.25
N ASN A 154 22.67 -10.91 12.31
CA ASN A 154 22.20 -11.19 13.67
C ASN A 154 20.80 -10.64 13.81
N LEU A 155 20.62 -9.42 13.29
CA LEU A 155 19.39 -8.70 13.46
C LEU A 155 18.28 -9.34 12.64
N SER A 156 18.60 -9.73 11.42
CA SER A 156 17.65 -10.42 10.56
C SER A 156 17.18 -11.74 11.18
N ILE A 157 18.09 -12.42 11.84
CA ILE A 157 17.76 -13.70 12.48
C ILE A 157 16.86 -13.51 13.69
N LYS A 158 17.16 -12.51 14.51
CA LYS A 158 16.28 -12.23 15.65
C LYS A 158 14.94 -11.60 15.23
N ALA A 159 14.93 -10.90 14.12
CA ALA A 159 13.68 -10.36 13.57
C ALA A 159 12.75 -11.47 13.13
N ASP A 160 13.26 -12.38 12.30
CA ASP A 160 12.50 -13.57 11.90
C ASP A 160 11.90 -14.28 13.13
N GLU A 161 12.74 -14.56 14.12
CA GLU A 161 12.27 -15.21 15.34
C GLU A 161 11.20 -14.42 16.11
N ALA A 162 11.31 -13.10 16.22
CA ALA A 162 10.32 -12.33 16.96
C ALA A 162 9.01 -12.34 16.19
N ILE A 163 9.12 -12.31 14.86
CA ILE A 163 7.94 -12.20 14.01
C ILE A 163 7.15 -13.49 14.09
N LYS A 164 7.87 -14.60 14.09
CA LYS A 164 7.21 -15.89 14.23
C LYS A 164 6.48 -16.03 15.58
N THR A 165 6.99 -15.38 16.62
CA THR A 165 6.30 -15.36 17.91
C THR A 165 5.06 -14.48 17.89
N LEU A 166 5.05 -13.47 17.03
CA LEU A 166 3.93 -12.56 16.95
C LEU A 166 2.78 -13.11 16.10
N GLN A 167 3.04 -14.10 15.26
CA GLN A 167 2.24 -14.25 14.06
C GLN A 167 0.88 -14.90 14.33
N GLY A 168 0.62 -15.25 15.58
CA GLY A 168 -0.68 -15.80 15.95
C GLY A 168 -1.08 -16.94 15.04
N SER A 169 -2.36 -17.02 14.69
CA SER A 169 -2.88 -18.12 13.89
C SER A 169 -3.16 -17.67 12.46
N GLY A 171 -0.95 -16.94 8.56
CA GLY A 171 0.02 -16.65 7.51
C GLY A 171 0.11 -15.17 7.18
N ASP A 172 -0.63 -14.39 7.95
CA ASP A 172 -1.09 -13.06 7.58
C ASP A 172 0.09 -12.12 7.62
N ILE A 173 0.76 -12.15 8.77
CA ILE A 173 1.79 -11.20 9.12
C ILE A 173 3.08 -11.44 8.33
N VAL A 174 3.32 -12.71 7.96
CA VAL A 174 4.52 -13.01 7.19
C VAL A 174 4.36 -12.53 5.76
N LYS A 175 3.18 -12.74 5.18
CA LYS A 175 2.92 -12.33 3.82
C LYS A 175 3.06 -10.81 3.72
N LEU A 176 2.43 -10.10 4.64
CA LEU A 176 2.49 -8.62 4.60
C LEU A 176 3.94 -8.17 4.68
N ARG A 177 4.68 -8.77 5.61
CA ARG A 177 6.06 -8.42 5.86
C ARG A 177 6.89 -8.57 4.61
N GLU A 178 6.73 -9.73 3.96
CA GLU A 178 7.39 -10.00 2.71
C GLU A 178 7.08 -9.02 1.62
N ASP A 179 5.82 -8.68 1.46
CA ASP A 179 5.41 -7.76 0.39
C ASP A 179 6.02 -6.37 0.66
N ILE A 180 6.13 -5.98 1.93
CA ILE A 180 6.69 -4.66 2.26
C ILE A 180 8.20 -4.62 1.96
N LYS A 181 8.86 -5.73 2.26
CA LYS A 181 10.26 -5.91 1.96
C LYS A 181 10.50 -6.00 0.47
N ARG A 182 9.69 -6.78 -0.26
CA ARG A 182 9.80 -6.83 -1.72
C ARG A 182 9.74 -5.42 -2.32
N ILE A 183 8.72 -4.66 -1.96
CA ILE A 183 8.57 -3.30 -2.53
C ILE A 183 9.73 -2.38 -2.11
N GLN A 184 10.22 -2.49 -0.88
CA GLN A 184 11.36 -1.66 -0.50
C GLN A 184 12.59 -1.99 -1.30
N GLY A 185 12.77 -3.28 -1.60
CA GLY A 185 13.86 -3.68 -2.46
C GLY A 185 13.73 -3.19 -3.89
N GLU A 186 12.50 -3.12 -4.42
CA GLU A 186 12.27 -2.66 -5.80
C GLU A 186 12.58 -1.17 -5.86
N ILE A 187 12.22 -0.47 -4.81
CA ILE A 187 12.56 0.95 -4.72
C ILE A 187 14.07 1.15 -4.72
N GLN A 188 14.76 0.38 -3.89
CA GLN A 188 16.20 0.48 -3.80
C GLN A 188 16.85 0.29 -5.18
N ALA A 189 16.34 -0.65 -5.94
CA ALA A 189 16.95 -1.01 -7.21
C ALA A 189 16.64 0.04 -8.25
N GLU A 190 15.43 0.57 -8.23
CA GLU A 190 15.13 1.64 -9.16
C GLU A 190 16.05 2.86 -8.89
N LEU A 191 16.30 3.14 -7.61
CA LEU A 191 17.11 4.29 -7.24
C LEU A 191 18.54 4.12 -7.75
N THR A 192 19.05 2.91 -7.58
CA THR A 192 20.34 2.50 -8.13
C THR A 192 20.37 2.67 -9.65
N THR A 193 19.31 2.24 -10.33
CA THR A 193 19.27 2.38 -11.78
C THR A 193 19.37 3.87 -12.15
N ILE A 194 18.62 4.71 -11.46
CA ILE A 194 18.71 6.16 -11.69
C ILE A 194 20.16 6.66 -11.57
N LEU A 195 20.82 6.29 -10.49
CA LEU A 195 22.16 6.82 -10.25
C LEU A 195 23.19 6.21 -11.20
N ASN A 196 22.87 5.08 -11.80
CA ASN A 196 23.75 4.44 -12.77
C ASN A 196 23.67 5.02 -14.19
N ARG A 197 22.65 5.81 -14.49
CA ARG A 197 22.51 6.32 -15.87
C ARG A 197 23.50 7.47 -16.14
N PRO A 198 23.97 7.60 -17.38
CA PRO A 198 24.79 8.75 -17.74
C PRO A 198 24.05 10.07 -17.57
N GLN A 199 24.49 10.87 -16.60
CA GLN A 199 24.08 12.27 -16.50
C GLN A 199 25.15 13.15 -17.14
N GLU A 200 24.74 14.00 -18.08
CA GLU A 200 25.67 14.97 -18.68
C GLU A 200 26.11 16.00 -17.63
N ILE A 201 25.14 16.65 -17.00
CA ILE A 201 25.39 17.47 -15.82
C ILE A 201 24.92 16.72 -14.59
N ILE A 202 25.81 16.53 -13.62
CA ILE A 202 25.47 15.69 -12.48
C ILE A 202 24.92 16.56 -11.36
N LYS A 203 23.61 16.48 -11.16
CA LYS A 203 22.92 17.36 -10.23
C LYS A 203 21.60 16.72 -9.75
N GLY A 204 21.25 16.96 -8.50
CA GLY A 204 19.95 16.55 -7.99
C GLY A 204 19.91 16.40 -6.48
N SER A 205 18.88 15.75 -5.98
CA SER A 205 18.56 15.79 -4.56
C SER A 205 17.68 14.60 -4.18
N ILE A 206 18.04 13.96 -3.08
CA ILE A 206 17.20 12.92 -2.52
C ILE A 206 16.80 13.34 -1.11
N ASN A 207 15.50 13.44 -0.86
CA ASN A 207 15.02 13.80 0.45
C ASN A 207 14.48 12.61 1.22
N ILE A 208 14.71 12.63 2.53
CA ILE A 208 14.23 11.58 3.40
C ILE A 208 12.98 12.08 4.13
N GLY A 209 11.94 11.25 4.12
CA GLY A 209 10.64 11.65 4.66
C GLY A 209 10.19 10.85 5.86
N LYS A 210 9.31 11.44 6.67
CA LYS A 210 8.65 10.73 7.77
C LYS A 210 7.14 10.65 7.60
N GLN A 211 6.60 9.46 7.79
CA GLN A 211 5.16 9.23 7.72
C GLN A 211 4.74 8.59 9.03
N VAL A 212 3.46 8.76 9.35
CA VAL A 212 2.92 8.25 10.60
C VAL A 212 1.66 7.48 10.28
N PHE A 213 1.48 6.36 10.97
CA PHE A 213 0.27 5.60 10.88
C PHE A 213 -0.39 5.55 12.26
N THR A 214 -1.72 5.53 12.27
CA THR A 214 -2.50 5.51 13.51
C THR A 214 -3.30 4.20 13.64
N ILE A 215 -3.09 3.48 14.73
CA ILE A 215 -3.85 2.26 15.02
C ILE A 215 -4.43 2.32 16.44
N THR A 216 -5.29 1.35 16.78
CA THR A 216 -5.69 1.13 18.17
C THR A 216 -5.49 -0.33 18.59
CA THR A 222 -4.76 4.44 20.11
C THR A 222 -3.32 4.95 20.02
N LYS A 223 -2.55 4.40 19.09
CA LYS A 223 -1.10 4.54 19.09
C LYS A 223 -0.60 4.99 17.73
N THR A 224 0.66 5.40 17.66
CA THR A 224 1.23 5.89 16.42
C THR A 224 2.43 5.04 16.03
N ILE A 225 2.64 4.88 14.73
CA ILE A 225 3.73 4.10 14.21
C ILE A 225 4.51 4.94 13.21
N ASP A 226 5.83 5.06 13.42
CA ASP A 226 6.67 5.91 12.60
C ASP A 226 7.27 5.16 11.43
N PHE A 227 7.28 5.79 10.27
CA PHE A 227 7.89 5.21 9.07
C PHE A 227 8.74 6.26 8.34
N VAL A 228 10.03 6.21 8.59
CA VAL A 228 11.02 6.96 7.85
C VAL A 228 11.50 6.22 6.61
N SER A 229 11.61 6.95 5.50
CA SER A 229 12.07 6.34 4.26
C SER A 229 12.51 7.37 3.26
N ILE A 230 13.21 6.93 2.23
CA ILE A 230 13.44 7.77 1.09
C ILE A 230 12.14 8.30 0.49
N GLY A 231 12.02 9.63 0.43
CA GLY A 231 10.79 10.25 0.00
C GLY A 231 10.87 10.84 -1.39
N THR A 232 10.86 12.18 -1.47
CA THR A 232 10.77 12.85 -2.75
C THR A 232 12.15 12.94 -3.43
N LEU A 233 12.14 12.78 -4.74
CA LEU A 233 13.33 13.02 -5.56
C LEU A 233 13.19 14.39 -6.20
N SER A 234 14.32 14.99 -6.59
CA SER A 234 14.28 16.38 -7.07
C SER A 234 13.72 16.48 -8.49
N ASN A 235 13.45 17.73 -8.88
CA ASN A 235 12.94 18.04 -10.21
C ASN A 235 13.84 17.50 -11.30
N GLU A 236 15.13 17.42 -11.02
CA GLU A 236 16.10 17.03 -12.03
C GLU A 236 15.92 15.55 -12.37
N ILE A 237 15.39 14.79 -11.43
CA ILE A 237 15.26 13.34 -11.63
C ILE A 237 13.87 12.99 -12.12
N VAL A 238 12.88 13.59 -11.48
CA VAL A 238 11.48 13.33 -11.78
C VAL A 238 11.10 13.81 -13.19
N ASN A 239 11.69 14.92 -13.61
CA ASN A 239 11.48 15.45 -14.95
C ASN A 239 12.73 15.38 -15.81
N ALA A 240 13.53 14.32 -15.63
CA ALA A 240 14.71 14.11 -16.45
C ALA A 240 14.28 13.96 -17.91
N ALA A 241 15.16 14.40 -18.81
CA ALA A 241 14.92 14.28 -20.23
C ALA A 241 15.05 12.82 -20.63
N ASP A 242 15.83 12.09 -19.84
CA ASP A 242 16.16 10.71 -20.10
C ASP A 242 14.99 9.85 -19.65
N SER A 243 14.32 9.23 -20.61
CA SER A 243 13.06 8.57 -20.33
C SER A 243 13.21 7.38 -19.36
N GLN A 244 14.35 6.71 -19.35
CA GLN A 244 14.56 5.62 -18.41
C GLN A 244 14.59 6.14 -16.98
N THR A 245 15.20 7.30 -16.79
CA THR A 245 15.31 7.93 -15.48
C THR A 245 13.95 8.40 -14.94
N ARG A 246 13.20 9.11 -15.78
CA ARG A 246 11.86 9.57 -15.45
C ARG A 246 10.89 8.42 -15.14
N GLU A 247 10.88 7.41 -16.00
CA GLU A 247 10.01 6.26 -15.81
C GLU A 247 10.33 5.53 -14.53
N ALA A 248 11.62 5.38 -14.25
CA ALA A 248 12.02 4.75 -13.01
C ALA A 248 11.58 5.59 -11.80
N ALA A 249 11.67 6.92 -11.92
CA ALA A 249 11.16 7.84 -10.89
C ALA A 249 9.65 7.75 -10.67
N LEU A 250 8.88 7.62 -11.75
CA LEU A 250 7.45 7.40 -11.60
C LEU A 250 7.14 6.07 -10.94
N ARG A 251 7.91 5.02 -11.23
CA ARG A 251 7.60 3.74 -10.63
C ARG A 251 7.84 3.81 -9.11
N ILE A 252 8.94 4.42 -8.72
CA ILE A 252 9.20 4.68 -7.31
C ILE A 252 8.01 5.38 -6.69
N GLN A 253 7.50 6.45 -7.31
CA GLN A 253 6.38 7.19 -6.71
C GLN A 253 5.24 6.22 -6.43
N GLN A 254 4.94 5.36 -7.39
CA GLN A 254 3.81 4.46 -7.25
C GLN A 254 4.07 3.48 -6.14
N LYS A 255 5.27 2.89 -6.10
CA LYS A 255 5.54 1.83 -5.12
C LYS A 255 5.48 2.41 -3.69
N GLN A 256 5.89 3.67 -3.54
CA GLN A 256 5.80 4.33 -2.26
C GLN A 256 4.37 4.33 -1.73
N LYS A 257 3.40 4.52 -2.62
CA LYS A 257 1.99 4.55 -2.25
C LYS A 257 1.44 3.14 -1.99
N GLU A 258 1.90 2.17 -2.76
CA GLU A 258 1.54 0.77 -2.51
C GLU A 258 1.90 0.32 -1.10
N LEU A 259 3.06 0.70 -0.59
CA LEU A 259 3.39 0.42 0.82
C LEU A 259 2.31 0.80 1.82
N LEU A 260 1.46 1.76 1.51
CA LEU A 260 0.71 2.43 2.59
C LEU A 260 -0.46 1.59 3.13
N PRO A 261 -1.30 1.02 2.26
CA PRO A 261 -2.24 0.03 2.83
C PRO A 261 -1.59 -1.21 3.47
N LEU A 262 -0.43 -1.61 2.98
CA LEU A 262 0.24 -2.82 3.51
C LEU A 262 0.70 -2.56 4.91
N ILE A 263 1.23 -1.35 5.12
CA ILE A 263 1.70 -0.99 6.43
C ILE A 263 0.55 -0.82 7.42
N GLN A 264 -0.57 -0.24 6.97
CA GLN A 264 -1.69 -0.07 7.89
C GLN A 264 -2.24 -1.41 8.31
N LYS A 265 -2.34 -2.32 7.34
CA LYS A 265 -2.81 -3.67 7.61
C LYS A 265 -1.94 -4.35 8.63
N LEU A 266 -0.64 -4.47 8.35
CA LEU A 266 0.30 -5.09 9.27
C LEU A 266 0.23 -4.44 10.65
N SER A 267 0.24 -3.11 10.68
CA SER A 267 0.25 -2.40 11.95
C SER A 267 -1.00 -2.64 12.77
N GLN A 268 -2.16 -2.61 12.14
CA GLN A 268 -3.38 -2.84 12.88
C GLN A 268 -3.46 -4.27 13.38
N THR A 269 -2.82 -5.20 12.65
CA THR A 269 -2.80 -6.61 13.05
C THR A 269 -1.83 -6.85 14.20
N GLU A 270 -0.56 -6.55 14.00
CA GLU A 270 0.39 -6.53 15.12
C GLU A 270 1.42 -5.43 14.93
N ALA A 271 1.31 -4.42 15.78
CA ALA A 271 2.06 -3.19 15.62
C ALA A 271 3.57 -3.40 15.74
N GLU A 272 3.97 -4.28 16.64
CA GLU A 272 5.39 -4.53 16.86
C GLU A 272 6.02 -5.21 15.66
N ALA A 273 5.22 -5.88 14.85
CA ALA A 273 5.75 -6.53 13.65
C ALA A 273 6.14 -5.46 12.65
N THR A 274 5.42 -4.34 12.68
CA THR A 274 5.75 -3.27 11.79
C THR A 274 7.04 -2.62 12.25
N GLN A 275 7.15 -2.36 13.54
CA GLN A 275 8.27 -1.60 14.06
C GLN A 275 9.56 -2.42 13.93
N ILE A 276 9.45 -3.74 14.01
CA ILE A 276 10.58 -4.63 13.81
C ILE A 276 10.96 -4.64 12.32
N THR A 277 9.94 -4.72 11.48
CA THR A 277 10.12 -4.82 10.05
C THR A 277 10.92 -3.65 9.48
N PHE A 278 10.59 -2.43 9.90
CA PHE A 278 11.28 -1.26 9.40
C PHE A 278 12.76 -1.30 9.77
N VAL A 279 13.05 -1.59 11.02
CA VAL A 279 14.42 -1.48 11.48
C VAL A 279 15.29 -2.48 10.73
N GLU A 280 14.78 -3.71 10.58
CA GLU A 280 15.56 -4.77 9.96
C GLU A 280 15.71 -4.46 8.48
N ASP A 281 14.65 -3.96 7.84
CA ASP A 281 14.73 -3.71 6.40
C ASP A 281 15.67 -2.55 6.06
N GLN A 282 15.66 -1.53 6.92
CA GLN A 282 16.50 -0.37 6.72
C GLN A 282 17.98 -0.71 6.80
N VAL A 283 18.34 -1.54 7.77
CA VAL A 283 19.73 -1.88 8.04
C VAL A 283 20.24 -2.79 6.92
N SER A 284 19.36 -3.65 6.44
CA SER A 284 19.73 -4.61 5.40
C SER A 284 19.99 -3.91 4.07
N SER A 285 19.18 -2.88 3.78
CA SER A 285 19.45 -2.07 2.58
C SER A 285 20.84 -1.46 2.61
N PHE A 286 21.14 -0.76 3.71
CA PHE A 286 22.37 0.00 3.85
C PHE A 286 23.57 -0.92 3.80
N THR A 287 23.44 -2.06 4.47
CA THR A 287 24.44 -3.11 4.46
C THR A 287 24.74 -3.66 3.05
N GLU A 288 23.70 -3.98 2.29
CA GLU A 288 23.88 -4.36 0.88
C GLU A 288 24.62 -3.30 0.08
N LEU A 289 24.33 -2.02 0.33
CA LEU A 289 24.95 -1.00 -0.46
C LEU A 289 26.41 -0.81 -0.05
N ILE A 290 26.69 -0.93 1.24
CA ILE A 290 28.07 -0.87 1.70
C ILE A 290 28.89 -1.99 1.07
N ASP A 291 28.35 -3.20 1.05
CA ASP A 291 29.07 -4.35 0.54
C ASP A 291 29.47 -4.08 -0.91
N ARG A 292 28.49 -3.64 -1.68
CA ARG A 292 28.68 -3.40 -3.10
C ARG A 292 29.74 -2.33 -3.35
N GLN A 293 29.74 -1.29 -2.50
CA GLN A 293 30.72 -0.23 -2.68
C GLN A 293 32.12 -0.71 -2.33
N ILE A 294 32.23 -1.60 -1.35
CA ILE A 294 33.54 -2.15 -0.99
C ILE A 294 34.06 -3.10 -2.07
N THR A 295 33.16 -3.90 -2.63
CA THR A 295 33.48 -4.73 -3.79
C THR A 295 33.97 -3.89 -4.96
N THR A 296 33.33 -2.75 -5.19
CA THR A 296 33.74 -1.87 -6.28
C THR A 296 35.17 -1.39 -6.07
N LEU A 297 35.52 -1.03 -4.84
CA LEU A 297 36.88 -0.63 -4.50
C LEU A 297 37.88 -1.76 -4.74
N GLU A 298 37.52 -2.99 -4.37
CA GLU A 298 38.39 -4.13 -4.64
C GLU A 298 38.69 -4.28 -6.12
N THR A 299 37.68 -4.00 -6.95
CA THR A 299 37.86 -4.14 -8.40
C THR A 299 38.78 -3.05 -8.91
N LEU A 300 38.63 -1.85 -8.35
CA LEU A 300 39.52 -0.76 -8.68
C LEU A 300 40.95 -1.12 -8.35
N LEU A 301 41.17 -1.73 -7.19
CA LEU A 301 42.51 -2.15 -6.77
C LEU A 301 43.07 -3.22 -7.71
N THR A 302 42.25 -4.20 -8.05
CA THR A 302 42.69 -5.27 -8.93
C THR A 302 43.16 -4.68 -10.25
N ASP A 303 42.46 -3.67 -10.73
CA ASP A 303 42.77 -3.11 -12.04
C ASP A 303 43.94 -2.12 -11.96
N TRP A 304 43.99 -1.34 -10.87
CA TRP A 304 45.12 -0.44 -10.61
C TRP A 304 46.45 -1.21 -10.50
N LYS A 305 46.39 -2.43 -9.99
CA LYS A 305 47.58 -3.29 -9.92
C LYS A 305 48.05 -3.67 -11.30
N VAL A 306 47.11 -3.88 -12.21
CA VAL A 306 47.43 -4.22 -13.59
C VAL A 306 48.10 -3.03 -14.26
N LEU A 307 47.57 -1.83 -14.02
CA LEU A 307 48.15 -0.62 -14.58
C LEU A 307 49.58 -0.43 -14.08
N ASN A 308 49.77 -0.49 -12.76
CA ASN A 308 51.06 -0.26 -12.17
C ASN A 308 52.09 -1.29 -12.63
N ASN A 309 51.70 -2.55 -12.68
CA ASN A 309 52.59 -3.60 -13.19
C ASN A 309 52.99 -3.30 -14.61
N ASN A 310 52.00 -2.98 -15.44
CA ASN A 310 52.27 -2.59 -16.81
C ASN A 310 53.26 -1.43 -16.87
N MET A 311 53.11 -0.48 -15.95
CA MET A 311 54.01 0.68 -15.93
C MET A 311 55.42 0.25 -15.54
N ILE A 312 55.52 -0.67 -14.59
CA ILE A 312 56.80 -1.18 -14.14
C ILE A 312 57.54 -1.96 -15.24
N GLN A 313 56.79 -2.67 -16.08
CA GLN A 313 57.39 -3.45 -17.16
C GLN A 313 57.99 -2.54 -18.23
N ILE A 314 57.24 -1.52 -18.63
CA ILE A 314 57.78 -0.47 -19.48
C ILE A 314 59.14 0.03 -18.93
N GLN A 315 59.16 0.38 -17.65
CA GLN A 315 60.40 0.71 -16.94
C GLN A 315 61.51 -0.31 -17.18
N LYS A 316 61.23 -1.57 -16.83
CA LYS A 316 62.25 -2.63 -16.92
C LYS A 316 62.78 -2.77 -18.34
N ASN A 317 61.90 -2.65 -19.32
CA ASN A 317 62.29 -2.88 -20.70
C ASN A 317 63.12 -1.73 -21.25
N VAL A 318 62.89 -0.54 -20.72
CA VAL A 318 63.72 0.62 -21.09
C VAL A 318 65.12 0.41 -20.58
N GLU A 319 65.24 -0.09 -19.35
CA GLU A 319 66.54 -0.32 -18.73
C GLU A 319 67.28 -1.51 -19.35
N GLU A 320 66.55 -2.57 -19.67
CA GLU A 320 67.17 -3.76 -20.30
C GLU A 320 67.49 -3.51 -21.77
N GLY A 321 66.99 -2.41 -22.33
CA GLY A 321 67.42 -1.96 -23.64
C GLY A 321 66.49 -2.41 -24.76
N THR A 322 65.31 -2.88 -24.38
CA THR A 322 64.42 -3.56 -25.30
C THR A 322 63.87 -2.63 -26.38
N TYR A 323 63.80 -1.34 -26.07
CA TYR A 323 63.18 -0.38 -26.98
C TYR A 323 64.22 0.17 -27.94
N THR A 324 64.67 -0.68 -28.85
CA THR A 324 65.60 -0.26 -29.91
C THR A 324 64.90 0.64 -30.91
N ASP A 325 63.57 0.74 -30.80
CA ASP A 325 62.76 1.59 -31.67
C ASP A 325 61.91 2.52 -30.80
N SER A 326 62.35 3.77 -30.65
CA SER A 326 61.82 4.61 -29.58
C SER A 326 60.33 4.94 -29.81
N SER A 327 59.89 4.81 -31.05
CA SER A 327 58.51 5.11 -31.39
C SER A 327 57.54 4.11 -30.73
N LEU A 328 58.05 2.93 -30.41
CA LEU A 328 57.25 1.92 -29.76
C LEU A 328 57.05 2.24 -28.28
N LEU A 329 58.05 2.89 -27.68
CA LEU A 329 57.92 3.45 -26.33
C LEU A 329 56.98 4.67 -26.29
N GLN A 330 57.00 5.49 -27.34
CA GLN A 330 56.05 6.58 -27.44
C GLN A 330 54.61 6.07 -27.58
N LYS A 331 54.41 5.01 -28.34
CA LYS A 331 53.10 4.36 -28.43
C LYS A 331 52.60 3.87 -27.07
N HIS A 332 53.51 3.28 -26.30
CA HIS A 332 53.14 2.75 -25.00
C HIS A 332 52.92 3.87 -23.98
N PHE A 333 53.69 4.94 -24.11
CA PHE A 333 53.51 6.11 -23.25
C PHE A 333 52.17 6.79 -23.51
N ASN A 334 51.71 6.75 -24.76
CA ASN A 334 50.41 7.33 -25.10
C ASN A 334 49.26 6.51 -24.54
N GLN A 335 49.42 5.19 -24.56
CA GLN A 335 48.44 4.31 -23.95
C GLN A 335 48.20 4.71 -22.49
N ILE A 336 49.25 5.12 -21.80
CA ILE A 336 49.15 5.48 -20.39
C ILE A 336 48.50 6.84 -20.26
N LYS A 337 48.72 7.68 -21.28
CA LYS A 337 48.07 8.98 -21.33
C LYS A 337 46.56 8.80 -21.42
N LYS A 338 46.13 7.81 -22.20
CA LYS A 338 44.69 7.59 -22.37
C LYS A 338 44.04 7.15 -21.05
N VAL A 339 44.78 6.39 -20.27
CA VAL A 339 44.32 5.98 -18.95
C VAL A 339 44.33 7.15 -17.97
N SER A 340 45.35 7.98 -18.05
CA SER A 340 45.38 9.21 -17.27
C SER A 340 44.17 10.09 -17.55
N ASP A 341 43.86 10.29 -18.83
CA ASP A 341 42.76 11.16 -19.21
C ASP A 341 41.43 10.67 -18.65
N GLU A 342 41.20 9.36 -18.74
CA GLU A 342 39.97 8.76 -18.26
C GLU A 342 39.88 8.81 -16.73
N MET A 343 41.04 8.79 -16.07
CA MET A 343 41.10 8.87 -14.61
C MET A 343 40.71 10.26 -14.17
N ASN A 344 41.24 11.25 -14.87
CA ASN A 344 40.80 12.61 -14.68
C ASN A 344 39.30 12.77 -14.92
N LYS A 345 38.78 12.17 -15.99
CA LYS A 345 37.34 12.20 -16.25
C LYS A 345 36.55 11.65 -15.06
N GLN A 346 36.87 10.42 -14.65
CA GLN A 346 36.05 9.74 -13.65
C GLN A 346 36.20 10.29 -12.23
N THR A 347 37.39 10.77 -11.87
CA THR A 347 37.57 11.35 -10.55
C THR A 347 36.80 12.67 -10.42
N ASN A 348 36.56 13.30 -11.55
CA ASN A 348 35.80 14.54 -11.58
C ASN A 348 34.31 14.27 -11.49
N GLN A 349 33.87 13.20 -12.15
CA GLN A 349 32.54 12.63 -11.95
C GLN A 349 32.29 12.27 -10.49
N PHE A 350 33.19 11.49 -9.92
CA PHE A 350 33.08 11.15 -8.51
C PHE A 350 32.82 12.45 -7.73
N GLU A 351 33.72 13.39 -7.87
CA GLU A 351 33.62 14.63 -7.11
C GLU A 351 32.24 15.27 -7.31
N ASP A 352 31.75 15.22 -8.54
CA ASP A 352 30.47 15.81 -8.85
C ASP A 352 29.33 15.07 -8.12
N TYR A 353 29.38 13.74 -8.11
CA TYR A 353 28.33 12.98 -7.48
C TYR A 353 28.24 13.30 -6.02
N VAL A 354 29.37 13.28 -5.34
CA VAL A 354 29.36 13.48 -3.90
C VAL A 354 29.23 14.96 -3.51
N THR A 355 29.23 15.86 -4.49
CA THR A 355 29.07 17.30 -4.20
C THR A 355 27.69 17.81 -4.61
N ASN A 356 27.18 17.31 -5.73
CA ASN A 356 26.04 17.92 -6.38
C ASN A 356 24.76 17.10 -6.29
N VAL A 357 24.85 15.84 -5.86
CA VAL A 357 23.66 15.06 -5.61
C VAL A 357 23.38 14.94 -4.12
N GLU A 358 22.63 15.90 -3.59
CA GLU A 358 22.63 16.17 -2.16
C GLU A 358 21.54 15.38 -1.47
N VAL A 359 21.73 15.13 -0.18
CA VAL A 359 20.80 14.32 0.57
C VAL A 359 20.42 15.09 1.82
N HIS A 360 19.13 15.15 2.10
CA HIS A 360 18.64 15.78 3.34
C HIS A 360 17.60 14.87 3.96
N VAL B 7 -12.09 13.86 -41.63
CA VAL B 7 -11.63 13.92 -43.06
C VAL B 7 -11.30 15.37 -43.44
N LYS B 8 -10.22 15.55 -44.19
CA LYS B 8 -9.86 16.87 -44.70
C LYS B 8 -11.04 17.61 -45.31
N THR B 9 -11.17 18.90 -45.01
CA THR B 9 -12.25 19.73 -45.55
C THR B 9 -12.03 20.13 -47.03
N VAL B 10 -10.78 20.10 -47.47
CA VAL B 10 -10.44 20.42 -48.86
C VAL B 10 -10.93 19.34 -49.84
N TYR B 11 -11.39 18.22 -49.31
CA TYR B 11 -12.03 17.18 -50.12
C TYR B 11 -13.53 17.41 -50.28
N ALA B 12 -14.05 18.43 -49.59
CA ALA B 12 -15.46 18.79 -49.73
C ALA B 12 -15.66 20.13 -50.46
N GLN B 13 -16.59 20.16 -51.40
CA GLN B 13 -17.04 21.42 -52.01
C GLN B 13 -17.91 22.20 -51.04
N ASN B 14 -18.92 21.51 -50.52
CA ASN B 14 -19.85 22.06 -49.53
C ASN B 14 -19.62 21.45 -48.18
N VAL B 15 -19.05 22.22 -47.26
CA VAL B 15 -18.83 21.74 -45.93
C VAL B 15 -19.89 22.33 -44.98
N ILE B 16 -20.43 23.49 -45.36
CA ILE B 16 -21.41 24.18 -44.52
C ILE B 16 -22.66 24.61 -45.29
N ALA B 17 -23.76 23.92 -45.02
CA ALA B 17 -25.06 24.24 -45.60
C ALA B 17 -25.57 25.62 -45.14
N PRO B 18 -26.24 26.36 -46.05
CA PRO B 18 -26.85 27.64 -45.72
C PRO B 18 -27.88 27.51 -44.61
N ASN B 19 -28.54 26.36 -44.56
CA ASN B 19 -29.60 26.11 -43.59
C ASN B 19 -29.12 25.19 -42.46
N THR B 20 -27.84 25.30 -42.12
CA THR B 20 -27.28 24.50 -41.04
C THR B 20 -28.11 24.62 -39.76
N LEU B 21 -28.57 25.83 -39.47
CA LEU B 21 -29.18 26.16 -38.19
C LEU B 21 -30.70 26.10 -38.23
N SER B 22 -31.26 25.79 -39.40
CA SER B 22 -32.68 25.51 -39.50
C SER B 22 -33.47 26.77 -39.15
N ASN B 23 -34.62 26.60 -38.50
CA ASN B 23 -35.38 27.77 -38.07
C ASN B 23 -35.49 27.92 -36.55
N SER B 24 -34.54 27.36 -35.81
CA SER B 24 -34.69 27.25 -34.36
C SER B 24 -34.63 28.61 -33.69
N ILE B 25 -33.87 29.53 -34.27
CA ILE B 25 -33.70 30.85 -33.66
C ILE B 25 -35.01 31.63 -33.73
N ARG B 26 -35.64 31.63 -34.90
CA ARG B 26 -36.95 32.25 -35.05
C ARG B 26 -38.01 31.58 -34.18
N MET B 27 -38.05 30.24 -34.20
CA MET B 27 -39.08 29.51 -33.44
C MET B 27 -38.97 29.74 -31.93
N LEU B 28 -37.76 29.82 -31.41
CA LEU B 28 -37.57 30.15 -30.00
C LEU B 28 -38.20 31.50 -29.73
N GLY B 29 -38.12 32.38 -30.73
CA GLY B 29 -38.81 33.66 -30.66
C GLY B 29 -40.32 33.56 -30.70
N SER B 30 -40.85 32.80 -31.67
CA SER B 30 -42.29 32.82 -31.89
C SER B 30 -43.03 31.98 -30.85
N GLN B 31 -42.27 31.20 -30.09
CA GLN B 31 -42.81 30.39 -29.03
C GLN B 31 -43.00 31.18 -27.75
N SER B 32 -42.33 32.33 -27.66
CA SER B 32 -42.21 33.03 -26.39
C SER B 32 -43.53 33.65 -25.93
N PRO B 33 -44.27 34.31 -26.85
CA PRO B 33 -45.46 35.00 -26.38
C PRO B 33 -46.57 34.06 -25.93
N LEU B 34 -46.64 32.87 -26.53
CA LEU B 34 -47.61 31.89 -26.10
C LEU B 34 -47.26 31.33 -24.74
N ILE B 35 -45.97 31.12 -24.49
CA ILE B 35 -45.53 30.67 -23.17
C ILE B 35 -45.83 31.73 -22.13
N GLN B 36 -45.68 32.98 -22.53
CA GLN B 36 -45.94 34.08 -21.63
C GLN B 36 -47.43 34.20 -21.28
N ALA B 37 -48.27 34.03 -22.29
CA ALA B 37 -49.73 34.09 -22.11
C ALA B 37 -50.23 32.96 -21.22
N TYR B 38 -49.86 31.74 -21.56
CA TYR B 38 -50.27 30.61 -20.76
C TYR B 38 -49.69 30.66 -19.35
N GLY B 39 -48.52 31.29 -19.22
CA GLY B 39 -47.97 31.60 -17.92
C GLY B 39 -48.87 32.54 -17.12
N LEU B 40 -49.35 33.58 -17.79
CA LEU B 40 -50.07 34.64 -17.11
C LEU B 40 -51.45 34.14 -16.69
N VAL B 41 -52.00 33.22 -17.47
CA VAL B 41 -53.24 32.55 -17.09
C VAL B 41 -53.11 31.85 -15.73
N ILE B 42 -51.99 31.18 -15.51
CA ILE B 42 -51.77 30.42 -14.26
C ILE B 42 -51.61 31.38 -13.09
N LEU B 43 -50.95 32.51 -13.35
CA LEU B 43 -50.76 33.53 -12.32
C LEU B 43 -52.07 34.18 -11.91
N GLN B 44 -53.01 34.30 -12.84
CA GLN B 44 -54.19 35.09 -12.60
C GLN B 44 -55.40 34.24 -12.24
N GLN B 45 -55.28 32.94 -12.39
CA GLN B 45 -56.28 32.04 -11.82
C GLN B 45 -56.21 32.13 -10.30
N PRO B 46 -57.34 32.48 -9.64
CA PRO B 46 -57.26 32.85 -8.24
C PRO B 46 -56.83 31.67 -7.36
N ASP B 47 -55.99 31.95 -6.38
CA ASP B 47 -55.64 30.96 -5.36
C ASP B 47 -56.93 30.31 -4.87
N ILE B 48 -57.02 28.99 -5.06
CA ILE B 48 -58.21 28.29 -4.62
C ILE B 48 -57.91 27.22 -3.59
N LYS B 49 -58.93 26.84 -2.84
CA LYS B 49 -58.84 25.75 -1.89
C LYS B 49 -60.06 24.85 -2.05
N VAL B 50 -59.81 23.55 -2.22
CA VAL B 50 -60.86 22.62 -2.58
C VAL B 50 -60.80 21.40 -1.66
N ASN B 51 -61.96 20.97 -1.17
CA ASN B 51 -61.99 19.95 -0.14
C ASN B 51 -61.82 18.54 -0.71
N ALA B 52 -62.29 18.32 -1.92
CA ALA B 52 -62.17 17.00 -2.55
C ALA B 52 -60.73 16.70 -2.95
N MET B 53 -59.87 17.72 -2.86
CA MET B 53 -58.47 17.60 -3.25
C MET B 53 -57.60 18.54 -2.43
N SER B 54 -57.23 18.09 -1.23
CA SER B 54 -56.60 18.99 -0.26
C SER B 54 -55.22 19.47 -0.74
N SER B 55 -54.64 18.74 -1.69
CA SER B 55 -53.30 19.07 -2.15
C SER B 55 -53.32 20.17 -3.22
N LEU B 56 -54.50 20.48 -3.74
CA LEU B 56 -54.61 21.35 -4.92
C LEU B 56 -53.95 22.69 -4.66
N THR B 57 -54.30 23.30 -3.53
CA THR B 57 -53.77 24.61 -3.15
C THR B 57 -52.25 24.62 -3.22
N ASN B 58 -51.64 23.53 -2.79
CA ASN B 58 -50.19 23.46 -2.73
C ASN B 58 -49.55 23.24 -4.09
N HIS B 59 -50.15 22.39 -4.91
CA HIS B 59 -49.73 22.23 -6.30
C HIS B 59 -49.89 23.56 -7.07
N GLN B 60 -50.93 24.32 -6.73
CA GLN B 60 -51.19 25.58 -7.41
C GLN B 60 -50.13 26.58 -7.06
N LYS B 61 -49.81 26.68 -5.77
CA LYS B 61 -48.67 27.44 -5.31
C LYS B 61 -47.42 27.11 -6.11
N PHE B 62 -47.10 25.82 -6.25
CA PHE B 62 -45.88 25.43 -6.92
C PHE B 62 -45.92 26.00 -8.34
N ALA B 63 -47.04 25.78 -9.01
CA ALA B 63 -47.20 26.20 -10.41
C ALA B 63 -46.98 27.70 -10.56
N LYS B 64 -47.62 28.50 -9.71
CA LYS B 64 -47.39 29.94 -9.75
C LYS B 64 -45.91 30.28 -9.54
N ALA B 65 -45.29 29.63 -8.55
CA ALA B 65 -43.85 29.83 -8.32
C ALA B 65 -43.01 29.41 -9.52
N ASN B 66 -43.39 28.31 -10.17
CA ASN B 66 -42.69 27.84 -11.35
C ASN B 66 -42.76 28.87 -12.49
N VAL B 67 -43.96 29.38 -12.75
CA VAL B 67 -44.13 30.35 -13.84
C VAL B 67 -43.26 31.57 -13.57
N ARG B 68 -43.25 32.03 -12.33
CA ARG B 68 -42.45 33.21 -12.00
C ARG B 68 -40.95 32.96 -12.14
N GLU B 69 -40.55 31.73 -11.90
CA GLU B 69 -39.14 31.35 -12.04
C GLU B 69 -38.75 31.39 -13.51
N TRP B 70 -39.70 31.06 -14.39
CA TRP B 70 -39.44 31.14 -15.80
C TRP B 70 -39.30 32.59 -16.25
N ILE B 71 -40.17 33.45 -15.73
CA ILE B 71 -40.12 34.87 -16.06
C ILE B 71 -38.82 35.51 -15.59
N ASP B 72 -38.48 35.31 -14.32
CA ASP B 72 -37.39 36.08 -13.70
C ASP B 72 -36.02 35.50 -14.09
N GLU B 73 -35.92 34.18 -14.14
CA GLU B 73 -34.61 33.53 -14.15
C GLU B 73 -34.26 32.99 -15.52
N TYR B 74 -35.16 32.19 -16.09
CA TYR B 74 -34.79 31.34 -17.20
C TYR B 74 -35.04 31.98 -18.56
N ASN B 75 -36.22 32.57 -18.76
CA ASN B 75 -36.52 33.22 -20.03
C ASN B 75 -35.55 34.36 -20.40
N PRO B 76 -34.95 35.01 -19.39
CA PRO B 76 -34.01 36.05 -19.81
C PRO B 76 -32.72 35.50 -20.46
N LYS B 77 -32.29 34.30 -20.09
CA LYS B 77 -31.19 33.64 -20.79
C LYS B 77 -31.42 33.52 -22.31
N LEU B 78 -32.67 33.23 -22.68
CA LEU B 78 -33.00 33.03 -24.08
C LEU B 78 -32.90 34.35 -24.82
N ILE B 79 -33.31 35.41 -24.14
CA ILE B 79 -33.20 36.74 -24.71
C ILE B 79 -31.72 37.10 -24.91
N ASP B 80 -30.92 36.91 -23.88
CA ASP B 80 -29.48 37.18 -23.94
C ASP B 80 -28.79 36.40 -25.04
N LEU B 81 -29.10 35.11 -25.11
CA LEU B 81 -28.45 34.25 -26.07
C LEU B 81 -28.76 34.76 -27.48
N ASN B 82 -30.01 35.08 -27.73
CA ASN B 82 -30.35 35.68 -29.01
C ASN B 82 -29.48 36.88 -29.36
N GLN B 83 -29.19 37.71 -28.37
CA GLN B 83 -28.45 38.94 -28.62
C GLN B 83 -26.99 38.64 -28.94
N GLU B 84 -26.42 37.70 -28.21
CA GLU B 84 -25.06 37.26 -28.47
C GLU B 84 -24.93 36.82 -29.93
N MET B 85 -25.87 36.00 -30.41
CA MET B 85 -25.83 35.50 -31.78
C MET B 85 -26.05 36.64 -32.78
N MET B 86 -26.93 37.58 -32.46
CA MET B 86 -27.06 38.78 -33.30
C MET B 86 -25.72 39.53 -33.44
N ARG B 87 -25.06 39.76 -32.31
CA ARG B 87 -23.80 40.49 -32.30
C ARG B 87 -22.70 39.78 -33.06
N TYR B 88 -22.66 38.46 -32.97
CA TYR B 88 -21.72 37.69 -33.78
C TYR B 88 -21.95 37.89 -35.29
N SER B 89 -23.19 37.73 -35.74
CA SER B 89 -23.49 37.92 -37.15
C SER B 89 -23.08 39.30 -37.66
N ILE B 90 -23.29 40.34 -36.84
CA ILE B 90 -22.91 41.72 -37.22
C ILE B 90 -21.39 41.86 -37.28
N ARG B 91 -20.70 41.24 -36.32
CA ARG B 91 -19.26 41.21 -36.31
C ARG B 91 -18.75 40.49 -37.55
N PHE B 92 -19.12 39.23 -37.69
CA PHE B 92 -18.67 38.47 -38.83
C PHE B 92 -18.83 39.30 -40.10
N ASN B 93 -19.98 39.96 -40.23
CA ASN B 93 -20.35 40.55 -41.50
C ASN B 93 -19.57 41.84 -41.81
N SER B 94 -19.19 42.57 -40.75
CA SER B 94 -18.31 43.72 -40.91
C SER B 94 -16.90 43.30 -41.34
N TYR B 95 -16.46 42.13 -40.90
CA TYR B 95 -15.13 41.64 -41.27
C TYR B 95 -15.10 40.83 -42.56
N TYR B 96 -16.27 40.36 -43.01
CA TYR B 96 -16.28 39.47 -44.16
C TYR B 96 -15.30 39.96 -45.22
N SER B 97 -15.38 41.24 -45.55
CA SER B 97 -14.86 41.71 -46.83
C SER B 97 -13.35 41.50 -46.94
N LYS B 98 -12.60 42.04 -46.00
CA LYS B 98 -11.14 41.89 -46.02
C LYS B 98 -10.72 40.46 -45.72
N LEU B 99 -11.57 39.71 -45.04
CA LEU B 99 -11.19 38.36 -44.64
C LEU B 99 -11.34 37.40 -45.82
N TYR B 100 -12.27 37.72 -46.71
CA TYR B 100 -12.43 37.03 -47.98
C TYR B 100 -11.24 37.29 -48.90
N GLU B 101 -10.73 38.51 -48.88
CA GLU B 101 -9.60 38.87 -49.72
C GLU B 101 -8.33 38.19 -49.23
N LEU B 102 -8.10 38.26 -47.91
CA LEU B 102 -6.99 37.56 -47.27
C LEU B 102 -7.03 36.07 -47.55
N ALA B 103 -8.16 35.44 -47.24
CA ALA B 103 -8.36 34.06 -47.59
C ALA B 103 -7.83 33.77 -49.00
N GLY B 104 -8.06 34.70 -49.92
CA GLY B 104 -7.62 34.51 -51.30
C GLY B 104 -6.11 34.39 -51.43
N ASN B 105 -5.39 35.10 -50.58
CA ASN B 105 -3.95 35.28 -50.74
C ASN B 105 -3.11 34.42 -49.80
N ILE B 106 -3.72 33.40 -49.18
CA ILE B 106 -3.02 32.67 -48.13
C ILE B 106 -1.76 32.04 -48.67
N ASN B 107 -1.75 31.70 -49.95
CA ASN B 107 -0.67 30.93 -50.54
C ASN B 107 0.39 31.81 -51.19
N GLU B 108 0.00 33.03 -51.58
CA GLU B 108 0.95 34.04 -52.03
C GLU B 108 1.86 34.51 -50.88
N ASP B 109 1.64 35.73 -50.42
CA ASP B 109 2.16 36.16 -49.12
C ASP B 109 2.02 35.03 -48.11
N GLU B 110 2.98 34.93 -47.18
CA GLU B 110 2.81 34.10 -46.00
C GLU B 110 2.29 34.93 -44.83
N GLN B 111 2.47 36.25 -44.92
CA GLN B 111 1.89 37.16 -43.93
C GLN B 111 0.37 37.20 -44.10
N SER B 112 -0.10 36.85 -45.29
CA SER B 112 -1.53 36.74 -45.56
C SER B 112 -2.12 35.56 -44.81
N LYS B 113 -1.51 34.39 -44.98
CA LYS B 113 -1.86 33.22 -44.20
C LYS B 113 -2.05 33.59 -42.74
N ALA B 114 -1.16 34.43 -42.22
CA ALA B 114 -1.06 34.63 -40.78
C ALA B 114 -2.17 35.55 -40.30
N ASP B 115 -2.37 36.64 -41.02
CA ASP B 115 -3.40 37.59 -40.65
C ASP B 115 -4.81 36.96 -40.77
N PHE B 116 -5.03 36.17 -41.82
CA PHE B 116 -6.30 35.45 -41.99
C PHE B 116 -6.58 34.45 -40.86
N THR B 117 -5.60 33.63 -40.52
CA THR B 117 -5.74 32.67 -39.43
C THR B 117 -5.94 33.38 -38.08
N ASN B 118 -5.28 34.52 -37.94
CA ASN B 118 -5.37 35.38 -36.74
C ASN B 118 -6.79 35.94 -36.58
N ALA B 119 -7.29 36.60 -37.63
CA ALA B 119 -8.62 37.19 -37.59
C ALA B 119 -9.71 36.12 -37.53
N TYR B 120 -9.51 35.04 -38.27
CA TYR B 120 -10.48 33.95 -38.33
C TYR B 120 -10.62 33.29 -36.96
N GLY B 121 -9.49 32.93 -36.37
CA GLY B 121 -9.49 32.19 -35.12
C GLY B 121 -10.13 33.00 -34.00
N LYS B 122 -10.13 34.31 -34.19
CA LYS B 122 -10.77 35.21 -33.24
C LYS B 122 -12.29 35.19 -33.39
N LEU B 123 -12.78 35.07 -34.62
CA LEU B 123 -14.20 34.92 -34.86
C LEU B 123 -14.72 33.59 -34.34
N GLN B 124 -13.89 32.56 -34.47
CA GLN B 124 -14.26 31.21 -34.06
C GLN B 124 -14.36 31.11 -32.55
N LEU B 125 -13.73 32.04 -31.84
CA LEU B 125 -13.76 31.99 -30.39
C LEU B 125 -15.02 32.62 -29.83
N GLN B 126 -15.59 33.57 -30.57
CA GLN B 126 -16.92 34.07 -30.25
C GLN B 126 -17.98 32.98 -30.50
N VAL B 127 -17.80 32.21 -31.57
CA VAL B 127 -18.65 31.06 -31.82
C VAL B 127 -18.53 30.00 -30.71
N GLN B 128 -17.32 29.75 -30.25
CA GLN B 128 -17.08 28.87 -29.11
C GLN B 128 -17.77 29.38 -27.85
N SER B 129 -17.68 30.68 -27.61
CA SER B 129 -18.26 31.26 -26.42
C SER B 129 -19.77 31.12 -26.43
N ILE B 130 -20.39 31.42 -27.55
CA ILE B 130 -21.82 31.23 -27.69
C ILE B 130 -22.19 29.75 -27.43
N GLN B 131 -21.35 28.82 -27.89
CA GLN B 131 -21.65 27.40 -27.71
C GLN B 131 -21.63 27.02 -26.23
N GLU B 132 -20.59 27.41 -25.53
CA GLU B 132 -20.48 27.12 -24.10
C GLU B 132 -21.65 27.74 -23.32
N ASN B 133 -21.98 28.99 -23.63
CA ASN B 133 -23.09 29.67 -22.97
C ASN B 133 -24.46 29.05 -23.25
N MET B 134 -24.57 28.38 -24.40
CA MET B 134 -25.81 27.70 -24.81
C MET B 134 -25.94 26.37 -24.06
N GLU B 135 -24.81 25.67 -23.92
CA GLU B 135 -24.74 24.46 -23.13
C GLU B 135 -25.10 24.73 -21.67
N GLN B 136 -24.54 25.81 -21.12
CA GLN B 136 -24.78 26.17 -19.71
C GLN B 136 -26.24 26.53 -19.51
N ASP B 137 -26.78 27.33 -20.43
CA ASP B 137 -28.20 27.67 -20.41
C ASP B 137 -29.09 26.42 -20.42
N LEU B 138 -28.81 25.52 -21.34
CA LEU B 138 -29.55 24.26 -21.45
C LEU B 138 -29.47 23.40 -20.20
N LEU B 139 -28.30 23.33 -19.58
CA LEU B 139 -28.18 22.60 -18.33
C LEU B 139 -29.10 23.21 -17.28
N GLU B 140 -29.11 24.54 -17.19
CA GLU B 140 -29.97 25.21 -16.23
C GLU B 140 -31.45 25.08 -16.60
N LEU B 141 -31.76 25.13 -17.88
CA LEU B 141 -33.13 25.08 -18.32
C LEU B 141 -33.72 23.72 -18.10
N ASN B 142 -32.90 22.68 -18.23
CA ASN B 142 -33.37 21.30 -18.05
C ASN B 142 -33.66 20.96 -16.60
N ARG B 143 -32.99 21.65 -15.68
CA ARG B 143 -33.31 21.50 -14.27
C ARG B 143 -34.71 22.03 -13.97
N PHE B 144 -35.09 23.13 -14.61
CA PHE B 144 -36.44 23.68 -14.46
C PHE B 144 -37.44 22.72 -15.09
N LYS B 145 -37.13 22.30 -16.31
CA LYS B 145 -37.96 21.34 -17.02
C LYS B 145 -38.22 20.10 -16.18
N THR B 146 -37.20 19.56 -15.54
CA THR B 146 -37.36 18.36 -14.69
C THR B 146 -38.31 18.59 -13.50
N VAL B 147 -38.18 19.73 -12.82
CA VAL B 147 -39.07 20.01 -11.70
C VAL B 147 -40.47 20.28 -12.22
N LEU B 148 -40.57 21.04 -13.30
CA LEU B 148 -41.86 21.39 -13.89
C LEU B 148 -42.60 20.15 -14.37
N ASP B 149 -41.92 19.31 -15.15
CA ASP B 149 -42.57 18.09 -15.66
C ASP B 149 -43.14 17.25 -14.54
N LYS B 150 -42.35 17.02 -13.48
CA LYS B 150 -42.81 16.23 -12.35
C LYS B 150 -43.91 16.93 -11.56
N ASP B 151 -43.74 18.22 -11.29
CA ASP B 151 -44.79 19.00 -10.65
C ASP B 151 -46.13 18.86 -11.40
N SER B 152 -46.06 18.98 -12.72
CA SER B 152 -47.27 18.94 -13.53
C SER B 152 -47.86 17.53 -13.53
N ASN B 153 -46.99 16.53 -13.60
CA ASN B 153 -47.45 15.16 -13.55
C ASN B 153 -48.06 14.77 -12.20
N ASN B 154 -47.49 15.26 -11.10
CA ASN B 154 -48.02 14.91 -9.79
C ASN B 154 -49.44 15.45 -9.67
N LEU B 155 -49.60 16.68 -10.14
CA LEU B 155 -50.86 17.39 -10.03
C LEU B 155 -51.94 16.71 -10.88
N SER B 156 -51.56 16.20 -12.04
CA SER B 156 -52.52 15.52 -12.91
C SER B 156 -52.98 14.19 -12.33
N ILE B 157 -52.07 13.46 -11.68
CA ILE B 157 -52.42 12.20 -11.01
C ILE B 157 -53.39 12.46 -9.86
N LYS B 158 -53.07 13.47 -9.05
CA LYS B 158 -53.90 13.83 -7.91
C LYS B 158 -55.25 14.42 -8.32
N ALA B 159 -55.28 15.16 -9.44
CA ALA B 159 -56.56 15.66 -9.94
C ALA B 159 -57.46 14.50 -10.38
N ASP B 160 -56.92 13.58 -11.16
CA ASP B 160 -57.64 12.36 -11.54
C ASP B 160 -58.26 11.67 -10.33
N GLU B 161 -57.43 11.41 -9.31
CA GLU B 161 -57.90 10.83 -8.05
C GLU B 161 -59.04 11.66 -7.44
N ALA B 162 -58.86 12.98 -7.39
CA ALA B 162 -59.87 13.84 -6.80
C ALA B 162 -61.17 13.68 -7.57
N ILE B 163 -61.08 13.77 -8.90
CA ILE B 163 -62.27 13.68 -9.74
C ILE B 163 -62.95 12.33 -9.51
N LYS B 164 -62.20 11.24 -9.61
CA LYS B 164 -62.74 9.91 -9.34
C LYS B 164 -63.63 9.91 -8.10
N THR B 165 -63.18 10.59 -7.06
CA THR B 165 -63.91 10.68 -5.80
C THR B 165 -65.21 11.50 -5.89
N LEU B 166 -65.19 12.55 -6.69
CA LEU B 166 -66.31 13.48 -6.77
C LEU B 166 -67.51 12.90 -7.51
N GLN B 167 -67.26 11.92 -8.37
CA GLN B 167 -68.17 11.62 -9.48
C GLN B 167 -69.22 10.59 -9.08
N GLY B 171 -71.33 9.15 -14.61
CA GLY B 171 -70.01 9.66 -14.98
C GLY B 171 -70.07 10.87 -15.89
N ASP B 172 -70.97 11.80 -15.57
CA ASP B 172 -71.12 13.03 -16.35
C ASP B 172 -69.85 13.85 -16.24
N ILE B 173 -69.31 13.89 -15.03
CA ILE B 173 -68.25 14.82 -14.70
C ILE B 173 -67.00 14.48 -15.48
N VAL B 174 -66.77 13.18 -15.69
CA VAL B 174 -65.60 12.73 -16.43
C VAL B 174 -65.74 13.10 -17.89
N LYS B 175 -66.92 12.93 -18.46
CA LYS B 175 -67.14 13.26 -19.87
C LYS B 175 -66.95 14.75 -20.08
N LEU B 176 -67.47 15.56 -19.17
CA LEU B 176 -67.43 17.03 -19.32
C LEU B 176 -65.98 17.50 -19.23
N ARG B 177 -65.26 17.00 -18.23
CA ARG B 177 -63.85 17.30 -18.08
C ARG B 177 -63.08 17.04 -19.37
N GLU B 178 -63.26 15.85 -19.92
CA GLU B 178 -62.64 15.47 -21.20
C GLU B 178 -62.97 16.46 -22.29
N ASP B 179 -64.25 16.74 -22.47
CA ASP B 179 -64.66 17.67 -23.49
C ASP B 179 -63.94 19.01 -23.34
N ILE B 180 -63.81 19.49 -22.11
CA ILE B 180 -63.33 20.87 -21.87
C ILE B 180 -61.84 20.90 -22.14
N LYS B 181 -61.16 19.87 -21.67
CA LYS B 181 -59.74 19.68 -21.96
C LYS B 181 -59.46 19.50 -23.44
N ARG B 182 -60.27 18.72 -24.14
CA ARG B 182 -60.10 18.57 -25.58
C ARG B 182 -60.18 19.95 -26.27
N ILE B 183 -61.21 20.71 -25.96
CA ILE B 183 -61.39 21.99 -26.64
C ILE B 183 -60.24 22.92 -26.33
N GLN B 184 -59.81 22.97 -25.07
CA GLN B 184 -58.72 23.88 -24.67
C GLN B 184 -57.46 23.52 -25.42
N GLY B 185 -57.28 22.22 -25.65
CA GLY B 185 -56.12 21.76 -26.36
C GLY B 185 -56.23 22.12 -27.82
N GLU B 186 -57.45 22.17 -28.33
CA GLU B 186 -57.65 22.56 -29.73
C GLU B 186 -57.37 24.05 -29.91
N ILE B 187 -57.59 24.82 -28.85
CA ILE B 187 -57.34 26.26 -28.90
C ILE B 187 -55.83 26.55 -28.89
N GLN B 188 -55.12 25.86 -28.00
CA GLN B 188 -53.65 25.89 -27.94
C GLN B 188 -53.01 25.49 -29.28
N ALA B 189 -53.52 24.45 -29.95
CA ALA B 189 -53.02 24.08 -31.28
C ALA B 189 -53.23 25.19 -32.33
N GLU B 190 -54.36 25.88 -32.26
CA GLU B 190 -54.64 26.94 -33.22
C GLU B 190 -53.78 28.19 -32.97
N LEU B 191 -53.54 28.53 -31.71
CA LEU B 191 -52.72 29.67 -31.40
C LEU B 191 -51.28 29.43 -31.86
N THR B 192 -50.81 28.21 -31.65
CA THR B 192 -49.50 27.79 -32.12
C THR B 192 -49.39 27.90 -33.63
N THR B 193 -50.43 27.45 -34.35
CA THR B 193 -50.48 27.61 -35.82
C THR B 193 -50.34 29.08 -36.21
N ILE B 194 -51.07 29.95 -35.51
CA ILE B 194 -51.04 31.38 -35.82
C ILE B 194 -49.65 31.98 -35.64
N LEU B 195 -49.00 31.64 -34.54
CA LEU B 195 -47.65 32.13 -34.31
C LEU B 195 -46.62 31.52 -35.25
N ASN B 196 -46.88 30.31 -35.76
CA ASN B 196 -45.97 29.65 -36.70
C ASN B 196 -46.02 30.24 -38.10
N ARG B 197 -47.15 30.86 -38.45
CA ARG B 197 -47.31 31.40 -39.81
C ARG B 197 -46.32 32.52 -40.06
N PRO B 198 -45.68 32.50 -41.25
CA PRO B 198 -44.94 33.68 -41.70
C PRO B 198 -45.73 34.95 -41.44
N GLN B 199 -45.03 36.04 -41.11
CA GLN B 199 -45.66 37.36 -41.10
C GLN B 199 -44.68 38.43 -41.56
N GLU B 200 -45.07 39.19 -42.59
CA GLU B 200 -44.23 40.25 -43.14
C GLU B 200 -43.82 41.25 -42.06
N ILE B 201 -44.79 41.70 -41.26
CA ILE B 201 -44.49 42.48 -40.08
C ILE B 201 -45.00 41.78 -38.83
N ILE B 202 -44.10 41.53 -37.88
CA ILE B 202 -44.46 40.82 -36.67
C ILE B 202 -45.08 41.83 -35.69
N LYS B 203 -46.38 41.65 -35.48
CA LYS B 203 -47.21 42.61 -34.77
C LYS B 203 -48.38 41.83 -34.21
N GLY B 204 -48.69 42.05 -32.94
CA GLY B 204 -49.97 41.57 -32.41
C GLY B 204 -50.13 41.74 -30.91
N SER B 205 -51.21 41.17 -30.39
CA SER B 205 -51.53 41.28 -28.98
C SER B 205 -52.47 40.15 -28.55
N ILE B 206 -52.09 39.47 -27.47
CA ILE B 206 -52.89 38.41 -26.87
C ILE B 206 -53.35 38.81 -25.47
N ASN B 207 -54.65 38.80 -25.26
CA ASN B 207 -55.25 39.24 -24.00
C ASN B 207 -55.73 38.06 -23.16
N ILE B 208 -55.47 38.10 -21.85
CA ILE B 208 -55.99 37.13 -20.91
C ILE B 208 -57.22 37.69 -20.22
N GLY B 209 -58.29 36.90 -20.17
CA GLY B 209 -59.56 37.38 -19.61
C GLY B 209 -60.11 36.48 -18.52
N LYS B 210 -60.94 37.05 -17.67
CA LYS B 210 -61.59 36.32 -16.58
C LYS B 210 -63.10 36.24 -16.83
N GLN B 211 -63.65 35.02 -16.76
CA GLN B 211 -65.08 34.83 -16.92
C GLN B 211 -65.63 34.17 -15.67
N VAL B 212 -66.89 34.46 -15.35
CA VAL B 212 -67.47 34.10 -14.06
C VAL B 212 -68.77 33.36 -14.33
N PHE B 213 -68.88 32.19 -13.71
CA PHE B 213 -70.07 31.38 -13.79
C PHE B 213 -70.73 31.38 -12.43
N THR B 214 -72.07 31.35 -12.43
CA THR B 214 -72.86 31.34 -11.20
C THR B 214 -73.59 30.02 -11.05
N ILE B 215 -73.43 29.39 -9.89
CA ILE B 215 -74.18 28.18 -9.59
C ILE B 215 -74.86 28.28 -8.22
N THR B 216 -75.90 27.47 -8.03
CA THR B 216 -76.80 27.60 -6.90
C THR B 216 -76.28 26.82 -5.68
N THR B 222 -68.24 30.68 -4.17
CA THR B 222 -69.23 29.85 -3.46
C THR B 222 -70.43 29.58 -4.36
N LYS B 223 -71.18 30.63 -4.66
CA LYS B 223 -72.09 30.61 -5.77
C LYS B 223 -71.38 30.95 -7.09
N THR B 224 -70.09 31.26 -7.00
CA THR B 224 -69.39 31.92 -8.11
C THR B 224 -68.07 31.23 -8.50
N ILE B 225 -67.91 30.98 -9.79
CA ILE B 225 -66.75 30.24 -10.28
C ILE B 225 -65.92 31.04 -11.28
N ASP B 226 -64.62 31.06 -11.08
CA ASP B 226 -63.73 31.82 -11.95
C ASP B 226 -63.05 30.97 -13.02
N PHE B 227 -63.11 31.47 -14.26
CA PHE B 227 -62.39 30.89 -15.39
C PHE B 227 -61.49 31.95 -16.03
N VAL B 228 -60.18 31.80 -15.87
CA VAL B 228 -59.21 32.61 -16.58
C VAL B 228 -58.63 31.83 -17.77
N SER B 229 -58.73 32.43 -18.95
CA SER B 229 -58.13 31.88 -20.15
C SER B 229 -57.71 32.97 -21.11
N ILE B 230 -57.00 32.58 -22.15
CA ILE B 230 -56.69 33.46 -23.26
C ILE B 230 -57.97 33.98 -23.90
N GLY B 231 -58.08 35.30 -23.94
CA GLY B 231 -59.31 35.95 -24.38
C GLY B 231 -59.25 36.45 -25.83
N THR B 232 -59.37 37.76 -26.00
CA THR B 232 -59.46 38.32 -27.33
C THR B 232 -58.06 38.42 -27.93
N LEU B 233 -57.94 38.04 -29.19
CA LEU B 233 -56.75 38.35 -29.97
C LEU B 233 -56.92 39.69 -30.67
N SER B 234 -55.80 40.35 -30.98
CA SER B 234 -55.85 41.73 -31.47
C SER B 234 -56.39 41.78 -32.88
N ASN B 235 -56.57 43.00 -33.39
CA ASN B 235 -57.03 43.22 -34.76
C ASN B 235 -56.06 42.65 -35.78
N GLU B 236 -54.77 42.67 -35.45
CA GLU B 236 -53.74 42.18 -36.36
C GLU B 236 -53.91 40.69 -36.58
N ILE B 237 -54.38 39.98 -35.57
CA ILE B 237 -54.48 38.54 -35.62
C ILE B 237 -55.83 38.15 -36.19
N VAL B 238 -56.88 38.76 -35.66
CA VAL B 238 -58.25 38.38 -35.99
C VAL B 238 -58.70 38.96 -37.34
N ASN B 239 -58.11 40.09 -37.74
CA ASN B 239 -58.29 40.59 -39.11
C ASN B 239 -57.02 40.48 -39.96
N ALA B 240 -56.18 39.49 -39.68
CA ALA B 240 -54.91 39.36 -40.37
C ALA B 240 -55.12 39.15 -41.86
N ALA B 241 -54.20 39.65 -42.67
CA ALA B 241 -54.28 39.50 -44.12
C ALA B 241 -54.16 38.03 -44.52
N ASP B 242 -53.32 37.28 -43.82
CA ASP B 242 -53.17 35.85 -44.07
C ASP B 242 -54.43 35.10 -43.67
N SER B 243 -55.11 34.53 -44.66
CA SER B 243 -56.45 33.99 -44.46
C SER B 243 -56.40 32.78 -43.51
N GLN B 244 -55.29 32.07 -43.49
CA GLN B 244 -55.17 30.89 -42.64
C GLN B 244 -55.01 31.31 -41.19
N THR B 245 -54.49 32.52 -40.99
CA THR B 245 -54.35 33.07 -39.65
C THR B 245 -55.71 33.53 -39.15
N ARG B 246 -56.42 34.28 -40.00
CA ARG B 246 -57.75 34.72 -39.64
C ARG B 246 -58.70 33.54 -39.45
N GLU B 247 -58.62 32.54 -40.33
CA GLU B 247 -59.52 31.39 -40.25
C GLU B 247 -59.29 30.70 -38.93
N ALA B 248 -58.04 30.70 -38.48
CA ALA B 248 -57.66 30.04 -37.24
C ALA B 248 -58.22 30.79 -36.03
N ALA B 249 -58.18 32.11 -36.10
CA ALA B 249 -58.67 32.96 -35.02
C ALA B 249 -60.18 32.81 -34.86
N LEU B 250 -60.90 32.82 -35.97
CA LEU B 250 -62.33 32.49 -35.99
C LEU B 250 -62.65 31.13 -35.36
N ARG B 251 -61.86 30.11 -35.64
CA ARG B 251 -62.14 28.81 -35.04
C ARG B 251 -61.91 28.88 -33.52
N ILE B 252 -60.98 29.73 -33.10
CA ILE B 252 -60.70 29.90 -31.67
C ILE B 252 -61.86 30.62 -30.98
N GLN B 253 -62.40 31.63 -31.64
CA GLN B 253 -63.54 32.34 -31.09
C GLN B 253 -64.70 31.40 -30.86
N GLN B 254 -65.04 30.61 -31.87
CA GLN B 254 -66.12 29.63 -31.78
C GLN B 254 -65.91 28.63 -30.64
N LYS B 255 -64.68 28.12 -30.56
CA LYS B 255 -64.35 27.13 -29.53
C LYS B 255 -64.45 27.74 -28.13
N GLN B 256 -64.17 29.04 -28.01
CA GLN B 256 -64.23 29.68 -26.72
C GLN B 256 -65.68 29.75 -26.22
N LYS B 257 -66.61 29.94 -27.15
CA LYS B 257 -68.02 29.98 -26.83
C LYS B 257 -68.53 28.57 -26.57
N GLU B 258 -67.96 27.60 -27.26
CA GLU B 258 -68.37 26.19 -27.08
C GLU B 258 -68.06 25.69 -25.66
N LEU B 259 -67.10 26.31 -25.00
CA LEU B 259 -66.74 25.95 -23.62
C LEU B 259 -67.83 26.30 -22.62
N LEU B 260 -68.53 27.39 -22.87
CA LEU B 260 -69.36 28.03 -21.84
C LEU B 260 -70.49 27.14 -21.33
N PRO B 261 -71.23 26.48 -22.24
CA PRO B 261 -72.25 25.57 -21.71
C PRO B 261 -71.73 24.30 -21.03
N LEU B 262 -70.57 23.81 -21.45
CA LEU B 262 -69.86 22.74 -20.74
C LEU B 262 -69.45 23.19 -19.35
N ILE B 263 -68.87 24.38 -19.25
CA ILE B 263 -68.40 24.85 -17.94
C ILE B 263 -69.57 25.07 -17.02
N GLN B 264 -70.71 25.47 -17.57
CA GLN B 264 -71.90 25.66 -16.74
C GLN B 264 -72.46 24.33 -16.27
N LYS B 265 -72.46 23.33 -17.15
CA LYS B 265 -72.98 22.00 -16.78
C LYS B 265 -72.11 21.35 -15.72
N LEU B 266 -70.81 21.36 -15.94
CA LEU B 266 -69.88 20.73 -15.01
C LEU B 266 -69.96 21.40 -13.66
N SER B 267 -70.06 22.74 -13.69
CA SER B 267 -70.03 23.53 -12.47
C SER B 267 -71.26 23.30 -11.61
N GLN B 268 -72.42 23.13 -12.25
CA GLN B 268 -73.66 22.92 -11.53
C GLN B 268 -73.78 21.47 -11.04
N THR B 269 -73.08 20.56 -11.72
CA THR B 269 -73.01 19.17 -11.26
C THR B 269 -72.09 19.07 -10.05
N GLU B 270 -70.87 19.59 -10.19
CA GLU B 270 -69.91 19.58 -9.11
C GLU B 270 -68.89 20.69 -9.27
N ALA B 271 -69.06 21.74 -8.48
CA ALA B 271 -68.29 22.97 -8.61
C ALA B 271 -66.79 22.73 -8.42
N GLU B 272 -66.45 21.76 -7.58
CA GLU B 272 -65.06 21.51 -7.26
C GLU B 272 -64.38 20.84 -8.45
N ALA B 273 -65.15 20.11 -9.25
CA ALA B 273 -64.59 19.45 -10.43
C ALA B 273 -64.09 20.51 -11.42
N THR B 274 -64.87 21.58 -11.56
CA THR B 274 -64.46 22.68 -12.44
C THR B 274 -63.20 23.36 -11.95
N GLN B 275 -63.09 23.54 -10.65
CA GLN B 275 -61.94 24.25 -10.10
C GLN B 275 -60.67 23.44 -10.28
N ILE B 276 -60.73 22.16 -9.89
CA ILE B 276 -59.67 21.23 -10.18
C ILE B 276 -59.34 21.26 -11.67
N THR B 277 -60.36 21.22 -12.51
CA THR B 277 -60.16 20.98 -13.93
C THR B 277 -59.40 22.12 -14.61
N PHE B 278 -59.68 23.36 -14.20
CA PHE B 278 -58.94 24.48 -14.76
C PHE B 278 -57.48 24.39 -14.36
N VAL B 279 -57.20 24.28 -13.06
CA VAL B 279 -55.85 24.47 -12.58
C VAL B 279 -54.95 23.44 -13.25
N GLU B 280 -55.46 22.23 -13.41
CA GLU B 280 -54.65 21.14 -13.98
C GLU B 280 -54.43 21.33 -15.46
N ASP B 281 -55.49 21.73 -16.17
CA ASP B 281 -55.40 21.94 -17.61
C ASP B 281 -54.48 23.11 -17.92
N GLN B 282 -54.47 24.12 -17.05
CA GLN B 282 -53.66 25.31 -17.31
C GLN B 282 -52.18 24.98 -17.14
N VAL B 283 -51.88 24.15 -16.14
CA VAL B 283 -50.49 23.87 -15.79
C VAL B 283 -49.92 22.92 -16.83
N SER B 284 -50.77 22.05 -17.32
CA SER B 284 -50.36 21.07 -18.32
C SER B 284 -50.11 21.72 -19.68
N SER B 285 -50.92 22.71 -20.03
CA SER B 285 -50.70 23.52 -21.24
C SER B 285 -49.35 24.25 -21.18
N PHE B 286 -49.06 24.88 -20.05
CA PHE B 286 -47.83 25.65 -19.90
C PHE B 286 -46.62 24.72 -19.98
N THR B 287 -46.65 23.66 -19.19
CA THR B 287 -45.62 22.62 -19.26
C THR B 287 -45.35 22.09 -20.67
N GLU B 288 -46.39 21.95 -21.46
CA GLU B 288 -46.25 21.43 -22.83
C GLU B 288 -45.42 22.37 -23.68
N LEU B 289 -45.70 23.68 -23.55
CA LEU B 289 -45.04 24.66 -24.38
C LEU B 289 -43.60 24.92 -23.92
N ILE B 290 -43.36 24.89 -22.62
CA ILE B 290 -42.00 25.00 -22.09
C ILE B 290 -41.12 23.88 -22.63
N ASP B 291 -41.62 22.65 -22.53
CA ASP B 291 -40.89 21.49 -23.00
C ASP B 291 -40.49 21.65 -24.46
N ARG B 292 -41.43 22.13 -25.27
CA ARG B 292 -41.16 22.26 -26.69
C ARG B 292 -40.12 23.33 -26.91
N GLN B 293 -40.17 24.40 -26.12
CA GLN B 293 -39.24 25.48 -26.32
C GLN B 293 -37.82 25.05 -25.95
N ILE B 294 -37.71 24.23 -24.91
CA ILE B 294 -36.41 23.73 -24.47
C ILE B 294 -35.85 22.67 -25.43
N THR B 295 -36.73 21.87 -26.01
CA THR B 295 -36.35 20.98 -27.11
C THR B 295 -35.84 21.76 -28.31
N THR B 296 -36.44 22.90 -28.61
CA THR B 296 -36.00 23.70 -29.74
C THR B 296 -34.55 24.19 -29.51
N LEU B 297 -34.27 24.63 -28.29
CA LEU B 297 -32.91 25.06 -27.94
C LEU B 297 -31.89 23.93 -28.08
N GLU B 298 -32.32 22.71 -27.73
CA GLU B 298 -31.45 21.54 -27.86
C GLU B 298 -31.10 21.27 -29.30
N THR B 299 -32.09 21.44 -30.17
CA THR B 299 -31.85 21.30 -31.59
C THR B 299 -30.86 22.36 -32.07
N LEU B 300 -31.11 23.61 -31.68
CA LEU B 300 -30.21 24.69 -32.01
C LEU B 300 -28.76 24.37 -31.65
N LEU B 301 -28.54 23.96 -30.41
CA LEU B 301 -27.19 23.64 -29.94
C LEU B 301 -26.58 22.51 -30.76
N THR B 302 -27.35 21.44 -30.97
CA THR B 302 -26.89 20.34 -31.80
C THR B 302 -26.36 20.86 -33.12
N ASP B 303 -27.13 21.71 -33.78
CA ASP B 303 -26.71 22.24 -35.08
C ASP B 303 -25.54 23.22 -34.94
N TRP B 304 -25.56 24.01 -33.88
CA TRP B 304 -24.47 24.94 -33.59
C TRP B 304 -23.16 24.20 -33.36
N LYS B 305 -23.22 23.08 -32.66
CA LYS B 305 -22.05 22.23 -32.45
C LYS B 305 -21.43 21.80 -33.78
N VAL B 306 -22.28 21.38 -34.71
CA VAL B 306 -21.83 20.99 -36.03
C VAL B 306 -21.24 22.16 -36.83
N LEU B 307 -21.82 23.35 -36.70
CA LEU B 307 -21.30 24.54 -37.37
C LEU B 307 -19.89 24.88 -36.88
N ASN B 308 -19.73 24.87 -35.56
CA ASN B 308 -18.45 25.20 -34.90
C ASN B 308 -17.35 24.21 -35.30
N ASN B 309 -17.62 22.92 -35.16
CA ASN B 309 -16.65 21.90 -35.56
C ASN B 309 -16.19 22.05 -37.02
N ASN B 310 -17.11 22.35 -37.91
CA ASN B 310 -16.75 22.62 -39.29
C ASN B 310 -15.87 23.85 -39.44
N MET B 311 -16.16 24.90 -38.67
CA MET B 311 -15.32 26.10 -38.72
C MET B 311 -13.93 25.78 -38.14
N ILE B 312 -13.89 24.86 -37.18
CA ILE B 312 -12.63 24.49 -36.56
C ILE B 312 -11.81 23.66 -37.54
N GLN B 313 -12.45 22.73 -38.23
CA GLN B 313 -11.74 21.91 -39.20
C GLN B 313 -11.25 22.76 -40.36
N ILE B 314 -11.96 23.85 -40.67
CA ILE B 314 -11.52 24.71 -41.76
C ILE B 314 -10.19 25.37 -41.39
N GLN B 315 -10.13 25.96 -40.20
CA GLN B 315 -8.88 26.49 -39.66
C GLN B 315 -7.76 25.45 -39.57
N LYS B 316 -8.05 24.29 -38.99
CA LYS B 316 -7.07 23.19 -38.95
C LYS B 316 -6.49 22.91 -40.32
N ASN B 317 -7.31 22.95 -41.36
CA ASN B 317 -6.82 22.69 -42.71
C ASN B 317 -6.00 23.84 -43.27
N VAL B 318 -6.43 25.08 -43.03
CA VAL B 318 -5.60 26.23 -43.39
C VAL B 318 -4.21 26.08 -42.79
N GLU B 319 -4.17 25.80 -41.49
CA GLU B 319 -2.91 25.84 -40.73
C GLU B 319 -1.98 24.74 -41.20
N GLU B 320 -2.54 23.57 -41.48
CA GLU B 320 -1.75 22.44 -42.00
C GLU B 320 -1.22 22.71 -43.40
N GLY B 321 -1.94 23.51 -44.17
CA GLY B 321 -1.50 23.85 -45.52
C GLY B 321 -2.10 22.97 -46.60
N THR B 322 -3.27 22.40 -46.35
CA THR B 322 -3.91 21.56 -47.36
C THR B 322 -4.81 22.35 -48.32
N TYR B 323 -5.05 23.62 -48.01
CA TYR B 323 -5.78 24.49 -48.93
C TYR B 323 -4.85 25.03 -50.00
N THR B 324 -4.34 24.15 -50.87
CA THR B 324 -3.38 24.56 -51.89
C THR B 324 -4.06 25.40 -52.98
N ASP B 325 -5.38 25.27 -53.08
CA ASP B 325 -6.17 26.18 -53.92
C ASP B 325 -6.99 27.09 -53.03
N SER B 326 -6.68 28.38 -53.04
CA SER B 326 -7.25 29.31 -52.06
C SER B 326 -8.69 29.70 -52.40
N SER B 327 -9.08 29.48 -53.66
CA SER B 327 -10.45 29.78 -54.07
C SER B 327 -11.42 28.81 -53.41
N LEU B 328 -10.94 27.62 -53.10
CA LEU B 328 -11.76 26.66 -52.39
C LEU B 328 -11.98 27.16 -50.98
N LEU B 329 -10.95 27.79 -50.41
CA LEU B 329 -11.08 28.42 -49.08
C LEU B 329 -12.09 29.55 -49.08
N GLN B 330 -11.96 30.47 -50.05
CA GLN B 330 -12.95 31.53 -50.25
C GLN B 330 -14.39 30.99 -50.36
N LYS B 331 -14.53 29.86 -51.03
CA LYS B 331 -15.83 29.20 -51.18
C LYS B 331 -16.38 28.78 -49.82
N HIS B 332 -15.53 28.15 -49.02
CA HIS B 332 -15.93 27.67 -47.70
C HIS B 332 -16.18 28.84 -46.74
N PHE B 333 -15.40 29.91 -46.88
CA PHE B 333 -15.62 31.12 -46.09
C PHE B 333 -16.93 31.80 -46.45
N ASN B 334 -17.33 31.70 -47.71
CA ASN B 334 -18.60 32.25 -48.15
C ASN B 334 -19.77 31.45 -47.59
N GLN B 335 -19.57 30.14 -47.44
CA GLN B 335 -20.59 29.29 -46.84
C GLN B 335 -20.84 29.69 -45.38
N ILE B 336 -19.82 30.21 -44.70
CA ILE B 336 -20.03 30.71 -43.34
C ILE B 336 -20.81 32.01 -43.37
N LYS B 337 -20.56 32.81 -44.40
CA LYS B 337 -21.24 34.08 -44.60
C LYS B 337 -22.76 33.91 -44.77
N LYS B 338 -23.18 32.93 -45.57
CA LYS B 338 -24.61 32.71 -45.77
C LYS B 338 -25.30 32.31 -44.47
N VAL B 339 -24.62 31.52 -43.64
CA VAL B 339 -25.15 31.14 -42.34
C VAL B 339 -25.24 32.35 -41.39
N SER B 340 -24.24 33.21 -41.47
CA SER B 340 -24.25 34.47 -40.71
C SER B 340 -25.40 35.39 -41.12
N ASP B 341 -25.62 35.55 -42.43
CA ASP B 341 -26.76 36.33 -42.92
C ASP B 341 -28.07 35.75 -42.36
N GLU B 342 -28.29 34.44 -42.49
CA GLU B 342 -29.55 33.86 -42.02
C GLU B 342 -29.72 33.95 -40.48
N MET B 343 -28.61 33.99 -39.76
CA MET B 343 -28.61 34.17 -38.30
C MET B 343 -29.03 35.61 -37.93
N ASN B 344 -28.54 36.57 -38.67
CA ASN B 344 -28.92 37.94 -38.45
C ASN B 344 -30.39 38.18 -38.72
N LYS B 345 -30.88 37.58 -39.82
CA LYS B 345 -32.31 37.52 -40.11
C LYS B 345 -33.12 36.95 -38.95
N GLN B 346 -32.77 35.74 -38.51
CA GLN B 346 -33.63 35.04 -37.56
C GLN B 346 -33.55 35.62 -36.16
N THR B 347 -32.39 36.16 -35.77
CA THR B 347 -32.27 36.83 -34.48
C THR B 347 -33.04 38.14 -34.44
N ASN B 348 -33.24 38.74 -35.60
CA ASN B 348 -34.07 39.94 -35.68
C ASN B 348 -35.57 39.63 -35.66
N GLN B 349 -35.93 38.49 -36.24
CA GLN B 349 -37.24 37.94 -36.04
C GLN B 349 -37.50 37.59 -34.58
N PHE B 350 -36.53 36.95 -33.93
CA PHE B 350 -36.72 36.58 -32.52
C PHE B 350 -37.07 37.85 -31.76
N GLU B 351 -36.33 38.92 -32.01
CA GLU B 351 -36.50 40.17 -31.25
C GLU B 351 -37.89 40.77 -31.50
N ASP B 352 -38.30 40.79 -32.76
CA ASP B 352 -39.66 41.23 -33.12
C ASP B 352 -40.74 40.43 -32.41
N TYR B 353 -40.65 39.11 -32.42
CA TYR B 353 -41.69 38.33 -31.74
C TYR B 353 -41.80 38.70 -30.26
N VAL B 354 -40.68 38.85 -29.57
CA VAL B 354 -40.73 39.00 -28.11
C VAL B 354 -40.98 40.45 -27.70
N THR B 355 -40.78 41.38 -28.63
CA THR B 355 -41.03 42.81 -28.38
C THR B 355 -42.43 43.22 -28.88
N ASN B 356 -42.86 42.67 -30.02
CA ASN B 356 -43.98 43.23 -30.75
C ASN B 356 -45.25 42.36 -30.77
N VAL B 357 -45.19 41.22 -30.10
CA VAL B 357 -46.39 40.42 -29.89
C VAL B 357 -46.68 40.39 -28.40
N GLU B 358 -47.43 41.39 -27.94
CA GLU B 358 -47.52 41.70 -26.53
C GLU B 358 -48.66 40.93 -25.89
N VAL B 359 -48.50 40.64 -24.61
CA VAL B 359 -49.45 39.86 -23.83
C VAL B 359 -49.87 40.77 -22.68
N HIS B 360 -51.17 40.85 -22.39
CA HIS B 360 -51.65 41.84 -21.42
C HIS B 360 -52.68 41.24 -20.46
C ASN C 19 24.52 -25.34 40.09
N THR C 20 23.47 -24.57 40.30
CA THR C 20 22.73 -23.98 39.19
C THR C 20 23.61 -23.05 38.34
N LEU C 21 24.54 -22.31 38.95
CA LEU C 21 25.40 -21.41 38.17
C LEU C 21 26.75 -22.02 37.81
N SER C 22 26.87 -23.34 37.99
CA SER C 22 28.11 -24.07 37.74
C SER C 22 29.31 -23.32 38.33
N ASN C 23 30.44 -23.29 37.61
CA ASN C 23 31.61 -22.53 38.10
C ASN C 23 31.99 -21.30 37.24
N SER C 24 31.01 -20.77 36.51
CA SER C 24 31.30 -19.83 35.43
C SER C 24 31.85 -18.49 35.92
N ILE C 25 31.27 -17.98 37.01
CA ILE C 25 31.69 -16.71 37.59
C ILE C 25 33.15 -16.78 37.99
N ARG C 26 33.53 -17.88 38.65
CA ARG C 26 34.91 -18.08 39.11
C ARG C 26 35.86 -18.18 37.92
N MET C 27 35.41 -18.83 36.85
CA MET C 27 36.26 -19.07 35.70
C MET C 27 36.43 -17.77 34.89
N LEU C 28 35.39 -16.96 34.81
CA LEU C 28 35.54 -15.65 34.21
C LEU C 28 36.66 -14.85 34.92
N GLY C 29 36.78 -15.05 36.23
CA GLY C 29 37.81 -14.37 37.01
C GLY C 29 39.20 -14.93 36.77
N SER C 30 39.32 -16.25 36.73
CA SER C 30 40.64 -16.90 36.66
C SER C 30 41.21 -16.96 35.25
N GLN C 31 40.36 -16.82 34.25
CA GLN C 31 40.78 -16.57 32.88
C GLN C 31 41.38 -15.17 32.66
N SER C 32 40.98 -14.21 33.49
CA SER C 32 41.31 -12.81 33.25
C SER C 32 42.82 -12.46 33.26
N PRO C 33 43.59 -12.97 34.23
CA PRO C 33 44.99 -12.60 34.24
C PRO C 33 45.74 -13.05 33.01
N LEU C 34 45.38 -14.22 32.49
CA LEU C 34 46.11 -14.75 31.36
C LEU C 34 45.78 -13.95 30.12
N ILE C 35 44.52 -13.59 29.96
CA ILE C 35 44.10 -12.68 28.89
C ILE C 35 44.90 -11.38 28.99
N GLN C 36 45.07 -10.89 30.21
CA GLN C 36 45.82 -9.65 30.39
C GLN C 36 47.29 -9.85 30.05
N ALA C 37 47.83 -11.02 30.40
CA ALA C 37 49.24 -11.30 30.13
C ALA C 37 49.51 -11.48 28.63
N TYR C 38 48.72 -12.32 27.96
CA TYR C 38 48.90 -12.49 26.51
C TYR C 38 48.60 -11.18 25.76
N GLY C 39 47.76 -10.34 26.36
CA GLY C 39 47.53 -8.98 25.84
C GLY C 39 48.75 -8.09 25.89
N LEU C 40 49.38 -8.06 27.05
CA LEU C 40 50.53 -7.22 27.27
C LEU C 40 51.68 -7.59 26.36
N VAL C 41 51.83 -8.89 26.10
CA VAL C 41 52.85 -9.37 25.23
C VAL C 41 52.70 -8.71 23.88
N ILE C 42 51.44 -8.60 23.41
CA ILE C 42 51.15 -8.12 22.06
C ILE C 42 51.52 -6.63 22.00
N LEU C 43 51.17 -5.91 23.06
CA LEU C 43 51.51 -4.50 23.18
C LEU C 43 53.01 -4.30 23.15
N GLN C 44 53.75 -5.14 23.87
CA GLN C 44 55.18 -4.94 24.02
C GLN C 44 56.04 -5.44 22.86
N GLN C 45 55.59 -6.46 22.13
CA GLN C 45 56.35 -6.89 20.96
C GLN C 45 56.59 -5.69 20.04
N PRO C 46 57.83 -5.45 19.63
CA PRO C 46 58.08 -4.19 18.93
C PRO C 46 57.42 -4.10 17.54
N ASP C 47 57.04 -2.89 17.14
CA ASP C 47 56.57 -2.64 15.77
C ASP C 47 57.63 -3.10 14.79
N ILE C 48 57.23 -3.89 13.80
CA ILE C 48 58.18 -4.51 12.87
C ILE C 48 57.71 -4.35 11.41
N LYS C 49 58.66 -4.31 10.48
CA LYS C 49 58.34 -4.30 9.05
C LYS C 49 59.19 -5.35 8.35
N VAL C 50 58.53 -6.25 7.62
CA VAL C 50 59.26 -7.26 6.85
C VAL C 50 58.87 -7.23 5.36
N ASN C 51 59.88 -7.21 4.50
CA ASN C 51 59.68 -7.19 3.07
C ASN C 51 58.86 -8.39 2.61
N ALA C 52 59.06 -9.53 3.27
CA ALA C 52 58.46 -10.77 2.82
C ALA C 52 56.95 -10.82 3.14
N MET C 53 56.48 -9.87 3.95
CA MET C 53 55.06 -9.81 4.32
C MET C 53 54.67 -8.37 4.61
N SER C 54 54.16 -7.71 3.59
CA SER C 54 54.06 -6.26 3.56
C SER C 54 52.85 -5.82 4.39
N SER C 55 51.90 -6.73 4.56
CA SER C 55 50.74 -6.53 5.39
C SER C 55 51.00 -6.66 6.90
N LEU C 56 52.15 -7.23 7.28
CA LEU C 56 52.41 -7.54 8.69
C LEU C 56 52.27 -6.32 9.62
N THR C 57 52.90 -5.23 9.24
CA THR C 57 52.79 -3.98 10.00
C THR C 57 51.34 -3.67 10.33
N ASN C 58 50.48 -3.76 9.31
CA ASN C 58 49.08 -3.42 9.48
C ASN C 58 48.26 -4.43 10.27
N HIS C 59 48.57 -5.71 10.15
CA HIS C 59 47.93 -6.69 11.03
C HIS C 59 48.35 -6.47 12.48
N GLN C 60 49.63 -6.18 12.69
CA GLN C 60 50.14 -5.86 14.03
C GLN C 60 49.43 -4.66 14.64
N LYS C 61 49.19 -3.62 13.85
CA LYS C 61 48.50 -2.43 14.36
C LYS C 61 47.07 -2.79 14.78
N PHE C 62 46.38 -3.56 13.96
CA PHE C 62 45.04 -3.97 14.32
C PHE C 62 45.08 -4.70 15.66
N ALA C 63 46.08 -5.56 15.83
CA ALA C 63 46.16 -6.41 17.03
C ALA C 63 46.37 -5.58 18.29
N LYS C 64 47.27 -4.62 18.23
CA LYS C 64 47.52 -3.77 19.41
C LYS C 64 46.33 -2.91 19.75
N ALA C 65 45.61 -2.51 18.70
CA ALA C 65 44.38 -1.75 18.87
C ALA C 65 43.24 -2.62 19.40
N ASN C 66 43.20 -3.88 18.99
CA ASN C 66 42.20 -4.81 19.52
C ASN C 66 42.46 -5.04 20.99
N VAL C 67 43.72 -5.17 21.38
CA VAL C 67 44.05 -5.48 22.77
C VAL C 67 43.64 -4.29 23.64
N ARG C 68 43.93 -3.08 23.16
CA ARG C 68 43.59 -1.87 23.91
C ARG C 68 42.08 -1.70 24.08
N GLU C 69 41.34 -2.00 23.03
CA GLU C 69 39.89 -1.90 23.05
C GLU C 69 39.32 -2.89 24.08
N TRP C 70 39.92 -4.07 24.18
CA TRP C 70 39.51 -5.01 25.21
C TRP C 70 39.77 -4.39 26.60
N ILE C 71 40.97 -3.89 26.79
CA ILE C 71 41.32 -3.32 28.08
C ILE C 71 40.41 -2.15 28.47
N ASP C 72 40.04 -1.34 27.49
CA ASP C 72 39.47 -0.01 27.79
C ASP C 72 37.94 -0.09 27.82
N GLU C 73 37.35 -0.88 26.92
CA GLU C 73 35.89 -0.91 26.77
C GLU C 73 35.24 -2.21 27.22
N TYR C 74 35.81 -3.34 26.83
CA TYR C 74 35.11 -4.60 26.98
C TYR C 74 35.34 -5.32 28.31
N ASN C 75 36.59 -5.50 28.73
CA ASN C 75 36.88 -6.12 30.03
C ASN C 75 36.18 -5.44 31.23
N PRO C 76 36.06 -4.10 31.19
CA PRO C 76 35.42 -3.43 32.32
C PRO C 76 33.97 -3.83 32.51
N LYS C 77 33.34 -4.30 31.43
CA LYS C 77 31.97 -4.78 31.52
C LYS C 77 31.88 -6.06 32.34
N LEU C 78 32.95 -6.84 32.33
CA LEU C 78 32.99 -8.10 33.07
C LEU C 78 33.14 -7.81 34.57
N ILE C 79 34.09 -6.94 34.88
CA ILE C 79 34.28 -6.46 36.24
C ILE C 79 32.97 -5.91 36.83
N ASP C 80 32.32 -5.00 36.10
CA ASP C 80 31.04 -4.42 36.57
C ASP C 80 29.98 -5.49 36.77
N LEU C 81 29.84 -6.37 35.79
CA LEU C 81 28.88 -7.49 35.91
C LEU C 81 29.14 -8.32 37.15
N ASN C 82 30.40 -8.62 37.43
CA ASN C 82 30.74 -9.30 38.66
C ASN C 82 30.33 -8.51 39.91
N GLN C 83 30.51 -7.19 39.87
CA GLN C 83 30.21 -6.38 41.04
C GLN C 83 28.70 -6.38 41.32
N GLU C 84 27.92 -6.44 40.26
CA GLU C 84 26.48 -6.41 40.39
C GLU C 84 25.92 -7.72 40.96
N MET C 85 26.43 -8.86 40.48
CA MET C 85 26.09 -10.13 41.07
C MET C 85 26.53 -10.19 42.55
N MET C 86 27.73 -9.74 42.86
CA MET C 86 28.20 -9.71 44.26
C MET C 86 27.23 -8.88 45.12
N ARG C 87 26.79 -7.76 44.55
CA ARG C 87 25.95 -6.82 45.28
C ARG C 87 24.57 -7.44 45.52
N TYR C 88 23.99 -8.00 44.47
CA TYR C 88 22.76 -8.78 44.63
C TYR C 88 22.89 -9.79 45.75
N SER C 89 23.94 -10.58 45.73
CA SER C 89 24.06 -11.71 46.66
C SER C 89 24.14 -11.22 48.08
N ILE C 90 24.65 -10.00 48.25
CA ILE C 90 24.74 -9.35 49.55
C ILE C 90 23.35 -8.89 49.99
N ARG C 91 22.67 -8.18 49.10
CA ARG C 91 21.29 -7.80 49.33
C ARG C 91 20.49 -9.01 49.81
N PHE C 92 20.54 -10.08 49.03
CA PHE C 92 19.75 -11.27 49.32
C PHE C 92 20.07 -11.75 50.74
N ASN C 93 21.35 -11.91 51.04
CA ASN C 93 21.77 -12.49 52.31
C ASN C 93 21.23 -11.69 53.49
N SER C 94 21.23 -10.36 53.34
CA SER C 94 20.85 -9.48 54.43
C SER C 94 19.34 -9.45 54.63
N TYR C 95 18.59 -9.74 53.57
CA TYR C 95 17.14 -9.70 53.63
C TYR C 95 16.59 -11.05 54.09
N TYR C 96 17.41 -12.08 53.97
CA TYR C 96 16.92 -13.45 53.94
C TYR C 96 16.09 -13.81 55.19
N SER C 97 16.62 -13.46 56.36
CA SER C 97 15.89 -13.61 57.64
C SER C 97 14.42 -13.26 57.51
N LYS C 98 14.17 -12.01 57.13
CA LYS C 98 12.83 -11.44 57.21
C LYS C 98 11.96 -12.11 56.18
N LEU C 99 12.52 -12.36 55.01
CA LEU C 99 11.80 -13.04 53.94
C LEU C 99 11.44 -14.48 54.30
N TYR C 100 12.36 -15.18 54.96
CA TYR C 100 12.10 -16.57 55.33
C TYR C 100 10.93 -16.61 56.31
N GLU C 101 10.93 -15.67 57.24
CA GLU C 101 9.84 -15.50 58.19
C GLU C 101 8.53 -15.13 57.51
N LEU C 102 8.56 -14.11 56.65
CA LEU C 102 7.39 -13.77 55.85
C LEU C 102 6.87 -14.98 55.09
N ALA C 103 7.75 -15.66 54.38
CA ALA C 103 7.37 -16.86 53.63
C ALA C 103 6.54 -17.81 54.50
N GLY C 104 6.98 -18.02 55.74
CA GLY C 104 6.32 -18.97 56.63
C GLY C 104 4.94 -18.50 57.05
N ASN C 105 4.76 -17.18 57.11
CA ASN C 105 3.52 -16.59 57.61
C ASN C 105 2.58 -16.19 56.47
N ILE C 106 2.92 -16.60 55.26
CA ILE C 106 2.19 -16.15 54.07
C ILE C 106 0.70 -16.46 54.22
N ASN C 107 0.37 -17.36 55.16
CA ASN C 107 -1.01 -17.56 55.58
C ASN C 107 -1.24 -17.12 57.02
N LYS C 113 2.11 -11.54 53.52
CA LYS C 113 1.94 -11.83 52.11
C LYS C 113 2.06 -10.55 51.28
N ALA C 114 0.98 -9.78 51.23
CA ALA C 114 1.06 -8.38 50.90
C ALA C 114 2.24 -7.75 51.62
N ASP C 115 3.44 -8.21 51.28
CA ASP C 115 4.61 -7.96 52.08
C ASP C 115 5.76 -8.88 51.63
N PHE C 116 5.47 -10.18 51.57
CA PHE C 116 6.38 -11.14 50.95
C PHE C 116 6.47 -10.86 49.45
N THR C 117 5.32 -10.86 48.79
CA THR C 117 5.27 -10.70 47.34
C THR C 117 5.90 -9.37 46.90
N ASN C 118 5.92 -8.40 47.81
CA ASN C 118 6.51 -7.10 47.52
C ASN C 118 8.03 -7.16 47.66
N ALA C 119 8.48 -7.73 48.76
CA ALA C 119 9.90 -7.80 49.06
C ALA C 119 10.59 -8.76 48.10
N TYR C 120 9.97 -9.91 47.88
CA TYR C 120 10.49 -10.90 46.94
C TYR C 120 10.47 -10.40 45.50
N GLY C 121 9.46 -9.61 45.16
CA GLY C 121 9.36 -9.04 43.82
C GLY C 121 10.56 -8.17 43.50
N LYS C 122 10.98 -7.37 44.49
CA LYS C 122 12.10 -6.47 44.29
C LYS C 122 13.38 -7.26 44.06
N LEU C 123 13.52 -8.39 44.75
CA LEU C 123 14.65 -9.28 44.53
C LEU C 123 14.63 -9.89 43.12
N GLN C 124 13.46 -10.28 42.64
CA GLN C 124 13.37 -10.82 41.28
C GLN C 124 13.67 -9.72 40.25
N LEU C 125 13.27 -8.50 40.56
CA LEU C 125 13.56 -7.38 39.67
C LEU C 125 15.08 -7.24 39.49
N GLN C 126 15.83 -7.52 40.56
CA GLN C 126 17.27 -7.33 40.52
C GLN C 126 17.93 -8.43 39.68
N VAL C 127 17.39 -9.63 39.78
CA VAL C 127 17.87 -10.74 38.96
C VAL C 127 17.54 -10.54 37.49
N GLN C 128 16.35 -10.00 37.24
CA GLN C 128 15.95 -9.64 35.88
C GLN C 128 16.92 -8.61 35.31
N SER C 129 17.27 -7.61 36.11
CA SER C 129 18.05 -6.48 35.59
C SER C 129 19.49 -6.92 35.28
N ILE C 130 19.99 -7.87 36.07
CA ILE C 130 21.31 -8.45 35.82
C ILE C 130 21.31 -9.33 34.56
N GLN C 131 20.18 -9.98 34.29
CA GLN C 131 20.04 -10.79 33.08
C GLN C 131 20.11 -9.90 31.85
N GLU C 132 19.44 -8.76 31.91
CA GLU C 132 19.33 -7.86 30.76
C GLU C 132 20.68 -7.20 30.43
N ASN C 133 21.45 -6.89 31.48
CA ASN C 133 22.76 -6.28 31.30
C ASN C 133 23.78 -7.28 30.79
N MET C 134 23.56 -8.54 31.14
CA MET C 134 24.37 -9.66 30.67
C MET C 134 24.14 -9.95 29.19
N GLU C 135 22.87 -10.03 28.80
CA GLU C 135 22.48 -10.10 27.39
C GLU C 135 23.08 -8.96 26.58
N GLN C 136 23.00 -7.74 27.12
CA GLN C 136 23.56 -6.60 26.41
C GLN C 136 25.07 -6.72 26.28
N ASP C 137 25.74 -7.07 27.38
CA ASP C 137 27.19 -7.15 27.37
C ASP C 137 27.62 -8.18 26.32
N LEU C 138 26.83 -9.24 26.19
CA LEU C 138 27.17 -10.31 25.27
C LEU C 138 26.98 -9.95 23.80
N LEU C 139 25.88 -9.25 23.50
CA LEU C 139 25.74 -8.63 22.17
C LEU C 139 26.99 -7.80 21.82
N GLU C 140 27.46 -7.02 22.77
CA GLU C 140 28.56 -6.09 22.53
C GLU C 140 29.88 -6.83 22.44
N LEU C 141 30.07 -7.80 23.32
CA LEU C 141 31.29 -8.59 23.35
C LEU C 141 31.41 -9.45 22.08
N ASN C 142 30.29 -9.93 21.58
CA ASN C 142 30.31 -10.75 20.37
C ASN C 142 30.61 -9.94 19.09
N ARG C 143 30.37 -8.63 19.12
CA ARG C 143 30.83 -7.78 18.02
C ARG C 143 32.36 -7.63 18.01
N PHE C 144 32.96 -7.52 19.19
CA PHE C 144 34.43 -7.57 19.30
C PHE C 144 34.97 -8.92 18.84
N LYS C 145 34.41 -9.98 19.38
CA LYS C 145 34.84 -11.33 19.02
C LYS C 145 34.81 -11.47 17.50
N THR C 146 33.77 -10.95 16.87
CA THR C 146 33.61 -11.12 15.43
C THR C 146 34.79 -10.49 14.69
N VAL C 147 35.16 -9.26 15.07
CA VAL C 147 36.28 -8.58 14.41
C VAL C 147 37.60 -9.27 14.78
N LEU C 148 37.72 -9.68 16.02
CA LEU C 148 38.98 -10.26 16.52
C LEU C 148 39.25 -11.61 15.85
N ASP C 149 38.21 -12.42 15.72
CA ASP C 149 38.36 -13.74 15.07
C ASP C 149 38.74 -13.60 13.60
N LYS C 150 38.10 -12.65 12.91
CA LYS C 150 38.41 -12.38 11.52
C LYS C 150 39.83 -11.83 11.32
N ASP C 151 40.19 -10.79 12.05
CA ASP C 151 41.57 -10.27 12.04
C ASP C 151 42.60 -11.39 12.22
N SER C 152 42.38 -12.22 13.23
CA SER C 152 43.32 -13.26 13.55
C SER C 152 43.41 -14.30 12.43
N ASN C 153 42.27 -14.64 11.85
CA ASN C 153 42.23 -15.54 10.69
C ASN C 153 42.92 -14.94 9.47
N ASN C 154 42.72 -13.64 9.24
CA ASN C 154 43.40 -12.96 8.12
C ASN C 154 44.90 -13.01 8.31
N LEU C 155 45.34 -12.72 9.53
CA LEU C 155 46.77 -12.61 9.81
C LEU C 155 47.46 -13.97 9.66
N SER C 156 46.84 -15.02 10.18
CA SER C 156 47.36 -16.38 10.05
C SER C 156 47.45 -16.86 8.58
N ILE C 157 46.39 -16.61 7.82
CA ILE C 157 46.37 -16.91 6.40
C ILE C 157 47.52 -16.24 5.66
N LYS C 158 47.70 -14.94 5.89
CA LYS C 158 48.76 -14.21 5.20
C LYS C 158 50.13 -14.66 5.68
N ALA C 159 50.22 -15.00 6.96
CA ALA C 159 51.46 -15.53 7.52
C ALA C 159 51.90 -16.82 6.80
N ASP C 160 50.97 -17.76 6.67
CA ASP C 160 51.28 -19.05 6.04
C ASP C 160 51.76 -18.85 4.61
N GLU C 161 51.12 -17.92 3.92
CA GLU C 161 51.52 -17.52 2.56
C GLU C 161 52.93 -16.98 2.49
N ALA C 162 53.27 -16.05 3.39
CA ALA C 162 54.58 -15.43 3.35
C ALA C 162 55.67 -16.44 3.72
N ILE C 163 55.43 -17.23 4.75
CA ILE C 163 56.36 -18.28 5.13
C ILE C 163 56.60 -19.25 3.95
N LYS C 164 55.53 -19.56 3.22
CA LYS C 164 55.62 -20.43 2.04
C LYS C 164 56.54 -19.87 0.96
N THR C 165 56.51 -18.54 0.80
CA THR C 165 57.37 -17.88 -0.19
C THR C 165 58.82 -17.81 0.26
N LEU C 166 59.05 -17.85 1.57
CA LEU C 166 60.40 -17.92 2.10
C LEU C 166 60.92 -19.35 2.06
N GLN C 167 60.13 -20.30 2.55
CA GLN C 167 60.48 -21.71 2.46
C GLN C 167 60.73 -22.07 0.99
N GLY C 171 62.17 -27.17 3.80
CA GLY C 171 61.12 -27.10 4.81
C GLY C 171 61.65 -26.86 6.21
N ASP C 172 62.91 -26.42 6.29
CA ASP C 172 63.51 -26.06 7.56
C ASP C 172 62.71 -24.97 8.26
N ILE C 173 62.34 -23.92 7.52
CA ILE C 173 61.63 -22.78 8.07
C ILE C 173 60.30 -23.21 8.65
N VAL C 174 59.56 -24.00 7.88
CA VAL C 174 58.21 -24.36 8.26
C VAL C 174 58.28 -25.31 9.45
N LYS C 175 59.32 -26.12 9.50
CA LYS C 175 59.47 -27.09 10.58
C LYS C 175 59.74 -26.39 11.91
N LEU C 176 60.67 -25.44 11.90
CA LEU C 176 61.01 -24.66 13.09
C LEU C 176 59.84 -23.79 13.58
N ARG C 177 59.12 -23.16 12.66
CA ARG C 177 57.98 -22.33 13.04
C ARG C 177 56.90 -23.16 13.71
N GLU C 178 56.60 -24.31 13.13
CA GLU C 178 55.56 -25.15 13.69
C GLU C 178 55.97 -25.68 15.05
N ASP C 179 57.27 -25.92 15.21
CA ASP C 179 57.82 -26.37 16.50
C ASP C 179 57.68 -25.30 17.57
N ILE C 180 58.08 -24.08 17.23
CA ILE C 180 57.86 -22.93 18.11
C ILE C 180 56.39 -22.71 18.50
N LYS C 181 55.49 -22.70 17.53
CA LYS C 181 54.08 -22.56 17.82
C LYS C 181 53.57 -23.67 18.74
N ARG C 182 54.03 -24.89 18.51
CA ARG C 182 53.55 -26.01 19.30
C ARG C 182 53.94 -25.80 20.75
N ILE C 183 55.17 -25.35 20.97
CA ILE C 183 55.69 -25.23 22.32
C ILE C 183 55.02 -24.05 23.02
N GLN C 184 54.74 -22.99 22.28
CA GLN C 184 53.98 -21.87 22.84
C GLN C 184 52.59 -22.33 23.20
N GLY C 185 52.00 -23.16 22.35
CA GLY C 185 50.68 -23.67 22.66
C GLY C 185 50.68 -24.49 23.94
N GLU C 186 51.74 -25.28 24.17
CA GLU C 186 51.86 -26.07 25.40
C GLU C 186 52.05 -25.18 26.65
N ILE C 187 52.81 -24.10 26.51
CA ILE C 187 52.94 -23.14 27.63
C ILE C 187 51.58 -22.55 28.02
N GLN C 188 50.86 -22.06 27.03
CA GLN C 188 49.51 -21.54 27.25
C GLN C 188 48.56 -22.54 27.93
N ALA C 189 48.59 -23.82 27.54
CA ALA C 189 47.77 -24.83 28.22
C ALA C 189 48.22 -25.08 29.66
N GLU C 190 49.53 -25.06 29.92
CA GLU C 190 50.02 -25.26 31.26
C GLU C 190 49.66 -24.06 32.17
N LEU C 191 49.71 -22.84 31.63
CA LEU C 191 49.35 -21.67 32.44
C LEU C 191 47.86 -21.74 32.78
N THR C 192 47.08 -22.18 31.81
CA THR C 192 45.64 -22.27 31.99
C THR C 192 45.33 -23.34 33.04
N THR C 193 46.04 -24.47 33.00
CA THR C 193 45.89 -25.46 34.08
C THR C 193 46.21 -24.84 35.45
N ILE C 194 47.31 -24.10 35.54
CA ILE C 194 47.70 -23.48 36.80
C ILE C 194 46.58 -22.58 37.33
N LEU C 195 46.03 -21.75 36.45
CA LEU C 195 45.12 -20.70 36.88
C LEU C 195 43.77 -21.28 37.26
N ASN C 196 43.43 -22.44 36.73
CA ASN C 196 42.14 -23.04 37.10
C ASN C 196 42.25 -24.11 38.20
N ARG C 197 43.39 -24.23 38.86
CA ARG C 197 43.50 -25.11 40.03
C ARG C 197 42.79 -24.47 41.23
N PRO C 198 42.21 -25.30 42.10
CA PRO C 198 41.64 -24.76 43.34
C PRO C 198 42.72 -24.15 44.24
N GLN C 199 42.46 -22.93 44.72
CA GLN C 199 43.44 -22.19 45.51
C GLN C 199 42.72 -21.44 46.64
N GLU C 200 43.13 -21.69 47.88
CA GLU C 200 42.51 -21.04 49.03
C GLU C 200 42.99 -19.60 49.18
N ILE C 201 44.29 -19.39 49.02
CA ILE C 201 44.84 -18.05 48.91
C ILE C 201 45.14 -17.70 47.47
N ILE C 202 44.34 -16.82 46.89
CA ILE C 202 44.53 -16.42 45.49
C ILE C 202 45.51 -15.26 45.42
N LYS C 203 46.71 -15.54 44.93
CA LYS C 203 47.78 -14.57 44.96
C LYS C 203 48.96 -15.05 44.11
N GLY C 204 49.35 -14.24 43.15
CA GLY C 204 50.53 -14.51 42.34
C GLY C 204 50.91 -13.30 41.50
N SER C 205 51.96 -13.46 40.69
CA SER C 205 52.17 -12.58 39.57
C SER C 205 52.70 -13.34 38.36
N ILE C 206 52.22 -12.94 37.18
CA ILE C 206 52.81 -13.31 35.91
C ILE C 206 53.58 -12.11 35.31
N ASN C 207 54.83 -12.36 34.96
CA ASN C 207 55.72 -11.35 34.46
C ASN C 207 55.95 -11.51 32.98
N ILE C 208 55.99 -10.39 32.26
CA ILE C 208 56.26 -10.40 30.85
C ILE C 208 57.73 -9.99 30.62
N GLY C 209 58.44 -10.69 29.73
CA GLY C 209 59.85 -10.40 29.51
C GLY C 209 60.26 -10.34 28.06
N LYS C 210 61.34 -9.61 27.78
CA LYS C 210 61.94 -9.56 26.45
C LYS C 210 63.29 -10.26 26.47
N GLN C 211 63.54 -11.08 25.45
CA GLN C 211 64.83 -11.75 25.26
C GLN C 211 65.37 -11.41 23.88
N VAL C 212 66.66 -11.10 23.80
CA VAL C 212 67.24 -10.56 22.57
C VAL C 212 68.14 -11.61 21.96
N PHE C 213 67.93 -11.90 20.68
CA PHE C 213 68.79 -12.83 19.96
C PHE C 213 69.64 -12.08 18.94
N THR C 214 70.87 -12.53 18.78
CA THR C 214 71.85 -11.86 17.95
C THR C 214 72.19 -12.77 16.76
N ILE C 215 72.08 -12.23 15.55
CA ILE C 215 72.37 -12.98 14.32
C ILE C 215 73.26 -12.16 13.41
N THR C 216 73.61 -12.73 12.26
CA THR C 216 74.66 -12.18 11.42
C THR C 216 74.12 -11.27 10.29
N ASN C 217 73.25 -11.82 9.44
CA ASN C 217 72.77 -11.11 8.25
C ASN C 217 73.92 -10.62 7.37
CA THR C 222 75.31 -8.00 13.20
C THR C 222 74.01 -7.36 13.68
N LYS C 223 72.96 -8.17 13.78
CA LYS C 223 71.59 -7.66 13.99
C LYS C 223 70.90 -8.38 15.15
N THR C 224 69.92 -7.72 15.75
CA THR C 224 69.20 -8.32 16.88
C THR C 224 67.74 -8.54 16.56
N ILE C 225 67.13 -9.43 17.31
CA ILE C 225 65.76 -9.81 17.13
C ILE C 225 65.14 -9.93 18.50
N ASP C 226 64.00 -9.31 18.71
CA ASP C 226 63.38 -9.24 20.03
C ASP C 226 62.25 -10.26 20.20
N PHE C 227 62.31 -10.99 21.31
CA PHE C 227 61.29 -11.95 21.68
C PHE C 227 60.66 -11.55 23.00
N VAL C 228 59.41 -11.12 22.93
CA VAL C 228 58.62 -10.85 24.12
C VAL C 228 57.67 -12.01 24.38
N SER C 229 57.64 -12.49 25.61
CA SER C 229 56.77 -13.57 26.01
C SER C 229 56.59 -13.55 27.52
N ILE C 230 55.58 -14.23 28.00
CA ILE C 230 55.47 -14.52 29.40
C ILE C 230 56.75 -15.18 29.91
N GLY C 231 57.27 -14.65 31.01
CA GLY C 231 58.60 -14.99 31.49
C GLY C 231 58.44 -15.77 32.77
N THR C 232 58.76 -15.15 33.90
CA THR C 232 58.86 -15.88 35.17
C THR C 232 57.56 -15.83 35.98
N LEU C 233 57.27 -16.95 36.65
CA LEU C 233 56.10 -17.04 37.53
C LEU C 233 56.54 -16.84 38.96
N SER C 234 55.73 -16.16 39.75
CA SER C 234 56.14 -15.75 41.09
C SER C 234 56.33 -16.98 41.98
N ASN C 235 56.85 -16.75 43.20
CA ASN C 235 57.12 -17.82 44.15
C ASN C 235 55.87 -18.59 44.56
N GLU C 236 54.74 -17.90 44.68
CA GLU C 236 53.49 -18.52 45.14
C GLU C 236 53.09 -19.65 44.22
N ILE C 237 53.45 -19.50 42.96
CA ILE C 237 53.07 -20.46 41.92
C ILE C 237 54.16 -21.53 41.80
N VAL C 238 55.38 -21.07 41.59
CA VAL C 238 56.52 -21.94 41.35
C VAL C 238 56.71 -22.86 42.55
N ASN C 239 56.50 -22.30 43.74
CA ASN C 239 56.60 -23.05 44.97
C ASN C 239 55.26 -23.18 45.68
N ALA C 240 54.25 -23.57 44.91
CA ALA C 240 52.92 -23.83 45.45
C ALA C 240 52.91 -25.15 46.23
N ALA C 241 51.96 -25.29 47.14
CA ALA C 241 51.89 -26.50 47.96
C ALA C 241 51.21 -27.59 47.16
N ASP C 242 50.42 -27.14 46.19
CA ASP C 242 49.76 -28.02 45.22
C ASP C 242 50.76 -28.57 44.20
N SER C 243 50.97 -29.88 44.20
CA SER C 243 51.99 -30.47 43.35
C SER C 243 51.67 -30.33 41.85
N GLN C 244 50.40 -30.39 41.48
CA GLN C 244 50.00 -30.12 40.10
C GLN C 244 50.49 -28.75 39.63
N THR C 245 50.40 -27.76 40.52
CA THR C 245 50.77 -26.41 40.15
C THR C 245 52.29 -26.33 39.94
N ARG C 246 53.04 -26.89 40.87
CA ARG C 246 54.49 -26.82 40.84
C ARG C 246 55.02 -27.54 39.62
N GLU C 247 54.50 -28.74 39.38
CA GLU C 247 54.98 -29.58 38.30
C GLU C 247 54.66 -28.94 36.96
N ALA C 248 53.56 -28.22 36.89
CA ALA C 248 53.22 -27.52 35.68
C ALA C 248 54.10 -26.30 35.45
N ALA C 249 54.38 -25.56 36.52
CA ALA C 249 55.36 -24.45 36.46
C ALA C 249 56.73 -24.92 36.02
N LEU C 250 57.12 -26.14 36.42
CA LEU C 250 58.44 -26.64 36.05
C LEU C 250 58.48 -27.01 34.58
N ARG C 251 57.42 -27.64 34.08
CA ARG C 251 57.31 -27.92 32.65
C ARG C 251 57.34 -26.62 31.82
N ILE C 252 56.64 -25.60 32.28
CA ILE C 252 56.73 -24.28 31.64
C ILE C 252 58.19 -23.85 31.53
N GLN C 253 58.89 -23.89 32.64
CA GLN C 253 60.26 -23.41 32.70
C GLN C 253 61.16 -24.12 31.71
N GLN C 254 60.97 -25.43 31.57
CA GLN C 254 61.73 -26.20 30.63
C GLN C 254 61.37 -25.81 29.20
N LYS C 255 60.08 -25.70 28.93
CA LYS C 255 59.63 -25.36 27.58
C LYS C 255 60.14 -23.99 27.13
N GLN C 256 60.21 -23.06 28.09
CA GLN C 256 60.76 -21.75 27.78
C GLN C 256 62.18 -21.88 27.26
N LYS C 257 62.95 -22.82 27.82
CA LYS C 257 64.35 -22.95 27.44
C LYS C 257 64.45 -23.71 26.12
N GLU C 258 63.52 -24.62 25.88
CA GLU C 258 63.50 -25.40 24.64
C GLU C 258 63.30 -24.50 23.43
N LEU C 259 62.64 -23.36 23.65
CA LEU C 259 62.43 -22.42 22.54
C LEU C 259 63.72 -21.78 22.07
N LEU C 260 64.70 -21.60 22.96
CA LEU C 260 65.81 -20.73 22.65
C LEU C 260 66.67 -21.23 21.48
N PRO C 261 67.08 -22.53 21.49
CA PRO C 261 67.79 -22.98 20.28
C PRO C 261 66.95 -22.91 19.01
N LEU C 262 65.66 -23.17 19.13
CA LEU C 262 64.76 -23.13 17.97
C LEU C 262 64.67 -21.74 17.36
N ILE C 263 64.53 -20.73 18.21
CA ILE C 263 64.45 -19.38 17.73
C ILE C 263 65.76 -18.94 17.11
N GLN C 264 66.88 -19.24 17.76
CA GLN C 264 68.18 -18.87 17.21
C GLN C 264 68.34 -19.45 15.82
N LYS C 265 67.95 -20.72 15.67
CA LYS C 265 68.13 -21.40 14.39
C LYS C 265 67.24 -20.84 13.29
N LEU C 266 65.98 -20.58 13.60
CA LEU C 266 65.08 -19.97 12.63
C LEU C 266 65.52 -18.55 12.27
N SER C 267 66.01 -17.83 13.27
CA SER C 267 66.41 -16.45 13.07
C SER C 267 67.61 -16.32 12.15
N GLN C 268 68.64 -17.11 12.42
CA GLN C 268 69.86 -17.08 11.60
C GLN C 268 69.56 -17.53 10.18
N THR C 269 68.61 -18.45 10.02
CA THR C 269 68.21 -18.89 8.69
C THR C 269 67.48 -17.79 7.93
N GLU C 270 66.45 -17.22 8.57
CA GLU C 270 65.64 -16.20 7.92
C GLU C 270 64.94 -15.37 8.97
N ALA C 271 65.48 -14.18 9.23
CA ALA C 271 65.04 -13.35 10.33
C ALA C 271 63.57 -13.02 10.17
N GLU C 272 63.14 -12.84 8.93
CA GLU C 272 61.79 -12.38 8.70
C GLU C 272 60.76 -13.44 9.07
N ALA C 273 61.15 -14.71 8.93
CA ALA C 273 60.29 -15.81 9.39
C ALA C 273 60.07 -15.74 10.90
N THR C 274 61.10 -15.39 11.66
CA THR C 274 60.95 -15.25 13.11
C THR C 274 59.96 -14.13 13.42
N GLN C 275 60.13 -12.98 12.77
CA GLN C 275 59.32 -11.81 13.06
C GLN C 275 57.83 -12.08 12.82
N ILE C 276 57.53 -12.69 11.68
CA ILE C 276 56.17 -13.10 11.34
C ILE C 276 55.65 -14.11 12.35
N THR C 277 56.51 -15.05 12.71
CA THR C 277 56.15 -16.11 13.64
C THR C 277 55.71 -15.58 15.00
N PHE C 278 56.48 -14.65 15.56
CA PHE C 278 56.10 -14.18 16.89
C PHE C 278 54.74 -13.53 16.80
N VAL C 279 54.57 -12.65 15.81
CA VAL C 279 53.38 -11.80 15.76
C VAL C 279 52.10 -12.63 15.61
N GLU C 280 52.10 -13.54 14.65
CA GLU C 280 50.96 -14.44 14.42
C GLU C 280 50.62 -15.33 15.61
N ASP C 281 51.64 -15.88 16.26
CA ASP C 281 51.44 -16.78 17.43
C ASP C 281 50.86 -16.00 18.61
N GLN C 282 51.37 -14.79 18.82
CA GLN C 282 50.90 -13.98 19.93
C GLN C 282 49.42 -13.55 19.78
N VAL C 283 49.03 -13.16 18.58
CA VAL C 283 47.63 -12.87 18.31
C VAL C 283 46.73 -14.11 18.42
N SER C 284 47.17 -15.22 17.84
CA SER C 284 46.41 -16.46 17.98
C SER C 284 46.09 -16.84 19.44
N SER C 285 47.08 -16.75 20.32
CA SER C 285 46.86 -17.07 21.72
C SER C 285 45.81 -16.16 22.39
N PHE C 286 46.03 -14.85 22.31
CA PHE C 286 45.11 -13.89 22.89
C PHE C 286 43.70 -14.16 22.40
N THR C 287 43.59 -14.45 21.10
CA THR C 287 42.30 -14.57 20.44
C THR C 287 41.56 -15.83 20.90
N GLU C 288 42.28 -16.93 21.02
CA GLU C 288 41.75 -18.14 21.64
C GLU C 288 41.22 -17.89 23.05
N LEU C 289 41.99 -17.20 23.88
CA LEU C 289 41.59 -17.01 25.27
C LEU C 289 40.38 -16.08 25.36
N ILE C 290 40.32 -15.11 24.45
CA ILE C 290 39.15 -14.27 24.37
C ILE C 290 37.90 -15.04 23.96
N ASP C 291 38.00 -15.82 22.88
CA ASP C 291 36.89 -16.68 22.46
C ASP C 291 36.35 -17.50 23.62
N ARG C 292 37.25 -17.96 24.47
CA ARG C 292 36.86 -18.86 25.54
C ARG C 292 36.28 -18.10 26.72
N GLN C 293 36.68 -16.84 26.93
CA GLN C 293 36.11 -16.10 28.05
C GLN C 293 34.66 -15.76 27.76
N ILE C 294 34.38 -15.39 26.51
CA ILE C 294 33.04 -15.01 26.07
C ILE C 294 32.08 -16.22 26.00
N THR C 295 32.57 -17.34 25.48
CA THR C 295 31.86 -18.61 25.62
C THR C 295 31.46 -18.90 27.07
N THR C 296 32.37 -18.69 28.00
CA THR C 296 32.02 -18.87 29.41
C THR C 296 30.95 -17.89 29.89
N LEU C 297 30.96 -16.67 29.39
CA LEU C 297 29.93 -15.71 29.79
C LEU C 297 28.59 -16.16 29.27
N GLU C 298 28.61 -16.80 28.11
CA GLU C 298 27.40 -17.27 27.45
C GLU C 298 26.78 -18.43 28.21
N THR C 299 27.61 -19.35 28.69
CA THR C 299 27.18 -20.35 29.67
C THR C 299 26.56 -19.74 30.93
N LEU C 300 27.18 -18.71 31.48
CA LEU C 300 26.61 -18.03 32.65
C LEU C 300 25.20 -17.54 32.38
N LEU C 301 25.01 -16.86 31.25
CA LEU C 301 23.70 -16.29 30.92
C LEU C 301 22.66 -17.40 30.84
N THR C 302 23.00 -18.47 30.14
CA THR C 302 22.12 -19.60 30.04
C THR C 302 21.66 -20.05 31.42
N ASP C 303 22.58 -20.09 32.37
CA ASP C 303 22.26 -20.62 33.70
C ASP C 303 21.56 -19.56 34.54
N TRP C 304 21.92 -18.29 34.32
CA TRP C 304 21.24 -17.20 34.98
C TRP C 304 19.77 -17.19 34.57
N LYS C 305 19.51 -17.51 33.31
CA LYS C 305 18.14 -17.54 32.82
C LYS C 305 17.30 -18.56 33.58
N VAL C 306 17.87 -19.75 33.74
CA VAL C 306 17.20 -20.83 34.47
C VAL C 306 16.90 -20.42 35.91
N LEU C 307 17.83 -19.67 36.52
CA LEU C 307 17.60 -19.17 37.87
C LEU C 307 16.46 -18.14 37.89
N ASN C 308 16.56 -17.14 37.02
CA ASN C 308 15.48 -16.17 36.87
C ASN C 308 14.15 -16.88 36.67
N ASN C 309 14.14 -17.92 35.85
CA ASN C 309 12.90 -18.64 35.57
C ASN C 309 12.34 -19.31 36.81
N ASN C 310 13.20 -19.93 37.62
CA ASN C 310 12.75 -20.51 38.86
C ASN C 310 12.21 -19.46 39.83
N MET C 311 12.84 -18.30 39.86
CA MET C 311 12.43 -17.23 40.78
C MET C 311 11.05 -16.70 40.38
N ILE C 312 10.83 -16.60 39.07
CA ILE C 312 9.53 -16.21 38.53
C ILE C 312 8.47 -17.28 38.77
N GLN C 313 8.82 -18.54 38.55
CA GLN C 313 7.90 -19.65 38.78
C GLN C 313 7.40 -19.70 40.23
N ILE C 314 8.22 -19.25 41.17
CA ILE C 314 7.78 -19.16 42.57
C ILE C 314 6.79 -18.01 42.71
N GLN C 315 7.09 -16.93 42.01
CA GLN C 315 6.25 -15.73 42.01
C GLN C 315 4.85 -16.10 41.53
N LYS C 316 4.79 -16.88 40.44
CA LYS C 316 3.52 -17.29 39.87
C LYS C 316 2.75 -18.15 40.87
N ASN C 317 3.47 -19.00 41.59
CA ASN C 317 2.83 -19.91 42.51
C ASN C 317 2.22 -19.18 43.71
N VAL C 318 2.90 -18.13 44.16
CA VAL C 318 2.37 -17.31 45.26
C VAL C 318 1.15 -16.53 44.81
N GLU C 319 1.37 -15.52 43.98
CA GLU C 319 0.26 -14.71 43.47
C GLU C 319 -0.88 -15.63 43.04
N GLU C 320 -0.53 -16.77 42.45
CA GLU C 320 -1.51 -17.78 42.08
C GLU C 320 -2.07 -18.48 43.31
C GLY C 321 -1.45 -21.00 45.70
N THR C 322 -1.05 -21.79 44.71
CA THR C 322 -0.27 -23.01 44.97
C THR C 322 0.35 -23.01 46.36
N TYR C 323 0.45 -21.83 46.97
C TYR C 323 0.83 -22.21 50.14
N THR C 324 -0.47 -22.47 50.02
N ASP C 325 0.22 -24.52 52.42
CA ASP C 325 1.31 -25.01 53.25
C ASP C 325 2.63 -24.31 52.90
N SER C 326 3.08 -23.41 53.76
CA SER C 326 4.15 -22.47 53.41
C SER C 326 5.54 -23.06 53.65
N SER C 327 5.59 -24.21 54.31
CA SER C 327 6.84 -24.97 54.43
C SER C 327 7.51 -25.16 53.08
N LEU C 328 6.70 -25.33 52.03
CA LEU C 328 7.24 -25.61 50.70
C LEU C 328 7.73 -24.33 50.01
N LEU C 329 7.06 -23.22 50.28
CA LEU C 329 7.58 -21.92 49.88
C LEU C 329 8.92 -21.63 50.55
N GLN C 330 9.06 -22.07 51.79
CA GLN C 330 10.32 -21.91 52.52
C GLN C 330 11.43 -22.78 51.94
N LYS C 331 11.12 -24.04 51.63
CA LYS C 331 12.06 -24.94 50.98
C LYS C 331 12.52 -24.37 49.65
N HIS C 332 11.58 -23.96 48.81
CA HIS C 332 11.89 -23.36 47.52
C HIS C 332 12.74 -22.09 47.69
N PHE C 333 12.33 -21.21 48.61
CA PHE C 333 13.09 -19.99 48.90
C PHE C 333 14.49 -20.34 49.40
N ASN C 334 14.58 -21.45 50.11
CA ASN C 334 15.85 -21.89 50.68
C ASN C 334 16.82 -22.39 49.60
N GLN C 335 16.27 -23.04 48.58
CA GLN C 335 17.05 -23.41 47.40
C GLN C 335 17.67 -22.19 46.73
N ILE C 336 16.86 -21.15 46.54
CA ILE C 336 17.34 -19.88 45.97
C ILE C 336 18.47 -19.27 46.81
N LYS C 337 18.46 -19.50 48.11
CA LYS C 337 19.49 -18.97 49.00
C LYS C 337 20.79 -19.75 48.80
N LYS C 338 20.69 -21.05 48.56
CA LYS C 338 21.88 -21.86 48.31
C LYS C 338 22.63 -21.25 47.14
N VAL C 339 21.89 -20.92 46.09
CA VAL C 339 22.50 -20.39 44.87
C VAL C 339 23.06 -18.98 45.10
N SER C 340 22.47 -18.23 46.00
CA SER C 340 22.96 -16.87 46.29
C SER C 340 24.29 -16.88 47.03
N ASP C 341 24.44 -17.83 47.95
CA ASP C 341 25.68 -17.98 48.70
C ASP C 341 26.85 -18.46 47.82
N GLU C 342 26.58 -19.28 46.82
CA GLU C 342 27.65 -19.74 45.94
C GLU C 342 28.05 -18.61 44.98
N MET C 343 27.09 -17.74 44.72
CA MET C 343 27.32 -16.58 43.88
C MET C 343 28.24 -15.59 44.62
N ASN C 344 27.98 -15.43 45.90
CA ASN C 344 28.84 -14.60 46.75
C ASN C 344 30.24 -15.16 46.91
N LYS C 345 30.34 -16.48 47.08
CA LYS C 345 31.63 -17.17 47.03
C LYS C 345 32.37 -16.81 45.73
N GLN C 346 31.76 -17.15 44.60
CA GLN C 346 32.45 -17.10 43.32
C GLN C 346 32.70 -15.66 42.85
N THR C 347 31.81 -14.73 43.20
CA THR C 347 32.06 -13.33 42.83
C THR C 347 33.22 -12.74 43.60
N ASN C 348 33.43 -13.25 44.80
CA ASN C 348 34.56 -12.88 45.60
C ASN C 348 35.87 -13.49 45.12
N GLN C 349 35.79 -14.70 44.58
CA GLN C 349 36.95 -15.28 43.93
C GLN C 349 37.35 -14.50 42.68
N PHE C 350 36.37 -14.04 41.89
CA PHE C 350 36.63 -13.28 40.66
C PHE C 350 37.44 -12.04 41.02
N GLU C 351 36.95 -11.31 42.01
CA GLU C 351 37.62 -10.14 42.54
C GLU C 351 39.06 -10.45 42.95
N ASP C 352 39.26 -11.53 43.67
CA ASP C 352 40.61 -11.90 44.10
C ASP C 352 41.53 -12.24 42.93
N TYR C 353 41.02 -13.02 41.96
CA TYR C 353 41.78 -13.30 40.76
C TYR C 353 42.22 -12.02 40.03
N VAL C 354 41.30 -11.08 39.81
CA VAL C 354 41.66 -9.89 39.03
C VAL C 354 42.46 -8.85 39.82
N THR C 355 42.40 -8.91 41.15
CA THR C 355 43.10 -7.91 41.98
C THR C 355 44.48 -8.39 42.42
N ASN C 356 44.62 -9.69 42.69
CA ASN C 356 45.78 -10.18 43.41
C ASN C 356 46.70 -11.11 42.61
N VAL C 357 46.24 -11.58 41.46
CA VAL C 357 47.14 -12.27 40.53
C VAL C 357 47.63 -11.28 39.48
N GLU C 358 48.67 -10.52 39.82
CA GLU C 358 49.05 -9.38 39.01
C GLU C 358 49.86 -9.80 37.81
N VAL C 359 49.97 -8.87 36.86
CA VAL C 359 50.57 -9.10 35.58
C VAL C 359 51.47 -7.89 35.33
N HIS C 360 52.76 -8.12 35.15
CA HIS C 360 53.71 -7.02 34.92
C HIS C 360 54.50 -7.28 33.66
N GLU D 6 55.85 -42.28 -22.58
CA GLU D 6 55.74 -40.83 -22.95
C GLU D 6 56.45 -40.56 -24.28
N VAL D 7 55.69 -40.53 -25.36
CA VAL D 7 56.27 -40.48 -26.71
C VAL D 7 56.76 -39.07 -27.02
N LYS D 8 57.89 -38.96 -27.71
CA LYS D 8 58.40 -37.64 -28.11
C LYS D 8 57.26 -36.83 -28.70
N THR D 9 57.09 -35.62 -28.17
CA THR D 9 56.08 -34.69 -28.65
C THR D 9 56.34 -34.23 -30.09
N VAL D 10 57.58 -34.34 -30.56
CA VAL D 10 57.91 -33.93 -31.93
C VAL D 10 57.29 -34.86 -32.98
N TYR D 11 56.64 -35.93 -32.53
CA TYR D 11 55.96 -36.86 -33.43
C TYR D 11 54.46 -36.58 -33.57
N ALA D 12 54.00 -35.50 -32.94
CA ALA D 12 52.59 -35.07 -33.07
C ALA D 12 52.49 -33.63 -33.58
N GLN D 13 51.59 -33.40 -34.54
CA GLN D 13 51.20 -32.05 -34.92
C GLN D 13 50.41 -31.40 -33.78
N ASN D 14 49.47 -32.16 -33.23
CA ASN D 14 48.60 -31.71 -32.14
C ASN D 14 48.92 -32.41 -30.83
N VAL D 15 49.57 -31.70 -29.91
CA VAL D 15 49.87 -32.26 -28.60
C VAL D 15 48.95 -31.72 -27.51
N ILE D 16 48.51 -30.48 -27.66
CA ILE D 16 47.61 -29.89 -26.69
C ILE D 16 46.30 -29.46 -27.35
N ALA D 17 45.22 -30.14 -26.98
CA ALA D 17 43.91 -29.84 -27.56
C ALA D 17 43.41 -28.50 -27.05
N PRO D 18 42.74 -27.74 -27.92
CA PRO D 18 42.26 -26.44 -27.45
C PRO D 18 41.15 -26.58 -26.42
N ASN D 19 40.46 -27.72 -26.42
CA ASN D 19 39.39 -27.98 -25.46
C ASN D 19 39.87 -28.78 -24.26
N THR D 20 41.18 -28.75 -24.02
CA THR D 20 41.81 -29.55 -22.97
C THR D 20 41.13 -29.40 -21.61
N LEU D 21 40.84 -28.16 -21.21
CA LEU D 21 40.26 -27.91 -19.89
C LEU D 21 38.73 -27.93 -19.91
N SER D 22 38.16 -28.30 -21.05
CA SER D 22 36.73 -28.53 -21.16
C SER D 22 35.99 -27.28 -20.70
N ASN D 23 34.88 -27.44 -19.97
CA ASN D 23 34.16 -26.27 -19.47
C ASN D 23 34.10 -26.15 -17.96
N SER D 24 35.06 -26.75 -17.25
CA SER D 24 34.92 -26.96 -15.83
C SER D 24 35.04 -25.63 -15.07
N ILE D 25 35.84 -24.70 -15.59
CA ILE D 25 36.01 -23.42 -14.93
C ILE D 25 34.71 -22.58 -14.95
N ARG D 26 34.09 -22.48 -16.12
CA ARG D 26 32.79 -21.81 -16.32
C ARG D 26 31.72 -22.43 -15.41
N MET D 27 31.62 -23.76 -15.45
CA MET D 27 30.65 -24.46 -14.65
C MET D 27 30.82 -24.23 -13.14
N LEU D 28 32.04 -24.16 -12.66
CA LEU D 28 32.24 -24.03 -11.23
C LEU D 28 31.61 -22.73 -10.80
N GLY D 29 31.72 -21.73 -11.68
CA GLY D 29 31.12 -20.43 -11.42
C GLY D 29 29.60 -20.47 -11.53
N SER D 30 29.09 -21.02 -12.62
CA SER D 30 27.65 -21.02 -12.85
C SER D 30 26.87 -21.92 -11.85
N GLN D 31 27.57 -22.85 -11.19
CA GLN D 31 27.00 -23.57 -10.05
C GLN D 31 26.89 -22.81 -8.76
N SER D 32 27.70 -21.76 -8.60
CA SER D 32 27.87 -21.15 -7.29
C SER D 32 26.61 -20.44 -6.79
N PRO D 33 25.90 -19.72 -7.67
CA PRO D 33 24.70 -18.99 -7.20
C PRO D 33 23.63 -19.93 -6.64
N LEU D 34 23.48 -21.09 -7.25
CA LEU D 34 22.48 -22.01 -6.80
C LEU D 34 22.84 -22.55 -5.42
N ILE D 35 24.11 -22.93 -5.26
CA ILE D 35 24.61 -23.33 -3.95
C ILE D 35 24.36 -22.24 -2.90
N GLN D 36 24.67 -20.99 -3.24
CA GLN D 36 24.42 -19.90 -2.31
C GLN D 36 22.94 -19.90 -1.94
N ALA D 37 22.08 -20.09 -2.94
CA ALA D 37 20.65 -19.92 -2.73
C ALA D 37 20.08 -21.04 -1.89
N TYR D 38 20.39 -22.29 -2.27
CA TYR D 38 19.96 -23.42 -1.47
C TYR D 38 20.53 -23.45 -0.06
N GLY D 39 21.73 -22.89 0.09
CA GLY D 39 22.34 -22.72 1.41
C GLY D 39 21.65 -21.67 2.26
N LEU D 40 21.14 -20.62 1.61
CA LEU D 40 20.44 -19.56 2.34
C LEU D 40 19.06 -20.08 2.78
N VAL D 41 18.43 -20.85 1.92
CA VAL D 41 17.21 -21.51 2.33
C VAL D 41 17.40 -22.26 3.65
N ILE D 42 18.52 -22.95 3.82
CA ILE D 42 18.73 -23.72 5.03
C ILE D 42 18.93 -22.79 6.22
N LEU D 43 19.67 -21.70 6.02
CA LEU D 43 19.98 -20.79 7.12
C LEU D 43 18.71 -20.13 7.66
N GLN D 44 17.71 -19.95 6.81
CA GLN D 44 16.58 -19.09 7.14
C GLN D 44 15.33 -19.82 7.57
N GLN D 45 15.24 -21.10 7.19
CA GLN D 45 14.22 -21.98 7.71
C GLN D 45 14.36 -21.98 9.23
N PRO D 46 13.23 -21.87 9.94
CA PRO D 46 13.44 -21.53 11.35
C PRO D 46 13.78 -22.74 12.21
N ASP D 47 14.60 -22.51 13.21
CA ASP D 47 15.01 -23.57 14.13
C ASP D 47 13.77 -24.25 14.62
N ILE D 48 13.77 -25.58 14.62
CA ILE D 48 12.56 -26.31 14.96
C ILE D 48 12.79 -27.50 15.89
N LYS D 49 11.84 -27.71 16.79
CA LYS D 49 11.76 -28.91 17.63
C LYS D 49 10.50 -29.69 17.27
N VAL D 50 10.64 -31.00 17.12
CA VAL D 50 9.52 -31.84 16.70
C VAL D 50 9.47 -33.12 17.54
N ASN D 51 8.33 -33.37 18.15
CA ASN D 51 8.23 -34.44 19.14
C ASN D 51 8.31 -35.82 18.46
N ALA D 52 7.93 -35.90 17.20
CA ALA D 52 8.00 -37.18 16.48
C ALA D 52 9.44 -37.54 16.10
N MET D 53 10.32 -36.55 16.08
CA MET D 53 11.70 -36.78 15.68
C MET D 53 12.65 -35.94 16.51
N SER D 54 13.00 -36.46 17.68
CA SER D 54 13.68 -35.68 18.70
C SER D 54 15.03 -35.19 18.18
N SER D 55 15.63 -35.95 17.26
CA SER D 55 16.97 -35.62 16.76
C SER D 55 16.97 -34.48 15.75
N LEU D 56 15.78 -34.09 15.28
CA LEU D 56 15.68 -33.15 14.16
C LEU D 56 16.36 -31.81 14.46
N THR D 57 16.11 -31.28 15.65
CA THR D 57 16.77 -30.07 16.10
C THR D 57 18.27 -30.15 15.86
N ASN D 58 18.86 -31.27 16.23
CA ASN D 58 20.31 -31.39 16.17
C ASN D 58 20.84 -31.55 14.75
N HIS D 59 20.12 -32.30 13.93
CA HIS D 59 20.47 -32.43 12.51
C HIS D 59 20.42 -31.04 11.83
N GLN D 60 19.51 -30.20 12.30
CA GLN D 60 19.31 -28.89 11.69
C GLN D 60 20.45 -27.95 12.06
N LYS D 61 20.84 -27.98 13.33
CA LYS D 61 22.04 -27.28 13.79
C LYS D 61 23.23 -27.63 12.91
N PHE D 62 23.46 -28.92 12.70
CA PHE D 62 24.57 -29.37 11.89
C PHE D 62 24.47 -28.76 10.50
N ALA D 63 23.29 -28.89 9.89
CA ALA D 63 23.08 -28.43 8.52
C ALA D 63 23.39 -26.95 8.38
N LYS D 64 22.94 -26.15 9.33
CA LYS D 64 23.23 -24.71 9.31
C LYS D 64 24.71 -24.44 9.51
N ALA D 65 25.34 -25.19 10.41
CA ALA D 65 26.77 -25.02 10.65
C ALA D 65 27.56 -25.39 9.41
N ASN D 66 27.16 -26.47 8.76
CA ASN D 66 27.76 -26.88 7.49
C ASN D 66 27.71 -25.78 6.43
N VAL D 67 26.52 -25.24 6.18
CA VAL D 67 26.37 -24.11 5.25
C VAL D 67 27.31 -22.95 5.55
N ARG D 68 27.40 -22.59 6.84
CA ARG D 68 28.25 -21.46 7.24
C ARG D 68 29.73 -21.79 7.03
N GLU D 69 30.09 -23.06 7.23
CA GLU D 69 31.46 -23.47 6.96
C GLU D 69 31.79 -23.35 5.49
N TRP D 70 30.83 -23.62 4.61
CA TRP D 70 31.07 -23.53 3.17
C TRP D 70 31.26 -22.07 2.76
N ILE D 71 30.33 -21.25 3.18
CA ILE D 71 30.44 -19.81 2.97
C ILE D 71 31.80 -19.31 3.45
N ASP D 72 32.20 -19.72 4.65
CA ASP D 72 33.28 -19.03 5.36
C ASP D 72 34.63 -19.59 5.00
N GLU D 73 34.69 -20.90 4.80
CA GLU D 73 35.98 -21.58 4.72
C GLU D 73 36.25 -22.18 3.33
N TYR D 74 35.26 -22.88 2.76
CA TYR D 74 35.54 -23.65 1.56
C TYR D 74 35.29 -22.91 0.26
N ASN D 75 34.14 -22.24 0.13
CA ASN D 75 33.84 -21.51 -1.10
C ASN D 75 34.93 -20.50 -1.51
N PRO D 76 35.45 -19.72 -0.56
CA PRO D 76 36.52 -18.76 -0.94
C PRO D 76 37.78 -19.38 -1.54
N LYS D 77 38.00 -20.68 -1.35
CA LYS D 77 39.10 -21.38 -2.05
C LYS D 77 38.82 -21.42 -3.55
N LEU D 78 37.56 -21.66 -3.89
CA LEU D 78 37.16 -21.74 -5.29
C LEU D 78 37.35 -20.40 -5.97
N ILE D 79 37.00 -19.32 -5.26
CA ILE D 79 37.18 -17.96 -5.78
C ILE D 79 38.65 -17.65 -5.97
N ASP D 80 39.47 -18.07 -5.01
CA ASP D 80 40.90 -17.84 -5.06
C ASP D 80 41.54 -18.65 -6.19
N LEU D 81 41.13 -19.89 -6.31
CA LEU D 81 41.63 -20.72 -7.38
C LEU D 81 41.31 -20.14 -8.76
N ASN D 82 40.06 -19.74 -8.96
CA ASN D 82 39.74 -19.01 -10.17
C ASN D 82 40.72 -17.88 -10.46
N GLN D 83 41.01 -17.07 -9.44
CA GLN D 83 41.84 -15.89 -9.66
C GLN D 83 43.28 -16.28 -9.98
N GLU D 84 43.75 -17.36 -9.38
CA GLU D 84 45.09 -17.83 -9.66
C GLU D 84 45.20 -18.29 -11.11
N MET D 85 44.10 -18.75 -11.68
CA MET D 85 44.12 -19.29 -13.05
C MET D 85 43.99 -18.15 -14.05
N MET D 86 43.28 -17.12 -13.63
CA MET D 86 43.16 -15.92 -14.46
C MET D 86 44.51 -15.20 -14.57
N ARG D 87 45.15 -14.98 -13.42
CA ARG D 87 46.50 -14.44 -13.37
C ARG D 87 47.51 -15.22 -14.22
N TYR D 88 47.52 -16.55 -14.12
CA TYR D 88 48.33 -17.32 -15.05
C TYR D 88 48.08 -16.93 -16.51
N SER D 89 46.81 -16.92 -16.92
CA SER D 89 46.49 -16.70 -18.32
C SER D 89 46.95 -15.34 -18.76
N ILE D 90 46.75 -14.34 -17.88
CA ILE D 90 47.24 -13.00 -18.13
C ILE D 90 48.77 -12.99 -18.28
N ARG D 91 49.50 -13.62 -17.36
CA ARG D 91 50.95 -13.61 -17.45
C ARG D 91 51.42 -14.34 -18.72
N PHE D 92 50.77 -15.45 -19.05
CA PHE D 92 51.12 -16.17 -20.27
C PHE D 92 50.89 -15.31 -21.49
N ASN D 93 49.75 -14.64 -21.52
CA ASN D 93 49.36 -13.89 -22.70
C ASN D 93 50.33 -12.74 -22.92
N SER D 94 50.90 -12.21 -21.84
CA SER D 94 51.78 -11.06 -21.96
C SER D 94 53.18 -11.48 -22.38
N TYR D 95 53.56 -12.72 -22.11
CA TYR D 95 54.89 -13.18 -22.50
C TYR D 95 54.87 -13.83 -23.88
N TYR D 96 53.67 -13.95 -24.46
CA TYR D 96 53.50 -14.82 -25.63
C TYR D 96 54.30 -14.33 -26.85
N SER D 97 54.22 -13.04 -27.16
CA SER D 97 54.91 -12.50 -28.33
C SER D 97 56.41 -12.76 -28.29
N LYS D 98 57.04 -12.38 -27.17
CA LYS D 98 58.47 -12.60 -27.01
C LYS D 98 58.84 -14.09 -27.16
N LEU D 99 58.03 -14.95 -26.56
CA LEU D 99 58.39 -16.38 -26.45
C LEU D 99 58.13 -17.12 -27.75
N TYR D 100 57.10 -16.71 -28.47
CA TYR D 100 56.82 -17.30 -29.78
C TYR D 100 58.00 -17.00 -30.70
N GLU D 101 58.61 -15.84 -30.51
CA GLU D 101 59.73 -15.40 -31.36
C GLU D 101 60.99 -16.19 -31.02
N LEU D 102 61.35 -16.18 -29.74
CA LEU D 102 62.41 -17.04 -29.24
C LEU D 102 62.21 -18.47 -29.74
N ALA D 103 61.00 -18.99 -29.57
CA ALA D 103 60.72 -20.39 -29.92
C ALA D 103 61.20 -20.68 -31.35
N GLY D 104 61.02 -19.69 -32.22
CA GLY D 104 61.39 -19.84 -33.63
C GLY D 104 62.89 -19.85 -33.88
N ASN D 105 63.66 -19.52 -32.85
CA ASN D 105 65.08 -19.22 -33.02
C ASN D 105 65.97 -20.25 -32.32
N ILE D 106 65.37 -21.27 -31.72
CA ILE D 106 66.07 -22.07 -30.73
C ILE D 106 67.26 -22.81 -31.35
N ASN D 107 67.18 -23.07 -32.65
CA ASN D 107 68.24 -23.73 -33.35
C ASN D 107 69.13 -22.73 -34.07
N GLU D 108 68.69 -21.48 -34.06
CA GLU D 108 69.45 -20.39 -34.65
C GLU D 108 69.98 -19.48 -33.55
N GLU D 110 72.30 -20.81 -29.95
CA GLU D 110 72.06 -21.56 -28.72
C GLU D 110 71.56 -20.62 -27.63
N GLN D 111 72.15 -19.43 -27.56
CA GLN D 111 71.73 -18.42 -26.60
C GLN D 111 70.21 -18.35 -26.55
N SER D 112 69.59 -18.39 -27.73
CA SER D 112 68.14 -18.34 -27.80
C SER D 112 67.54 -19.58 -27.16
N LYS D 113 68.21 -20.72 -27.25
CA LYS D 113 67.69 -21.96 -26.72
C LYS D 113 67.51 -21.84 -25.22
N ALA D 114 68.52 -21.26 -24.58
CA ALA D 114 68.54 -21.15 -23.12
C ALA D 114 67.51 -20.14 -22.62
N ASP D 115 67.36 -19.02 -23.34
CA ASP D 115 66.38 -18.01 -22.96
C ASP D 115 64.95 -18.53 -23.03
N PHE D 116 64.65 -19.30 -24.07
CA PHE D 116 63.32 -19.91 -24.21
C PHE D 116 63.04 -20.83 -23.04
N THR D 117 63.89 -21.85 -22.87
CA THR D 117 63.66 -22.89 -21.86
C THR D 117 63.59 -22.29 -20.47
N ASN D 118 64.30 -21.17 -20.28
CA ASN D 118 64.32 -20.48 -19.00
C ASN D 118 62.98 -19.81 -18.70
N ALA D 119 62.49 -19.01 -19.65
CA ALA D 119 61.21 -18.34 -19.48
C ALA D 119 60.05 -19.35 -19.51
N TYR D 120 60.13 -20.34 -20.39
CA TYR D 120 59.11 -21.38 -20.46
C TYR D 120 59.07 -22.15 -19.15
N GLY D 121 60.23 -22.31 -18.53
CA GLY D 121 60.35 -23.07 -17.28
C GLY D 121 59.68 -22.38 -16.13
N LYS D 122 59.73 -21.05 -16.11
CA LYS D 122 59.00 -20.28 -15.11
C LYS D 122 57.49 -20.44 -15.29
N LEU D 123 57.05 -20.50 -16.54
CA LEU D 123 55.63 -20.62 -16.81
C LEU D 123 55.13 -22.01 -16.42
N GLN D 124 55.94 -23.03 -16.67
CA GLN D 124 55.57 -24.38 -16.24
C GLN D 124 55.61 -24.55 -14.72
N LEU D 125 56.46 -23.78 -14.07
CA LEU D 125 56.54 -23.75 -12.61
C LEU D 125 55.26 -23.18 -12.00
N GLN D 126 54.66 -22.22 -12.69
CA GLN D 126 53.39 -21.67 -12.23
C GLN D 126 52.24 -22.67 -12.39
N VAL D 127 52.23 -23.40 -13.49
CA VAL D 127 51.18 -24.38 -13.75
C VAL D 127 51.28 -25.50 -12.71
N GLN D 128 52.51 -25.88 -12.39
CA GLN D 128 52.77 -26.81 -11.30
C GLN D 128 52.23 -26.21 -9.98
N SER D 129 52.53 -24.94 -9.74
CA SER D 129 52.07 -24.29 -8.52
C SER D 129 50.56 -24.38 -8.37
N ILE D 130 49.83 -24.08 -9.44
CA ILE D 130 48.38 -24.13 -9.39
C ILE D 130 47.86 -25.57 -9.26
N GLN D 131 48.55 -26.52 -9.87
CA GLN D 131 48.14 -27.91 -9.74
C GLN D 131 48.20 -28.37 -8.28
N GLU D 132 49.28 -28.00 -7.60
CA GLU D 132 49.44 -28.27 -6.18
C GLU D 132 48.40 -27.60 -5.29
N ASN D 133 48.07 -26.35 -5.57
CA ASN D 133 47.01 -25.69 -4.82
C ASN D 133 45.65 -26.34 -5.05
N MET D 134 45.47 -26.84 -6.27
CA MET D 134 44.23 -27.49 -6.64
C MET D 134 44.10 -28.84 -5.92
N GLU D 135 45.20 -29.58 -5.82
CA GLU D 135 45.20 -30.89 -5.13
C GLU D 135 44.96 -30.69 -3.65
N GLN D 136 45.51 -29.60 -3.11
CA GLN D 136 45.31 -29.26 -1.70
C GLN D 136 43.85 -28.90 -1.43
N ASP D 137 43.33 -27.93 -2.19
CA ASP D 137 41.92 -27.54 -2.09
C ASP D 137 41.00 -28.78 -2.12
N LEU D 138 41.27 -29.67 -3.05
CA LEU D 138 40.43 -30.85 -3.17
C LEU D 138 40.58 -31.81 -1.99
N LEU D 139 41.73 -31.81 -1.34
CA LEU D 139 41.90 -32.58 -0.11
C LEU D 139 41.05 -31.97 0.99
N GLU D 140 41.07 -30.65 1.05
CA GLU D 140 40.34 -29.93 2.06
C GLU D 140 38.84 -29.95 1.83
N LEU D 141 38.41 -29.85 0.57
CA LEU D 141 36.98 -29.83 0.27
C LEU D 141 36.37 -31.20 0.42
N ASN D 142 37.16 -32.25 0.23
CA ASN D 142 36.62 -33.62 0.34
C ASN D 142 36.39 -34.05 1.78
N ARG D 143 37.08 -33.43 2.73
CA ARG D 143 36.77 -33.64 4.14
C ARG D 143 35.43 -33.03 4.47
N PHE D 144 35.14 -31.86 3.89
CA PHE D 144 33.82 -31.25 4.06
C PHE D 144 32.73 -32.14 3.43
N LYS D 145 33.00 -32.66 2.23
CA LYS D 145 32.05 -33.49 1.51
C LYS D 145 31.78 -34.81 2.25
N THR D 146 32.81 -35.33 2.92
CA THR D 146 32.67 -36.49 3.79
C THR D 146 31.78 -36.24 5.00
N VAL D 147 31.86 -35.07 5.64
CA VAL D 147 31.01 -34.81 6.79
C VAL D 147 29.59 -34.49 6.35
N LEU D 148 29.50 -33.73 5.26
CA LEU D 148 28.22 -33.30 4.70
C LEU D 148 27.41 -34.50 4.20
N ASP D 149 27.99 -35.30 3.32
CA ASP D 149 27.27 -36.49 2.83
C ASP D 149 26.75 -37.32 3.99
N LYS D 150 27.59 -37.58 4.97
CA LYS D 150 27.21 -38.48 6.05
C LYS D 150 26.11 -37.83 6.89
N ASP D 151 26.28 -36.53 7.20
CA ASP D 151 25.26 -35.76 7.93
C ASP D 151 23.89 -35.85 7.24
N SER D 152 23.89 -35.67 5.91
CA SER D 152 22.67 -35.69 5.11
C SER D 152 22.04 -37.10 5.06
N ASN D 153 22.88 -38.11 4.92
CA ASN D 153 22.39 -39.48 5.00
C ASN D 153 21.76 -39.85 6.34
N ASN D 154 22.40 -39.42 7.43
CA ASN D 154 21.89 -39.69 8.76
C ASN D 154 20.50 -39.11 8.87
N LEU D 155 20.34 -37.89 8.40
CA LEU D 155 19.12 -37.16 8.63
C LEU D 155 18.02 -37.80 7.80
N SER D 156 18.39 -38.24 6.60
CA SER D 156 17.42 -38.84 5.70
C SER D 156 16.92 -40.18 6.25
N ILE D 157 17.84 -41.00 6.76
CA ILE D 157 17.45 -42.27 7.39
C ILE D 157 16.53 -42.04 8.57
N LYS D 158 16.83 -41.02 9.38
CA LYS D 158 16.09 -40.78 10.61
C LYS D 158 14.78 -40.07 10.31
N ALA D 159 14.72 -39.32 9.21
CA ALA D 159 13.45 -38.78 8.74
C ALA D 159 12.53 -39.89 8.27
N ASP D 160 13.02 -40.74 7.37
CA ASP D 160 12.24 -41.92 6.96
C ASP D 160 11.60 -42.63 8.15
N GLU D 161 12.38 -42.85 9.21
CA GLU D 161 11.88 -43.51 10.41
C GLU D 161 10.76 -42.72 11.07
N ALA D 162 10.96 -41.41 11.27
CA ALA D 162 9.96 -40.61 11.95
C ALA D 162 8.64 -40.65 11.18
N ILE D 163 8.74 -40.57 9.85
CA ILE D 163 7.53 -40.42 9.04
C ILE D 163 6.74 -41.73 9.07
N LYS D 164 7.43 -42.85 9.15
CA LYS D 164 6.76 -44.16 9.18
C LYS D 164 6.11 -44.45 10.55
N THR D 165 6.70 -43.93 11.63
CA THR D 165 6.01 -43.91 12.91
C THR D 165 4.75 -43.06 12.85
N LEU D 166 4.81 -41.92 12.17
CA LEU D 166 3.69 -41.00 12.14
C LEU D 166 2.49 -41.57 11.40
N GLN D 167 2.71 -42.33 10.34
CA GLN D 167 1.72 -42.40 9.27
C GLN D 167 0.63 -43.42 9.58
N ASP D 172 -0.51 -42.19 2.18
CA ASP D 172 -1.17 -41.07 2.83
C ASP D 172 -0.17 -39.93 3.05
N ILE D 173 0.37 -39.86 4.26
CA ILE D 173 1.49 -38.99 4.58
C ILE D 173 2.73 -39.33 3.73
N VAL D 174 2.93 -40.61 3.47
CA VAL D 174 4.10 -41.02 2.73
C VAL D 174 4.01 -40.54 1.30
N LYS D 175 2.83 -40.66 0.69
CA LYS D 175 2.68 -40.23 -0.70
C LYS D 175 2.88 -38.71 -0.82
N LEU D 176 2.30 -37.97 0.10
CA LEU D 176 2.40 -36.52 0.03
C LEU D 176 3.85 -36.07 0.14
N ARG D 177 4.60 -36.68 1.05
CA ARG D 177 6.01 -36.31 1.22
C ARG D 177 6.79 -36.61 -0.05
N GLU D 178 6.55 -37.78 -0.65
CA GLU D 178 7.24 -38.13 -1.88
C GLU D 178 7.02 -37.12 -3.00
N ASP D 179 5.76 -36.75 -3.24
CA ASP D 179 5.46 -35.86 -4.35
C ASP D 179 6.02 -34.45 -4.08
N ILE D 180 6.06 -34.06 -2.81
CA ILE D 180 6.72 -32.80 -2.44
C ILE D 180 8.22 -32.91 -2.75
N LYS D 181 8.80 -34.10 -2.53
CA LYS D 181 10.24 -34.28 -2.73
C LYS D 181 10.59 -34.36 -4.22
N ARG D 182 9.72 -34.99 -5.00
CA ARG D 182 9.86 -34.98 -6.46
C ARG D 182 9.87 -33.54 -7.00
N ILE D 183 8.86 -32.78 -6.62
CA ILE D 183 8.63 -31.49 -7.27
C ILE D 183 9.75 -30.51 -6.92
N GLN D 184 10.19 -30.55 -5.66
CA GLN D 184 11.34 -29.78 -5.23
C GLN D 184 12.58 -30.13 -6.05
N GLY D 185 12.72 -31.42 -6.38
CA GLY D 185 13.87 -31.87 -7.13
C GLY D 185 13.77 -31.45 -8.58
N GLU D 186 12.54 -31.31 -9.09
CA GLU D 186 12.35 -30.87 -10.46
C GLU D 186 12.62 -29.35 -10.56
N ILE D 187 12.29 -28.59 -9.52
CA ILE D 187 12.63 -27.16 -9.49
C ILE D 187 14.14 -26.95 -9.50
N GLN D 188 14.85 -27.78 -8.72
CA GLN D 188 16.31 -27.81 -8.71
C GLN D 188 16.86 -28.07 -10.11
N ALA D 189 16.40 -29.13 -10.76
CA ALA D 189 16.89 -29.49 -12.09
C ALA D 189 16.65 -28.41 -13.14
N GLU D 190 15.52 -27.71 -13.04
CA GLU D 190 15.26 -26.56 -13.93
C GLU D 190 16.17 -25.36 -13.62
N LEU D 191 16.40 -25.12 -12.34
CA LEU D 191 17.29 -24.05 -11.94
C LEU D 191 18.71 -24.29 -12.46
N THR D 192 19.15 -25.54 -12.37
CA THR D 192 20.43 -25.97 -12.92
C THR D 192 20.49 -25.74 -14.42
N THR D 193 19.39 -26.01 -15.10
CA THR D 193 19.32 -25.88 -16.55
C THR D 193 19.42 -24.42 -16.98
N ILE D 194 18.70 -23.57 -16.26
CA ILE D 194 18.75 -22.14 -16.50
C ILE D 194 20.18 -21.61 -16.33
N LEU D 195 20.82 -21.99 -15.23
CA LEU D 195 22.15 -21.47 -14.93
C LEU D 195 23.20 -22.12 -15.83
N ASN D 196 22.82 -23.20 -16.49
CA ASN D 196 23.72 -23.93 -17.39
C ASN D 196 23.81 -23.27 -18.76
N ARG D 197 22.82 -22.45 -19.10
CA ARG D 197 22.70 -21.99 -20.48
C ARG D 197 23.62 -20.79 -20.72
N PRO D 198 24.20 -20.70 -21.93
CA PRO D 198 25.06 -19.58 -22.32
C PRO D 198 24.33 -18.25 -22.29
N GLN D 199 24.75 -17.36 -21.39
CA GLN D 199 24.20 -16.01 -21.33
C GLN D 199 25.13 -15.06 -22.07
N GLU D 200 24.57 -14.33 -23.03
CA GLU D 200 25.28 -13.20 -23.65
C GLU D 200 25.83 -12.26 -22.59
N ILE D 201 24.94 -11.74 -21.75
CA ILE D 201 25.35 -10.99 -20.57
C ILE D 201 24.95 -11.74 -19.31
N ILE D 202 25.95 -12.14 -18.52
CA ILE D 202 25.70 -12.90 -17.29
C ILE D 202 25.23 -11.94 -16.19
N LYS D 203 23.92 -11.91 -15.96
CA LYS D 203 23.33 -11.09 -14.90
C LYS D 203 21.96 -11.63 -14.51
N GLY D 204 21.62 -11.47 -13.23
CA GLY D 204 20.26 -11.74 -12.76
C GLY D 204 20.21 -11.77 -11.25
N SER D 205 19.17 -12.41 -10.71
CA SER D 205 19.18 -12.75 -9.31
C SER D 205 18.06 -13.69 -8.92
N ILE D 206 18.30 -14.36 -7.80
CA ILE D 206 17.42 -15.39 -7.29
C ILE D 206 17.03 -14.92 -5.90
N ASN D 207 15.74 -14.80 -5.66
CA ASN D 207 15.27 -14.34 -4.37
C ASN D 207 14.72 -15.49 -3.52
N ILE D 208 15.07 -15.46 -2.24
CA ILE D 208 14.64 -16.51 -1.32
C ILE D 208 13.44 -16.01 -0.56
N GLY D 209 12.34 -16.75 -0.70
CA GLY D 209 11.06 -16.35 -0.15
C GLY D 209 10.58 -17.16 1.05
N LYS D 210 9.78 -16.50 1.88
CA LYS D 210 9.09 -17.17 2.97
C LYS D 210 7.56 -17.13 2.82
N GLN D 211 6.96 -18.26 3.16
CA GLN D 211 5.52 -18.54 3.00
C GLN D 211 5.10 -19.11 4.36
N VAL D 212 3.83 -18.99 4.71
CA VAL D 212 3.32 -19.80 5.82
C VAL D 212 1.92 -20.33 5.57
N PHE D 213 1.71 -21.57 6.04
CA PHE D 213 0.45 -22.27 5.93
C PHE D 213 -0.27 -22.29 7.27
N THR D 214 -1.57 -22.10 7.23
CA THR D 214 -2.40 -22.12 8.43
C THR D 214 -3.20 -23.42 8.43
N ILE D 215 -3.14 -24.15 9.54
CA ILE D 215 -3.95 -25.36 9.70
C ILE D 215 -4.69 -25.23 11.02
N THR D 216 -5.49 -26.23 11.38
CA THR D 216 -6.29 -26.12 12.60
C THR D 216 -6.30 -27.43 13.37
N ASN D 217 -6.63 -27.35 14.66
CA ASN D 217 -6.64 -28.51 15.54
C ASN D 217 -7.82 -28.47 16.53
N THR D 222 -4.86 -22.36 15.69
CA THR D 222 -6.16 -22.17 15.04
N LYS D 223 -2.69 -22.53 14.17
CA LYS D 223 -1.32 -23.03 14.08
C LYS D 223 -0.75 -22.95 12.66
N THR D 224 0.55 -22.70 12.57
CA THR D 224 1.15 -22.24 11.32
C THR D 224 2.39 -23.06 10.98
N ILE D 225 2.56 -23.36 9.70
CA ILE D 225 3.78 -23.98 9.20
C ILE D 225 4.60 -22.96 8.40
N ASP D 226 5.91 -22.92 8.65
CA ASP D 226 6.82 -22.09 7.86
C ASP D 226 7.44 -22.87 6.71
N PHE D 227 7.51 -22.25 5.54
CA PHE D 227 8.14 -22.84 4.34
C PHE D 227 9.03 -21.78 3.66
N VAL D 228 10.34 -21.90 3.87
CA VAL D 228 11.32 -21.11 3.16
C VAL D 228 11.78 -21.81 1.88
N SER D 229 11.80 -21.06 0.79
CA SER D 229 12.22 -21.62 -0.47
C SER D 229 12.58 -20.58 -1.51
N ILE D 230 13.32 -21.04 -2.51
CA ILE D 230 13.72 -20.21 -3.62
C ILE D 230 12.48 -19.60 -4.26
N GLY D 231 12.41 -18.26 -4.26
CA GLY D 231 11.20 -17.61 -4.72
C GLY D 231 11.28 -17.20 -6.18
N THR D 232 11.26 -15.89 -6.42
CA THR D 232 11.13 -15.34 -7.76
C THR D 232 12.49 -15.30 -8.46
N LEU D 233 12.50 -15.55 -9.76
CA LEU D 233 13.67 -15.27 -10.58
C LEU D 233 13.53 -13.92 -11.25
N SER D 234 14.66 -13.26 -11.51
CA SER D 234 14.61 -11.89 -11.98
C SER D 234 14.05 -11.81 -13.39
N ASN D 235 13.73 -10.58 -13.79
CA ASN D 235 13.29 -10.25 -15.13
C ASN D 235 14.11 -10.95 -16.20
N GLU D 236 15.41 -11.04 -15.97
CA GLU D 236 16.37 -11.45 -16.99
C GLU D 236 16.26 -12.94 -17.34
N ILE D 237 15.51 -13.67 -16.54
CA ILE D 237 15.50 -15.13 -16.61
C ILE D 237 14.10 -15.58 -17.03
N VAL D 238 13.13 -15.13 -16.24
CA VAL D 238 11.70 -15.21 -16.53
C VAL D 238 11.34 -14.79 -17.96
N ASN D 239 11.96 -13.73 -18.45
CA ASN D 239 11.68 -13.24 -19.81
C ASN D 239 12.90 -13.29 -20.71
N ALA D 240 13.72 -14.33 -20.58
CA ALA D 240 14.84 -14.53 -21.47
C ALA D 240 14.36 -14.66 -22.92
N ALA D 241 15.17 -14.15 -23.84
CA ALA D 241 14.91 -14.28 -25.27
C ALA D 241 15.09 -15.73 -25.66
N ASP D 242 15.87 -16.44 -24.85
CA ASP D 242 16.17 -17.85 -25.07
C ASP D 242 14.99 -18.69 -24.58
N SER D 243 14.28 -19.32 -25.51
CA SER D 243 13.04 -20.00 -25.16
C SER D 243 13.24 -21.15 -24.15
N GLN D 244 14.33 -21.90 -24.28
CA GLN D 244 14.60 -23.01 -23.36
C GLN D 244 14.70 -22.53 -21.90
N THR D 245 15.30 -21.36 -21.72
CA THR D 245 15.49 -20.75 -20.39
C THR D 245 14.18 -20.21 -19.83
N ARG D 246 13.45 -19.51 -20.68
CA ARG D 246 12.13 -19.00 -20.34
C ARG D 246 11.14 -20.13 -20.06
N GLU D 247 11.15 -21.17 -20.90
CA GLU D 247 10.27 -22.31 -20.70
C GLU D 247 10.57 -22.98 -19.36
N ALA D 248 11.85 -22.99 -19.00
CA ALA D 248 12.28 -23.58 -17.75
C ALA D 248 11.75 -22.78 -16.57
N ALA D 249 11.86 -21.46 -16.66
CA ALA D 249 11.38 -20.57 -15.61
C ALA D 249 9.88 -20.70 -15.42
N LEU D 250 9.15 -20.86 -16.53
CA LEU D 250 7.71 -21.09 -16.48
C LEU D 250 7.31 -22.38 -15.78
N ARG D 251 8.04 -23.45 -16.04
CA ARG D 251 7.78 -24.70 -15.38
C ARG D 251 8.06 -24.59 -13.87
N ILE D 252 9.06 -23.78 -13.52
CA ILE D 252 9.40 -23.60 -12.12
C ILE D 252 8.20 -22.98 -11.40
N GLN D 253 7.58 -22.00 -12.02
CA GLN D 253 6.59 -21.27 -11.25
C GLN D 253 5.26 -21.99 -11.25
N GLN D 254 5.03 -22.80 -12.28
CA GLN D 254 3.96 -23.79 -12.22
C GLN D 254 4.18 -24.72 -11.04
N LYS D 255 5.35 -25.34 -10.97
CA LYS D 255 5.67 -26.31 -9.92
C LYS D 255 5.59 -25.69 -8.52
N GLN D 256 5.99 -24.44 -8.38
CA GLN D 256 5.88 -23.78 -7.08
C GLN D 256 4.43 -23.72 -6.58
N LYS D 257 3.51 -23.57 -7.52
CA LYS D 257 2.08 -23.54 -7.21
C LYS D 257 1.56 -24.94 -6.90
N GLU D 258 2.04 -25.93 -7.65
CA GLU D 258 1.60 -27.30 -7.42
C GLU D 258 1.98 -27.84 -6.03
N LEU D 259 3.07 -27.35 -5.48
CA LEU D 259 3.42 -27.62 -4.07
C LEU D 259 2.33 -27.23 -3.08
N LEU D 260 1.61 -26.12 -3.35
CA LEU D 260 0.73 -25.49 -2.36
C LEU D 260 -0.41 -26.37 -1.82
N PRO D 261 -1.15 -27.07 -2.69
CA PRO D 261 -2.14 -28.00 -2.11
C PRO D 261 -1.56 -29.25 -1.43
N LEU D 262 -0.31 -29.57 -1.74
CA LEU D 262 0.30 -30.79 -1.20
C LEU D 262 0.80 -30.48 0.21
N ILE D 263 1.46 -29.35 0.33
CA ILE D 263 1.81 -28.79 1.64
C ILE D 263 0.60 -28.57 2.54
N GLN D 264 -0.52 -28.15 1.97
CA GLN D 264 -1.69 -27.92 2.82
C GLN D 264 -2.28 -29.24 3.30
N LYS D 265 -2.35 -30.21 2.40
CA LYS D 265 -2.89 -31.52 2.75
C LYS D 265 -1.99 -32.23 3.78
N LEU D 266 -0.70 -32.30 3.51
CA LEU D 266 0.22 -32.92 4.46
C LEU D 266 0.13 -32.28 5.82
N SER D 267 0.12 -30.95 5.86
CA SER D 267 0.14 -30.20 7.12
C SER D 267 -1.14 -30.36 7.92
N GLN D 268 -2.29 -30.36 7.25
CA GLN D 268 -3.55 -30.55 7.95
C GLN D 268 -3.66 -31.98 8.47
N THR D 269 -3.00 -32.92 7.80
CA THR D 269 -2.97 -34.31 8.26
C THR D 269 -2.02 -34.50 9.45
N GLU D 270 -0.73 -34.23 9.22
CA GLU D 270 0.28 -34.33 10.27
C GLU D 270 1.31 -33.23 10.12
N ALA D 271 1.14 -32.15 10.87
CA ALA D 271 1.98 -30.99 10.75
C ALA D 271 3.46 -31.32 10.92
N GLU D 272 3.75 -32.23 11.85
CA GLU D 272 5.14 -32.59 12.11
C GLU D 272 5.77 -33.27 10.90
N ALA D 273 4.92 -33.81 10.03
CA ALA D 273 5.43 -34.54 8.88
C ALA D 273 5.94 -33.53 7.87
N THR D 274 5.30 -32.36 7.83
CA THR D 274 5.73 -31.30 6.93
C THR D 274 7.00 -30.68 7.41
N GLN D 275 7.08 -30.46 8.72
CA GLN D 275 8.22 -29.80 9.33
C GLN D 275 9.49 -30.63 9.14
N ILE D 276 9.34 -31.94 9.23
CA ILE D 276 10.43 -32.86 8.97
C ILE D 276 10.80 -32.76 7.49
N THR D 277 9.78 -32.75 6.65
CA THR D 277 9.98 -32.88 5.22
C THR D 277 10.79 -31.72 4.64
N PHE D 278 10.45 -30.48 5.01
CA PHE D 278 11.22 -29.33 4.56
C PHE D 278 12.69 -29.44 4.94
N VAL D 279 12.95 -29.74 6.20
CA VAL D 279 14.31 -29.70 6.67
C VAL D 279 15.17 -30.70 5.91
N GLU D 280 14.67 -31.92 5.76
CA GLU D 280 15.43 -32.97 5.11
C GLU D 280 15.61 -32.70 3.62
N ASP D 281 14.54 -32.30 2.96
CA ASP D 281 14.61 -31.93 1.54
C ASP D 281 15.59 -30.79 1.28
N GLN D 282 15.60 -29.80 2.17
CA GLN D 282 16.44 -28.64 1.98
C GLN D 282 17.91 -29.02 2.11
N VAL D 283 18.20 -30.01 2.95
CA VAL D 283 19.57 -30.45 3.17
C VAL D 283 20.02 -31.39 2.06
N SER D 284 19.12 -32.26 1.62
CA SER D 284 19.45 -33.11 0.48
C SER D 284 19.79 -32.30 -0.77
N SER D 285 19.06 -31.22 -1.03
CA SER D 285 19.35 -30.40 -2.19
C SER D 285 20.72 -29.73 -2.08
N PHE D 286 21.01 -29.16 -0.93
CA PHE D 286 22.28 -28.44 -0.78
C PHE D 286 23.40 -29.45 -1.01
N THR D 287 23.25 -30.61 -0.38
CA THR D 287 24.29 -31.64 -0.40
C THR D 287 24.57 -32.16 -1.80
N GLU D 288 23.52 -32.37 -2.58
CA GLU D 288 23.67 -32.84 -3.96
C GLU D 288 24.37 -31.83 -4.86
N LEU D 289 24.26 -30.54 -4.54
CA LEU D 289 24.91 -29.52 -5.36
C LEU D 289 26.40 -29.38 -5.01
N ILE D 290 26.73 -29.40 -3.72
CA ILE D 290 28.11 -29.47 -3.25
C ILE D 290 28.85 -30.68 -3.86
N ASP D 291 28.21 -31.83 -3.87
CA ASP D 291 28.85 -33.03 -4.41
C ASP D 291 29.23 -32.82 -5.88
N ARG D 292 28.35 -32.20 -6.65
CA ARG D 292 28.65 -32.00 -8.05
C ARG D 292 29.64 -30.88 -8.27
N GLN D 293 29.63 -29.85 -7.42
CA GLN D 293 30.63 -28.80 -7.54
C GLN D 293 32.03 -29.34 -7.24
N ILE D 294 32.15 -30.21 -6.24
CA ILE D 294 33.42 -30.84 -5.93
C ILE D 294 33.86 -31.89 -6.97
N THR D 295 32.90 -32.60 -7.55
CA THR D 295 33.23 -33.49 -8.66
C THR D 295 33.72 -32.71 -9.87
N THR D 296 33.15 -31.53 -10.08
CA THR D 296 33.54 -30.70 -11.20
C THR D 296 34.97 -30.19 -11.00
N LEU D 297 35.33 -29.90 -9.75
CA LEU D 297 36.70 -29.54 -9.44
C LEU D 297 37.66 -30.69 -9.73
N GLU D 298 37.25 -31.91 -9.40
CA GLU D 298 38.10 -33.07 -9.62
C GLU D 298 38.39 -33.25 -11.10
N THR D 299 37.39 -32.99 -11.93
CA THR D 299 37.56 -33.14 -13.38
C THR D 299 38.55 -32.07 -13.89
N LEU D 300 38.41 -30.87 -13.39
CA LEU D 300 39.37 -29.81 -13.70
C LEU D 300 40.81 -30.15 -13.32
N LEU D 301 41.03 -30.68 -12.12
CA LEU D 301 42.36 -31.15 -11.72
C LEU D 301 42.87 -32.29 -12.67
N THR D 302 41.98 -33.16 -13.08
CA THR D 302 42.37 -34.23 -14.00
C THR D 302 42.84 -33.63 -15.32
N ASP D 303 42.08 -32.66 -15.82
CA ASP D 303 42.38 -32.04 -17.11
C ASP D 303 43.61 -31.13 -17.02
N TRP D 304 43.78 -30.50 -15.85
CA TRP D 304 44.93 -29.65 -15.59
C TRP D 304 46.23 -30.45 -15.52
N LYS D 305 46.17 -31.62 -14.90
CA LYS D 305 47.31 -32.55 -14.88
C LYS D 305 47.71 -32.97 -16.28
N VAL D 306 46.72 -33.22 -17.13
CA VAL D 306 46.98 -33.56 -18.52
C VAL D 306 47.67 -32.42 -19.24
N LEU D 307 47.24 -31.18 -19.00
CA LEU D 307 47.87 -30.03 -19.62
C LEU D 307 49.32 -29.91 -19.14
N ASN D 308 49.50 -29.97 -17.83
CA ASN D 308 50.82 -29.79 -17.23
C ASN D 308 51.81 -30.85 -17.72
N ASN D 309 51.37 -32.11 -17.83
CA ASN D 309 52.24 -33.17 -18.30
C ASN D 309 52.71 -32.92 -19.74
N ASN D 310 51.80 -32.45 -20.59
CA ASN D 310 52.17 -32.16 -21.99
C ASN D 310 53.11 -30.96 -22.08
N MET D 311 52.88 -29.95 -21.24
CA MET D 311 53.82 -28.85 -21.14
C MET D 311 55.21 -29.32 -20.74
N ILE D 312 55.29 -30.24 -19.79
CA ILE D 312 56.58 -30.74 -19.31
C ILE D 312 57.27 -31.59 -20.39
N GLN D 313 56.49 -32.33 -21.17
CA GLN D 313 57.05 -33.13 -22.24
C GLN D 313 57.61 -32.25 -23.34
N ILE D 314 56.98 -31.11 -23.57
CA ILE D 314 57.47 -30.17 -24.56
C ILE D 314 58.83 -29.63 -24.12
N GLN D 315 58.93 -29.31 -22.83
CA GLN D 315 60.17 -28.85 -22.20
C GLN D 315 61.30 -29.90 -22.26
N LYS D 316 60.98 -31.15 -21.93
CA LYS D 316 61.95 -32.24 -22.05
C LYS D 316 62.49 -32.31 -23.47
N ASN D 317 61.60 -32.17 -24.43
CA ASN D 317 61.94 -32.42 -25.82
C ASN D 317 62.83 -31.31 -26.37
N VAL D 318 62.57 -30.07 -25.93
CA VAL D 318 63.45 -28.97 -26.27
C VAL D 318 64.84 -29.21 -25.69
N GLU D 319 64.90 -29.49 -24.39
CA GLU D 319 66.17 -29.58 -23.67
C GLU D 319 67.04 -30.71 -24.24
N GLU D 320 66.38 -31.72 -24.79
CA GLU D 320 67.08 -32.87 -25.37
C GLU D 320 67.44 -32.64 -26.85
N GLY D 321 66.87 -31.60 -27.44
CA GLY D 321 67.24 -31.18 -28.80
C GLY D 321 66.51 -31.94 -29.90
N THR D 322 65.26 -32.29 -29.65
CA THR D 322 64.49 -33.00 -30.66
C THR D 322 63.64 -32.06 -31.53
N TYR D 323 63.50 -30.81 -31.12
CA TYR D 323 62.80 -29.82 -31.95
C TYR D 323 63.78 -29.23 -32.95
N THR D 324 64.27 -30.06 -33.85
CA THR D 324 65.20 -29.61 -34.87
C THR D 324 64.47 -28.80 -35.94
N ASP D 325 63.14 -28.86 -35.91
CA ASP D 325 62.31 -28.00 -36.76
C ASP D 325 61.56 -27.01 -35.89
N SER D 326 62.01 -25.76 -35.87
CA SER D 326 61.60 -24.83 -34.84
C SER D 326 60.16 -24.39 -35.02
N SER D 327 59.65 -24.54 -36.25
CA SER D 327 58.27 -24.22 -36.55
C SER D 327 57.29 -25.11 -35.80
N LEU D 328 57.68 -26.37 -35.59
CA LEU D 328 56.83 -27.30 -34.86
C LEU D 328 56.71 -26.86 -33.39
N LEU D 329 57.80 -26.35 -32.82
CA LEU D 329 57.74 -25.82 -31.46
C LEU D 329 56.84 -24.60 -31.41
N GLN D 330 56.87 -23.79 -32.48
CA GLN D 330 55.98 -22.64 -32.55
C GLN D 330 54.53 -23.07 -32.61
N LYS D 331 54.27 -24.15 -33.35
CA LYS D 331 52.93 -24.72 -33.43
C LYS D 331 52.44 -25.24 -32.08
N HIS D 332 53.31 -25.94 -31.37
CA HIS D 332 52.99 -26.46 -30.06
C HIS D 332 52.88 -25.35 -29.01
N PHE D 333 53.65 -24.28 -29.19
CA PHE D 333 53.58 -23.19 -28.25
C PHE D 333 52.26 -22.43 -28.33
N ASN D 334 51.73 -22.24 -29.54
CA ASN D 334 50.50 -21.52 -29.60
C ASN D 334 49.25 -22.40 -29.54
N GLN D 335 49.46 -23.71 -29.47
CA GLN D 335 48.45 -24.60 -28.88
C GLN D 335 48.24 -24.24 -27.41
N ILE D 336 49.32 -23.88 -26.71
CA ILE D 336 49.22 -23.52 -25.29
C ILE D 336 48.55 -22.15 -25.18
N LYS D 337 48.84 -21.26 -26.13
CA LYS D 337 48.18 -19.98 -26.19
C LYS D 337 46.65 -20.13 -26.27
N LYS D 338 46.17 -21.07 -27.09
CA LYS D 338 44.73 -21.29 -27.24
C LYS D 338 44.10 -21.73 -25.92
N VAL D 339 44.80 -22.60 -25.17
CA VAL D 339 44.28 -23.05 -23.88
C VAL D 339 44.24 -21.86 -22.90
N SER D 340 45.28 -21.03 -22.95
CA SER D 340 45.35 -19.85 -22.10
C SER D 340 44.21 -18.86 -22.39
N ASP D 341 43.98 -18.55 -23.67
CA ASP D 341 42.89 -17.63 -24.03
C ASP D 341 41.58 -18.12 -23.44
N GLU D 342 41.31 -19.39 -23.67
CA GLU D 342 40.07 -20.01 -23.26
C GLU D 342 39.97 -20.06 -21.73
N MET D 343 41.11 -20.25 -21.06
CA MET D 343 41.18 -20.13 -19.61
C MET D 343 40.85 -18.70 -19.19
N ASN D 344 41.38 -17.73 -19.92
CA ASN D 344 41.07 -16.32 -19.59
C ASN D 344 39.58 -16.04 -19.72
N LYS D 345 38.97 -16.58 -20.77
CA LYS D 345 37.55 -16.44 -21.02
C LYS D 345 36.71 -16.99 -19.87
N GLN D 346 36.94 -18.26 -19.54
CA GLN D 346 36.14 -18.95 -18.55
C GLN D 346 36.36 -18.48 -17.12
N THR D 347 37.56 -18.00 -16.82
CA THR D 347 37.79 -17.43 -15.50
C THR D 347 37.02 -16.13 -15.34
N ASN D 348 36.86 -15.40 -16.46
CA ASN D 348 36.09 -14.17 -16.44
C ASN D 348 34.59 -14.41 -16.34
N GLN D 349 34.12 -15.50 -16.93
CA GLN D 349 32.77 -15.98 -16.66
C GLN D 349 32.56 -16.39 -15.20
N PHE D 350 33.43 -17.25 -14.66
CA PHE D 350 33.29 -17.61 -13.26
C PHE D 350 33.10 -16.29 -12.50
N GLU D 351 33.98 -15.34 -12.76
CA GLU D 351 33.95 -14.08 -12.03
C GLU D 351 32.60 -13.38 -12.18
N ASP D 352 32.08 -13.36 -13.40
CA ASP D 352 30.78 -12.76 -13.66
C ASP D 352 29.67 -13.47 -12.91
N TYR D 353 29.56 -14.78 -13.16
CA TYR D 353 28.56 -15.61 -12.53
C TYR D 353 28.44 -15.31 -11.03
N VAL D 354 29.57 -15.13 -10.34
CA VAL D 354 29.54 -15.08 -8.88
C VAL D 354 29.49 -13.66 -8.34
N THR D 355 29.77 -12.67 -9.19
CA THR D 355 29.81 -11.27 -8.74
C THR D 355 28.52 -10.53 -9.10
N ASN D 356 27.83 -11.01 -10.14
CA ASN D 356 26.72 -10.27 -10.74
C ASN D 356 25.40 -11.01 -10.67
N VAL D 357 25.42 -12.25 -10.20
CA VAL D 357 24.20 -13.04 -10.04
C VAL D 357 23.81 -13.10 -8.58
N GLU D 358 23.21 -12.02 -8.09
CA GLU D 358 22.99 -11.86 -6.67
C GLU D 358 21.94 -12.83 -6.14
N VAL D 359 22.15 -13.26 -4.92
CA VAL D 359 21.19 -14.09 -4.20
C VAL D 359 20.88 -13.39 -2.89
N HIS D 360 19.59 -13.22 -2.59
CA HIS D 360 19.17 -12.50 -1.40
C HIS D 360 18.03 -13.22 -0.71
N ASN E 19 28.21 1.38 53.23
CA ASN E 19 28.98 1.47 51.95
C ASN E 19 28.14 1.78 50.70
N THR E 20 26.96 2.36 50.91
CA THR E 20 26.16 2.85 49.78
C THR E 20 26.94 3.84 48.90
N LEU E 21 27.88 4.59 49.48
CA LEU E 21 28.72 5.49 48.70
C LEU E 21 30.10 4.90 48.36
N SER E 22 30.30 3.63 48.71
CA SER E 22 31.54 2.93 48.40
C SER E 22 32.71 3.72 48.97
N ASN E 23 33.80 3.84 48.21
CA ASN E 23 34.94 4.59 48.67
C ASN E 23 35.30 5.78 47.76
N SER E 24 34.36 6.23 46.94
CA SER E 24 34.66 7.21 45.90
C SER E 24 35.22 8.51 46.47
N ILE E 25 34.69 8.95 47.61
CA ILE E 25 35.09 10.25 48.17
C ILE E 25 36.55 10.18 48.63
N ARG E 26 36.92 9.10 49.32
CA ARG E 26 38.31 8.92 49.73
C ARG E 26 39.22 8.88 48.51
N MET E 27 38.80 8.18 47.46
CA MET E 27 39.62 8.00 46.25
C MET E 27 39.82 9.30 45.46
N LEU E 28 38.77 10.08 45.32
CA LEU E 28 38.90 11.44 44.78
C LEU E 28 39.99 12.23 45.50
N GLY E 29 40.07 12.07 46.83
CA GLY E 29 41.15 12.65 47.60
C GLY E 29 42.53 12.09 47.28
N SER E 30 42.64 10.75 47.27
CA SER E 30 43.93 10.10 47.15
C SER E 30 44.48 10.17 45.72
N GLN E 31 43.61 10.44 44.76
CA GLN E 31 44.04 10.68 43.38
C GLN E 31 44.62 12.07 43.15
N SER E 32 44.26 13.02 44.02
CA SER E 32 44.53 14.44 43.77
C SER E 32 46.02 14.77 43.72
N PRO E 33 46.80 14.31 44.71
CA PRO E 33 48.22 14.67 44.70
C PRO E 33 49.00 14.19 43.47
N LEU E 34 48.72 12.97 42.97
CA LEU E 34 49.43 12.50 41.78
C LEU E 34 49.09 13.34 40.56
N ILE E 35 47.81 13.64 40.41
CA ILE E 35 47.36 14.50 39.35
C ILE E 35 48.05 15.86 39.44
N GLN E 36 48.25 16.35 40.66
CA GLN E 36 48.97 17.61 40.85
C GLN E 36 50.43 17.40 40.45
N ALA E 37 50.96 16.21 40.72
CA ALA E 37 52.37 15.94 40.48
C ALA E 37 52.68 15.89 39.00
N TYR E 38 51.97 15.03 38.26
CA TYR E 38 52.11 14.94 36.82
C TYR E 38 51.73 16.26 36.12
N GLY E 39 50.85 17.02 36.74
CA GLY E 39 50.55 18.39 36.26
C GLY E 39 51.80 19.25 36.28
N LEU E 40 52.49 19.25 37.41
CA LEU E 40 53.66 20.10 37.65
C LEU E 40 54.82 19.75 36.73
N VAL E 41 54.93 18.46 36.40
CA VAL E 41 55.96 17.97 35.49
C VAL E 41 55.75 18.56 34.11
N ILE E 42 54.51 18.58 33.65
CA ILE E 42 54.18 19.20 32.36
C ILE E 42 54.52 20.70 32.39
N LEU E 43 54.24 21.38 33.50
CA LEU E 43 54.48 22.83 33.57
C LEU E 43 55.97 23.16 33.56
N GLN E 44 56.79 22.32 34.20
CA GLN E 44 58.21 22.59 34.35
C GLN E 44 59.07 22.10 33.18
N GLN E 45 58.58 21.14 32.41
CA GLN E 45 59.31 20.68 31.24
C GLN E 45 59.49 21.85 30.29
N PRO E 46 60.74 22.11 29.89
CA PRO E 46 61.03 23.32 29.14
C PRO E 46 60.39 23.33 27.74
N ASP E 47 60.01 24.53 27.30
CA ASP E 47 59.59 24.75 25.92
C ASP E 47 60.72 24.37 24.97
N ILE E 48 60.42 23.56 23.95
CA ILE E 48 61.43 23.22 22.96
C ILE E 48 60.84 23.19 21.56
N LYS E 49 61.58 23.72 20.59
CA LYS E 49 61.21 23.55 19.19
C LYS E 49 62.00 22.39 18.60
N VAL E 50 61.33 21.54 17.83
CA VAL E 50 61.99 20.43 17.16
C VAL E 50 61.63 20.40 15.67
N ASN E 51 62.65 20.34 14.80
CA ASN E 51 62.45 20.43 13.36
C ASN E 51 61.66 19.25 12.82
N ALA E 52 61.71 18.13 13.53
CA ALA E 52 61.06 16.90 13.06
C ALA E 52 59.57 16.87 13.40
N MET E 53 59.09 17.87 14.13
CA MET E 53 57.70 17.96 14.57
C MET E 53 57.38 19.41 14.94
N SER E 54 57.18 20.24 13.93
CA SER E 54 56.98 21.67 14.14
C SER E 54 55.73 21.93 14.96
N SER E 55 54.84 20.94 15.02
CA SER E 55 53.62 21.08 15.82
C SER E 55 53.83 20.90 17.33
N LEU E 56 55.01 20.45 17.75
CA LEU E 56 55.21 20.10 19.15
C LEU E 56 55.09 21.32 20.08
N THR E 57 55.71 22.42 19.68
CA THR E 57 55.56 23.67 20.42
C THR E 57 54.10 23.95 20.77
N ASN E 58 53.20 23.82 19.79
CA ASN E 58 51.79 24.11 20.00
C ASN E 58 51.07 23.08 20.87
N HIS E 59 51.30 21.80 20.60
CA HIS E 59 50.74 20.75 21.44
C HIS E 59 51.14 20.95 22.90
N GLN E 60 52.41 21.31 23.11
CA GLN E 60 52.93 21.51 24.46
C GLN E 60 52.31 22.71 25.15
N LYS E 61 52.03 23.75 24.37
CA LYS E 61 51.39 24.95 24.91
C LYS E 61 49.98 24.63 25.37
N PHE E 62 49.25 23.85 24.57
CA PHE E 62 47.91 23.41 24.97
C PHE E 62 47.99 22.65 26.30
N ALA E 63 48.90 21.68 26.37
CA ALA E 63 49.01 20.84 27.56
C ALA E 63 49.25 21.66 28.82
N LYS E 64 50.14 22.64 28.75
CA LYS E 64 50.39 23.53 29.89
C LYS E 64 49.17 24.37 30.26
N ALA E 65 48.50 24.88 29.23
CA ALA E 65 47.21 25.54 29.40
C ALA E 65 46.18 24.64 30.08
N ASN E 66 46.10 23.39 29.62
CA ASN E 66 45.13 22.45 30.17
C ASN E 66 45.40 22.18 31.65
N VAL E 67 46.67 22.11 32.03
CA VAL E 67 47.02 21.89 33.43
C VAL E 67 46.67 23.11 34.30
N ARG E 68 46.87 24.31 33.75
CA ARG E 68 46.55 25.52 34.53
C ARG E 68 45.05 25.73 34.72
N GLU E 69 44.25 25.36 33.71
CA GLU E 69 42.80 25.30 33.82
C GLU E 69 42.34 24.37 34.92
N TRP E 70 42.92 23.17 34.96
CA TRP E 70 42.59 22.22 36.03
C TRP E 70 42.90 22.85 37.39
N ILE E 71 44.08 23.42 37.51
CA ILE E 71 44.52 24.00 38.78
C ILE E 71 43.61 25.18 39.16
N ASP E 72 43.27 26.00 38.17
CA ASP E 72 42.58 27.26 38.44
C ASP E 72 41.06 27.11 38.57
N GLU E 73 40.47 26.26 37.74
CA GLU E 73 39.01 26.26 37.58
C GLU E 73 38.40 24.97 38.09
N TYR E 74 38.93 23.82 37.67
CA TYR E 74 38.18 22.59 37.81
C TYR E 74 38.45 21.88 39.13
N ASN E 75 39.71 21.80 39.55
CA ASN E 75 40.02 21.12 40.81
C ASN E 75 39.41 21.80 42.04
N PRO E 76 39.37 23.15 42.06
CA PRO E 76 38.72 23.80 43.19
C PRO E 76 37.26 23.39 43.33
N LYS E 77 36.64 22.99 42.23
CA LYS E 77 35.27 22.44 42.29
C LYS E 77 35.20 21.18 43.15
N LEU E 78 36.21 20.32 43.03
CA LEU E 78 36.20 19.03 43.76
C LEU E 78 36.40 19.31 45.24
N ILE E 79 37.26 20.28 45.53
CA ILE E 79 37.52 20.70 46.90
C ILE E 79 36.23 21.21 47.56
N ASP E 80 35.44 21.98 46.82
CA ASP E 80 34.26 22.62 47.40
C ASP E 80 33.18 21.58 47.60
N LEU E 81 33.05 20.70 46.63
CA LEU E 81 32.13 19.59 46.77
C LEU E 81 32.41 18.78 48.03
N ASN E 82 33.66 18.48 48.28
CA ASN E 82 34.00 17.71 49.47
C ASN E 82 33.57 18.48 50.73
N GLN E 83 33.84 19.77 50.73
CA GLN E 83 33.52 20.61 51.89
C GLN E 83 32.01 20.56 52.16
N GLU E 84 31.24 20.56 51.08
CA GLU E 84 29.77 20.62 51.19
C GLU E 84 29.23 19.32 51.79
N MET E 85 29.68 18.20 51.24
CA MET E 85 29.41 16.90 51.81
C MET E 85 29.85 16.81 53.26
N MET E 86 30.96 17.46 53.60
CA MET E 86 31.43 17.44 54.99
C MET E 86 30.48 18.20 55.89
N ARG E 87 30.07 19.39 55.46
CA ARG E 87 29.16 20.22 56.24
C ARG E 87 27.85 19.47 56.46
N TYR E 88 27.36 18.81 55.42
CA TYR E 88 26.13 18.05 55.54
C TYR E 88 26.25 16.96 56.62
N SER E 89 27.40 16.29 56.67
CA SER E 89 27.57 15.20 57.63
C SER E 89 27.66 15.75 59.05
N ILE E 90 28.24 16.93 59.19
CA ILE E 90 28.29 17.60 60.49
C ILE E 90 26.89 18.02 60.92
N ARG E 91 26.11 18.58 60.01
CA ARG E 91 24.74 18.97 60.31
C ARG E 91 23.82 17.79 60.63
N PHE E 92 23.96 16.70 59.90
CA PHE E 92 23.13 15.54 60.16
C PHE E 92 23.41 15.01 61.55
N ASN E 93 24.68 14.69 61.81
CA ASN E 93 25.08 14.16 63.11
C ASN E 93 24.53 15.04 64.21
N SER E 94 24.43 16.33 63.92
CA SER E 94 24.09 17.33 64.92
C SER E 94 22.59 17.31 65.22
N TYR E 95 21.77 17.38 64.19
CA TYR E 95 20.33 17.27 64.34
C TYR E 95 19.84 15.84 64.60
N TYR E 96 20.76 14.87 64.61
CA TYR E 96 20.35 13.47 64.65
C TYR E 96 19.42 13.13 65.82
N SER E 97 19.85 13.46 67.03
CA SER E 97 19.08 13.12 68.25
C SER E 97 17.65 13.60 68.11
N LYS E 98 17.50 14.86 67.69
CA LYS E 98 16.22 15.52 67.66
C LYS E 98 15.30 14.86 66.64
N LEU E 99 15.84 14.50 65.47
CA LEU E 99 15.05 13.91 64.39
C LEU E 99 14.71 12.44 64.65
N TYR E 100 15.60 11.75 65.35
CA TYR E 100 15.33 10.38 65.74
C TYR E 100 14.13 10.33 66.70
N GLU E 101 14.00 11.37 67.51
CA GLU E 101 12.88 11.50 68.45
C GLU E 101 11.59 11.87 67.74
N LEU E 102 11.68 12.78 66.77
CA LEU E 102 10.52 13.16 65.98
C LEU E 102 10.03 11.94 65.20
N ALA E 103 10.95 11.23 64.56
CA ALA E 103 10.66 9.94 63.96
C ALA E 103 9.71 9.11 64.82
N GLY E 104 10.15 8.75 66.02
CA GLY E 104 9.48 7.74 66.82
C GLY E 104 8.16 8.21 67.43
N ASN E 105 7.97 9.52 67.49
CA ASN E 105 6.72 10.10 67.99
C ASN E 105 5.85 10.57 66.84
N ILE E 106 6.20 10.13 65.63
CA ILE E 106 5.54 10.57 64.41
C ILE E 106 4.02 10.52 64.57
N ASN E 107 3.55 10.00 65.70
CA ASN E 107 2.12 9.87 65.96
C ASN E 107 1.73 10.59 67.25
N GLN E 111 -0.05 16.72 64.35
CA GLN E 111 1.17 17.50 64.18
C GLN E 111 2.36 16.55 64.11
N SER E 112 2.68 15.94 65.25
CA SER E 112 3.83 15.05 65.34
C SER E 112 4.34 14.76 63.93
N LYS E 113 3.43 14.32 63.06
CA LYS E 113 3.74 14.11 61.65
C LYS E 113 4.41 15.35 61.06
N ALA E 114 3.78 16.51 61.25
CA ALA E 114 4.18 17.72 60.54
C ALA E 114 5.52 18.24 61.02
N ASP E 115 5.87 17.93 62.26
CA ASP E 115 7.11 18.41 62.85
C ASP E 115 8.31 17.67 62.28
N PHE E 116 8.15 16.37 62.02
CA PHE E 116 9.21 15.57 61.45
C PHE E 116 9.48 15.97 60.00
N THR E 117 8.41 15.94 59.20
CA THR E 117 8.49 16.32 57.80
C THR E 117 9.22 17.63 57.60
N ASN E 118 9.06 18.54 58.55
CA ASN E 118 9.56 19.90 58.39
C ASN E 118 11.08 19.93 58.52
N ALA E 119 11.59 19.33 59.59
CA ALA E 119 13.03 19.29 59.82
C ALA E 119 13.69 18.36 58.81
N TYR E 120 13.13 17.16 58.66
CA TYR E 120 13.59 16.21 57.66
C TYR E 120 13.62 16.82 56.27
N GLY E 121 12.58 17.59 55.94
CA GLY E 121 12.56 18.33 54.67
C GLY E 121 13.81 19.15 54.47
N LYS E 122 14.27 19.79 55.53
CA LYS E 122 15.46 20.63 55.46
C LYS E 122 16.70 19.82 55.07
N LEU E 123 16.78 18.56 55.52
CA LEU E 123 17.94 17.71 55.25
C LEU E 123 17.91 17.10 53.85
N GLN E 124 16.72 16.73 53.38
CA GLN E 124 16.59 16.25 52.01
C GLN E 124 17.00 17.36 51.04
N LEU E 125 16.56 18.58 51.31
CA LEU E 125 16.88 19.69 50.42
C LEU E 125 18.39 19.86 50.29
N GLN E 126 19.12 19.56 51.36
CA GLN E 126 20.58 19.65 51.36
C GLN E 126 21.18 18.55 50.49
N VAL E 127 20.66 17.34 50.62
CA VAL E 127 21.12 16.24 49.81
C VAL E 127 20.84 16.53 48.34
N GLN E 128 19.74 17.24 48.11
CA GLN E 128 19.31 17.62 46.77
C GLN E 128 20.31 18.62 46.19
N SER E 129 20.58 19.67 46.96
CA SER E 129 21.43 20.75 46.49
C SER E 129 22.83 20.22 46.19
N ILE E 130 23.28 19.24 46.97
CA ILE E 130 24.54 18.58 46.69
C ILE E 130 24.49 17.75 45.40
N GLN E 131 23.36 17.08 45.15
CA GLN E 131 23.19 16.34 43.90
C GLN E 131 23.26 17.27 42.69
N GLU E 132 22.63 18.44 42.81
CA GLU E 132 22.57 19.37 41.69
C GLU E 132 23.93 20.01 41.41
N ASN E 133 24.71 20.25 42.47
CA ASN E 133 26.06 20.79 42.31
C ASN E 133 26.99 19.77 41.66
N MET E 134 26.84 18.50 42.07
CA MET E 134 27.61 17.39 41.52
C MET E 134 27.34 17.22 40.03
N GLU E 135 26.06 17.27 39.67
CA GLU E 135 25.65 17.13 38.28
C GLU E 135 26.24 18.24 37.44
N GLN E 136 26.27 19.46 37.99
CA GLN E 136 26.74 20.62 37.26
C GLN E 136 28.25 20.59 37.10
N ASP E 137 28.94 20.16 38.15
CA ASP E 137 30.38 20.01 38.09
C ASP E 137 30.78 18.90 37.10
N LEU E 138 29.99 17.86 37.01
CA LEU E 138 30.31 16.80 36.06
C LEU E 138 30.13 17.26 34.61
N LEU E 139 29.04 17.95 34.32
CA LEU E 139 28.88 18.59 33.01
C LEU E 139 30.11 19.43 32.65
N GLU E 140 30.55 20.26 33.59
CA GLU E 140 31.71 21.12 33.36
C GLU E 140 33.01 20.33 33.17
N LEU E 141 33.30 19.42 34.09
CA LEU E 141 34.49 18.59 34.03
C LEU E 141 34.53 17.75 32.76
N ASN E 142 33.36 17.33 32.29
CA ASN E 142 33.31 16.54 31.06
C ASN E 142 33.61 17.34 29.78
N ARG E 143 33.45 18.67 29.85
CA ARG E 143 33.90 19.53 28.76
C ARG E 143 35.43 19.61 28.69
N PHE E 144 36.07 19.82 29.84
CA PHE E 144 37.52 19.78 29.93
C PHE E 144 38.05 18.40 29.49
N LYS E 145 37.48 17.34 30.05
CA LYS E 145 37.84 15.97 29.64
C LYS E 145 37.82 15.81 28.13
N THR E 146 36.72 16.23 27.51
CA THR E 146 36.51 16.08 26.08
C THR E 146 37.65 16.70 25.28
N VAL E 147 38.04 17.92 25.66
CA VAL E 147 39.14 18.63 25.02
C VAL E 147 40.46 17.94 25.33
N LEU E 148 40.70 17.70 26.61
CA LEU E 148 41.95 17.11 27.06
C LEU E 148 42.16 15.75 26.36
N ASP E 149 41.14 14.90 26.35
CA ASP E 149 41.30 13.56 25.76
C ASP E 149 41.70 13.69 24.31
N LYS E 150 41.01 14.58 23.60
CA LYS E 150 41.32 14.83 22.20
C LYS E 150 42.70 15.42 21.98
N ASP E 151 43.06 16.46 22.75
CA ASP E 151 44.41 17.01 22.62
C ASP E 151 45.46 15.88 22.74
N SER E 152 45.31 15.04 23.75
CA SER E 152 46.30 14.01 24.05
C SER E 152 46.41 13.02 22.90
N ASN E 153 45.27 12.69 22.33
CA ASN E 153 45.24 11.71 21.25
C ASN E 153 45.80 12.29 19.95
N ASN E 154 45.58 13.58 19.72
CA ASN E 154 46.19 14.24 18.58
C ASN E 154 47.70 14.18 18.70
N LEU E 155 48.19 14.58 19.87
CA LEU E 155 49.62 14.63 20.13
C LEU E 155 50.27 13.25 19.98
N SER E 156 49.61 12.23 20.52
CA SER E 156 50.18 10.89 20.48
C SER E 156 50.33 10.42 19.04
N ILE E 157 49.27 10.65 18.28
CA ILE E 157 49.22 10.25 16.88
C ILE E 157 50.32 10.96 16.09
N LYS E 158 50.53 12.24 16.37
CA LYS E 158 51.53 13.00 15.63
C LYS E 158 52.96 12.72 16.12
N ALA E 159 53.12 12.44 17.42
CA ALA E 159 54.40 11.94 17.91
C ALA E 159 54.78 10.62 17.23
N ASP E 160 53.86 9.66 17.21
CA ASP E 160 54.14 8.38 16.58
C ASP E 160 54.66 8.61 15.17
N GLU E 161 53.94 9.43 14.40
CA GLU E 161 54.29 9.64 13.00
C GLU E 161 55.66 10.31 12.85
N ALA E 162 55.95 11.26 13.73
CA ALA E 162 57.19 12.04 13.60
C ALA E 162 58.41 11.22 13.99
N ILE E 163 58.26 10.39 15.01
CA ILE E 163 59.32 9.48 15.42
C ILE E 163 59.62 8.46 14.30
N LYS E 164 58.56 7.97 13.64
CA LYS E 164 58.75 6.99 12.57
C LYS E 164 59.49 7.61 11.38
N THR E 165 59.18 8.87 11.11
CA THR E 165 59.89 9.63 10.08
C THR E 165 61.35 9.88 10.46
N LEU E 166 61.61 10.20 11.72
CA LEU E 166 62.97 10.43 12.19
C LEU E 166 63.85 9.20 12.05
N GLN E 167 63.27 8.04 12.36
CA GLN E 167 64.06 6.82 12.40
C GLN E 167 64.61 6.48 11.00
N GLY E 168 65.93 6.46 10.88
CA GLY E 168 66.59 6.22 9.60
C GLY E 168 68.07 5.94 9.72
N ASP E 172 64.95 0.67 16.58
CA ASP E 172 66.08 1.42 17.11
C ASP E 172 65.58 2.52 18.04
N ILE E 173 65.31 3.69 17.46
CA ILE E 173 64.78 4.84 18.18
C ILE E 173 63.33 4.61 18.65
N VAL E 174 62.53 3.96 17.81
CA VAL E 174 61.17 3.57 18.20
C VAL E 174 61.21 2.68 19.44
N LYS E 175 62.03 1.63 19.41
CA LYS E 175 62.16 0.71 20.55
C LYS E 175 62.53 1.44 21.85
N LEU E 176 63.52 2.32 21.77
CA LEU E 176 64.07 2.97 22.95
C LEU E 176 62.98 3.83 23.57
N ARG E 177 62.22 4.49 22.72
CA ARG E 177 61.10 5.32 23.18
C ARG E 177 60.04 4.49 23.89
N GLU E 178 59.70 3.33 23.32
CA GLU E 178 58.68 2.47 23.94
C GLU E 178 59.17 1.96 25.29
N ASP E 179 60.46 1.60 25.37
CA ASP E 179 61.07 1.17 26.61
C ASP E 179 60.92 2.23 27.67
N ILE E 180 61.27 3.45 27.30
CA ILE E 180 61.12 4.59 28.19
C ILE E 180 59.68 4.79 28.63
N LYS E 181 58.76 4.80 27.67
CA LYS E 181 57.34 4.94 27.98
C LYS E 181 56.89 3.85 28.93
N ARG E 182 57.36 2.63 28.68
CA ARG E 182 56.96 1.49 29.47
C ARG E 182 57.32 1.70 30.93
N ILE E 183 58.55 2.17 31.17
CA ILE E 183 59.03 2.25 32.54
C ILE E 183 58.32 3.42 33.24
N GLN E 184 57.95 4.45 32.47
CA GLN E 184 57.21 5.57 33.06
C GLN E 184 55.83 5.09 33.46
N GLY E 185 55.31 4.13 32.70
CA GLY E 185 54.00 3.59 33.01
C GLY E 185 54.06 2.83 34.31
N GLU E 186 55.13 2.05 34.47
CA GLU E 186 55.29 1.21 35.65
C GLU E 186 55.51 2.09 36.89
N ILE E 187 56.20 3.21 36.71
CA ILE E 187 56.33 4.22 37.77
C ILE E 187 54.99 4.86 38.13
N GLN E 188 54.21 5.23 37.13
CA GLN E 188 52.87 5.73 37.39
C GLN E 188 52.03 4.72 38.22
N ALA E 189 52.10 3.45 37.84
CA ALA E 189 51.29 2.43 38.49
C ALA E 189 51.72 2.18 39.93
N GLU E 190 53.01 2.31 40.21
CA GLU E 190 53.48 2.13 41.58
C GLU E 190 53.04 3.29 42.47
N LEU E 191 53.11 4.50 41.94
CA LEU E 191 52.72 5.67 42.70
C LEU E 191 51.25 5.57 43.03
N THR E 192 50.47 5.12 42.05
CA THR E 192 49.04 4.96 42.28
C THR E 192 48.76 3.90 43.36
N THR E 193 49.53 2.81 43.36
CA THR E 193 49.49 1.81 44.45
C THR E 193 49.77 2.46 45.81
N ILE E 194 50.82 3.27 45.89
CA ILE E 194 51.16 3.90 47.16
C ILE E 194 50.01 4.74 47.66
N LEU E 195 49.44 5.58 46.80
CA LEU E 195 48.47 6.58 47.24
C LEU E 195 47.15 5.93 47.63
N ASN E 196 46.90 4.73 47.09
CA ASN E 196 45.68 3.99 47.40
C ASN E 196 45.76 3.10 48.64
N ARG E 197 46.95 2.88 49.17
CA ARG E 197 47.09 2.10 50.40
C ARG E 197 46.47 2.84 51.57
N PRO E 198 45.58 2.16 52.31
CA PRO E 198 45.09 2.63 53.61
C PRO E 198 46.19 3.24 54.47
N GLN E 199 45.99 4.47 54.93
CA GLN E 199 46.89 5.06 55.92
C GLN E 199 46.10 5.63 57.10
N GLU E 200 46.55 5.30 58.30
CA GLU E 200 45.97 5.85 59.52
C GLU E 200 46.45 7.28 59.73
N ILE E 201 47.69 7.54 59.31
CA ILE E 201 48.19 8.90 59.22
C ILE E 201 48.48 9.25 57.76
N ILE E 202 47.78 10.26 57.27
CA ILE E 202 47.84 10.63 55.86
C ILE E 202 48.81 11.80 55.71
N LYS E 203 50.00 11.52 55.18
CA LYS E 203 51.08 12.49 55.26
C LYS E 203 52.24 12.09 54.37
N GLY E 204 52.65 13.00 53.49
CA GLY E 204 53.89 12.82 52.76
C GLY E 204 54.18 14.02 51.88
N SER E 205 55.26 13.93 51.11
CA SER E 205 55.45 14.81 49.97
C SER E 205 56.07 14.08 48.78
N ILE E 206 55.81 14.66 47.61
CA ILE E 206 56.33 14.18 46.34
C ILE E 206 57.00 15.37 45.68
N ASN E 207 58.26 15.22 45.30
CA ASN E 207 59.02 16.34 44.73
C ASN E 207 59.27 16.14 43.25
N ILE E 208 59.14 17.23 42.49
CA ILE E 208 59.40 17.19 41.06
C ILE E 208 60.82 17.65 40.80
N GLY E 209 61.53 16.93 39.94
CA GLY E 209 62.96 17.16 39.73
C GLY E 209 63.34 17.27 38.27
N LYS E 210 64.39 18.04 38.00
CA LYS E 210 64.99 18.09 36.66
C LYS E 210 66.33 17.37 36.57
N GLN E 211 66.51 16.53 35.55
CA GLN E 211 67.78 15.90 35.26
C GLN E 211 68.30 16.25 33.86
N VAL E 212 69.60 16.48 33.74
CA VAL E 212 70.18 17.03 32.52
C VAL E 212 71.09 15.97 31.87
N PHE E 213 70.93 15.80 30.56
CA PHE E 213 71.76 14.88 29.80
C PHE E 213 72.58 15.67 28.79
N THR E 214 73.86 15.34 28.68
CA THR E 214 74.74 15.95 27.71
C THR E 214 74.99 15.02 26.54
N ILE E 215 74.96 15.56 25.33
CA ILE E 215 75.11 14.77 24.11
C ILE E 215 75.98 15.48 23.07
N THR E 216 76.34 14.74 22.02
CA THR E 216 76.97 15.31 20.83
C THR E 216 75.92 15.55 19.74
N LYS E 223 75.58 19.82 23.48
CA LYS E 223 74.21 20.22 23.79
C LYS E 223 73.69 19.47 25.03
N THR E 224 72.73 20.09 25.72
CA THR E 224 72.12 19.45 26.87
C THR E 224 70.61 19.25 26.66
N ILE E 225 70.08 18.22 27.30
CA ILE E 225 68.66 17.89 27.21
C ILE E 225 68.10 17.79 28.61
N ASP E 226 66.93 18.39 28.83
CA ASP E 226 66.34 18.45 30.15
C ASP E 226 65.24 17.41 30.28
N PHE E 227 65.26 16.69 31.39
CA PHE E 227 64.22 15.74 31.69
C PHE E 227 63.63 16.11 33.03
N VAL E 228 62.36 16.47 33.03
CA VAL E 228 61.63 16.67 34.25
C VAL E 228 60.76 15.48 34.56
N SER E 229 60.76 15.04 35.81
CA SER E 229 59.95 13.90 36.21
C SER E 229 59.77 13.91 37.72
N ILE E 230 58.83 13.08 38.17
CA ILE E 230 58.66 12.85 39.58
C ILE E 230 59.95 12.24 40.12
N GLY E 231 60.40 12.78 41.24
CA GLY E 231 61.75 12.51 41.74
C GLY E 231 61.66 11.76 43.05
N THR E 232 61.98 12.45 44.14
CA THR E 232 62.12 11.80 45.42
C THR E 232 60.80 11.78 46.19
N LEU E 233 60.60 10.73 46.95
CA LEU E 233 59.47 10.66 47.84
C LEU E 233 59.95 10.84 49.29
N SER E 234 59.10 11.44 50.12
CA SER E 234 59.49 11.78 51.48
C SER E 234 59.62 10.55 52.35
N ASN E 235 60.11 10.76 53.56
CA ASN E 235 60.50 9.66 54.41
C ASN E 235 59.30 8.85 54.86
N GLU E 236 58.16 9.50 54.99
CA GLU E 236 56.94 8.84 55.43
C GLU E 236 56.53 7.79 54.41
N ILE E 237 56.84 8.02 53.15
CA ILE E 237 56.50 7.08 52.09
C ILE E 237 57.59 6.02 51.97
N VAL E 238 58.82 6.48 51.82
CA VAL E 238 59.96 5.59 51.60
C VAL E 238 60.11 4.61 52.76
N ASN E 239 59.99 5.14 53.97
CA ASN E 239 60.11 4.33 55.18
C ASN E 239 58.77 4.18 55.89
N ALA E 240 57.72 3.91 55.11
CA ALA E 240 56.41 3.65 55.68
C ALA E 240 56.48 2.37 56.50
N ALA E 241 55.64 2.29 57.52
CA ALA E 241 55.47 1.04 58.25
C ALA E 241 54.75 0.03 57.37
N ASP E 242 54.00 0.51 56.40
CA ASP E 242 53.31 -0.37 55.47
C ASP E 242 54.30 -1.06 54.52
N SER E 243 54.27 -2.39 54.53
CA SER E 243 55.18 -3.18 53.70
C SER E 243 55.03 -2.85 52.21
N GLN E 244 53.79 -2.80 51.73
CA GLN E 244 53.52 -2.71 50.31
C GLN E 244 53.88 -1.32 49.79
N THR E 245 53.76 -0.32 50.66
CA THR E 245 54.13 1.04 50.33
C THR E 245 55.62 1.09 50.12
N ARG E 246 56.35 0.44 51.02
CA ARG E 246 57.78 0.62 51.15
C ARG E 246 58.46 -0.05 49.96
N GLU E 247 57.99 -1.24 49.62
CA GLU E 247 58.53 -2.00 48.50
C GLU E 247 58.25 -1.28 47.17
N ALA E 248 57.10 -0.62 47.09
CA ALA E 248 56.72 -0.01 45.84
C ALA E 248 57.53 1.26 45.60
N ALA E 249 57.97 1.89 46.69
CA ALA E 249 58.85 3.07 46.59
C ALA E 249 60.27 2.67 46.21
N LEU E 250 60.70 1.49 46.65
CA LEU E 250 61.99 0.95 46.23
C LEU E 250 62.01 0.63 44.72
N ARG E 251 61.00 -0.10 44.25
CA ARG E 251 60.88 -0.41 42.81
C ARG E 251 60.89 0.88 41.99
N ILE E 252 60.21 1.91 42.47
CA ILE E 252 60.22 3.22 41.81
C ILE E 252 61.64 3.74 41.69
N GLN E 253 62.35 3.76 42.80
CA GLN E 253 63.71 4.30 42.84
C GLN E 253 64.61 3.59 41.85
N GLN E 254 64.44 2.28 41.71
CA GLN E 254 65.26 1.48 40.81
C GLN E 254 64.89 1.82 39.37
N LYS E 255 63.60 2.03 39.13
CA LYS E 255 63.12 2.34 37.80
C LYS E 255 63.60 3.72 37.34
N GLN E 256 63.67 4.66 38.27
CA GLN E 256 64.17 5.99 37.96
C GLN E 256 65.60 5.94 37.45
N LYS E 257 66.38 4.98 37.95
CA LYS E 257 67.75 4.83 37.50
C LYS E 257 67.83 4.04 36.20
N GLU E 258 66.92 3.09 36.01
CA GLU E 258 66.86 2.32 34.77
C GLU E 258 66.67 3.23 33.58
N LEU E 259 65.92 4.31 33.78
CA LEU E 259 65.63 5.23 32.69
C LEU E 259 66.89 5.89 32.13
N LEU E 260 67.91 6.03 32.99
CA LEU E 260 68.97 6.99 32.69
C LEU E 260 69.80 6.57 31.49
N PRO E 261 70.14 5.27 31.40
CA PRO E 261 70.93 4.90 30.25
C PRO E 261 70.12 4.74 28.98
N LEU E 262 68.80 4.60 29.12
CA LEU E 262 67.90 4.66 27.98
C LEU E 262 67.77 6.08 27.42
N ILE E 263 67.64 7.07 28.29
CA ILE E 263 67.51 8.46 27.83
C ILE E 263 68.82 8.95 27.19
N GLN E 264 69.94 8.58 27.80
CA GLN E 264 71.24 8.90 27.23
C GLN E 264 71.36 8.34 25.81
N LYS E 265 71.01 7.06 25.65
CA LYS E 265 71.16 6.37 24.36
C LYS E 265 70.26 6.93 23.26
N LEU E 266 69.01 7.21 23.61
CA LEU E 266 68.06 7.79 22.69
C LEU E 266 68.50 9.20 22.30
N SER E 267 68.99 9.93 23.28
CA SER E 267 69.34 11.32 23.07
C SER E 267 70.56 11.45 22.16
N GLN E 268 71.51 10.53 22.28
CA GLN E 268 72.73 10.64 21.50
C GLN E 268 72.52 10.08 20.10
N THR E 269 71.55 9.19 19.94
CA THR E 269 71.10 8.78 18.59
C THR E 269 70.36 9.91 17.86
N GLU E 270 69.41 10.54 18.55
CA GLU E 270 68.56 11.55 17.95
C GLU E 270 67.93 12.43 19.02
N ALA E 271 68.52 13.62 19.21
CA ALA E 271 68.14 14.48 20.32
C ALA E 271 66.66 14.84 20.27
N GLU E 272 66.13 14.99 19.07
CA GLU E 272 64.77 15.46 18.90
C GLU E 272 63.75 14.38 19.27
N ALA E 273 64.14 13.11 19.14
CA ALA E 273 63.25 12.01 19.52
C ALA E 273 63.06 11.96 21.03
N THR E 274 64.06 12.41 21.76
CA THR E 274 63.94 12.46 23.21
C THR E 274 62.90 13.51 23.60
N GLN E 275 63.00 14.67 22.97
CA GLN E 275 62.19 15.80 23.33
C GLN E 275 60.72 15.53 23.03
N ILE E 276 60.45 15.02 21.85
CA ILE E 276 59.14 14.47 21.55
C ILE E 276 58.68 13.50 22.65
N THR E 277 59.50 12.50 22.93
CA THR E 277 59.13 11.45 23.85
C THR E 277 58.66 11.99 25.22
N PHE E 278 59.46 12.85 25.83
CA PHE E 278 59.07 13.40 27.14
C PHE E 278 57.68 14.01 27.07
N VAL E 279 57.44 14.84 26.07
CA VAL E 279 56.26 15.69 26.10
C VAL E 279 54.99 14.86 25.95
N GLU E 280 55.03 13.83 25.10
CA GLU E 280 53.87 12.99 24.86
C GLU E 280 53.58 12.09 26.05
N ASP E 281 54.61 11.51 26.63
CA ASP E 281 54.45 10.65 27.80
C ASP E 281 53.90 11.45 28.98
N GLN E 282 54.43 12.65 29.17
CA GLN E 282 53.98 13.52 30.27
C GLN E 282 52.49 13.90 30.16
N VAL E 283 52.07 14.29 28.95
CA VAL E 283 50.68 14.66 28.71
C VAL E 283 49.75 13.45 28.80
N SER E 284 50.23 12.31 28.32
CA SER E 284 49.44 11.09 28.38
C SER E 284 49.16 10.61 29.82
N SER E 285 50.16 10.58 30.67
CA SER E 285 49.96 10.20 32.07
C SER E 285 48.94 11.11 32.74
N PHE E 286 49.11 12.43 32.59
CA PHE E 286 48.21 13.41 33.21
C PHE E 286 46.79 13.16 32.75
N THR E 287 46.66 12.85 31.47
CA THR E 287 45.37 12.64 30.88
C THR E 287 44.71 11.39 31.40
N GLU E 288 45.51 10.35 31.60
CA GLU E 288 45.01 9.08 32.13
C GLU E 288 44.47 9.30 33.53
N LEU E 289 45.18 10.10 34.33
CA LEU E 289 44.77 10.31 35.70
C LEU E 289 43.56 11.23 35.82
N ILE E 290 43.48 12.25 34.98
CA ILE E 290 42.28 13.06 34.94
C ILE E 290 41.06 12.22 34.58
N ASP E 291 41.19 11.39 33.55
CA ASP E 291 40.08 10.55 33.11
C ASP E 291 39.54 9.72 34.27
N ARG E 292 40.42 9.06 34.99
CA ARG E 292 40.01 8.20 36.07
C ARG E 292 39.36 8.97 37.23
N GLN E 293 39.80 10.20 37.50
CA GLN E 293 39.22 10.96 38.60
C GLN E 293 37.79 11.40 38.30
N ILE E 294 37.55 11.84 37.07
CA ILE E 294 36.22 12.27 36.67
C ILE E 294 35.24 11.08 36.64
N THR E 295 35.75 9.92 36.24
CA THR E 295 34.97 8.70 36.29
C THR E 295 34.59 8.36 37.72
N THR E 296 35.54 8.52 38.63
CA THR E 296 35.22 8.32 40.05
C THR E 296 34.13 9.27 40.55
N LEU E 297 34.07 10.47 40.00
CA LEU E 297 33.09 11.48 40.44
C LEU E 297 31.71 11.11 39.90
N GLU E 298 31.69 10.54 38.69
CA GLU E 298 30.49 9.98 38.11
C GLU E 298 29.91 8.83 38.94
N THR E 299 30.75 7.86 39.30
CA THR E 299 30.36 6.83 40.26
C THR E 299 29.78 7.43 41.56
N LEU E 300 30.44 8.43 42.12
CA LEU E 300 29.90 9.09 43.32
C LEU E 300 28.49 9.63 43.07
N LEU E 301 28.28 10.24 41.90
CA LEU E 301 26.97 10.77 41.56
C LEU E 301 25.92 9.69 41.50
N THR E 302 26.19 8.64 40.74
CA THR E 302 25.27 7.51 40.67
C THR E 302 24.84 7.06 42.06
N ASP E 303 25.81 6.83 42.94
CA ASP E 303 25.51 6.45 44.31
C ASP E 303 24.82 7.57 45.10
N TRP E 304 25.21 8.81 44.87
CA TRP E 304 24.55 9.90 45.59
C TRP E 304 23.07 9.95 45.22
N LYS E 305 22.78 9.62 43.97
CA LYS E 305 21.40 9.62 43.50
C LYS E 305 20.55 8.59 44.24
N VAL E 306 21.07 7.38 44.39
CA VAL E 306 20.42 6.36 45.22
C VAL E 306 20.08 6.89 46.61
N LEU E 307 21.07 7.43 47.31
CA LEU E 307 20.84 7.98 48.65
C LEU E 307 19.69 8.98 48.64
N ASN E 308 19.65 9.84 47.63
CA ASN E 308 18.65 10.88 47.59
C ASN E 308 17.27 10.34 47.25
N ASN E 309 17.24 9.31 46.40
CA ASN E 309 15.99 8.64 46.10
C ASN E 309 15.41 8.03 47.37
N ASN E 310 16.28 7.43 48.18
CA ASN E 310 15.84 6.70 49.36
C ASN E 310 15.39 7.65 50.46
N MET E 311 15.93 8.86 50.46
CA MET E 311 15.45 9.89 51.36
C MET E 311 14.11 10.46 50.88
N ILE E 312 13.96 10.55 49.55
CA ILE E 312 12.70 11.04 48.97
C ILE E 312 11.59 10.02 49.13
N GLN E 313 11.90 8.75 48.84
CA GLN E 313 10.93 7.68 49.04
C GLN E 313 10.39 7.71 50.47
N ILE E 314 11.29 7.68 51.44
CA ILE E 314 10.91 7.80 52.84
C ILE E 314 9.96 8.97 53.03
N GLN E 315 10.30 10.09 52.39
CA GLN E 315 9.54 11.33 52.53
C GLN E 315 8.11 11.15 52.00
N LYS E 316 8.00 10.47 50.87
CA LYS E 316 6.70 10.11 50.32
C LYS E 316 5.85 9.42 51.38
N ASN E 317 6.44 8.44 52.06
CA ASN E 317 5.65 7.56 52.93
C ASN E 317 5.05 8.31 54.13
N VAL E 318 5.63 9.44 54.50
CA VAL E 318 4.95 10.40 55.38
C VAL E 318 3.88 11.17 54.61
N GLU E 319 2.67 10.62 54.58
CA GLU E 319 1.71 10.94 53.53
N ASP E 325 3.65 2.22 61.78
CA ASP E 325 4.35 2.08 63.06
C ASP E 325 5.78 2.62 62.98
N SER E 326 6.11 3.50 63.93
CA SER E 326 7.17 4.48 63.75
C SER E 326 8.57 3.86 63.83
N SER E 327 8.68 2.71 64.48
CA SER E 327 9.99 2.12 64.74
C SER E 327 10.69 1.73 63.44
N LEU E 328 9.92 1.60 62.36
CA LEU E 328 10.49 1.31 61.04
C LEU E 328 11.10 2.57 60.45
N LEU E 329 10.36 3.67 60.52
CA LEU E 329 10.91 4.99 60.18
C LEU E 329 12.21 5.26 60.93
N GLN E 330 12.25 4.88 62.20
CA GLN E 330 13.47 5.03 63.00
C GLN E 330 14.60 4.13 62.48
N LYS E 331 14.26 2.97 61.96
CA LYS E 331 15.24 2.11 61.31
C LYS E 331 15.64 2.64 59.94
N HIS E 332 14.65 3.04 59.14
CA HIS E 332 14.91 3.62 57.80
C HIS E 332 15.66 4.96 57.93
N PHE E 333 15.67 5.51 59.14
CA PHE E 333 16.32 6.79 59.41
C PHE E 333 17.72 6.56 59.98
N ASN E 334 17.93 5.39 60.58
CA ASN E 334 19.22 5.07 61.20
C ASN E 334 20.26 4.59 60.17
N GLN E 335 19.79 3.85 59.16
CA GLN E 335 20.62 3.48 58.03
C GLN E 335 21.27 4.72 57.41
N ILE E 336 20.45 5.73 57.13
CA ILE E 336 20.92 7.04 56.65
C ILE E 336 22.01 7.64 57.54
N LYS E 337 21.93 7.41 58.84
CA LYS E 337 22.93 7.94 59.76
C LYS E 337 24.29 7.33 59.46
N LYS E 338 24.30 6.00 59.27
CA LYS E 338 25.55 5.27 59.07
C LYS E 338 26.23 5.74 57.79
N VAL E 339 25.42 6.13 56.80
CA VAL E 339 25.94 6.69 55.57
C VAL E 339 26.56 8.06 55.81
N SER E 340 25.97 8.84 56.72
CA SER E 340 26.54 10.13 57.10
C SER E 340 27.88 9.98 57.81
N ASP E 341 28.00 9.01 58.70
CA ASP E 341 29.24 8.79 59.43
C ASP E 341 30.41 8.42 58.51
N GLU E 342 30.14 7.58 57.52
CA GLU E 342 31.16 7.18 56.55
C GLU E 342 31.54 8.35 55.62
N MET E 343 30.56 9.17 55.27
CA MET E 343 30.79 10.40 54.52
C MET E 343 31.68 11.36 55.32
N ASN E 344 31.41 11.47 56.61
CA ASN E 344 32.23 12.33 57.45
C ASN E 344 33.66 11.82 57.47
N LYS E 345 33.80 10.52 57.70
CA LYS E 345 35.09 9.86 57.67
C LYS E 345 35.83 10.16 56.35
N GLN E 346 35.18 9.92 55.23
CA GLN E 346 35.87 9.97 53.94
C GLN E 346 36.06 11.41 53.47
N THR E 347 35.18 12.33 53.83
CA THR E 347 35.44 13.75 53.52
C THR E 347 36.66 14.27 54.25
N ASN E 348 36.88 13.78 55.46
CA ASN E 348 38.04 14.19 56.25
C ASN E 348 39.35 13.62 55.74
N GLN E 349 39.31 12.38 55.26
CA GLN E 349 40.42 11.83 54.52
C GLN E 349 40.74 12.65 53.28
N PHE E 350 39.75 12.85 52.41
CA PHE E 350 39.94 13.71 51.24
C PHE E 350 40.70 14.97 51.63
N GLU E 351 40.28 15.60 52.73
CA GLU E 351 40.88 16.86 53.13
C GLU E 351 42.33 16.63 53.50
N ASP E 352 42.59 15.58 54.25
CA ASP E 352 43.94 15.23 54.63
C ASP E 352 44.83 14.92 53.42
N TYR E 353 44.30 14.18 52.45
CA TYR E 353 45.05 13.93 51.22
C TYR E 353 45.45 15.22 50.53
N VAL E 354 44.51 16.13 50.34
CA VAL E 354 44.81 17.34 49.55
C VAL E 354 45.62 18.37 50.34
N THR E 355 45.60 18.27 51.67
CA THR E 355 46.34 19.24 52.49
C THR E 355 47.73 18.78 52.92
N ASN E 356 47.87 17.49 53.21
CA ASN E 356 49.06 17.00 53.90
C ASN E 356 49.87 15.96 53.09
N VAL E 357 49.50 15.78 51.83
CA VAL E 357 50.39 15.12 50.91
C VAL E 357 50.85 16.14 49.87
N GLU E 358 51.87 16.89 50.22
CA GLU E 358 52.24 18.06 49.44
C GLU E 358 53.03 17.64 48.21
N VAL E 359 52.96 18.48 47.18
CA VAL E 359 53.68 18.26 45.94
C VAL E 359 54.41 19.58 45.62
N HIS E 360 55.72 19.56 45.44
CA HIS E 360 56.47 20.78 45.23
C HIS E 360 57.47 20.63 44.09
N THR F 20 -45.42 1.13 16.50
CA THR F 20 -46.41 1.76 15.58
C THR F 20 -45.78 2.94 14.83
N LEU F 21 -44.80 3.59 15.45
CA LEU F 21 -43.95 4.54 14.73
C LEU F 21 -42.60 3.94 14.31
N SER F 22 -42.38 2.67 14.64
CA SER F 22 -41.13 2.01 14.28
C SER F 22 -39.95 2.87 14.75
N ASN F 23 -38.91 2.99 13.94
CA ASN F 23 -37.72 3.72 14.38
C ASN F 23 -37.35 4.91 13.52
N SER F 24 -38.31 5.42 12.76
CA SER F 24 -38.04 6.43 11.73
C SER F 24 -37.53 7.74 12.33
N ILE F 25 -38.10 8.20 13.44
CA ILE F 25 -37.68 9.46 14.03
C ILE F 25 -36.19 9.43 14.42
N ARG F 26 -35.80 8.36 15.11
CA ARG F 26 -34.40 8.15 15.47
C ARG F 26 -33.50 8.10 14.26
N MET F 27 -33.91 7.32 13.25
CA MET F 27 -33.13 7.13 12.03
C MET F 27 -33.01 8.44 11.26
N LEU F 28 -34.05 9.25 11.25
CA LEU F 28 -33.96 10.56 10.61
C LEU F 28 -32.84 11.38 11.27
N GLY F 29 -32.70 11.22 12.59
CA GLY F 29 -31.59 11.83 13.32
C GLY F 29 -30.23 11.27 12.93
N SER F 30 -30.09 9.96 13.02
CA SER F 30 -28.78 9.34 12.87
C SER F 30 -28.31 9.31 11.42
N GLN F 31 -29.20 9.56 10.47
CA GLN F 31 -28.81 9.76 9.08
C GLN F 31 -28.18 11.13 8.83
N SER F 32 -28.49 12.08 9.71
CA SER F 32 -28.26 13.49 9.46
C SER F 32 -26.77 13.85 9.41
N PRO F 33 -25.96 13.36 10.37
CA PRO F 33 -24.54 13.71 10.42
C PRO F 33 -23.80 13.35 9.16
N LEU F 34 -24.13 12.19 8.60
CA LEU F 34 -23.41 11.68 7.46
C LEU F 34 -23.78 12.48 6.22
N ILE F 35 -25.05 12.81 6.11
CA ILE F 35 -25.53 13.69 5.05
C ILE F 35 -24.81 15.04 5.15
N GLN F 36 -24.58 15.50 6.37
CA GLN F 36 -23.85 16.77 6.55
C GLN F 36 -22.37 16.58 6.18
N ALA F 37 -21.83 15.41 6.51
CA ALA F 37 -20.43 15.13 6.21
C ALA F 37 -20.18 15.09 4.71
N TYR F 38 -20.95 14.28 4.01
CA TYR F 38 -20.79 14.16 2.56
C TYR F 38 -21.11 15.50 1.85
N GLY F 39 -22.04 16.27 2.41
CA GLY F 39 -22.28 17.62 1.93
C GLY F 39 -21.02 18.46 2.00
N LEU F 40 -20.38 18.46 3.16
CA LEU F 40 -19.18 19.28 3.38
C LEU F 40 -18.08 18.93 2.37
N VAL F 41 -17.91 17.64 2.12
CA VAL F 41 -16.97 17.15 1.13
C VAL F 41 -17.18 17.80 -0.24
N ILE F 42 -18.43 17.87 -0.69
CA ILE F 42 -18.75 18.41 -2.02
C ILE F 42 -18.39 19.92 -2.04
N LEU F 43 -18.75 20.61 -0.97
CA LEU F 43 -18.45 22.04 -0.83
C LEU F 43 -16.96 22.33 -0.87
N GLN F 44 -16.16 21.47 -0.23
CA GLN F 44 -14.72 21.76 -0.09
C GLN F 44 -13.87 21.33 -1.27
N GLN F 45 -14.19 20.20 -1.87
CA GLN F 45 -13.50 19.80 -3.10
C GLN F 45 -13.37 21.02 -4.02
N PRO F 46 -12.15 21.33 -4.49
CA PRO F 46 -11.90 22.59 -5.24
C PRO F 46 -12.58 22.64 -6.61
N ASP F 47 -12.92 23.85 -7.05
CA ASP F 47 -13.47 24.07 -8.39
C ASP F 47 -12.49 23.64 -9.47
N ILE F 48 -12.98 22.81 -10.37
CA ILE F 48 -12.10 22.15 -11.33
C ILE F 48 -12.54 22.37 -12.78
N LYS F 49 -11.58 22.53 -13.66
CA LYS F 49 -11.83 22.70 -15.09
C LYS F 49 -11.11 21.57 -15.82
N VAL F 50 -11.86 20.74 -16.55
CA VAL F 50 -11.21 19.68 -17.34
C VAL F 50 -11.55 19.78 -18.83
N ASN F 51 -10.53 19.68 -19.67
CA ASN F 51 -10.71 19.72 -21.11
C ASN F 51 -11.56 18.58 -21.61
N ALA F 52 -11.32 17.39 -21.06
CA ALA F 52 -12.00 16.19 -21.53
C ALA F 52 -13.50 16.18 -21.20
N MET F 53 -13.96 17.17 -20.43
CA MET F 53 -15.36 17.25 -20.01
C MET F 53 -15.73 18.68 -19.60
N SER F 54 -16.04 19.52 -20.57
CA SER F 54 -16.20 20.94 -20.30
C SER F 54 -17.39 21.21 -19.37
N SER F 55 -18.35 20.28 -19.35
CA SER F 55 -19.57 20.44 -18.54
C SER F 55 -19.36 20.20 -17.03
N LEU F 56 -18.23 19.60 -16.68
CA LEU F 56 -17.97 19.21 -15.29
C LEU F 56 -18.05 20.41 -14.35
N THR F 57 -17.48 21.53 -14.79
CA THR F 57 -17.58 22.79 -14.05
C THR F 57 -19.01 23.11 -13.65
N ASN F 58 -19.91 23.03 -14.62
CA ASN F 58 -21.31 23.33 -14.39
C ASN F 58 -22.02 22.32 -13.49
N HIS F 59 -21.70 21.04 -13.65
CA HIS F 59 -22.25 20.02 -12.77
C HIS F 59 -21.80 20.20 -11.31
N GLN F 60 -20.54 20.57 -11.12
CA GLN F 60 -19.99 20.78 -9.78
C GLN F 60 -20.61 22.03 -9.12
N LYS F 61 -20.88 23.03 -9.94
CA LYS F 61 -21.61 24.22 -9.47
C LYS F 61 -23.02 23.85 -8.99
N PHE F 62 -23.75 23.05 -9.78
CA PHE F 62 -25.06 22.60 -9.36
C PHE F 62 -24.96 21.91 -7.99
N ALA F 63 -23.93 21.09 -7.80
CA ALA F 63 -23.87 20.21 -6.64
C ALA F 63 -23.67 21.02 -5.39
N LYS F 64 -22.73 21.96 -5.44
CA LYS F 64 -22.53 22.87 -4.32
C LYS F 64 -23.78 23.67 -3.99
N ALA F 65 -24.46 24.15 -5.02
CA ALA F 65 -25.76 24.83 -4.83
C ALA F 65 -26.79 23.89 -4.22
N ASN F 66 -26.85 22.66 -4.71
CA ASN F 66 -27.76 21.68 -4.12
C ASN F 66 -27.48 21.44 -2.64
N VAL F 67 -26.21 21.31 -2.27
CA VAL F 67 -25.87 21.07 -0.88
C VAL F 67 -26.27 22.27 0.00
N ARG F 68 -26.00 23.49 -0.47
CA ARG F 68 -26.29 24.69 0.30
C ARG F 68 -27.81 24.94 0.42
N GLU F 69 -28.55 24.52 -0.60
CA GLU F 69 -30.00 24.52 -0.55
C GLU F 69 -30.55 23.54 0.48
N TRP F 70 -29.89 22.40 0.65
CA TRP F 70 -30.32 21.46 1.67
C TRP F 70 -30.08 22.04 3.05
N ILE F 71 -28.86 22.52 3.26
CA ILE F 71 -28.49 23.11 4.54
C ILE F 71 -29.42 24.26 4.91
N ASP F 72 -29.76 25.08 3.92
CA ASP F 72 -30.39 26.38 4.18
C ASP F 72 -31.90 26.25 4.34
N GLU F 73 -32.51 25.35 3.56
CA GLU F 73 -33.95 25.38 3.37
C GLU F 73 -34.66 24.09 3.79
N TYR F 74 -34.07 22.94 3.50
CA TYR F 74 -34.79 21.68 3.64
C TYR F 74 -34.49 20.93 4.94
N ASN F 75 -33.21 20.72 5.25
CA ASN F 75 -32.87 20.09 6.52
C ASN F 75 -33.50 20.79 7.73
N PRO F 76 -33.60 22.13 7.71
CA PRO F 76 -34.26 22.76 8.86
C PRO F 76 -35.71 22.32 9.06
N LYS F 77 -36.39 21.98 7.98
CA LYS F 77 -37.74 21.44 8.10
C LYS F 77 -37.77 20.17 8.97
N LEU F 78 -36.68 19.41 8.95
CA LEU F 78 -36.62 18.16 9.70
C LEU F 78 -36.38 18.44 11.17
N ILE F 79 -35.55 19.43 11.44
CA ILE F 79 -35.31 19.87 12.80
C ILE F 79 -36.62 20.35 13.42
N ASP F 80 -37.42 21.08 12.66
CA ASP F 80 -38.65 21.68 13.18
C ASP F 80 -39.69 20.62 13.45
N LEU F 81 -39.82 19.67 12.52
CA LEU F 81 -40.72 18.56 12.68
C LEU F 81 -40.44 17.81 13.98
N ASN F 82 -39.18 17.46 14.18
CA ASN F 82 -38.81 16.71 15.34
C ASN F 82 -39.17 17.47 16.62
N GLN F 83 -39.04 18.80 16.57
CA GLN F 83 -39.34 19.61 17.74
C GLN F 83 -40.85 19.73 17.97
N GLU F 84 -41.63 19.72 16.91
CA GLU F 84 -43.08 19.70 17.04
C GLU F 84 -43.51 18.41 17.74
N MET F 85 -43.10 17.28 17.18
CA MET F 85 -43.42 15.99 17.75
C MET F 85 -42.96 15.93 19.20
N MET F 86 -41.76 16.43 19.47
CA MET F 86 -41.25 16.44 20.84
C MET F 86 -42.23 17.20 21.74
N ARG F 87 -42.59 18.42 21.32
CA ARG F 87 -43.45 19.27 22.15
C ARG F 87 -44.79 18.59 22.38
N TYR F 88 -45.32 17.92 21.35
CA TYR F 88 -46.53 17.12 21.52
C TYR F 88 -46.38 16.10 22.65
N SER F 89 -45.34 15.27 22.55
CA SER F 89 -45.16 14.17 23.50
C SER F 89 -45.04 14.67 24.95
N ILE F 90 -44.54 15.89 25.10
CA ILE F 90 -44.45 16.51 26.43
C ILE F 90 -45.82 17.05 26.86
N ARG F 91 -46.51 17.72 25.95
CA ARG F 91 -47.90 18.10 26.19
C ARG F 91 -48.71 16.89 26.66
N PHE F 92 -48.70 15.84 25.85
CA PHE F 92 -49.49 14.64 26.16
C PHE F 92 -49.10 14.11 27.52
N ASN F 93 -47.80 14.07 27.77
CA ASN F 93 -47.26 13.47 28.99
C ASN F 93 -47.82 14.14 30.24
N SER F 94 -47.86 15.47 30.23
CA SER F 94 -48.26 16.22 31.40
C SER F 94 -49.78 16.24 31.53
N TYR F 95 -50.48 15.89 30.45
CA TYR F 95 -51.94 15.89 30.45
C TYR F 95 -52.48 14.54 30.92
N TYR F 96 -51.60 13.55 31.01
CA TYR F 96 -52.02 12.17 30.97
C TYR F 96 -52.85 11.76 32.19
N SER F 97 -52.42 12.18 33.37
CA SER F 97 -53.17 11.89 34.61
C SER F 97 -54.64 12.27 34.46
N LYS F 98 -54.88 13.54 34.14
CA LYS F 98 -56.22 14.10 34.19
C LYS F 98 -57.10 13.45 33.15
N LEU F 99 -56.53 13.19 31.99
CA LEU F 99 -57.28 12.65 30.87
C LEU F 99 -57.67 11.21 31.11
N TYR F 100 -56.75 10.45 31.70
CA TYR F 100 -57.01 9.07 32.07
C TYR F 100 -58.10 9.00 33.16
N GLU F 101 -58.14 10.02 34.01
CA GLU F 101 -59.19 10.13 35.02
C GLU F 101 -60.52 10.48 34.36
N LEU F 102 -60.48 11.39 33.39
CA LEU F 102 -61.68 11.81 32.68
C LEU F 102 -62.26 10.64 31.89
N ALA F 103 -61.40 9.91 31.19
CA ALA F 103 -61.85 8.72 30.48
C ALA F 103 -62.49 7.73 31.45
N GLY F 104 -62.02 7.73 32.70
CA GLY F 104 -62.58 6.87 33.73
C GLY F 104 -64.05 7.16 33.99
N ASN F 105 -64.36 8.44 34.27
CA ASN F 105 -65.72 8.85 34.63
C ASN F 105 -66.49 9.39 33.44
N ILE F 106 -66.21 8.85 32.26
CA ILE F 106 -66.85 9.33 31.03
C ILE F 106 -68.34 9.03 31.06
N ASN F 107 -68.75 8.15 31.98
CA ASN F 107 -70.16 7.84 32.19
C ASN F 107 -70.57 8.05 33.65
N LYS F 113 -67.94 13.36 30.09
CA LYS F 113 -68.02 12.99 28.68
C LYS F 113 -67.70 14.18 27.79
N ALA F 114 -68.41 15.28 28.02
CA ALA F 114 -68.12 16.53 27.33
C ALA F 114 -66.68 16.98 27.61
N ASP F 115 -66.24 16.78 28.85
CA ASP F 115 -64.99 17.37 29.32
C ASP F 115 -63.79 16.58 28.80
N PHE F 116 -63.93 15.26 28.71
CA PHE F 116 -62.94 14.43 28.03
C PHE F 116 -62.83 14.84 26.56
N THR F 117 -63.94 14.76 25.86
CA THR F 117 -64.00 15.09 24.45
C THR F 117 -63.24 16.39 24.14
N ASN F 118 -63.37 17.37 25.02
CA ASN F 118 -62.75 18.68 24.81
C ASN F 118 -61.24 18.64 25.06
N ALA F 119 -60.84 17.97 26.13
CA ALA F 119 -59.42 17.86 26.46
C ALA F 119 -58.72 16.96 25.45
N TYR F 120 -59.39 15.89 25.07
CA TYR F 120 -58.81 14.92 24.15
C TYR F 120 -58.77 15.45 22.71
N GLY F 121 -59.72 16.31 22.38
CA GLY F 121 -59.82 16.86 21.03
C GLY F 121 -58.67 17.81 20.73
N LYS F 122 -58.21 18.52 21.75
CA LYS F 122 -57.07 19.41 21.59
C LYS F 122 -55.81 18.62 21.27
N LEU F 123 -55.72 17.41 21.81
CA LEU F 123 -54.59 16.53 21.51
C LEU F 123 -54.63 16.05 20.07
N GLN F 124 -55.79 15.57 19.62
CA GLN F 124 -55.95 15.09 18.25
C GLN F 124 -55.59 16.17 17.23
N LEU F 125 -55.96 17.41 17.53
CA LEU F 125 -55.75 18.49 16.57
C LEU F 125 -54.27 18.79 16.44
N GLN F 126 -53.53 18.68 17.54
CA GLN F 126 -52.07 18.84 17.52
C GLN F 126 -51.41 17.76 16.65
N VAL F 127 -51.97 16.55 16.70
CA VAL F 127 -51.51 15.44 15.87
C VAL F 127 -51.89 15.64 14.41
N GLN F 128 -53.11 16.13 14.16
CA GLN F 128 -53.57 16.43 12.82
C GLN F 128 -52.70 17.50 12.18
N SER F 129 -52.27 18.46 12.99
CA SER F 129 -51.52 19.61 12.51
C SER F 129 -50.14 19.14 12.06
N ILE F 130 -49.56 18.23 12.84
CA ILE F 130 -48.25 17.68 12.57
C ILE F 130 -48.29 16.87 11.28
N GLN F 131 -49.40 16.17 11.04
CA GLN F 131 -49.57 15.36 9.84
C GLN F 131 -49.53 16.24 8.59
N GLU F 132 -50.25 17.35 8.66
CA GLU F 132 -50.34 18.28 7.54
C GLU F 132 -48.99 18.93 7.22
N ASN F 133 -48.26 19.34 8.26
CA ASN F 133 -46.93 19.90 8.08
C ASN F 133 -45.96 18.89 7.48
N MET F 134 -45.99 17.66 7.98
CA MET F 134 -45.22 16.55 7.43
C MET F 134 -45.55 16.39 5.94
N GLU F 135 -46.83 16.47 5.60
CA GLU F 135 -47.24 16.28 4.21
C GLU F 135 -46.79 17.43 3.32
N GLN F 136 -46.86 18.66 3.83
CA GLN F 136 -46.39 19.83 3.09
C GLN F 136 -44.87 19.73 2.88
N ASP F 137 -44.17 19.31 3.92
CA ASP F 137 -42.74 19.16 3.85
C ASP F 137 -42.36 18.10 2.83
N LEU F 138 -43.11 17.00 2.78
CA LEU F 138 -42.73 15.93 1.87
C LEU F 138 -42.95 16.39 0.43
N LEU F 139 -43.99 17.20 0.23
CA LEU F 139 -44.22 17.83 -1.06
C LEU F 139 -43.03 18.63 -1.54
N GLU F 140 -42.51 19.52 -0.69
CA GLU F 140 -41.41 20.39 -1.11
C GLU F 140 -40.12 19.57 -1.20
N LEU F 141 -39.96 18.65 -0.26
CA LEU F 141 -38.74 17.85 -0.18
C LEU F 141 -38.61 16.99 -1.43
N ASN F 142 -39.73 16.47 -1.90
CA ASN F 142 -39.72 15.64 -3.11
C ASN F 142 -39.46 16.43 -4.39
N ARG F 143 -39.70 17.74 -4.37
CA ARG F 143 -39.32 18.60 -5.48
C ARG F 143 -37.80 18.70 -5.58
N PHE F 144 -37.16 18.91 -4.44
CA PHE F 144 -35.70 18.95 -4.36
C PHE F 144 -35.07 17.61 -4.76
N LYS F 145 -35.66 16.53 -4.28
CA LYS F 145 -35.18 15.18 -4.56
C LYS F 145 -35.27 14.86 -6.03
N THR F 146 -36.34 15.29 -6.66
CA THR F 146 -36.52 15.12 -8.10
C THR F 146 -35.44 15.83 -8.90
N VAL F 147 -35.04 17.01 -8.45
CA VAL F 147 -34.01 17.79 -9.15
C VAL F 147 -32.62 17.24 -8.86
N LEU F 148 -32.38 16.92 -7.59
CA LEU F 148 -31.11 16.35 -7.12
C LEU F 148 -30.84 15.00 -7.79
N ASP F 149 -31.84 14.14 -7.84
CA ASP F 149 -31.68 12.82 -8.45
C ASP F 149 -31.29 12.92 -9.92
N LYS F 150 -31.93 13.81 -10.66
CA LYS F 150 -31.65 13.96 -12.10
C LYS F 150 -30.29 14.59 -12.35
N ASP F 151 -29.92 15.57 -11.52
CA ASP F 151 -28.59 16.18 -11.63
C ASP F 151 -27.52 15.07 -11.51
N SER F 152 -27.68 14.19 -10.53
CA SER F 152 -26.70 13.15 -10.27
C SER F 152 -26.65 12.18 -11.44
N ASN F 153 -27.81 11.78 -11.95
CA ASN F 153 -27.85 10.96 -13.17
C ASN F 153 -27.15 11.63 -14.37
N ASN F 154 -27.49 12.87 -14.68
CA ASN F 154 -26.82 13.55 -15.78
C ASN F 154 -25.30 13.53 -15.63
N LEU F 155 -24.82 13.79 -14.42
CA LEU F 155 -23.39 13.88 -14.19
C LEU F 155 -22.71 12.51 -14.35
N SER F 156 -23.33 11.48 -13.80
CA SER F 156 -22.81 10.13 -13.97
C SER F 156 -22.72 9.76 -15.44
N ILE F 157 -23.82 9.95 -16.16
CA ILE F 157 -23.88 9.67 -17.58
C ILE F 157 -22.81 10.41 -18.38
N LYS F 158 -22.70 11.71 -18.14
CA LYS F 158 -21.72 12.54 -18.84
C LYS F 158 -20.29 12.18 -18.42
N ALA F 159 -20.11 11.75 -17.17
CA ALA F 159 -18.78 11.38 -16.67
C ALA F 159 -18.30 10.10 -17.36
N ASP F 160 -19.19 9.13 -17.46
CA ASP F 160 -18.84 7.86 -18.10
C ASP F 160 -18.43 8.09 -19.55
N GLU F 161 -19.16 8.97 -20.23
CA GLU F 161 -18.81 9.38 -21.60
C GLU F 161 -17.40 9.93 -21.69
N ALA F 162 -17.13 10.95 -20.88
CA ALA F 162 -15.84 11.63 -20.90
C ALA F 162 -14.70 10.65 -20.61
N ILE F 163 -14.92 9.74 -19.65
CA ILE F 163 -13.90 8.77 -19.28
C ILE F 163 -13.62 7.82 -20.45
N LYS F 164 -14.69 7.42 -21.13
CA LYS F 164 -14.57 6.58 -22.33
C LYS F 164 -13.73 7.25 -23.41
N THR F 165 -13.81 8.58 -23.49
CA THR F 165 -13.06 9.30 -24.51
C THR F 165 -11.59 9.39 -24.14
N LEU F 166 -11.30 9.35 -22.84
CA LEU F 166 -9.90 9.35 -22.37
C LEU F 166 -9.26 7.95 -22.45
N GLN F 167 -10.02 6.91 -22.14
CA GLN F 167 -9.47 5.55 -21.99
C GLN F 167 -8.11 5.42 -22.68
N GLY F 171 -7.50 -0.19 -20.97
CA GLY F 171 -8.58 -0.46 -20.03
C GLY F 171 -8.26 0.06 -18.63
N ASP F 172 -7.12 0.74 -18.51
CA ASP F 172 -6.53 1.07 -17.22
C ASP F 172 -7.41 2.07 -16.49
N ILE F 173 -7.79 3.14 -17.19
CA ILE F 173 -8.44 4.28 -16.56
C ILE F 173 -9.80 3.89 -16.02
N VAL F 174 -10.56 3.14 -16.80
CA VAL F 174 -11.85 2.65 -16.32
C VAL F 174 -11.70 1.68 -15.15
N LYS F 175 -10.65 0.87 -15.17
CA LYS F 175 -10.45 -0.13 -14.11
C LYS F 175 -10.15 0.55 -12.76
N LEU F 176 -9.32 1.59 -12.80
CA LEU F 176 -8.97 2.33 -11.59
C LEU F 176 -10.13 3.13 -11.05
N ARG F 177 -10.87 3.78 -11.94
CA ARG F 177 -12.01 4.58 -11.57
C ARG F 177 -13.07 3.73 -10.89
N GLU F 178 -13.32 2.55 -11.46
CA GLU F 178 -14.35 1.69 -10.94
C GLU F 178 -13.96 1.17 -9.56
N ASP F 179 -12.68 0.92 -9.35
CA ASP F 179 -12.16 0.44 -8.07
C ASP F 179 -12.29 1.52 -7.00
N ILE F 180 -11.91 2.74 -7.37
CA ILE F 180 -12.04 3.85 -6.45
C ILE F 180 -13.49 4.02 -6.00
N LYS F 181 -14.40 3.96 -6.95
CA LYS F 181 -15.81 4.14 -6.67
C LYS F 181 -16.28 3.04 -5.75
N ARG F 182 -15.89 1.80 -6.06
CA ARG F 182 -16.32 0.68 -5.26
C ARG F 182 -15.93 0.92 -3.78
N ILE F 183 -14.69 1.29 -3.58
CA ILE F 183 -14.20 1.45 -2.22
C ILE F 183 -14.89 2.64 -1.52
N GLN F 184 -15.08 3.75 -2.22
CA GLN F 184 -15.75 4.93 -1.62
C GLN F 184 -17.13 4.48 -1.19
N GLY F 185 -17.63 3.47 -1.93
CA GLY F 185 -18.95 2.96 -1.69
C GLY F 185 -18.99 2.18 -0.40
N GLU F 186 -17.98 1.34 -0.21
CA GLU F 186 -17.90 0.46 0.97
C GLU F 186 -17.68 1.32 2.22
N ILE F 187 -16.92 2.39 2.09
CA ILE F 187 -16.74 3.34 3.21
C ILE F 187 -18.06 4.00 3.65
N GLN F 188 -18.85 4.40 2.68
CA GLN F 188 -20.19 4.90 2.93
C GLN F 188 -21.08 3.90 3.61
N ALA F 189 -21.06 2.64 3.15
CA ALA F 189 -21.84 1.59 3.81
C ALA F 189 -21.39 1.35 5.25
N GLU F 190 -20.09 1.33 5.51
CA GLU F 190 -19.59 1.11 6.88
C GLU F 190 -19.97 2.27 7.82
N LEU F 191 -20.00 3.48 7.27
CA LEU F 191 -20.27 4.67 8.10
C LEU F 191 -21.75 4.67 8.48
N THR F 192 -22.58 4.26 7.53
CA THR F 192 -23.99 4.05 7.78
C THR F 192 -24.24 2.98 8.85
N THR F 193 -23.55 1.86 8.75
CA THR F 193 -23.57 0.86 9.82
C THR F 193 -23.23 1.50 11.18
N ILE F 194 -22.20 2.33 11.22
CA ILE F 194 -21.76 2.88 12.50
C ILE F 194 -22.90 3.69 13.11
N LEU F 195 -23.57 4.50 12.28
CA LEU F 195 -24.53 5.47 12.79
C LEU F 195 -25.87 4.78 13.08
N ASN F 196 -26.08 3.63 12.46
CA ASN F 196 -27.24 2.78 12.77
C ASN F 196 -27.17 2.12 14.12
N ARG F 197 -25.97 1.71 14.54
CA ARG F 197 -25.81 0.94 15.78
C ARG F 197 -26.46 1.66 16.96
N PRO F 198 -27.15 0.90 17.83
CA PRO F 198 -27.68 1.47 19.08
C PRO F 198 -26.58 2.01 20.00
N GLN F 199 -26.88 3.12 20.65
CA GLN F 199 -25.87 3.90 21.38
C GLN F 199 -26.60 4.61 22.52
N GLU F 200 -26.25 4.28 23.76
CA GLU F 200 -26.90 4.90 24.92
C GLU F 200 -26.31 6.27 25.21
N ILE F 201 -25.04 6.46 24.84
CA ILE F 201 -24.40 7.77 24.87
C ILE F 201 -24.12 8.26 23.45
N ILE F 202 -24.89 9.24 23.00
CA ILE F 202 -24.82 9.64 21.60
C ILE F 202 -23.88 10.83 21.47
N LYS F 203 -22.68 10.56 20.98
CA LYS F 203 -21.62 11.56 20.94
C LYS F 203 -20.47 11.10 20.07
N GLY F 204 -20.00 11.97 19.20
CA GLY F 204 -18.81 11.71 18.41
C GLY F 204 -18.49 12.85 17.45
N SER F 205 -17.48 12.64 16.62
CA SER F 205 -17.29 13.52 15.49
C SER F 205 -16.68 12.86 14.27
N ILE F 206 -17.07 13.40 13.11
CA ILE F 206 -16.59 12.95 11.82
C ILE F 206 -15.85 14.13 11.19
N ASN F 207 -14.63 13.87 10.75
CA ASN F 207 -13.72 14.88 10.22
C ASN F 207 -13.55 14.74 8.72
N ILE F 208 -13.52 15.87 8.03
CA ILE F 208 -13.30 15.89 6.61
C ILE F 208 -11.92 16.48 6.37
N GLY F 209 -11.20 15.88 5.43
CA GLY F 209 -9.78 16.13 5.27
C GLY F 209 -9.41 16.18 3.81
N LYS F 210 -8.27 16.80 3.54
CA LYS F 210 -7.75 16.90 2.20
C LYS F 210 -6.40 16.23 2.14
N GLN F 211 -6.19 15.49 1.05
CA GLN F 211 -4.94 14.82 0.79
C GLN F 211 -4.49 15.18 -0.61
N VAL F 212 -3.23 15.58 -0.72
CA VAL F 212 -2.70 16.09 -1.96
C VAL F 212 -1.81 15.05 -2.60
N PHE F 213 -1.96 14.90 -3.90
CA PHE F 213 -1.16 13.96 -4.68
C PHE F 213 -0.33 14.73 -5.69
N THR F 214 0.92 14.34 -5.84
CA THR F 214 1.84 15.01 -6.73
C THR F 214 2.14 14.09 -7.92
N ILE F 215 2.00 14.64 -9.13
CA ILE F 215 2.23 13.90 -10.37
C ILE F 215 3.08 14.73 -11.33
N THR F 216 3.54 14.09 -12.42
CA THR F 216 4.34 14.76 -13.44
C THR F 216 3.55 14.80 -14.74
N ASN F 217 3.24 16.00 -15.21
CA ASN F 217 2.31 16.19 -16.33
C ASN F 217 2.73 15.39 -17.56
CA THR F 222 5.08 18.91 -11.43
C THR F 222 3.74 19.52 -11.03
N LYS F 223 2.67 18.71 -11.07
CA LYS F 223 1.32 19.17 -10.76
C LYS F 223 0.80 18.51 -9.47
N THR F 224 -0.24 19.10 -8.89
CA THR F 224 -0.86 18.50 -7.70
C THR F 224 -2.37 18.36 -7.85
N ILE F 225 -2.92 17.36 -7.18
CA ILE F 225 -4.35 17.10 -7.22
C ILE F 225 -4.84 16.97 -5.80
N ASP F 226 -5.98 17.58 -5.51
CA ASP F 226 -6.52 17.63 -4.17
C ASP F 226 -7.67 16.63 -4.06
N PHE F 227 -7.56 15.72 -3.10
CA PHE F 227 -8.63 14.82 -2.76
C PHE F 227 -9.27 15.13 -1.40
N VAL F 228 -10.53 15.53 -1.43
CA VAL F 228 -11.29 15.75 -0.21
C VAL F 228 -12.22 14.58 0.08
N SER F 229 -12.14 14.08 1.30
CA SER F 229 -13.00 12.98 1.72
C SER F 229 -13.12 12.97 3.24
N ILE F 230 -14.09 12.22 3.73
CA ILE F 230 -14.14 11.88 5.13
C ILE F 230 -12.85 11.22 5.59
N GLY F 231 -12.40 11.64 6.77
CA GLY F 231 -11.05 11.35 7.24
C GLY F 231 -11.15 10.57 8.55
N THR F 232 -10.72 11.19 9.65
CA THR F 232 -10.63 10.44 10.90
C THR F 232 -11.97 10.49 11.66
N LEU F 233 -12.27 9.40 12.34
CA LEU F 233 -13.43 9.37 13.22
C LEU F 233 -12.91 9.52 14.64
N SER F 234 -13.74 10.07 15.51
CA SER F 234 -13.33 10.35 16.88
C SER F 234 -13.16 9.09 17.75
N ASN F 235 -12.52 9.31 18.89
CA ASN F 235 -12.20 8.26 19.83
C ASN F 235 -13.44 7.47 20.24
N GLU F 236 -14.56 8.17 20.32
CA GLU F 236 -15.81 7.57 20.79
C GLU F 236 -16.23 6.45 19.86
N ILE F 237 -16.00 6.66 18.58
CA ILE F 237 -16.41 5.71 17.55
C ILE F 237 -15.32 4.66 17.39
N VAL F 238 -14.07 5.10 17.34
CA VAL F 238 -12.94 4.22 17.11
C VAL F 238 -12.72 3.28 18.31
N ASN F 239 -12.98 3.80 19.51
CA ASN F 239 -12.89 2.99 20.71
C ASN F 239 -14.25 2.82 21.36
N ALA F 240 -15.27 2.59 20.55
CA ALA F 240 -16.61 2.32 21.05
C ALA F 240 -16.65 1.03 21.86
N ALA F 241 -17.59 0.96 22.79
CA ALA F 241 -17.77 -0.23 23.64
C ALA F 241 -18.23 -1.42 22.79
N ASP F 242 -18.80 -1.08 21.65
CA ASP F 242 -19.58 -2.01 20.83
C ASP F 242 -18.68 -2.58 19.72
N SER F 243 -18.50 -3.90 19.68
CA SER F 243 -17.48 -4.46 18.77
C SER F 243 -17.79 -4.20 17.29
N GLN F 244 -19.07 -4.20 16.92
CA GLN F 244 -19.44 -3.92 15.53
C GLN F 244 -19.00 -2.53 15.08
N THR F 245 -19.17 -1.54 15.95
CA THR F 245 -18.74 -0.19 15.59
C THR F 245 -17.23 -0.10 15.44
N ARG F 246 -16.51 -0.72 16.38
CA ARG F 246 -15.04 -0.71 16.36
C ARG F 246 -14.49 -1.35 15.08
N GLU F 247 -14.98 -2.55 14.79
CA GLU F 247 -14.50 -3.30 13.64
C GLU F 247 -14.78 -2.60 12.31
N ALA F 248 -15.96 -1.99 12.19
CA ALA F 248 -16.33 -1.18 11.03
C ALA F 248 -15.41 0.04 10.82
N ALA F 249 -15.05 0.69 11.92
CA ALA F 249 -14.13 1.82 11.85
C ALA F 249 -12.72 1.40 11.46
N LEU F 250 -12.32 0.20 11.85
CA LEU F 250 -11.05 -0.36 11.40
C LEU F 250 -11.04 -0.60 9.89
N ARG F 251 -12.10 -1.19 9.37
CA ARG F 251 -12.19 -1.48 7.94
C ARG F 251 -12.20 -0.17 7.12
N ILE F 252 -12.91 0.83 7.61
CA ILE F 252 -12.84 2.17 7.00
C ILE F 252 -11.39 2.65 6.86
N GLN F 253 -10.61 2.51 7.93
CA GLN F 253 -9.25 3.02 7.93
C GLN F 253 -8.46 2.32 6.87
N GLN F 254 -8.67 1.00 6.80
CA GLN F 254 -7.89 0.22 5.87
C GLN F 254 -8.28 0.65 4.47
N LYS F 255 -9.56 0.86 4.26
CA LYS F 255 -10.06 1.17 2.93
C LYS F 255 -9.61 2.57 2.49
N GLN F 256 -9.54 3.49 3.45
CA GLN F 256 -8.93 4.81 3.22
C GLN F 256 -7.48 4.72 2.70
N LYS F 257 -6.72 3.72 3.14
CA LYS F 257 -5.32 3.59 2.69
C LYS F 257 -5.24 2.89 1.34
N GLU F 258 -6.16 1.96 1.09
CA GLU F 258 -6.24 1.29 -0.21
C GLU F 258 -6.40 2.33 -1.34
N LEU F 259 -7.20 3.35 -1.09
CA LEU F 259 -7.44 4.35 -2.14
C LEU F 259 -6.15 4.98 -2.67
N LEU F 260 -5.11 5.06 -1.83
CA LEU F 260 -4.00 5.96 -2.13
C LEU F 260 -3.12 5.56 -3.33
N PRO F 261 -2.73 4.27 -3.42
CA PRO F 261 -2.05 3.88 -4.67
C PRO F 261 -2.94 3.99 -5.90
N LEU F 262 -4.25 3.82 -5.71
CA LEU F 262 -5.16 3.80 -6.84
C LEU F 262 -5.36 5.20 -7.40
N ILE F 263 -5.44 6.19 -6.50
CA ILE F 263 -5.51 7.59 -6.89
C ILE F 263 -4.19 8.10 -7.51
N GLN F 264 -3.06 7.72 -6.92
CA GLN F 264 -1.77 8.00 -7.51
C GLN F 264 -1.65 7.45 -8.95
N LYS F 265 -2.03 6.20 -9.15
CA LYS F 265 -1.88 5.57 -10.46
C LYS F 265 -2.78 6.23 -11.52
N LEU F 266 -4.01 6.53 -11.12
CA LEU F 266 -4.98 7.09 -12.03
C LEU F 266 -4.58 8.53 -12.40
N SER F 267 -4.08 9.25 -11.40
CA SER F 267 -3.68 10.63 -11.60
C SER F 267 -2.47 10.76 -12.52
N GLN F 268 -1.46 9.94 -12.31
CA GLN F 268 -0.29 9.94 -13.19
C GLN F 268 -0.66 9.51 -14.60
N THR F 269 -1.59 8.56 -14.75
CA THR F 269 -2.04 8.13 -16.08
C THR F 269 -2.83 9.26 -16.77
N GLU F 270 -3.87 9.75 -16.11
CA GLU F 270 -4.67 10.87 -16.66
C GLU F 270 -5.30 11.71 -15.57
N ALA F 271 -4.73 12.88 -15.30
CA ALA F 271 -5.13 13.68 -14.15
C ALA F 271 -6.59 14.13 -14.24
N GLU F 272 -7.09 14.26 -15.47
CA GLU F 272 -8.46 14.71 -15.66
C GLU F 272 -9.47 13.65 -15.25
N ALA F 273 -9.08 12.38 -15.40
CA ALA F 273 -9.92 11.27 -14.98
C ALA F 273 -10.16 11.27 -13.48
N THR F 274 -9.11 11.51 -12.70
CA THR F 274 -9.24 11.60 -11.24
C THR F 274 -10.18 12.75 -10.85
N GLN F 275 -10.07 13.87 -11.55
CA GLN F 275 -10.85 15.05 -11.20
C GLN F 275 -12.33 14.81 -11.46
N ILE F 276 -12.65 14.22 -12.60
CA ILE F 276 -14.01 13.76 -12.89
C ILE F 276 -14.47 12.73 -11.84
N THR F 277 -13.57 11.83 -11.50
CA THR F 277 -13.93 10.72 -10.63
C THR F 277 -14.36 11.22 -9.25
N PHE F 278 -13.54 12.08 -8.66
CA PHE F 278 -13.88 12.62 -7.33
C PHE F 278 -15.25 13.25 -7.37
N VAL F 279 -15.49 14.09 -8.37
CA VAL F 279 -16.68 14.94 -8.30
C VAL F 279 -17.95 14.10 -8.44
N GLU F 280 -17.99 13.26 -9.45
CA GLU F 280 -19.13 12.34 -9.66
C GLU F 280 -19.37 11.43 -8.49
N ASP F 281 -18.29 10.95 -7.88
CA ASP F 281 -18.45 10.05 -6.74
C ASP F 281 -19.09 10.79 -5.59
N GLN F 282 -18.57 11.98 -5.32
CA GLN F 282 -19.02 12.74 -4.18
C GLN F 282 -20.51 13.05 -4.26
N VAL F 283 -21.00 13.34 -5.48
CA VAL F 283 -22.38 13.75 -5.68
C VAL F 283 -23.33 12.55 -5.55
N SER F 284 -22.97 11.45 -6.21
CA SER F 284 -23.67 10.20 -5.99
C SER F 284 -23.89 9.82 -4.51
N SER F 285 -22.84 9.83 -3.70
CA SER F 285 -22.99 9.52 -2.28
C SER F 285 -24.02 10.43 -1.58
N PHE F 286 -23.85 11.73 -1.76
CA PHE F 286 -24.70 12.68 -1.07
C PHE F 286 -26.15 12.39 -1.48
N THR F 287 -26.35 12.21 -2.79
CA THR F 287 -27.68 12.06 -3.36
C THR F 287 -28.36 10.80 -2.81
N GLU F 288 -27.62 9.69 -2.77
CA GLU F 288 -28.13 8.44 -2.21
C GLU F 288 -28.59 8.60 -0.78
N LEU F 289 -27.84 9.38 0.02
CA LEU F 289 -28.19 9.50 1.42
C LEU F 289 -29.41 10.40 1.64
N ILE F 290 -29.53 11.45 0.80
CA ILE F 290 -30.71 12.31 0.82
C ILE F 290 -31.95 11.50 0.38
N ASP F 291 -31.79 10.69 -0.65
CA ASP F 291 -32.88 9.83 -1.14
C ASP F 291 -33.43 9.00 0.00
N ARG F 292 -32.55 8.47 0.81
CA ARG F 292 -32.91 7.51 1.83
C ARG F 292 -33.55 8.22 3.02
N GLN F 293 -33.09 9.44 3.31
CA GLN F 293 -33.64 10.19 4.42
C GLN F 293 -35.09 10.57 4.13
N ILE F 294 -35.36 11.03 2.92
CA ILE F 294 -36.69 11.47 2.54
C ILE F 294 -37.70 10.32 2.52
N THR F 295 -37.31 9.19 1.94
CA THR F 295 -38.04 7.93 2.09
C THR F 295 -38.35 7.54 3.53
N THR F 296 -37.36 7.70 4.40
CA THR F 296 -37.60 7.43 5.82
C THR F 296 -38.68 8.36 6.39
N LEU F 297 -38.72 9.62 5.94
CA LEU F 297 -39.73 10.57 6.41
C LEU F 297 -41.14 10.23 5.88
N GLU F 298 -41.18 9.71 4.65
CA GLU F 298 -42.44 9.20 4.10
C GLU F 298 -42.96 8.02 4.92
N THR F 299 -42.07 7.12 5.32
CA THR F 299 -42.46 6.02 6.17
C THR F 299 -43.05 6.54 7.47
N LEU F 300 -42.45 7.61 8.00
CA LEU F 300 -42.96 8.18 9.23
C LEU F 300 -44.38 8.65 9.00
N LEU F 301 -44.63 9.28 7.86
CA LEU F 301 -45.93 9.86 7.57
C LEU F 301 -46.98 8.76 7.41
N THR F 302 -46.62 7.70 6.72
CA THR F 302 -47.44 6.51 6.71
C THR F 302 -47.85 6.06 8.12
N ASP F 303 -46.90 5.97 9.05
CA ASP F 303 -47.24 5.53 10.40
C ASP F 303 -47.93 6.62 11.25
N TRP F 304 -47.55 7.88 11.02
CA TRP F 304 -48.22 8.98 11.70
C TRP F 304 -49.69 9.04 11.31
N LYS F 305 -50.00 8.62 10.10
CA LYS F 305 -51.38 8.65 9.64
C LYS F 305 -52.20 7.59 10.38
N VAL F 306 -51.58 6.46 10.68
CA VAL F 306 -52.25 5.39 11.39
C VAL F 306 -52.49 5.78 12.84
N LEU F 307 -51.55 6.52 13.42
CA LEU F 307 -51.72 7.02 14.78
C LEU F 307 -52.92 7.96 14.83
N ASN F 308 -53.05 8.81 13.82
CA ASN F 308 -54.12 9.80 13.78
C ASN F 308 -55.48 9.13 13.60
N ASN F 309 -55.57 8.23 12.63
CA ASN F 309 -56.78 7.45 12.39
C ASN F 309 -57.27 6.73 13.65
N ASN F 310 -56.39 6.00 14.30
CA ASN F 310 -56.69 5.40 15.58
C ASN F 310 -57.20 6.40 16.60
N MET F 311 -56.57 7.56 16.66
CA MET F 311 -56.99 8.59 17.60
C MET F 311 -58.38 9.09 17.24
N ILE F 312 -58.64 9.25 15.93
CA ILE F 312 -59.94 9.67 15.44
C ILE F 312 -61.01 8.65 15.79
N GLN F 313 -60.70 7.37 15.60
CA GLN F 313 -61.67 6.32 15.89
C GLN F 313 -62.12 6.37 17.35
N ILE F 314 -61.16 6.44 18.27
CA ILE F 314 -61.46 6.62 19.69
C ILE F 314 -62.41 7.81 19.87
N GLN F 315 -62.02 8.94 19.30
CA GLN F 315 -62.88 10.13 19.25
C GLN F 315 -64.30 9.77 18.81
N LYS F 316 -64.40 8.96 17.77
CA LYS F 316 -65.71 8.57 17.24
C LYS F 316 -66.52 7.82 18.30
N ASN F 317 -65.90 6.85 18.95
CA ASN F 317 -66.64 5.90 19.78
C ASN F 317 -67.31 6.56 20.99
CA THR F 322 -70.52 4.03 22.60
C THR F 322 -69.38 3.33 23.33
N TYR F 323 -68.72 4.05 24.22
CA TYR F 323 -67.94 3.43 25.30
C TYR F 323 -68.79 3.34 26.56
N THR F 324 -69.65 2.33 26.63
CA THR F 324 -70.46 2.10 27.83
C THR F 324 -69.60 1.62 29.00
N ASP F 325 -68.74 0.64 28.73
CA ASP F 325 -67.70 0.25 29.68
C ASP F 325 -66.44 1.09 29.47
N SER F 326 -66.14 1.96 30.44
CA SER F 326 -65.32 3.13 30.18
C SER F 326 -63.84 2.80 30.24
N SER F 327 -63.49 1.66 30.82
CA SER F 327 -62.09 1.28 30.95
C SER F 327 -61.57 0.65 29.66
N LEU F 328 -62.46 0.35 28.72
CA LEU F 328 -62.04 0.10 27.35
C LEU F 328 -61.48 1.39 26.74
N LEU F 329 -62.00 2.53 27.19
CA LEU F 329 -61.52 3.84 26.76
C LEU F 329 -60.17 4.16 27.41
N GLN F 330 -60.06 3.91 28.70
CA GLN F 330 -58.77 4.00 29.39
C GLN F 330 -57.73 3.09 28.74
N LYS F 331 -58.15 1.88 28.40
CA LYS F 331 -57.25 0.88 27.83
C LYS F 331 -56.74 1.31 26.44
N HIS F 332 -57.60 1.96 25.67
CA HIS F 332 -57.24 2.43 24.33
C HIS F 332 -56.45 3.74 24.39
N PHE F 333 -56.87 4.64 25.28
CA PHE F 333 -56.12 5.86 25.57
C PHE F 333 -54.70 5.52 26.03
N ASN F 334 -54.57 4.36 26.67
CA ASN F 334 -53.30 3.95 27.24
C ASN F 334 -52.33 3.51 26.14
N GLN F 335 -52.87 2.96 25.07
CA GLN F 335 -52.05 2.54 23.94
C GLN F 335 -51.49 3.77 23.23
N ILE F 336 -52.31 4.83 23.16
CA ILE F 336 -51.86 6.12 22.64
C ILE F 336 -50.65 6.65 23.42
N LYS F 337 -50.70 6.50 24.75
CA LYS F 337 -49.64 6.99 25.61
C LYS F 337 -48.33 6.23 25.36
N LYS F 338 -48.45 4.92 25.16
CA LYS F 338 -47.31 4.09 24.79
C LYS F 338 -46.55 4.68 23.59
N VAL F 339 -47.29 5.16 22.61
CA VAL F 339 -46.70 5.75 21.40
C VAL F 339 -46.11 7.15 21.67
N SER F 340 -46.74 7.91 22.55
CA SER F 340 -46.22 9.23 22.88
C SER F 340 -44.88 9.14 23.62
N ASP F 341 -44.78 8.18 24.54
CA ASP F 341 -43.53 7.98 25.29
C ASP F 341 -42.35 7.62 24.39
N GLU F 342 -42.55 6.65 23.50
CA GLU F 342 -41.50 6.26 22.57
C GLU F 342 -41.16 7.44 21.65
N MET F 343 -42.14 8.29 21.40
CA MET F 343 -41.95 9.48 20.55
C MET F 343 -41.05 10.48 21.28
N ASN F 344 -41.25 10.62 22.58
CA ASN F 344 -40.39 11.48 23.38
C ASN F 344 -38.97 10.96 23.43
N LYS F 345 -38.82 9.65 23.59
CA LYS F 345 -37.50 9.03 23.61
C LYS F 345 -36.79 9.23 22.27
N GLN F 346 -37.50 8.97 21.18
CA GLN F 346 -36.88 9.02 19.85
C GLN F 346 -36.64 10.44 19.33
N THR F 347 -37.46 11.41 19.72
CA THR F 347 -37.18 12.80 19.33
C THR F 347 -35.98 13.34 20.09
N ASN F 348 -35.78 12.85 21.31
CA ASN F 348 -34.60 13.22 22.09
C ASN F 348 -33.31 12.66 21.50
N GLN F 349 -33.34 11.39 21.11
CA GLN F 349 -32.27 10.80 20.29
C GLN F 349 -31.93 11.62 19.01
N PHE F 350 -32.96 11.92 18.22
CA PHE F 350 -32.76 12.77 17.04
C PHE F 350 -32.00 14.05 17.41
N GLU F 351 -32.40 14.68 18.51
CA GLU F 351 -31.76 15.92 18.96
C GLU F 351 -30.31 15.63 19.37
N ASP F 352 -30.13 14.49 20.02
CA ASP F 352 -28.80 14.09 20.45
C ASP F 352 -27.88 13.81 19.26
N TYR F 353 -28.44 13.31 18.17
CA TYR F 353 -27.63 13.00 17.01
C TYR F 353 -27.20 14.29 16.30
N VAL F 354 -28.13 15.21 16.13
CA VAL F 354 -27.83 16.37 15.30
C VAL F 354 -27.11 17.46 16.08
N THR F 355 -27.03 17.29 17.40
CA THR F 355 -26.24 18.19 18.25
C THR F 355 -24.88 17.61 18.58
N ASN F 356 -24.82 16.30 18.82
CA ASN F 356 -23.68 15.76 19.54
C ASN F 356 -22.75 14.92 18.69
N VAL F 357 -23.22 14.50 17.53
CA VAL F 357 -22.34 13.89 16.54
C VAL F 357 -21.97 14.95 15.54
N GLU F 358 -20.78 15.52 15.70
CA GLU F 358 -20.44 16.74 14.99
C GLU F 358 -19.61 16.41 13.77
N VAL F 359 -19.66 17.31 12.80
CA VAL F 359 -18.95 17.16 11.55
C VAL F 359 -18.04 18.36 11.41
N HIS F 360 -16.75 18.13 11.20
CA HIS F 360 -15.79 19.23 11.18
C HIS F 360 -14.98 19.19 9.90
C ASN G 19 -45.35 -27.09 10.08
N THR G 20 -46.37 -26.31 9.74
CA THR G 20 -46.86 -26.29 8.38
C THR G 20 -46.41 -25.05 7.58
N LEU G 21 -45.50 -24.25 8.15
CA LEU G 21 -44.68 -23.34 7.33
C LEU G 21 -43.28 -23.89 7.01
N SER G 22 -43.05 -25.16 7.33
CA SER G 22 -41.77 -25.81 7.05
C SER G 22 -40.60 -25.00 7.61
N ASN G 23 -39.49 -24.96 6.88
CA ASN G 23 -38.31 -24.25 7.37
C ASN G 23 -37.99 -22.99 6.57
N SER G 24 -38.95 -22.51 5.81
CA SER G 24 -38.67 -21.63 4.70
C SER G 24 -38.14 -20.28 5.21
N ILE G 25 -38.71 -19.81 6.31
CA ILE G 25 -38.26 -18.58 6.95
C ILE G 25 -36.83 -18.68 7.47
N ARG G 26 -36.48 -19.80 8.09
CA ARG G 26 -35.09 -20.00 8.55
C ARG G 26 -34.15 -20.07 7.35
N MET G 27 -34.56 -20.75 6.29
CA MET G 27 -33.75 -20.86 5.08
C MET G 27 -33.57 -19.54 4.33
N LEU G 28 -34.61 -18.72 4.27
CA LEU G 28 -34.46 -17.40 3.70
C LEU G 28 -33.34 -16.68 4.43
N GLY G 29 -33.30 -16.88 5.74
CA GLY G 29 -32.23 -16.34 6.57
C GLY G 29 -30.89 -16.92 6.22
N SER G 30 -30.78 -18.25 6.23
CA SER G 30 -29.46 -18.88 6.16
C SER G 30 -28.85 -18.75 4.77
N GLN G 31 -29.70 -18.54 3.77
CA GLN G 31 -29.25 -18.31 2.39
C GLN G 31 -28.65 -16.93 2.17
N SER G 32 -28.94 -16.02 3.10
CA SER G 32 -28.68 -14.62 2.86
C SER G 32 -27.19 -14.30 2.82
N PRO G 33 -26.40 -14.80 3.79
CA PRO G 33 -24.99 -14.42 3.85
C PRO G 33 -24.17 -14.82 2.64
N LEU G 34 -24.41 -16.02 2.10
CA LEU G 34 -23.64 -16.47 0.95
C LEU G 34 -23.95 -15.60 -0.22
N ILE G 35 -25.24 -15.29 -0.37
CA ILE G 35 -25.67 -14.48 -1.48
C ILE G 35 -24.96 -13.15 -1.41
N GLN G 36 -24.81 -12.62 -0.20
CA GLN G 36 -24.01 -11.41 0.03
C GLN G 36 -22.56 -11.67 -0.31
N ALA G 37 -22.06 -12.88 -0.04
CA ALA G 37 -20.63 -13.12 -0.24
C ALA G 37 -20.31 -13.22 -1.72
N TYR G 38 -21.15 -13.93 -2.46
CA TYR G 38 -20.90 -14.14 -3.88
C TYR G 38 -21.20 -12.85 -4.66
N GLY G 39 -22.16 -12.10 -4.15
CA GLY G 39 -22.35 -10.69 -4.52
C GLY G 39 -21.10 -9.82 -4.43
N LEU G 40 -20.45 -9.83 -3.26
CA LEU G 40 -19.33 -8.93 -2.97
C LEU G 40 -18.13 -9.30 -3.87
N VAL G 41 -18.03 -10.58 -4.21
CA VAL G 41 -17.00 -11.06 -5.12
C VAL G 41 -17.15 -10.46 -6.52
N ILE G 42 -18.38 -10.40 -7.01
CA ILE G 42 -18.63 -9.81 -8.31
C ILE G 42 -18.24 -8.30 -8.26
N LEU G 43 -18.59 -7.64 -7.16
CA LEU G 43 -18.32 -6.19 -7.07
C LEU G 43 -16.83 -5.90 -7.01
N GLN G 44 -16.09 -6.79 -6.36
CA GLN G 44 -14.65 -6.57 -6.16
C GLN G 44 -13.75 -7.08 -7.29
N GLN G 45 -14.21 -8.03 -8.09
CA GLN G 45 -13.41 -8.48 -9.22
C GLN G 45 -13.20 -7.30 -10.18
N PRO G 46 -11.94 -7.01 -10.56
CA PRO G 46 -11.71 -5.74 -11.28
C PRO G 46 -12.30 -5.73 -12.69
N ASP G 47 -12.76 -4.56 -13.11
CA ASP G 47 -13.07 -4.27 -14.50
C ASP G 47 -11.87 -4.58 -15.39
N ILE G 48 -12.06 -5.52 -16.31
CA ILE G 48 -11.01 -5.91 -17.24
C ILE G 48 -11.53 -5.95 -18.68
N LYS G 49 -10.69 -5.51 -19.61
CA LYS G 49 -11.02 -5.57 -21.02
C LYS G 49 -10.29 -6.75 -21.64
N VAL G 50 -11.01 -7.67 -22.25
CA VAL G 50 -10.40 -8.77 -22.98
C VAL G 50 -10.61 -8.62 -24.49
N ASN G 51 -9.52 -8.67 -25.25
CA ASN G 51 -9.59 -8.65 -26.71
C ASN G 51 -10.32 -9.84 -27.30
N ALA G 52 -10.23 -10.98 -26.63
CA ALA G 52 -10.82 -12.22 -27.13
C ALA G 52 -12.34 -12.28 -26.93
N MET G 53 -12.87 -11.42 -26.06
CA MET G 53 -14.32 -11.35 -25.83
C MET G 53 -14.72 -9.91 -25.47
N SER G 54 -15.03 -9.12 -26.50
CA SER G 54 -15.16 -7.67 -26.33
C SER G 54 -16.38 -7.34 -25.49
N SER G 55 -17.40 -8.19 -25.61
CA SER G 55 -18.64 -8.04 -24.87
C SER G 55 -18.47 -8.20 -23.36
N LEU G 56 -17.33 -8.73 -22.93
CA LEU G 56 -17.16 -9.13 -21.53
C LEU G 56 -17.35 -7.94 -20.64
N THR G 57 -16.81 -6.81 -21.06
CA THR G 57 -16.93 -5.57 -20.34
C THR G 57 -18.39 -5.24 -20.06
N ASN G 58 -19.22 -5.32 -21.10
CA ASN G 58 -20.62 -4.95 -20.96
C ASN G 58 -21.31 -5.90 -20.00
N HIS G 59 -21.11 -7.19 -20.19
CA HIS G 59 -21.74 -8.17 -19.32
C HIS G 59 -21.39 -7.92 -17.86
N GLN G 60 -20.12 -7.64 -17.60
CA GLN G 60 -19.65 -7.48 -16.23
C GLN G 60 -20.35 -6.30 -15.59
N LYS G 61 -20.61 -5.27 -16.39
CA LYS G 61 -21.22 -4.04 -15.86
C LYS G 61 -22.67 -4.32 -15.47
N PHE G 62 -23.38 -5.14 -16.27
CA PHE G 62 -24.74 -5.53 -15.90
C PHE G 62 -24.71 -6.30 -14.59
N ALA G 63 -23.78 -7.27 -14.49
CA ALA G 63 -23.69 -8.10 -13.27
C ALA G 63 -23.49 -7.25 -12.01
N LYS G 64 -22.57 -6.28 -12.07
CA LYS G 64 -22.32 -5.39 -10.93
C LYS G 64 -23.55 -4.54 -10.61
N ALA G 65 -24.24 -4.10 -11.65
CA ALA G 65 -25.51 -3.40 -11.50
C ALA G 65 -26.64 -4.29 -10.93
N ASN G 66 -26.70 -5.56 -11.34
CA ASN G 66 -27.62 -6.50 -10.73
C ASN G 66 -27.37 -6.70 -9.23
N VAL G 67 -26.11 -6.93 -8.86
CA VAL G 67 -25.82 -7.20 -7.46
C VAL G 67 -26.19 -5.99 -6.58
N ARG G 68 -25.90 -4.78 -7.05
CA ARG G 68 -26.20 -3.59 -6.25
C ARG G 68 -27.70 -3.34 -6.11
N GLU G 69 -28.44 -3.76 -7.14
CA GLU G 69 -29.88 -3.73 -7.11
C GLU G 69 -30.42 -4.73 -6.11
N TRP G 70 -29.83 -5.93 -6.07
CA TRP G 70 -30.23 -6.86 -5.01
C TRP G 70 -29.94 -6.20 -3.65
N ILE G 71 -28.82 -5.51 -3.55
CA ILE G 71 -28.45 -4.98 -2.27
C ILE G 71 -29.36 -3.81 -1.92
N ASP G 72 -29.65 -2.92 -2.89
CA ASP G 72 -30.36 -1.67 -2.59
C ASP G 72 -31.87 -1.83 -2.50
N GLU G 73 -32.45 -2.69 -3.35
CA GLU G 73 -33.91 -2.73 -3.52
C GLU G 73 -34.53 -4.00 -2.99
N TYR G 74 -33.99 -5.14 -3.41
CA TYR G 74 -34.73 -6.40 -3.29
C TYR G 74 -34.49 -7.15 -1.98
N ASN G 75 -33.24 -7.31 -1.57
CA ASN G 75 -32.99 -7.96 -0.29
C ASN G 75 -33.59 -7.20 0.90
N PRO G 76 -33.64 -5.85 0.85
CA PRO G 76 -34.31 -5.21 1.97
C PRO G 76 -35.79 -5.59 2.06
N LYS G 77 -36.42 -5.90 0.92
CA LYS G 77 -37.80 -6.37 0.93
C LYS G 77 -37.95 -7.64 1.76
N LEU G 78 -36.91 -8.47 1.78
CA LEU G 78 -36.97 -9.78 2.45
C LEU G 78 -36.73 -9.58 3.93
N ILE G 79 -35.87 -8.63 4.27
CA ILE G 79 -35.67 -8.21 5.66
C ILE G 79 -36.95 -7.66 6.28
N ASP G 80 -37.56 -6.68 5.61
CA ASP G 80 -38.86 -6.14 6.01
C ASP G 80 -39.91 -7.22 6.21
N LEU G 81 -40.08 -8.06 5.20
CA LEU G 81 -41.05 -9.15 5.25
C LEU G 81 -40.88 -10.00 6.50
N ASN G 82 -39.63 -10.32 6.82
CA ASN G 82 -39.35 -11.09 8.01
C ASN G 82 -39.75 -10.33 9.27
N GLN G 83 -39.53 -9.01 9.26
CA GLN G 83 -39.92 -8.18 10.41
C GLN G 83 -41.44 -8.15 10.56
N GLU G 84 -42.16 -8.06 9.45
CA GLU G 84 -43.61 -8.04 9.50
C GLU G 84 -44.17 -9.33 10.10
N MET G 85 -43.53 -10.47 9.79
CA MET G 85 -44.00 -11.74 10.31
C MET G 85 -43.65 -11.89 11.79
N MET G 86 -42.45 -11.47 12.17
CA MET G 86 -42.08 -11.39 13.59
C MET G 86 -43.11 -10.57 14.35
N ARG G 87 -43.45 -9.39 13.82
CA ARG G 87 -44.42 -8.51 14.46
C ARG G 87 -45.78 -9.20 14.61
N TYR G 88 -46.22 -9.91 13.58
CA TYR G 88 -47.44 -10.73 13.69
C TYR G 88 -47.38 -11.70 14.87
N SER G 89 -46.26 -12.40 15.04
CA SER G 89 -46.16 -13.46 16.03
C SER G 89 -46.18 -12.92 17.45
N ILE G 90 -45.58 -11.76 17.64
CA ILE G 90 -45.67 -11.05 18.91
C ILE G 90 -47.11 -10.61 19.16
N ARG G 91 -47.69 -9.90 18.20
CA ARG G 91 -49.10 -9.52 18.27
C ARG G 91 -49.95 -10.72 18.70
N PHE G 92 -49.91 -11.77 17.90
CA PHE G 92 -50.77 -12.94 18.14
C PHE G 92 -50.62 -13.45 19.56
N ASN G 93 -49.37 -13.61 20.01
CA ASN G 93 -49.10 -13.97 21.39
C ASN G 93 -49.74 -13.00 22.36
N SER G 94 -49.57 -11.71 22.10
CA SER G 94 -50.10 -10.66 22.97
C SER G 94 -51.62 -10.73 23.07
N TYR G 95 -52.27 -11.18 21.99
CA TYR G 95 -53.72 -11.19 21.94
C TYR G 95 -54.32 -12.53 22.37
N TYR G 96 -53.47 -13.52 22.60
CA TYR G 96 -53.92 -14.92 22.58
C TYR G 96 -54.79 -15.25 23.78
N SER G 97 -54.33 -14.87 24.96
CA SER G 97 -55.09 -15.07 26.19
C SER G 97 -56.54 -14.64 25.98
N LYS G 98 -56.73 -13.47 25.36
CA LYS G 98 -58.05 -12.88 25.22
C LYS G 98 -58.88 -13.64 24.17
N LEU G 99 -58.25 -14.03 23.07
CA LEU G 99 -58.97 -14.75 22.01
C LEU G 99 -59.42 -16.12 22.50
N TYR G 100 -58.51 -16.82 23.16
CA TYR G 100 -58.78 -18.20 23.56
C TYR G 100 -60.02 -18.22 24.45
N GLU G 101 -60.03 -17.30 25.41
CA GLU G 101 -61.17 -17.10 26.29
C GLU G 101 -62.45 -16.85 25.48
N LEU G 102 -62.40 -15.84 24.62
CA LEU G 102 -63.55 -15.49 23.79
C LEU G 102 -64.05 -16.68 22.99
N ALA G 103 -63.14 -17.41 22.36
CA ALA G 103 -63.50 -18.63 21.66
C ALA G 103 -64.31 -19.53 22.57
N GLY G 104 -63.84 -19.67 23.82
CA GLY G 104 -64.48 -20.56 24.77
C GLY G 104 -65.88 -20.10 25.15
N ASN G 105 -66.14 -18.81 25.00
CA ASN G 105 -67.38 -18.19 25.49
C ASN G 105 -68.37 -17.94 24.36
N ILE G 106 -68.11 -18.57 23.22
CA ILE G 106 -68.75 -18.18 21.98
C ILE G 106 -70.27 -18.42 22.02
N ASN G 107 -70.76 -19.00 23.12
CA ASN G 107 -72.18 -19.30 23.27
C ASN G 107 -72.82 -18.65 24.50
N GLU G 108 -72.14 -17.66 25.07
CA GLU G 108 -72.73 -16.86 26.15
C GLU G 108 -73.12 -15.46 25.68
N GLN G 111 -73.56 -11.72 22.15
CA GLN G 111 -72.53 -10.72 22.34
C GLN G 111 -71.17 -11.37 22.60
N SER G 112 -71.19 -12.58 23.16
CA SER G 112 -70.00 -13.42 23.20
C SER G 112 -69.50 -13.75 21.78
N LYS G 113 -70.45 -14.05 20.90
CA LYS G 113 -70.17 -14.28 19.49
C LYS G 113 -69.60 -13.02 18.84
N ALA G 114 -70.40 -11.96 18.83
CA ALA G 114 -70.02 -10.71 18.19
C ALA G 114 -68.55 -10.36 18.47
N ASP G 115 -68.16 -10.51 19.73
CA ASP G 115 -66.85 -10.04 20.17
C ASP G 115 -65.71 -10.89 19.59
N PHE G 116 -65.92 -12.21 19.47
CA PHE G 116 -64.88 -13.08 18.92
C PHE G 116 -64.73 -12.85 17.42
N THR G 117 -65.84 -12.92 16.69
CA THR G 117 -65.82 -12.69 15.25
C THR G 117 -65.05 -11.41 14.93
N ASN G 118 -65.24 -10.40 15.78
CA ASN G 118 -64.67 -9.08 15.55
C ASN G 118 -63.16 -9.08 15.80
N ALA G 119 -62.75 -9.59 16.96
CA ALA G 119 -61.34 -9.64 17.32
C ALA G 119 -60.56 -10.54 16.37
N TYR G 120 -61.06 -11.74 16.16
CA TYR G 120 -60.45 -12.68 15.23
C TYR G 120 -60.40 -12.11 13.82
N GLY G 121 -61.45 -11.36 13.45
CA GLY G 121 -61.48 -10.72 12.14
C GLY G 121 -60.29 -9.80 11.93
N LYS G 122 -59.91 -9.09 12.99
CA LYS G 122 -58.72 -8.26 12.96
C LYS G 122 -57.47 -9.09 12.65
N LEU G 123 -57.33 -10.22 13.35
CA LEU G 123 -56.21 -11.13 13.14
C LEU G 123 -56.10 -11.56 11.68
N GLN G 124 -57.22 -12.00 11.13
CA GLN G 124 -57.24 -12.57 9.79
C GLN G 124 -56.84 -11.53 8.76
N LEU G 125 -57.24 -10.28 8.99
CA LEU G 125 -56.88 -9.18 8.11
C LEU G 125 -55.37 -9.00 8.07
N GLN G 126 -54.73 -9.19 9.21
CA GLN G 126 -53.29 -9.04 9.32
C GLN G 126 -52.54 -10.17 8.60
N VAL G 127 -53.01 -11.40 8.78
CA VAL G 127 -52.50 -12.52 7.99
C VAL G 127 -52.73 -12.24 6.50
N GLN G 128 -53.92 -11.76 6.18
CA GLN G 128 -54.24 -11.33 4.82
C GLN G 128 -53.23 -10.31 4.28
N SER G 129 -52.97 -9.26 5.05
CA SER G 129 -52.08 -8.20 4.59
C SER G 129 -50.65 -8.72 4.35
N ILE G 130 -50.22 -9.67 5.16
CA ILE G 130 -48.91 -10.27 4.97
C ILE G 130 -48.86 -11.06 3.67
N GLN G 131 -49.91 -11.83 3.40
CA GLN G 131 -50.02 -12.57 2.14
C GLN G 131 -49.90 -11.61 0.96
N GLU G 132 -50.49 -10.43 1.10
CA GLU G 132 -50.54 -9.48 -0.01
C GLU G 132 -49.18 -8.84 -0.23
N ASN G 133 -48.48 -8.53 0.86
CA ASN G 133 -47.15 -7.96 0.78
C ASN G 133 -46.13 -8.95 0.22
N MET G 134 -46.31 -10.21 0.59
CA MET G 134 -45.48 -11.30 0.11
C MET G 134 -45.68 -11.57 -1.38
N GLU G 135 -46.94 -11.66 -1.79
CA GLU G 135 -47.31 -11.76 -3.22
C GLU G 135 -46.68 -10.62 -4.03
N GLN G 136 -46.72 -9.41 -3.49
CA GLN G 136 -46.22 -8.25 -4.21
C GLN G 136 -44.69 -8.31 -4.33
N ASP G 137 -44.05 -8.67 -3.22
CA ASP G 137 -42.59 -8.78 -3.18
C ASP G 137 -42.11 -9.77 -4.23
N LEU G 138 -42.74 -10.93 -4.26
CA LEU G 138 -42.41 -11.97 -5.24
C LEU G 138 -42.55 -11.49 -6.68
N LEU G 139 -43.65 -10.79 -6.98
CA LEU G 139 -43.80 -10.22 -8.31
C LEU G 139 -42.59 -9.33 -8.63
N GLU G 140 -42.17 -8.54 -7.66
CA GLU G 140 -41.03 -7.64 -7.89
C GLU G 140 -39.73 -8.44 -8.00
N LEU G 141 -39.64 -9.51 -7.23
CA LEU G 141 -38.44 -10.33 -7.17
C LEU G 141 -38.27 -11.16 -8.43
N ASN G 142 -39.38 -11.69 -8.96
CA ASN G 142 -39.31 -12.45 -10.19
C ASN G 142 -38.99 -11.62 -11.42
N ARG G 143 -39.21 -10.31 -11.35
CA ARG G 143 -38.78 -9.41 -12.43
C ARG G 143 -37.26 -9.28 -12.45
N PHE G 144 -36.67 -9.17 -11.26
CA PHE G 144 -35.23 -9.18 -11.12
C PHE G 144 -34.64 -10.51 -11.56
N LYS G 145 -35.27 -11.61 -11.13
CA LYS G 145 -34.82 -12.95 -11.49
C LYS G 145 -34.88 -13.21 -13.00
N THR G 146 -35.91 -12.70 -13.66
CA THR G 146 -36.01 -12.79 -15.11
C THR G 146 -34.84 -12.08 -15.82
N VAL G 147 -34.48 -10.87 -15.37
CA VAL G 147 -33.30 -10.18 -15.93
C VAL G 147 -31.99 -10.88 -15.61
N LEU G 148 -31.81 -11.22 -14.33
CA LEU G 148 -30.59 -11.87 -13.89
C LEU G 148 -30.36 -13.21 -14.62
N ASP G 149 -31.38 -14.06 -14.70
CA ASP G 149 -31.19 -15.36 -15.35
C ASP G 149 -30.75 -15.17 -16.79
N LYS G 150 -31.40 -14.25 -17.49
CA LYS G 150 -31.12 -14.04 -18.90
C LYS G 150 -29.76 -13.43 -19.10
N ASP G 151 -29.41 -12.44 -18.27
CA ASP G 151 -28.07 -11.87 -18.28
C ASP G 151 -27.01 -12.96 -18.06
N SER G 152 -27.23 -13.80 -17.05
CA SER G 152 -26.30 -14.87 -16.73
C SER G 152 -26.20 -15.84 -17.90
N ASN G 153 -27.33 -16.13 -18.52
CA ASN G 153 -27.36 -17.04 -19.67
C ASN G 153 -26.66 -16.46 -20.90
N ASN G 154 -26.91 -15.20 -21.20
CA ASN G 154 -26.20 -14.54 -22.31
C ASN G 154 -24.69 -14.60 -22.06
N LEU G 155 -24.30 -14.37 -20.82
CA LEU G 155 -22.90 -14.31 -20.45
C LEU G 155 -22.22 -15.65 -20.68
N SER G 156 -22.86 -16.72 -20.21
CA SER G 156 -22.29 -18.05 -20.31
C SER G 156 -22.16 -18.48 -21.75
N ILE G 157 -23.18 -18.16 -22.55
CA ILE G 157 -23.17 -18.48 -23.98
C ILE G 157 -22.02 -17.80 -24.71
N LYS G 158 -21.83 -16.49 -24.49
CA LYS G 158 -20.73 -15.81 -25.15
C LYS G 158 -19.36 -16.25 -24.62
N ALA G 159 -19.30 -16.65 -23.35
CA ALA G 159 -18.03 -17.03 -22.75
C ALA G 159 -17.53 -18.33 -23.38
N ASP G 160 -18.42 -19.32 -23.43
CA ASP G 160 -18.12 -20.59 -24.13
C ASP G 160 -17.57 -20.36 -25.55
N GLU G 161 -18.21 -19.46 -26.29
CA GLU G 161 -17.83 -19.23 -27.67
C GLU G 161 -16.48 -18.55 -27.79
N ALA G 162 -16.21 -17.59 -26.91
CA ALA G 162 -14.91 -16.92 -26.87
C ALA G 162 -13.80 -17.87 -26.43
N ILE G 163 -14.12 -18.76 -25.50
CA ILE G 163 -13.15 -19.75 -25.04
C ILE G 163 -12.86 -20.75 -26.14
N LYS G 164 -13.90 -21.11 -26.90
CA LYS G 164 -13.74 -21.94 -28.09
C LYS G 164 -12.76 -21.33 -29.08
N THR G 165 -12.91 -20.04 -29.34
CA THR G 165 -12.07 -19.34 -30.31
C THR G 165 -10.61 -19.22 -29.85
N LEU G 166 -10.40 -19.03 -28.55
CA LEU G 166 -9.05 -18.86 -28.02
C LEU G 166 -8.24 -20.14 -28.10
N GLN G 167 -8.86 -21.26 -27.75
CA GLN G 167 -8.15 -22.54 -27.67
C GLN G 167 -7.41 -22.86 -28.96
N ASP G 172 -7.95 -28.65 -23.18
CA ASP G 172 -6.78 -27.80 -22.94
C ASP G 172 -7.16 -26.60 -22.07
N ILE G 173 -7.20 -25.42 -22.68
CA ILE G 173 -7.87 -24.24 -22.11
C ILE G 173 -9.28 -24.59 -21.62
N VAL G 174 -10.00 -25.39 -22.39
CA VAL G 174 -11.37 -25.77 -22.01
C VAL G 174 -11.37 -26.63 -20.76
N LYS G 175 -10.48 -27.63 -20.72
CA LYS G 175 -10.40 -28.53 -19.57
C LYS G 175 -10.00 -27.82 -18.29
N LEU G 176 -8.98 -26.96 -18.35
CA LEU G 176 -8.60 -26.19 -17.17
C LEU G 176 -9.79 -25.37 -16.65
N ARG G 177 -10.55 -24.78 -17.55
CA ARG G 177 -11.64 -23.86 -17.16
C ARG G 177 -12.73 -24.67 -16.51
N GLU G 178 -12.94 -25.89 -17.03
CA GLU G 178 -13.97 -26.74 -16.48
C GLU G 178 -13.56 -27.24 -15.09
N ASP G 179 -12.29 -27.57 -14.88
CA ASP G 179 -11.82 -27.99 -13.56
C ASP G 179 -11.97 -26.83 -12.57
N ILE G 180 -11.60 -25.63 -12.99
CA ILE G 180 -11.76 -24.45 -12.11
C ILE G 180 -13.22 -24.25 -11.74
N LYS G 181 -14.11 -24.36 -12.71
CA LYS G 181 -15.53 -24.20 -12.43
C LYS G 181 -16.01 -25.28 -11.48
N ARG G 182 -15.59 -26.53 -11.72
CA ARG G 182 -16.00 -27.64 -10.88
C ARG G 182 -15.65 -27.31 -9.45
N ILE G 183 -14.37 -27.02 -9.20
CA ILE G 183 -13.91 -26.92 -7.83
C ILE G 183 -14.64 -25.77 -7.13
N GLN G 184 -15.01 -24.74 -7.90
CA GLN G 184 -15.71 -23.56 -7.35
C GLN G 184 -17.15 -23.94 -7.04
N GLY G 185 -17.66 -24.94 -7.76
CA GLY G 185 -18.98 -25.46 -7.48
C GLY G 185 -19.01 -26.25 -6.18
N GLU G 186 -17.99 -27.09 -6.00
CA GLU G 186 -17.82 -27.83 -4.75
C GLU G 186 -17.64 -26.94 -3.50
N ILE G 187 -16.87 -25.86 -3.63
CA ILE G 187 -16.75 -24.89 -2.55
C ILE G 187 -18.11 -24.27 -2.23
N GLN G 188 -18.84 -23.93 -3.28
CA GLN G 188 -20.19 -23.39 -3.14
C GLN G 188 -21.11 -24.33 -2.37
N ALA G 189 -21.17 -25.60 -2.79
CA ALA G 189 -21.99 -26.56 -2.08
C ALA G 189 -21.58 -26.68 -0.63
N GLU G 190 -20.29 -26.73 -0.36
CA GLU G 190 -19.83 -26.92 1.00
C GLU G 190 -20.25 -25.76 1.92
N LEU G 191 -20.20 -24.53 1.41
CA LEU G 191 -20.59 -23.35 2.17
C LEU G 191 -22.06 -23.40 2.44
N THR G 192 -22.81 -23.79 1.42
CA THR G 192 -24.24 -24.01 1.58
C THR G 192 -24.53 -25.01 2.68
N THR G 193 -23.71 -26.04 2.75
CA THR G 193 -23.87 -27.09 3.73
C THR G 193 -23.61 -26.54 5.13
N ILE G 194 -22.56 -25.75 5.23
CA ILE G 194 -22.21 -25.13 6.51
C ILE G 194 -23.36 -24.27 7.02
N LEU G 195 -23.89 -23.39 6.16
CA LEU G 195 -24.89 -22.41 6.58
C LEU G 195 -26.23 -23.07 6.91
N ASN G 196 -26.50 -24.21 6.30
CA ASN G 196 -27.77 -24.90 6.52
C ASN G 196 -27.78 -25.82 7.75
N ARG G 197 -26.63 -26.04 8.38
CA ARG G 197 -26.59 -26.82 9.62
C ARG G 197 -27.24 -26.06 10.79
N PRO G 198 -27.97 -26.79 11.65
CA PRO G 198 -28.46 -26.16 12.88
C PRO G 198 -27.32 -25.61 13.69
N GLN G 199 -27.46 -24.37 14.18
CA GLN G 199 -26.55 -23.84 15.19
C GLN G 199 -27.34 -23.04 16.23
N GLU G 200 -27.35 -23.55 17.46
CA GLU G 200 -27.97 -22.86 18.57
C GLU G 200 -27.27 -21.54 18.89
N ILE G 201 -26.02 -21.42 18.45
CA ILE G 201 -25.32 -20.14 18.41
C ILE G 201 -25.08 -19.69 16.97
N ILE G 202 -25.93 -18.82 16.46
CA ILE G 202 -25.77 -18.29 15.09
C ILE G 202 -24.83 -17.09 15.09
N LYS G 203 -23.60 -17.30 14.64
CA LYS G 203 -22.57 -16.25 14.62
C LYS G 203 -21.43 -16.67 13.71
N GLY G 204 -20.90 -15.72 12.96
CA GLY G 204 -19.67 -15.97 12.20
C GLY G 204 -19.29 -14.88 11.22
N SER G 205 -18.48 -15.26 10.23
CA SER G 205 -17.78 -14.32 9.40
C SER G 205 -17.21 -14.97 8.15
N ILE G 206 -17.50 -14.39 7.00
CA ILE G 206 -16.90 -14.81 5.74
C ILE G 206 -16.19 -13.65 5.08
N ASN G 207 -14.93 -13.87 4.72
CA ASN G 207 -14.11 -12.84 4.16
C ASN G 207 -13.85 -13.06 2.68
N ILE G 208 -13.94 -11.98 1.93
CA ILE G 208 -13.65 -11.99 0.50
C ILE G 208 -12.20 -11.52 0.35
N GLY G 209 -11.42 -12.24 -0.44
CA GLY G 209 -10.00 -11.94 -0.60
C GLY G 209 -9.58 -11.79 -2.05
N LYS G 210 -8.47 -11.09 -2.29
CA LYS G 210 -7.84 -11.06 -3.61
C LYS G 210 -6.53 -11.82 -3.58
N GLN G 211 -6.32 -12.67 -4.58
CA GLN G 211 -5.04 -13.31 -4.80
C GLN G 211 -4.49 -12.93 -6.17
N VAL G 212 -3.21 -12.58 -6.22
CA VAL G 212 -2.61 -12.09 -7.44
C VAL G 212 -1.75 -13.18 -8.09
N PHE G 213 -1.86 -13.32 -9.40
CA PHE G 213 -0.99 -14.24 -10.13
C PHE G 213 -0.08 -13.51 -11.09
N THR G 214 1.16 -13.97 -11.21
CA THR G 214 2.13 -13.36 -12.09
C THR G 214 2.47 -14.28 -13.26
N ILE G 215 2.39 -13.75 -14.48
CA ILE G 215 2.69 -14.54 -15.67
C ILE G 215 3.59 -13.78 -16.66
N THR G 216 4.08 -14.49 -17.67
CA THR G 216 5.02 -13.93 -18.66
C THR G 216 4.48 -14.09 -20.07
N LYS G 223 1.02 -8.49 -16.85
CA LYS G 223 1.91 -9.46 -16.21
C LYS G 223 1.27 -10.09 -14.97
N THR G 224 0.34 -9.38 -14.32
CA THR G 224 -0.40 -9.94 -13.19
C THR G 224 -1.90 -10.11 -13.47
N ILE G 225 -2.50 -11.05 -12.75
CA ILE G 225 -3.89 -11.43 -12.93
C ILE G 225 -4.54 -11.47 -11.54
N ASP G 226 -5.63 -10.74 -11.35
CA ASP G 226 -6.31 -10.73 -10.05
C ASP G 226 -7.38 -11.82 -9.98
N PHE G 227 -7.48 -12.41 -8.80
CA PHE G 227 -8.49 -13.42 -8.55
C PHE G 227 -9.17 -13.07 -7.25
N VAL G 228 -10.43 -12.68 -7.34
CA VAL G 228 -11.21 -12.46 -6.16
C VAL G 228 -12.11 -13.64 -5.84
N SER G 229 -12.18 -13.98 -4.56
CA SER G 229 -13.00 -15.12 -4.14
C SER G 229 -13.17 -15.11 -2.64
N ILE G 230 -14.20 -15.83 -2.20
CA ILE G 230 -14.38 -16.13 -0.79
C ILE G 230 -13.12 -16.77 -0.23
N GLY G 231 -12.67 -16.25 0.88
CA GLY G 231 -11.36 -16.55 1.43
C GLY G 231 -11.47 -17.29 2.74
N THR G 232 -10.95 -16.69 3.82
CA THR G 232 -10.94 -17.35 5.12
C THR G 232 -12.32 -17.30 5.79
N LEU G 233 -12.67 -18.39 6.45
CA LEU G 233 -13.85 -18.44 7.30
C LEU G 233 -13.41 -18.25 8.74
N SER G 234 -14.28 -17.68 9.57
CA SER G 234 -13.88 -17.26 10.90
C SER G 234 -13.71 -18.46 11.82
N ASN G 235 -13.19 -18.21 13.02
CA ASN G 235 -12.80 -19.30 13.90
C ASN G 235 -14.00 -20.13 14.33
N GLU G 236 -15.14 -19.47 14.51
CA GLU G 236 -16.36 -20.18 14.93
C GLU G 236 -16.70 -21.29 13.95
N ILE G 237 -16.41 -21.05 12.68
CA ILE G 237 -16.77 -21.99 11.63
C ILE G 237 -15.71 -23.09 11.51
N VAL G 238 -14.45 -22.69 11.41
CA VAL G 238 -13.35 -23.64 11.16
C VAL G 238 -13.08 -24.52 12.38
N ASN G 239 -13.23 -23.95 13.57
CA ASN G 239 -13.21 -24.76 14.79
C ASN G 239 -14.56 -24.80 15.46
N ALA G 240 -15.59 -25.13 14.68
CA ALA G 240 -16.93 -25.33 15.21
C ALA G 240 -16.97 -26.63 15.99
N ALA G 241 -17.82 -26.70 17.01
CA ALA G 241 -18.03 -27.91 17.79
C ALA G 241 -18.65 -29.01 16.91
N ASP G 242 -19.39 -28.58 15.89
CA ASP G 242 -20.08 -29.51 15.00
C ASP G 242 -19.13 -30.10 13.95
N SER G 243 -18.92 -31.41 13.99
CA SER G 243 -17.89 -32.03 13.17
C SER G 243 -18.17 -31.91 11.68
N GLN G 244 -19.45 -31.93 11.30
CA GLN G 244 -19.81 -31.79 9.89
C GLN G 244 -19.44 -30.41 9.35
N THR G 245 -19.62 -29.40 10.18
CA THR G 245 -19.19 -28.05 9.85
C THR G 245 -17.66 -27.96 9.76
N ARG G 246 -16.98 -28.67 10.65
CA ARG G 246 -15.53 -28.60 10.72
C ARG G 246 -14.91 -29.29 9.50
N GLU G 247 -15.49 -30.42 9.13
CA GLU G 247 -14.94 -31.21 8.02
C GLU G 247 -15.18 -30.50 6.70
N ALA G 248 -16.33 -29.85 6.58
CA ALA G 248 -16.64 -29.07 5.39
C ALA G 248 -15.69 -27.90 5.23
N ALA G 249 -15.36 -27.24 6.33
CA ALA G 249 -14.46 -26.08 6.28
C ALA G 249 -13.08 -26.52 5.82
N LEU G 250 -12.68 -27.72 6.25
CA LEU G 250 -11.38 -28.26 5.91
C LEU G 250 -11.29 -28.62 4.42
N ARG G 251 -12.37 -29.16 3.86
CA ARG G 251 -12.42 -29.48 2.43
C ARG G 251 -12.36 -28.18 1.61
N ILE G 252 -13.11 -27.19 2.05
CA ILE G 252 -13.02 -25.87 1.39
C ILE G 252 -11.58 -25.37 1.34
N GLN G 253 -10.92 -25.37 2.49
CA GLN G 253 -9.55 -24.88 2.60
C GLN G 253 -8.66 -25.59 1.57
N GLN G 254 -8.83 -26.91 1.50
CA GLN G 254 -8.05 -27.71 0.56
C GLN G 254 -8.33 -27.30 -0.87
N LYS G 255 -9.61 -27.20 -1.21
CA LYS G 255 -10.00 -26.87 -2.59
C LYS G 255 -9.51 -25.46 -2.99
N GLN G 256 -9.49 -24.53 -2.03
CA GLN G 256 -8.97 -23.21 -2.34
C GLN G 256 -7.51 -23.29 -2.77
N LYS G 257 -6.76 -24.23 -2.19
CA LYS G 257 -5.36 -24.37 -2.56
C LYS G 257 -5.24 -25.18 -3.85
N GLU G 258 -6.11 -26.18 -4.06
CA GLU G 258 -6.14 -26.91 -5.34
C GLU G 258 -6.32 -25.96 -6.53
N LEU G 259 -7.05 -24.86 -6.34
CA LEU G 259 -7.30 -23.95 -7.46
C LEU G 259 -6.02 -23.32 -8.00
N LEU G 260 -5.06 -23.09 -7.11
CA LEU G 260 -3.94 -22.22 -7.41
C LEU G 260 -3.05 -22.73 -8.56
N PRO G 261 -2.65 -24.01 -8.55
CA PRO G 261 -1.93 -24.46 -9.73
C PRO G 261 -2.75 -24.46 -11.03
N LEU G 262 -4.06 -24.65 -10.92
CA LEU G 262 -4.93 -24.62 -12.11
C LEU G 262 -5.04 -23.22 -12.70
N ILE G 263 -5.20 -22.23 -11.84
CA ILE G 263 -5.27 -20.85 -12.31
C ILE G 263 -3.96 -20.37 -12.94
N GLN G 264 -2.84 -20.68 -12.30
CA GLN G 264 -1.53 -20.36 -12.84
C GLN G 264 -1.32 -20.97 -14.24
N LYS G 265 -1.67 -22.24 -14.40
CA LYS G 265 -1.52 -22.94 -15.70
C LYS G 265 -2.40 -22.33 -16.79
N LEU G 266 -3.65 -22.03 -16.45
CA LEU G 266 -4.58 -21.42 -17.39
C LEU G 266 -4.12 -20.03 -17.80
N SER G 267 -3.62 -19.29 -16.83
CA SER G 267 -3.28 -17.90 -17.03
C SER G 267 -2.03 -17.76 -17.89
N GLN G 268 -1.06 -18.66 -17.68
CA GLN G 268 0.17 -18.67 -18.46
C GLN G 268 -0.07 -19.26 -19.85
N THR G 269 -1.10 -20.07 -20.01
CA THR G 269 -1.52 -20.48 -21.35
C THR G 269 -2.23 -19.33 -22.08
N GLU G 270 -3.24 -18.75 -21.44
CA GLU G 270 -3.94 -17.59 -22.02
C GLU G 270 -4.55 -16.72 -20.92
N ALA G 271 -4.01 -15.51 -20.75
CA ALA G 271 -4.42 -14.65 -19.66
C ALA G 271 -5.89 -14.27 -19.81
N GLU G 272 -6.33 -14.13 -21.05
CA GLU G 272 -7.72 -13.76 -21.32
C GLU G 272 -8.69 -14.87 -20.95
N ALA G 273 -8.27 -16.13 -21.06
CA ALA G 273 -9.18 -17.22 -20.76
C ALA G 273 -9.51 -17.24 -19.27
N THR G 274 -8.54 -16.80 -18.46
CA THR G 274 -8.70 -16.74 -17.01
C THR G 274 -9.66 -15.64 -16.63
N GLN G 275 -9.57 -14.53 -17.33
CA GLN G 275 -10.36 -13.35 -16.99
C GLN G 275 -11.83 -13.63 -17.31
N ILE G 276 -12.05 -14.24 -18.45
CA ILE G 276 -13.38 -14.64 -18.86
C ILE G 276 -13.92 -15.64 -17.84
N THR G 277 -13.03 -16.50 -17.34
CA THR G 277 -13.45 -17.62 -16.53
C THR G 277 -13.94 -17.19 -15.15
N PHE G 278 -13.22 -16.26 -14.52
CA PHE G 278 -13.65 -15.75 -13.23
C PHE G 278 -15.00 -15.04 -13.33
N VAL G 279 -15.14 -14.12 -14.28
CA VAL G 279 -16.35 -13.32 -14.36
C VAL G 279 -17.59 -14.21 -14.57
N GLU G 280 -17.54 -15.06 -15.58
CA GLU G 280 -18.68 -15.98 -15.84
C GLU G 280 -19.04 -16.83 -14.64
N ASP G 281 -18.04 -17.44 -14.02
CA ASP G 281 -18.30 -18.40 -12.92
C ASP G 281 -18.83 -17.68 -11.68
N GLN G 282 -18.35 -16.46 -11.44
CA GLN G 282 -18.84 -15.69 -10.31
C GLN G 282 -20.31 -15.36 -10.53
N VAL G 283 -20.65 -14.93 -11.73
CA VAL G 283 -22.01 -14.51 -12.02
C VAL G 283 -22.96 -15.70 -11.99
N SER G 284 -22.48 -16.84 -12.45
CA SER G 284 -23.29 -18.05 -12.41
C SER G 284 -23.59 -18.56 -10.99
N SER G 285 -22.62 -18.50 -10.08
CA SER G 285 -22.93 -18.90 -8.70
C SER G 285 -23.94 -17.94 -8.07
N PHE G 286 -23.69 -16.63 -8.16
CA PHE G 286 -24.60 -15.66 -7.57
C PHE G 286 -26.01 -15.81 -8.10
N THR G 287 -26.13 -16.14 -9.40
CA THR G 287 -27.43 -16.33 -10.02
C THR G 287 -28.14 -17.59 -9.51
N GLU G 288 -27.39 -18.68 -9.41
CA GLU G 288 -27.94 -19.90 -8.82
C GLU G 288 -28.48 -19.65 -7.43
N LEU G 289 -27.75 -18.90 -6.63
CA LEU G 289 -28.16 -18.72 -5.24
C LEU G 289 -29.39 -17.81 -5.15
N ILE G 290 -29.46 -16.81 -6.02
CA ILE G 290 -30.63 -15.94 -6.09
C ILE G 290 -31.87 -16.78 -6.48
N ASP G 291 -31.73 -17.55 -7.55
CA ASP G 291 -32.82 -18.46 -7.99
C ASP G 291 -33.38 -19.32 -6.85
N ARG G 292 -32.51 -19.91 -6.04
CA ARG G 292 -32.98 -20.72 -4.92
C ARG G 292 -33.67 -19.87 -3.85
N GLN G 293 -33.16 -18.67 -3.60
CA GLN G 293 -33.73 -17.92 -2.50
C GLN G 293 -35.17 -17.51 -2.83
N ILE G 294 -35.43 -17.20 -4.10
CA ILE G 294 -36.71 -16.69 -4.52
C ILE G 294 -37.72 -17.85 -4.57
N THR G 295 -37.27 -18.98 -5.07
CA THR G 295 -38.05 -20.20 -4.98
C THR G 295 -38.48 -20.52 -3.56
N THR G 296 -37.57 -20.36 -2.61
CA THR G 296 -37.90 -20.61 -1.22
C THR G 296 -39.01 -19.66 -0.76
N LEU G 297 -38.99 -18.43 -1.27
CA LEU G 297 -40.00 -17.46 -0.86
C LEU G 297 -41.36 -17.82 -1.46
N GLU G 298 -41.33 -18.41 -2.65
CA GLU G 298 -42.53 -18.97 -3.26
C GLU G 298 -43.12 -20.10 -2.41
N THR G 299 -42.29 -21.07 -2.05
CA THR G 299 -42.69 -22.09 -1.08
C THR G 299 -43.33 -21.50 0.18
N LEU G 300 -42.75 -20.43 0.72
CA LEU G 300 -43.30 -19.80 1.90
C LEU G 300 -44.70 -19.25 1.65
N LEU G 301 -44.86 -18.54 0.53
CA LEU G 301 -46.16 -18.05 0.12
C LEU G 301 -47.20 -19.15 0.01
N THR G 302 -46.85 -20.24 -0.67
CA THR G 302 -47.76 -21.37 -0.79
C THR G 302 -48.28 -21.82 0.57
N ASP G 303 -47.37 -21.97 1.53
CA ASP G 303 -47.76 -22.40 2.87
C ASP G 303 -48.52 -21.30 3.64
N TRP G 304 -48.11 -20.05 3.49
CA TRP G 304 -48.89 -18.95 4.06
C TRP G 304 -50.37 -18.99 3.60
N LYS G 305 -50.59 -19.29 2.32
CA LYS G 305 -51.94 -19.33 1.77
C LYS G 305 -52.82 -20.38 2.43
N VAL G 306 -52.25 -21.55 2.69
CA VAL G 306 -53.00 -22.61 3.36
C VAL G 306 -53.37 -22.22 4.79
N LEU G 307 -52.44 -21.60 5.49
CA LEU G 307 -52.70 -21.00 6.80
C LEU G 307 -53.87 -20.01 6.75
N ASN G 308 -53.83 -19.11 5.79
CA ASN G 308 -54.85 -18.07 5.65
C ASN G 308 -56.20 -18.73 5.35
N ASN G 309 -56.21 -19.56 4.32
CA ASN G 309 -57.36 -20.40 4.02
C ASN G 309 -57.97 -21.01 5.28
N ASN G 310 -57.13 -21.62 6.11
CA ASN G 310 -57.62 -22.31 7.30
C ASN G 310 -58.25 -21.34 8.28
N MET G 311 -57.64 -20.18 8.42
CA MET G 311 -58.15 -19.15 9.30
C MET G 311 -59.48 -18.63 8.78
N ILE G 312 -59.58 -18.52 7.46
CA ILE G 312 -60.77 -18.00 6.81
C ILE G 312 -61.92 -18.99 6.95
N GLN G 313 -61.61 -20.26 6.78
CA GLN G 313 -62.60 -21.31 6.96
C GLN G 313 -63.14 -21.32 8.39
N ILE G 314 -62.30 -20.96 9.36
CA ILE G 314 -62.75 -20.91 10.74
C ILE G 314 -63.80 -19.82 10.89
N GLN G 315 -63.52 -18.64 10.35
CA GLN G 315 -64.49 -17.55 10.28
C GLN G 315 -65.82 -18.01 9.69
N LYS G 316 -65.74 -18.71 8.56
CA LYS G 316 -66.93 -19.11 7.83
C LYS G 316 -67.78 -20.08 8.64
N ASN G 317 -67.14 -20.82 9.52
CA ASN G 317 -67.83 -21.76 10.38
C ASN G 317 -68.41 -21.10 11.62
N VAL G 318 -67.81 -19.98 12.03
CA VAL G 318 -68.30 -19.24 13.18
C VAL G 318 -69.43 -18.28 12.78
N GLU G 319 -69.16 -17.42 11.79
CA GLU G 319 -70.21 -16.59 11.20
C GLU G 319 -71.50 -17.39 11.02
N GLU G 320 -71.40 -18.56 10.39
CA GLU G 320 -72.56 -19.40 10.14
C GLU G 320 -73.26 -19.78 11.44
N SER G 326 -67.61 -25.79 20.79
CA SER G 326 -66.86 -24.63 21.23
C SER G 326 -65.43 -24.99 21.62
N SER G 327 -65.27 -26.16 22.25
CA SER G 327 -63.95 -26.72 22.47
C SER G 327 -63.25 -26.94 21.14
N LEU G 328 -64.05 -27.22 20.11
CA LEU G 328 -63.53 -27.52 18.78
C LEU G 328 -62.95 -26.25 18.15
N LEU G 329 -63.50 -25.12 18.54
CA LEU G 329 -62.96 -23.81 18.16
C LEU G 329 -61.67 -23.49 18.91
N GLN G 330 -61.62 -23.88 20.19
CA GLN G 330 -60.42 -23.65 20.98
C GLN G 330 -59.25 -24.53 20.53
N LYS G 331 -59.55 -25.68 19.95
CA LYS G 331 -58.51 -26.57 19.42
C LYS G 331 -58.12 -26.16 18.01
N HIS G 332 -59.11 -25.95 17.14
CA HIS G 332 -58.87 -25.30 15.85
C HIS G 332 -58.08 -24.00 16.03
N PHE G 333 -57.77 -23.67 17.28
CA PHE G 333 -57.17 -22.38 17.60
C PHE G 333 -55.81 -22.53 18.28
N ASN G 334 -55.67 -23.53 19.14
CA ASN G 334 -54.37 -23.87 19.71
C ASN G 334 -53.35 -24.12 18.60
N GLN G 335 -53.83 -24.64 17.49
CA GLN G 335 -52.97 -25.03 16.39
C GLN G 335 -52.31 -23.82 15.75
N ILE G 336 -53.04 -22.71 15.73
CA ILE G 336 -52.52 -21.47 15.14
C ILE G 336 -51.60 -20.74 16.09
N LYS G 337 -51.69 -21.04 17.39
CA LYS G 337 -50.68 -20.63 18.35
C LYS G 337 -49.35 -21.38 18.16
N LYS G 338 -49.44 -22.67 17.82
CA LYS G 338 -48.24 -23.49 17.61
C LYS G 338 -47.42 -22.95 16.43
N VAL G 339 -48.12 -22.61 15.34
CA VAL G 339 -47.51 -22.01 14.16
C VAL G 339 -46.86 -20.66 14.48
N SER G 340 -47.65 -19.76 15.07
CA SER G 340 -47.17 -18.43 15.43
C SER G 340 -45.89 -18.53 16.24
N ASP G 341 -45.83 -19.54 17.11
CA ASP G 341 -44.63 -19.76 17.92
C ASP G 341 -43.44 -20.14 17.03
N GLU G 342 -43.64 -21.06 16.10
CA GLU G 342 -42.56 -21.49 15.20
C GLU G 342 -42.19 -20.35 14.25
N MET G 343 -43.18 -19.55 13.87
CA MET G 343 -42.94 -18.29 13.16
C MET G 343 -42.01 -17.36 13.93
N ASN G 344 -42.24 -17.26 15.23
CA ASN G 344 -41.41 -16.38 16.07
C ASN G 344 -40.01 -16.95 16.22
N LYS G 345 -39.92 -18.26 16.46
CA LYS G 345 -38.64 -18.94 16.51
C LYS G 345 -37.85 -18.68 15.22
N GLN G 346 -38.51 -18.88 14.07
CA GLN G 346 -37.82 -18.89 12.79
C GLN G 346 -37.47 -17.48 12.30
N THR G 347 -38.33 -16.50 12.55
CA THR G 347 -38.03 -15.12 12.17
C THR G 347 -36.84 -14.58 12.95
N ASN G 348 -36.66 -15.12 14.15
CA ASN G 348 -35.57 -14.69 15.02
C ASN G 348 -34.23 -15.29 14.60
N GLN G 349 -34.27 -16.53 14.13
CA GLN G 349 -33.13 -17.13 13.45
C GLN G 349 -32.73 -16.34 12.20
N PHE G 350 -33.69 -16.14 11.31
CA PHE G 350 -33.45 -15.29 10.14
C PHE G 350 -32.72 -14.00 10.55
N GLU G 351 -33.23 -13.29 11.55
CA GLU G 351 -32.61 -12.02 11.92
C GLU G 351 -31.17 -12.25 12.37
N ASP G 352 -30.94 -13.34 13.09
CA ASP G 352 -29.60 -13.66 13.59
C ASP G 352 -28.64 -13.87 12.42
N TYR G 353 -29.06 -14.69 11.46
CA TYR G 353 -28.28 -14.90 10.25
C TYR G 353 -27.87 -13.59 9.59
N VAL G 354 -28.83 -12.75 9.22
CA VAL G 354 -28.49 -11.59 8.42
C VAL G 354 -27.74 -10.50 9.20
N THR G 355 -27.77 -10.56 10.52
CA THR G 355 -27.04 -9.56 11.35
C THR G 355 -25.68 -10.09 11.82
N ASN G 356 -25.63 -11.39 12.15
CA ASN G 356 -24.51 -11.92 12.94
C ASN G 356 -23.53 -12.81 12.16
N VAL G 357 -23.94 -13.30 10.99
CA VAL G 357 -23.01 -13.99 10.08
C VAL G 357 -22.47 -13.01 9.05
N GLU G 358 -21.39 -12.32 9.39
CA GLU G 358 -20.99 -11.12 8.68
C GLU G 358 -20.14 -11.43 7.45
N VAL G 359 -20.15 -10.51 6.50
CA VAL G 359 -19.43 -10.67 5.24
C VAL G 359 -18.69 -9.37 4.93
N HIS G 360 -17.37 -9.46 4.75
CA HIS G 360 -16.55 -8.28 4.56
C HIS G 360 -15.56 -8.58 3.45
N VAL H 15 -20.97 -6.71 -55.19
CA VAL H 15 -20.12 -6.53 -53.97
C VAL H 15 -20.88 -5.89 -52.82
N ILE H 16 -21.27 -4.62 -52.98
CA ILE H 16 -22.23 -3.99 -52.05
C ILE H 16 -23.52 -3.57 -52.76
N ALA H 17 -24.64 -4.14 -52.31
CA ALA H 17 -25.94 -3.87 -52.92
C ALA H 17 -26.51 -2.55 -52.42
N PRO H 18 -27.18 -1.81 -53.32
CA PRO H 18 -27.74 -0.47 -53.06
C PRO H 18 -28.88 -0.50 -52.04
N ASN H 19 -29.61 -1.63 -52.00
CA ASN H 19 -30.66 -1.88 -51.02
C ASN H 19 -30.12 -2.63 -49.81
N THR H 20 -28.84 -2.45 -49.52
CA THR H 20 -28.18 -3.34 -48.57
C THR H 20 -28.78 -3.17 -47.18
N LEU H 21 -29.18 -1.94 -46.86
CA LEU H 21 -29.82 -1.66 -45.58
C LEU H 21 -31.34 -1.77 -45.61
N SER H 22 -31.87 -2.37 -46.68
CA SER H 22 -33.31 -2.51 -46.86
C SER H 22 -34.04 -1.23 -46.45
N ASN H 23 -35.17 -1.36 -45.76
CA ASN H 23 -35.96 -0.19 -45.37
C ASN H 23 -36.07 -0.04 -43.85
N SER H 24 -35.10 -0.59 -43.13
CA SER H 24 -35.18 -0.69 -41.68
C SER H 24 -35.19 0.68 -41.03
N ILE H 25 -34.32 1.57 -41.52
CA ILE H 25 -34.23 2.92 -40.97
C ILE H 25 -35.58 3.66 -41.03
N ARG H 26 -36.19 3.72 -42.20
CA ARG H 26 -37.53 4.32 -42.38
C ARG H 26 -38.53 3.70 -41.41
N MET H 27 -38.52 2.38 -41.30
CA MET H 27 -39.47 1.65 -40.47
C MET H 27 -39.29 1.88 -38.97
N LEU H 28 -38.06 2.15 -38.53
CA LEU H 28 -37.83 2.48 -37.12
C LEU H 28 -38.49 3.80 -36.75
N GLY H 29 -38.53 4.70 -37.72
CA GLY H 29 -39.25 5.97 -37.57
C GLY H 29 -40.76 5.85 -37.62
N SER H 30 -41.26 5.14 -38.62
CA SER H 30 -42.68 5.05 -38.84
C SER H 30 -43.36 4.18 -37.77
N GLN H 31 -42.57 3.36 -37.07
CA GLN H 31 -43.06 2.59 -35.92
C GLN H 31 -43.22 3.45 -34.67
N SER H 32 -42.42 4.49 -34.58
CA SER H 32 -42.24 5.22 -33.34
C SER H 32 -43.53 5.90 -32.83
N PRO H 33 -44.30 6.53 -33.72
CA PRO H 33 -45.43 7.29 -33.20
C PRO H 33 -46.52 6.38 -32.65
N LEU H 34 -46.69 5.21 -33.26
CA LEU H 34 -47.61 4.24 -32.74
C LEU H 34 -47.15 3.74 -31.38
N ILE H 35 -45.86 3.47 -31.23
CA ILE H 35 -45.37 3.05 -29.93
C ILE H 35 -45.67 4.11 -28.88
N GLN H 36 -45.45 5.37 -29.23
CA GLN H 36 -45.73 6.45 -28.30
C GLN H 36 -47.22 6.54 -27.97
N ALA H 37 -48.06 6.36 -28.98
CA ALA H 37 -49.50 6.34 -28.76
C ALA H 37 -49.94 5.26 -27.75
N TYR H 38 -49.60 4.00 -28.01
CA TYR H 38 -50.09 2.89 -27.19
C TYR H 38 -49.49 2.95 -25.77
N GLY H 39 -48.31 3.57 -25.66
CA GLY H 39 -47.73 3.80 -24.34
C GLY H 39 -48.50 4.84 -23.56
N LEU H 40 -48.92 5.88 -24.27
CA LEU H 40 -49.68 6.97 -23.64
C LEU H 40 -51.00 6.42 -23.13
N VAL H 41 -51.60 5.50 -23.89
CA VAL H 41 -52.84 4.87 -23.48
C VAL H 41 -52.65 4.16 -22.14
N ILE H 42 -51.51 3.48 -21.98
CA ILE H 42 -51.21 2.76 -20.74
C ILE H 42 -51.04 3.71 -19.55
N LEU H 43 -50.38 4.84 -19.80
CA LEU H 43 -50.16 5.85 -18.75
C LEU H 43 -51.47 6.49 -18.27
N GLN H 44 -52.39 6.76 -19.19
CA GLN H 44 -53.58 7.54 -18.87
C GLN H 44 -54.70 6.69 -18.31
N GLN H 45 -54.74 5.41 -18.68
CA GLN H 45 -55.69 4.49 -18.07
C GLN H 45 -55.55 4.55 -16.55
N PRO H 46 -56.66 4.84 -15.84
CA PRO H 46 -56.50 5.14 -14.42
C PRO H 46 -56.16 3.92 -13.58
N ASP H 47 -55.48 4.16 -12.46
CA ASP H 47 -55.04 3.08 -11.58
C ASP H 47 -56.24 2.39 -10.95
N ILE H 48 -56.34 1.08 -11.14
CA ILE H 48 -57.53 0.34 -10.75
C ILE H 48 -57.20 -0.73 -9.69
N LYS H 49 -58.20 -1.13 -8.90
CA LYS H 49 -58.06 -2.27 -7.98
C LYS H 49 -59.26 -3.18 -8.06
N VAL H 50 -59.04 -4.45 -8.39
CA VAL H 50 -60.15 -5.39 -8.59
C VAL H 50 -60.07 -6.63 -7.69
N ASN H 51 -61.09 -6.80 -6.84
CA ASN H 51 -61.18 -7.97 -5.96
C ASN H 51 -60.89 -9.26 -6.70
N ALA H 52 -61.46 -9.40 -7.88
CA ALA H 52 -61.30 -10.62 -8.68
C ALA H 52 -59.84 -10.89 -9.05
N MET H 53 -59.00 -9.85 -9.00
CA MET H 53 -57.61 -10.02 -9.41
C MET H 53 -56.71 -9.01 -8.67
N SER H 54 -56.30 -9.37 -7.45
CA SER H 54 -55.59 -8.45 -6.58
C SER H 54 -54.20 -8.08 -7.13
N SER H 55 -53.67 -8.90 -8.01
CA SER H 55 -52.39 -8.60 -8.64
C SER H 55 -52.47 -7.53 -9.73
N LEU H 56 -53.68 -7.13 -10.13
CA LEU H 56 -53.81 -6.26 -11.29
C LEU H 56 -53.17 -4.91 -11.02
N THR H 57 -53.51 -4.33 -9.87
CA THR H 57 -52.86 -3.09 -9.44
C THR H 57 -51.36 -3.10 -9.75
N ASN H 58 -50.70 -4.24 -9.50
CA ASN H 58 -49.25 -4.28 -9.55
C ASN H 58 -48.74 -4.49 -10.98
N HIS H 59 -49.44 -5.31 -11.75
CA HIS H 59 -49.07 -5.47 -13.16
C HIS H 59 -49.19 -4.14 -13.88
N GLN H 60 -50.26 -3.40 -13.58
CA GLN H 60 -50.47 -2.07 -14.14
C GLN H 60 -49.32 -1.14 -13.77
N LYS H 61 -48.92 -1.19 -12.50
CA LYS H 61 -47.78 -0.41 -12.02
C LYS H 61 -46.51 -0.70 -12.83
N PHE H 62 -46.23 -1.98 -13.08
CA PHE H 62 -45.05 -2.35 -13.85
C PHE H 62 -45.14 -1.77 -15.27
N ALA H 63 -46.31 -1.90 -15.88
CA ALA H 63 -46.54 -1.40 -17.25
C ALA H 63 -46.25 0.10 -17.35
N LYS H 64 -46.75 0.87 -16.40
CA LYS H 64 -46.56 2.31 -16.45
C LYS H 64 -45.10 2.70 -16.29
N ALA H 65 -44.40 2.00 -15.40
CA ALA H 65 -42.96 2.23 -15.23
C ALA H 65 -42.15 1.80 -16.47
N ASN H 66 -42.54 0.67 -17.07
CA ASN H 66 -41.94 0.24 -18.33
C ASN H 66 -42.05 1.30 -19.42
N VAL H 67 -43.26 1.80 -19.65
CA VAL H 67 -43.45 2.82 -20.67
C VAL H 67 -42.59 4.05 -20.38
N ARG H 68 -42.49 4.43 -19.11
CA ARG H 68 -41.66 5.59 -18.74
C ARG H 68 -40.17 5.30 -18.94
N GLU H 69 -39.79 4.05 -18.70
CA GLU H 69 -38.43 3.58 -18.99
C GLU H 69 -38.13 3.66 -20.49
N TRP H 70 -39.09 3.29 -21.31
CA TRP H 70 -38.90 3.37 -22.74
C TRP H 70 -38.71 4.81 -23.20
N ILE H 71 -39.63 5.67 -22.78
CA ILE H 71 -39.57 7.11 -23.10
C ILE H 71 -38.28 7.75 -22.59
N ASP H 72 -37.94 7.48 -21.33
CA ASP H 72 -36.79 8.10 -20.67
C ASP H 72 -35.44 7.59 -21.17
N GLU H 73 -35.23 6.26 -21.14
CA GLU H 73 -33.91 5.68 -21.34
C GLU H 73 -33.70 5.19 -22.78
N TYR H 74 -34.64 4.39 -23.29
CA TYR H 74 -34.37 3.57 -24.45
C TYR H 74 -34.70 4.23 -25.79
N ASN H 75 -35.90 4.78 -25.94
CA ASN H 75 -36.27 5.35 -27.23
C ASN H 75 -35.27 6.42 -27.71
N PRO H 76 -34.67 7.18 -26.78
CA PRO H 76 -33.69 8.20 -27.17
C PRO H 76 -32.39 7.63 -27.77
N LYS H 77 -32.07 6.37 -27.47
CA LYS H 77 -31.00 5.69 -28.19
C LYS H 77 -31.27 5.66 -29.68
N LEU H 78 -32.52 5.43 -30.06
CA LEU H 78 -32.87 5.22 -31.48
C LEU H 78 -32.80 6.56 -32.18
N ILE H 79 -33.26 7.60 -31.48
CA ILE H 79 -33.16 8.95 -32.01
C ILE H 79 -31.70 9.30 -32.25
N ASP H 80 -30.82 8.93 -31.32
CA ASP H 80 -29.41 9.27 -31.46
C ASP H 80 -28.76 8.46 -32.56
N LEU H 81 -29.09 7.16 -32.60
CA LEU H 81 -28.63 6.32 -33.68
C LEU H 81 -28.96 6.93 -35.02
N ASN H 82 -30.20 7.38 -35.20
CA ASN H 82 -30.61 7.93 -36.48
C ASN H 82 -29.78 9.16 -36.88
N GLN H 83 -29.53 10.03 -35.90
CA GLN H 83 -28.73 11.22 -36.15
C GLN H 83 -27.32 10.85 -36.58
N GLU H 84 -26.76 9.83 -35.94
CA GLU H 84 -25.42 9.38 -36.28
C GLU H 84 -25.34 8.99 -37.75
N MET H 85 -26.29 8.18 -38.22
CA MET H 85 -26.24 7.67 -39.58
C MET H 85 -26.44 8.81 -40.58
N MET H 86 -27.41 9.67 -40.30
CA MET H 86 -27.60 10.89 -41.10
C MET H 86 -26.31 11.70 -41.24
N ARG H 87 -25.60 11.89 -40.13
CA ARG H 87 -24.37 12.67 -40.17
C ARG H 87 -23.35 11.95 -41.05
N TYR H 88 -23.26 10.63 -40.90
CA TYR H 88 -22.32 9.89 -41.72
C TYR H 88 -22.66 10.05 -43.19
N SER H 89 -23.94 9.95 -43.54
CA SER H 89 -24.35 10.05 -44.93
C SER H 89 -24.04 11.43 -45.50
N ILE H 90 -24.22 12.48 -44.69
CA ILE H 90 -23.91 13.84 -45.11
C ILE H 90 -22.42 13.98 -45.42
N ARG H 91 -21.59 13.40 -44.57
CA ARG H 91 -20.16 13.58 -44.71
C ARG H 91 -19.66 12.77 -45.90
N PHE H 92 -20.07 11.51 -45.98
CA PHE H 92 -19.72 10.70 -47.13
C PHE H 92 -20.07 11.44 -48.42
N ASN H 93 -21.25 12.06 -48.46
CA ASN H 93 -21.68 12.74 -49.68
C ASN H 93 -20.89 14.01 -49.97
N SER H 94 -20.36 14.64 -48.93
CA SER H 94 -19.64 15.90 -49.11
C SER H 94 -18.25 15.63 -49.66
N TYR H 95 -17.72 14.43 -49.43
CA TYR H 95 -16.37 14.09 -49.89
C TYR H 95 -16.39 13.25 -51.16
N TYR H 96 -17.55 12.76 -51.58
CA TYR H 96 -17.56 11.69 -52.58
C TYR H 96 -16.86 12.12 -53.88
N SER H 97 -17.03 13.39 -54.26
CA SER H 97 -16.58 13.86 -55.58
C SER H 97 -15.05 13.94 -55.67
N LYS H 98 -14.43 14.54 -54.68
CA LYS H 98 -12.97 14.53 -54.59
C LYS H 98 -12.45 13.10 -54.50
N LEU H 99 -13.10 12.27 -53.70
CA LEU H 99 -12.57 10.93 -53.38
C LEU H 99 -12.81 9.92 -54.51
N TYR H 100 -13.87 10.15 -55.29
CA TYR H 100 -14.06 9.43 -56.56
C TYR H 100 -12.91 9.72 -57.53
N GLU H 101 -12.54 10.99 -57.64
CA GLU H 101 -11.48 11.40 -58.56
C GLU H 101 -10.14 10.80 -58.16
N LEU H 102 -9.93 10.60 -56.87
CA LEU H 102 -8.70 10.00 -56.37
C LEU H 102 -8.72 8.48 -56.56
N ALA H 103 -9.84 7.86 -56.22
CA ALA H 103 -9.97 6.43 -56.40
C ALA H 103 -9.45 6.05 -57.78
N GLY H 104 -9.72 6.91 -58.76
CA GLY H 104 -9.32 6.65 -60.14
C GLY H 104 -7.83 6.76 -60.36
N ASN H 105 -7.19 7.66 -59.60
CA ASN H 105 -5.76 7.93 -59.72
C ASN H 105 -4.93 7.03 -58.80
N ILE H 106 -5.55 5.97 -58.30
CA ILE H 106 -4.91 5.08 -57.36
C ILE H 106 -3.62 4.47 -57.93
N ASN H 107 -3.61 4.17 -59.23
CA ASN H 107 -2.44 3.63 -59.90
C ASN H 107 -1.86 4.61 -60.93
N GLU H 108 -1.69 5.86 -60.51
CA GLU H 108 -1.06 6.86 -61.37
C GLU H 108 -0.39 7.93 -60.53
N ASP H 109 0.14 7.50 -59.38
CA ASP H 109 0.66 8.41 -58.37
C ASP H 109 0.60 7.75 -56.99
N GLU H 110 1.66 7.94 -56.21
CA GLU H 110 1.74 7.33 -54.88
C GLU H 110 0.87 8.08 -53.86
N GLN H 111 1.00 9.41 -53.81
CA GLN H 111 0.34 10.21 -52.77
C GLN H 111 -1.17 10.06 -52.84
N SER H 112 -1.65 9.78 -54.05
CA SER H 112 -3.07 9.63 -54.29
C SER H 112 -3.60 8.32 -53.70
N LYS H 113 -2.81 7.26 -53.77
CA LYS H 113 -3.15 6.02 -53.08
C LYS H 113 -3.09 6.24 -51.58
N ALA H 114 -2.07 6.99 -51.14
CA ALA H 114 -1.99 7.45 -49.76
C ALA H 114 -3.25 8.19 -49.33
N ASP H 115 -3.57 9.26 -50.03
CA ASP H 115 -4.62 10.19 -49.60
C ASP H 115 -6.01 9.55 -49.60
N PHE H 116 -6.24 8.64 -50.53
CA PHE H 116 -7.54 7.96 -50.63
C PHE H 116 -7.71 6.96 -49.49
N THR H 117 -6.65 6.21 -49.21
CA THR H 117 -6.69 5.18 -48.19
C THR H 117 -6.84 5.82 -46.82
N ASN H 118 -6.18 6.96 -46.64
CA ASN H 118 -6.35 7.71 -45.40
C ASN H 118 -7.79 8.15 -45.23
N ALA H 119 -8.36 8.74 -46.28
CA ALA H 119 -9.69 9.33 -46.20
C ALA H 119 -10.76 8.25 -46.09
N TYR H 120 -10.71 7.28 -46.99
CA TYR H 120 -11.65 6.16 -46.95
C TYR H 120 -11.60 5.50 -45.58
N GLY H 121 -10.41 5.39 -45.02
CA GLY H 121 -10.21 4.75 -43.73
C GLY H 121 -10.88 5.48 -42.58
N LYS H 122 -10.86 6.81 -42.64
CA LYS H 122 -11.58 7.64 -41.66
C LYS H 122 -13.10 7.45 -41.77
N LEU H 123 -13.59 7.35 -43.00
CA LEU H 123 -15.00 7.04 -43.25
C LEU H 123 -15.39 5.66 -42.69
N GLN H 124 -14.52 4.68 -42.84
CA GLN H 124 -14.85 3.33 -42.38
C GLN H 124 -14.87 3.26 -40.85
N LEU H 125 -14.11 4.13 -40.21
CA LEU H 125 -14.13 4.19 -38.75
C LEU H 125 -15.42 4.82 -38.25
N GLN H 126 -15.96 5.74 -39.04
CA GLN H 126 -17.22 6.37 -38.73
C GLN H 126 -18.35 5.36 -38.81
N VAL H 127 -18.22 4.43 -39.76
CA VAL H 127 -19.13 3.30 -39.89
C VAL H 127 -18.92 2.29 -38.77
N GLN H 128 -17.66 2.04 -38.42
CA GLN H 128 -17.35 1.16 -37.28
C GLN H 128 -17.95 1.67 -35.98
N SER H 129 -17.88 2.98 -35.76
CA SER H 129 -18.37 3.59 -34.52
C SER H 129 -19.89 3.45 -34.37
N ILE H 130 -20.59 3.58 -35.48
CA ILE H 130 -22.03 3.35 -35.49
C ILE H 130 -22.36 1.90 -35.16
N GLN H 131 -21.64 0.97 -35.77
CA GLN H 131 -21.86 -0.44 -35.49
C GLN H 131 -21.71 -0.73 -34.01
N GLU H 132 -20.74 -0.09 -33.37
CA GLU H 132 -20.45 -0.39 -31.99
C GLU H 132 -21.53 0.18 -31.08
N ASN H 133 -21.97 1.40 -31.37
CA ASN H 133 -23.06 1.99 -30.61
C ASN H 133 -24.33 1.16 -30.76
N MET H 134 -24.52 0.62 -31.97
CA MET H 134 -25.74 -0.10 -32.29
C MET H 134 -25.84 -1.44 -31.55
N GLU H 135 -24.75 -2.16 -31.41
CA GLU H 135 -24.81 -3.43 -30.68
C GLU H 135 -24.77 -3.22 -29.18
N GLN H 136 -24.15 -2.13 -28.75
CA GLN H 136 -24.23 -1.72 -27.36
C GLN H 136 -25.68 -1.43 -27.03
N ASP H 137 -26.34 -0.72 -27.94
CA ASP H 137 -27.72 -0.33 -27.73
C ASP H 137 -28.63 -1.55 -27.72
N LEU H 138 -28.35 -2.53 -28.58
CA LEU H 138 -29.21 -3.71 -28.69
C LEU H 138 -29.06 -4.66 -27.50
N LEU H 139 -27.92 -4.60 -26.84
CA LEU H 139 -27.71 -5.36 -25.61
C LEU H 139 -28.52 -4.75 -24.47
N GLU H 140 -28.59 -3.43 -24.42
CA GLU H 140 -29.35 -2.77 -23.38
C GLU H 140 -30.82 -3.05 -23.60
N LEU H 141 -31.23 -2.99 -24.87
CA LEU H 141 -32.63 -2.99 -25.22
C LEU H 141 -33.25 -4.37 -25.01
N ASN H 142 -32.45 -5.42 -25.22
CA ASN H 142 -32.94 -6.79 -25.02
C ASN H 142 -33.14 -7.18 -23.58
N ARG H 143 -32.46 -6.47 -22.68
CA ARG H 143 -32.73 -6.61 -21.25
C ARG H 143 -34.11 -6.06 -20.90
N PHE H 144 -34.43 -4.88 -21.43
CA PHE H 144 -35.79 -4.37 -21.39
C PHE H 144 -36.80 -5.32 -22.03
N LYS H 145 -36.58 -5.66 -23.31
CA LYS H 145 -37.47 -6.60 -24.02
C LYS H 145 -37.70 -7.87 -23.20
N THR H 146 -36.64 -8.38 -22.58
CA THR H 146 -36.77 -9.57 -21.74
C THR H 146 -37.75 -9.36 -20.57
N VAL H 147 -37.63 -8.24 -19.86
CA VAL H 147 -38.50 -7.99 -18.70
C VAL H 147 -39.93 -7.67 -19.15
N LEU H 148 -40.05 -6.75 -20.10
CA LEU H 148 -41.34 -6.39 -20.67
C LEU H 148 -42.12 -7.61 -21.17
N ASP H 149 -41.46 -8.45 -21.95
CA ASP H 149 -42.10 -9.66 -22.47
C ASP H 149 -42.61 -10.58 -21.37
N LYS H 150 -41.78 -10.87 -20.39
CA LYS H 150 -42.23 -11.74 -19.30
C LYS H 150 -43.36 -11.05 -18.55
N ASP H 151 -43.15 -9.78 -18.21
CA ASP H 151 -44.18 -8.96 -17.58
C ASP H 151 -45.54 -9.08 -18.25
N SER H 152 -45.59 -8.79 -19.55
CA SER H 152 -46.81 -9.01 -20.33
C SER H 152 -47.32 -10.45 -20.25
N ASN H 153 -46.43 -11.43 -20.38
CA ASN H 153 -46.86 -12.82 -20.31
C ASN H 153 -47.48 -13.16 -18.95
N ASN H 154 -46.86 -12.69 -17.87
CA ASN H 154 -47.43 -12.93 -16.55
C ASN H 154 -48.82 -12.34 -16.48
N LEU H 155 -48.97 -11.13 -17.00
CA LEU H 155 -50.23 -10.40 -16.90
C LEU H 155 -51.33 -11.16 -17.64
N SER H 156 -51.03 -11.59 -18.86
CA SER H 156 -51.99 -12.35 -19.66
C SER H 156 -52.41 -13.64 -18.96
N ILE H 157 -51.45 -14.31 -18.34
CA ILE H 157 -51.75 -15.62 -17.74
C ILE H 157 -52.63 -15.46 -16.51
N LYS H 158 -52.30 -14.52 -15.64
CA LYS H 158 -53.12 -14.26 -14.45
C LYS H 158 -54.48 -13.67 -14.85
N ALA H 159 -54.54 -13.01 -16.00
CA ALA H 159 -55.80 -12.44 -16.46
C ALA H 159 -56.76 -13.53 -16.88
N ASP H 160 -56.32 -14.38 -17.80
CA ASP H 160 -57.09 -15.56 -18.20
C ASP H 160 -57.67 -16.32 -17.01
N GLU H 161 -56.84 -16.54 -15.99
CA GLU H 161 -57.27 -17.27 -14.80
C GLU H 161 -58.38 -16.49 -14.10
N ALA H 162 -58.12 -15.20 -13.87
CA ALA H 162 -59.00 -14.35 -13.10
C ALA H 162 -60.36 -14.26 -13.77
N ILE H 163 -60.34 -14.25 -15.10
CA ILE H 163 -61.55 -14.15 -15.89
C ILE H 163 -62.36 -15.44 -15.85
N LYS H 164 -61.68 -16.57 -15.93
CA LYS H 164 -62.37 -17.85 -15.91
C LYS H 164 -62.92 -18.16 -14.51
N THR H 165 -62.37 -17.53 -13.49
CA THR H 165 -62.93 -17.64 -12.14
C THR H 165 -64.22 -16.82 -11.99
N LEU H 166 -64.32 -15.72 -12.74
CA LEU H 166 -65.50 -14.88 -12.75
C LEU H 166 -66.63 -15.47 -13.58
N GLN H 167 -66.27 -16.15 -14.66
CA GLN H 167 -67.24 -16.79 -15.53
C GLN H 167 -67.71 -18.10 -14.92
N ASP H 172 -69.76 -16.54 -22.78
CA ASP H 172 -69.99 -15.10 -22.82
C ASP H 172 -68.73 -14.34 -22.44
N ILE H 173 -68.83 -13.56 -21.36
CA ILE H 173 -67.66 -12.98 -20.71
C ILE H 173 -66.38 -13.32 -21.46
N VAL H 174 -66.07 -14.61 -21.55
CA VAL H 174 -64.83 -15.06 -22.20
C VAL H 174 -64.88 -14.78 -23.69
N LYS H 175 -66.02 -15.04 -24.31
CA LYS H 175 -66.22 -14.75 -25.72
C LYS H 175 -66.26 -13.24 -25.95
N LEU H 176 -66.88 -12.50 -25.02
CA LEU H 176 -66.94 -11.05 -25.13
C LEU H 176 -65.54 -10.46 -25.05
N ARG H 177 -64.75 -10.95 -24.10
CA ARG H 177 -63.39 -10.50 -23.95
C ARG H 177 -62.57 -10.82 -25.20
N GLU H 178 -62.88 -11.95 -25.84
CA GLU H 178 -62.11 -12.37 -26.99
C GLU H 178 -62.43 -11.48 -28.18
N ASP H 179 -63.70 -11.11 -28.33
CA ASP H 179 -64.12 -10.31 -29.48
C ASP H 179 -63.63 -8.87 -29.33
N ILE H 180 -63.58 -8.39 -28.09
CA ILE H 180 -63.00 -7.08 -27.80
C ILE H 180 -61.51 -7.04 -28.15
N LYS H 181 -60.79 -8.07 -27.73
CA LYS H 181 -59.35 -8.14 -27.97
C LYS H 181 -59.03 -8.27 -29.45
N ARG H 182 -59.82 -9.08 -30.17
CA ARG H 182 -59.65 -9.21 -31.61
C ARG H 182 -59.78 -7.84 -32.30
N ILE H 183 -60.85 -7.14 -31.98
CA ILE H 183 -61.13 -5.87 -32.64
C ILE H 183 -60.01 -4.88 -32.36
N GLN H 184 -59.58 -4.80 -31.10
CA GLN H 184 -58.47 -3.91 -30.74
C GLN H 184 -57.24 -4.26 -31.56
N GLY H 185 -57.11 -5.53 -31.92
CA GLY H 185 -55.95 -5.98 -32.69
C GLY H 185 -56.02 -5.63 -34.16
N GLU H 186 -57.23 -5.66 -34.71
CA GLU H 186 -57.44 -5.17 -36.08
C GLU H 186 -57.21 -3.65 -36.17
N ILE H 187 -57.63 -2.91 -35.16
CA ILE H 187 -57.31 -1.49 -35.10
C ILE H 187 -55.80 -1.26 -35.09
N GLN H 188 -55.10 -1.97 -34.21
CA GLN H 188 -53.64 -1.91 -34.20
C GLN H 188 -53.08 -2.11 -35.59
N ALA H 189 -53.50 -3.18 -36.26
CA ALA H 189 -52.93 -3.56 -37.54
C ALA H 189 -53.26 -2.55 -38.63
N GLU H 190 -54.44 -1.94 -38.56
CA GLU H 190 -54.79 -0.89 -39.52
C GLU H 190 -53.93 0.36 -39.32
N LEU H 191 -53.66 0.69 -38.06
CA LEU H 191 -52.84 1.85 -37.76
C LEU H 191 -51.40 1.64 -38.26
N THR H 192 -50.95 0.40 -38.15
CA THR H 192 -49.64 0.02 -38.67
C THR H 192 -49.62 0.15 -40.18
N THR H 193 -50.68 -0.33 -40.82
CA THR H 193 -50.81 -0.21 -42.27
C THR H 193 -50.71 1.25 -42.71
N ILE H 194 -51.34 2.14 -41.95
CA ILE H 194 -51.38 3.55 -42.31
C ILE H 194 -50.00 4.19 -42.16
N LEU H 195 -49.38 3.97 -41.02
CA LEU H 195 -48.04 4.50 -40.77
C LEU H 195 -46.98 3.80 -41.64
N ASN H 196 -47.30 2.64 -42.19
CA ASN H 196 -46.40 1.93 -43.10
C ASN H 196 -46.36 2.58 -44.48
N ARG H 197 -47.44 3.27 -44.85
CA ARG H 197 -47.62 3.71 -46.23
C ARG H 197 -46.75 4.92 -46.50
N PRO H 198 -46.16 4.99 -47.70
CA PRO H 198 -45.36 6.12 -48.16
C PRO H 198 -46.19 7.40 -48.31
N GLN H 199 -45.88 8.41 -47.49
CA GLN H 199 -46.47 9.73 -47.66
C GLN H 199 -45.48 10.66 -48.34
N GLU H 200 -45.96 11.44 -49.30
CA GLU H 200 -45.13 12.42 -49.99
C GLU H 200 -44.64 13.48 -49.01
N ILE H 201 -45.56 14.03 -48.25
CA ILE H 201 -45.23 14.80 -47.06
C ILE H 201 -45.66 14.02 -45.82
N ILE H 202 -44.76 13.91 -44.84
CA ILE H 202 -45.04 13.13 -43.64
C ILE H 202 -45.54 14.04 -42.52
N LYS H 203 -46.85 14.06 -42.31
CA LYS H 203 -47.44 14.89 -41.26
C LYS H 203 -48.73 14.27 -40.73
N GLY H 204 -48.98 14.44 -39.43
CA GLY H 204 -50.18 13.86 -38.83
C GLY H 204 -50.35 14.12 -37.33
N SER H 205 -51.47 13.64 -36.79
CA SER H 205 -51.69 13.65 -35.36
C SER H 205 -52.50 12.43 -34.97
N ILE H 206 -52.08 11.79 -33.87
CA ILE H 206 -52.85 10.74 -33.23
C ILE H 206 -53.27 11.19 -31.84
N ASN H 207 -54.57 11.23 -31.58
CA ASN H 207 -55.09 11.61 -30.27
C ASN H 207 -55.52 10.43 -29.42
N ILE H 208 -55.29 10.55 -28.11
CA ILE H 208 -55.72 9.53 -27.16
C ILE H 208 -56.99 9.99 -26.44
N GLY H 209 -58.00 9.15 -26.42
CA GLY H 209 -59.28 9.54 -25.85
C GLY H 209 -59.70 8.68 -24.68
N LYS H 210 -60.54 9.25 -23.82
CA LYS H 210 -61.19 8.52 -22.73
C LYS H 210 -62.70 8.51 -22.92
N GLN H 211 -63.28 7.31 -22.94
CA GLN H 211 -64.74 7.13 -22.94
C GLN H 211 -65.17 6.48 -21.63
N VAL H 212 -66.43 6.69 -21.27
CA VAL H 212 -66.93 6.25 -19.98
C VAL H 212 -68.18 5.43 -20.21
N PHE H 213 -68.33 4.36 -19.45
CA PHE H 213 -69.49 3.50 -19.57
C PHE H 213 -70.18 3.43 -18.22
N THR H 214 -71.50 3.54 -18.22
CA THR H 214 -72.26 3.54 -16.98
C THR H 214 -73.04 2.24 -16.84
N ILE H 215 -72.91 1.60 -15.69
CA ILE H 215 -73.64 0.38 -15.42
C ILE H 215 -74.33 0.46 -14.06
N THR H 216 -75.12 -0.56 -13.73
CA THR H 216 -75.96 -0.51 -12.54
C THR H 216 -75.51 -1.54 -11.52
N LYS H 223 -70.45 1.67 -11.11
CA LYS H 223 -71.49 2.16 -12.01
C LYS H 223 -70.87 2.95 -13.17
N THR H 224 -69.57 3.24 -13.07
CA THR H 224 -68.81 3.74 -14.21
C THR H 224 -67.53 2.95 -14.48
N ILE H 225 -67.21 2.81 -15.77
CA ILE H 225 -65.95 2.21 -16.18
C ILE H 225 -65.25 3.14 -17.17
N ASP H 226 -63.98 3.45 -16.91
CA ASP H 226 -63.16 4.29 -17.79
C ASP H 226 -62.51 3.46 -18.89
N PHE H 227 -62.58 3.94 -20.12
CA PHE H 227 -61.93 3.26 -21.24
C PHE H 227 -61.10 4.25 -22.04
N VAL H 228 -59.78 4.16 -21.88
CA VAL H 228 -58.84 4.95 -22.66
C VAL H 228 -58.31 4.18 -23.87
N SER H 229 -58.31 4.84 -25.02
CA SER H 229 -57.81 4.25 -26.26
C SER H 229 -57.47 5.32 -27.27
N ILE H 230 -56.73 4.90 -28.30
CA ILE H 230 -56.50 5.73 -29.46
C ILE H 230 -57.83 6.16 -30.07
N GLY H 231 -58.02 7.48 -30.17
CA GLY H 231 -59.31 8.00 -30.59
C GLY H 231 -59.30 8.43 -32.04
N THR H 232 -59.25 9.75 -32.24
CA THR H 232 -59.39 10.33 -33.56
C THR H 232 -58.02 10.49 -34.23
N LEU H 233 -58.00 10.29 -35.54
CA LEU H 233 -56.85 10.68 -36.35
C LEU H 233 -57.15 11.99 -37.06
N SER H 234 -56.13 12.56 -37.68
CA SER H 234 -56.24 13.93 -38.22
C SER H 234 -56.63 13.92 -39.69
N ASN H 235 -57.06 15.07 -40.18
CA ASN H 235 -57.51 15.18 -41.58
C ASN H 235 -56.47 14.58 -42.50
N GLU H 236 -55.20 14.83 -42.19
CA GLU H 236 -54.12 14.39 -43.05
C GLU H 236 -54.21 12.89 -43.28
N ILE H 237 -54.74 12.16 -42.29
CA ILE H 237 -54.82 10.70 -42.36
C ILE H 237 -56.17 10.23 -42.91
N VAL H 238 -57.26 10.73 -42.31
CA VAL H 238 -58.61 10.23 -42.63
C VAL H 238 -59.15 10.82 -43.94
N ASN H 239 -58.45 11.80 -44.50
CA ASN H 239 -58.65 12.19 -45.90
C ASN H 239 -57.35 12.18 -46.70
N ALA H 240 -56.52 11.16 -46.48
CA ALA H 240 -55.28 11.04 -47.24
C ALA H 240 -55.64 10.84 -48.70
N ALA H 241 -54.80 11.38 -49.59
CA ALA H 241 -55.03 11.26 -51.02
C ALA H 241 -54.99 9.79 -51.40
N ASP H 242 -54.13 9.05 -50.70
CA ASP H 242 -53.99 7.62 -50.88
C ASP H 242 -55.27 6.91 -50.44
N SER H 243 -55.86 6.13 -51.34
CA SER H 243 -57.14 5.46 -51.04
C SER H 243 -56.98 4.27 -50.09
N GLN H 244 -55.82 3.63 -50.09
CA GLN H 244 -55.54 2.55 -49.13
C GLN H 244 -55.47 3.11 -47.71
N THR H 245 -54.84 4.27 -47.57
CA THR H 245 -54.77 4.97 -46.27
C THR H 245 -56.17 5.36 -45.80
N ARG H 246 -56.93 6.03 -46.67
CA ARG H 246 -58.27 6.48 -46.30
C ARG H 246 -59.15 5.30 -45.91
N GLU H 247 -59.12 4.26 -46.71
CA GLU H 247 -59.98 3.09 -46.52
C GLU H 247 -59.65 2.38 -45.20
N ALA H 248 -58.40 2.49 -44.77
CA ALA H 248 -58.00 1.96 -43.47
C ALA H 248 -58.54 2.80 -42.32
N ALA H 249 -58.42 4.12 -42.46
CA ALA H 249 -58.93 5.04 -41.45
C ALA H 249 -60.43 4.83 -41.23
N LEU H 250 -61.17 4.62 -42.31
CA LEU H 250 -62.61 4.39 -42.22
C LEU H 250 -62.94 3.09 -41.49
N ARG H 251 -62.17 2.05 -41.78
CA ARG H 251 -62.27 0.80 -41.05
C ARG H 251 -61.95 0.95 -39.55
N ILE H 252 -60.93 1.72 -39.20
CA ILE H 252 -60.66 1.95 -37.79
C ILE H 252 -61.87 2.60 -37.13
N GLN H 253 -62.50 3.54 -37.82
CA GLN H 253 -63.62 4.27 -37.24
C GLN H 253 -64.78 3.33 -37.00
N GLN H 254 -65.06 2.45 -37.96
CA GLN H 254 -66.14 1.48 -37.80
C GLN H 254 -65.88 0.59 -36.60
N LYS H 255 -64.62 0.19 -36.42
CA LYS H 255 -64.26 -0.77 -35.38
C LYS H 255 -64.36 -0.20 -33.98
N GLN H 256 -63.98 1.07 -33.83
CA GLN H 256 -64.11 1.80 -32.56
C GLN H 256 -65.55 1.82 -32.05
N LYS H 257 -66.51 1.90 -32.97
CA LYS H 257 -67.92 1.91 -32.58
C LYS H 257 -68.41 0.48 -32.33
N GLU H 258 -67.88 -0.47 -33.09
CA GLU H 258 -68.23 -1.88 -32.88
C GLU H 258 -67.85 -2.37 -31.50
N LEU H 259 -66.81 -1.77 -30.92
CA LEU H 259 -66.45 -2.06 -29.54
C LEU H 259 -67.53 -1.68 -28.51
N LEU H 260 -68.32 -0.67 -28.79
CA LEU H 260 -69.06 0.02 -27.75
C LEU H 260 -70.15 -0.86 -27.11
N PRO H 261 -70.92 -1.59 -27.93
CA PRO H 261 -71.91 -2.48 -27.33
C PRO H 261 -71.31 -3.75 -26.73
N LEU H 262 -70.13 -4.15 -27.19
CA LEU H 262 -69.43 -5.29 -26.60
C LEU H 262 -68.92 -4.92 -25.21
N ILE H 263 -68.34 -3.73 -25.12
CA ILE H 263 -67.87 -3.22 -23.84
C ILE H 263 -69.03 -3.02 -22.88
N GLN H 264 -70.17 -2.56 -23.38
CA GLN H 264 -71.31 -2.28 -22.51
C GLN H 264 -71.84 -3.60 -21.94
N LYS H 265 -71.86 -4.62 -22.78
CA LYS H 265 -72.41 -5.91 -22.41
C LYS H 265 -71.51 -6.63 -21.41
N LEU H 266 -70.21 -6.66 -21.69
CA LEU H 266 -69.25 -7.27 -20.78
C LEU H 266 -69.32 -6.63 -19.40
N SER H 267 -69.46 -5.30 -19.39
CA SER H 267 -69.40 -4.53 -18.16
C SER H 267 -70.64 -4.72 -17.33
N GLN H 268 -71.80 -4.84 -17.98
CA GLN H 268 -73.05 -5.02 -17.25
C GLN H 268 -73.10 -6.41 -16.63
N THR H 269 -72.43 -7.36 -17.25
CA THR H 269 -72.32 -8.71 -16.67
C THR H 269 -71.35 -8.74 -15.49
N GLU H 270 -70.07 -8.55 -15.77
CA GLU H 270 -69.04 -8.43 -14.72
C GLU H 270 -68.15 -7.22 -14.99
N ALA H 271 -68.31 -6.17 -14.20
CA ALA H 271 -67.58 -4.94 -14.44
C ALA H 271 -66.08 -5.20 -14.39
N GLU H 272 -65.67 -6.08 -13.48
CA GLU H 272 -64.25 -6.26 -13.21
C GLU H 272 -63.58 -6.97 -14.38
N ALA H 273 -64.35 -7.79 -15.09
CA ALA H 273 -63.86 -8.45 -16.30
C ALA H 273 -63.43 -7.42 -17.35
N THR H 274 -64.17 -6.31 -17.41
CA THR H 274 -63.88 -5.24 -18.35
C THR H 274 -62.62 -4.49 -17.93
N GLN H 275 -62.52 -4.23 -16.63
CA GLN H 275 -61.36 -3.55 -16.09
C GLN H 275 -60.08 -4.37 -16.31
N ILE H 276 -60.12 -5.66 -15.99
CA ILE H 276 -59.01 -6.56 -16.27
C ILE H 276 -58.66 -6.55 -17.76
N THR H 277 -59.69 -6.66 -18.60
CA THR H 277 -59.53 -6.73 -20.04
C THR H 277 -58.81 -5.52 -20.66
N PHE H 278 -59.15 -4.31 -20.21
CA PHE H 278 -58.51 -3.13 -20.75
C PHE H 278 -57.02 -3.12 -20.45
N VAL H 279 -56.66 -3.43 -19.21
CA VAL H 279 -55.28 -3.33 -18.78
C VAL H 279 -54.40 -4.32 -19.51
N GLU H 280 -54.86 -5.57 -19.63
CA GLU H 280 -54.06 -6.61 -20.30
C GLU H 280 -53.92 -6.31 -21.77
N ASP H 281 -55.01 -5.90 -22.41
CA ASP H 281 -54.99 -5.60 -23.82
C ASP H 281 -54.05 -4.45 -24.15
N GLN H 282 -54.09 -3.39 -23.33
CA GLN H 282 -53.25 -2.21 -23.60
C GLN H 282 -51.77 -2.57 -23.49
N VAL H 283 -51.45 -3.39 -22.50
CA VAL H 283 -50.07 -3.80 -22.28
C VAL H 283 -49.58 -4.71 -23.40
N SER H 284 -50.43 -5.66 -23.79
CA SER H 284 -50.09 -6.54 -24.89
C SER H 284 -49.75 -5.75 -26.14
N SER H 285 -50.63 -4.82 -26.50
CA SER H 285 -50.41 -4.04 -27.71
C SER H 285 -49.04 -3.35 -27.68
N PHE H 286 -48.72 -2.68 -26.58
CA PHE H 286 -47.47 -1.94 -26.48
C PHE H 286 -46.28 -2.91 -26.62
N THR H 287 -46.38 -4.03 -25.92
CA THR H 287 -45.33 -5.05 -25.92
C THR H 287 -45.04 -5.62 -27.31
N GLU H 288 -46.08 -5.97 -28.05
CA GLU H 288 -45.97 -6.38 -29.44
C GLU H 288 -45.19 -5.37 -30.28
N LEU H 289 -45.56 -4.09 -30.16
CA LEU H 289 -44.94 -3.08 -31.00
C LEU H 289 -43.47 -2.91 -30.62
N ILE H 290 -43.15 -3.02 -29.34
CA ILE H 290 -41.78 -2.91 -28.87
C ILE H 290 -40.95 -4.08 -29.43
N ASP H 291 -41.48 -5.29 -29.27
CA ASP H 291 -40.83 -6.48 -29.83
C ASP H 291 -40.46 -6.28 -31.30
N ARG H 292 -41.42 -5.81 -32.08
CA ARG H 292 -41.21 -5.60 -33.51
C ARG H 292 -40.16 -4.50 -33.78
N GLN H 293 -40.15 -3.43 -32.98
CA GLN H 293 -39.17 -2.38 -33.23
C GLN H 293 -37.77 -2.87 -32.90
N ILE H 294 -37.61 -3.62 -31.82
CA ILE H 294 -36.30 -4.06 -31.43
C ILE H 294 -35.79 -5.12 -32.43
N THR H 295 -36.70 -5.89 -33.00
CA THR H 295 -36.30 -6.83 -34.05
C THR H 295 -35.84 -6.10 -35.29
N THR H 296 -36.55 -5.03 -35.64
CA THR H 296 -36.19 -4.21 -36.77
C THR H 296 -34.78 -3.67 -36.61
N LEU H 297 -34.41 -3.32 -35.38
CA LEU H 297 -33.06 -2.82 -35.12
C LEU H 297 -32.01 -3.92 -35.24
N GLU H 298 -32.37 -5.15 -34.86
CA GLU H 298 -31.51 -6.30 -35.06
C GLU H 298 -31.21 -6.51 -36.55
N THR H 299 -32.26 -6.47 -37.36
CA THR H 299 -32.12 -6.58 -38.80
C THR H 299 -31.18 -5.51 -39.33
N LEU H 300 -31.29 -4.29 -38.82
CA LEU H 300 -30.42 -3.24 -39.28
C LEU H 300 -28.97 -3.51 -38.93
N LEU H 301 -28.73 -4.01 -37.72
CA LEU H 301 -27.37 -4.33 -37.29
C LEU H 301 -26.83 -5.42 -38.19
N THR H 302 -27.59 -6.49 -38.37
CA THR H 302 -27.15 -7.59 -39.23
C THR H 302 -26.73 -7.01 -40.58
N ASP H 303 -27.49 -6.05 -41.07
CA ASP H 303 -27.23 -5.49 -42.41
C ASP H 303 -26.06 -4.51 -42.38
N TRP H 304 -25.95 -3.77 -41.28
CA TRP H 304 -24.87 -2.80 -41.13
C TRP H 304 -23.53 -3.52 -41.04
N LYS H 305 -23.47 -4.56 -40.21
CA LYS H 305 -22.31 -5.46 -40.17
C LYS H 305 -21.89 -5.91 -41.56
N VAL H 306 -22.86 -6.22 -42.40
CA VAL H 306 -22.55 -6.70 -43.75
C VAL H 306 -22.01 -5.57 -44.61
N LEU H 307 -22.59 -4.38 -44.47
CA LEU H 307 -22.06 -3.19 -45.13
C LEU H 307 -20.61 -2.96 -44.73
N ASN H 308 -20.35 -2.99 -43.43
CA ASN H 308 -19.06 -2.57 -42.90
C ASN H 308 -17.97 -3.55 -43.30
N ASN H 309 -18.28 -4.84 -43.21
CA ASN H 309 -17.35 -5.88 -43.62
C ASN H 309 -16.95 -5.73 -45.07
N ASN H 310 -17.93 -5.59 -45.94
CA ASN H 310 -17.64 -5.32 -47.34
C ASN H 310 -16.78 -4.06 -47.50
N MET H 311 -16.99 -3.06 -46.65
CA MET H 311 -16.20 -1.82 -46.70
C MET H 311 -14.75 -2.05 -46.25
N ILE H 312 -14.58 -2.88 -45.23
CA ILE H 312 -13.27 -3.22 -44.70
C ILE H 312 -12.51 -4.03 -45.74
N GLN H 313 -13.20 -4.98 -46.36
CA GLN H 313 -12.57 -5.85 -47.35
C GLN H 313 -12.11 -5.01 -48.54
N ILE H 314 -12.89 -4.01 -48.92
CA ILE H 314 -12.51 -3.18 -50.07
C ILE H 314 -11.18 -2.46 -49.82
N GLN H 315 -10.99 -1.95 -48.61
CA GLN H 315 -9.73 -1.27 -48.27
C GLN H 315 -8.56 -2.25 -48.10
N LYS H 316 -8.81 -3.42 -47.53
CA LYS H 316 -7.81 -4.50 -47.52
C LYS H 316 -7.36 -4.85 -48.93
N ASN H 317 -8.31 -4.95 -49.85
CA ASN H 317 -8.04 -5.04 -51.28
C ASN H 317 -7.08 -3.97 -51.80
N VAL H 318 -7.35 -2.72 -51.45
CA VAL H 318 -6.59 -1.61 -51.98
C VAL H 318 -5.18 -1.61 -51.39
N GLU H 319 -5.07 -1.78 -50.08
CA GLU H 319 -3.76 -1.84 -49.42
C GLU H 319 -2.94 -3.03 -49.92
N GLU H 320 -3.61 -4.05 -50.44
CA GLU H 320 -2.94 -5.29 -50.84
C GLU H 320 -2.63 -5.31 -52.34
N GLY H 321 -3.02 -4.25 -53.04
CA GLY H 321 -2.63 -4.08 -54.44
C GLY H 321 -3.27 -5.07 -55.38
N THR H 322 -4.45 -5.56 -55.02
CA THR H 322 -5.25 -6.39 -55.92
C THR H 322 -6.14 -5.52 -56.80
N TYR H 323 -6.39 -4.29 -56.35
CA TYR H 323 -7.23 -3.37 -57.11
C TYR H 323 -6.40 -2.77 -58.24
N THR H 324 -6.21 -3.54 -59.29
CA THR H 324 -5.29 -3.22 -60.37
C THR H 324 -6.01 -2.41 -61.44
N ASP H 325 -7.33 -2.53 -61.49
CA ASP H 325 -8.16 -1.71 -62.38
C ASP H 325 -8.82 -0.59 -61.58
N SER H 326 -8.46 0.65 -61.87
CA SER H 326 -8.86 1.76 -61.02
C SER H 326 -10.36 2.04 -61.14
N SER H 327 -10.90 1.84 -62.34
CA SER H 327 -12.32 2.06 -62.56
C SER H 327 -13.17 1.14 -61.68
N LEU H 328 -12.73 -0.09 -61.50
CA LEU H 328 -13.45 -1.03 -60.63
C LEU H 328 -13.42 -0.61 -59.16
N LEU H 329 -12.40 0.16 -58.76
CA LEU H 329 -12.46 0.86 -57.48
C LEU H 329 -13.53 1.96 -57.54
N GLN H 330 -13.54 2.71 -58.64
CA GLN H 330 -14.54 3.74 -58.84
C GLN H 330 -15.95 3.16 -58.88
N LYS H 331 -16.10 1.96 -59.47
CA LYS H 331 -17.38 1.29 -59.52
C LYS H 331 -17.84 0.91 -58.11
N HIS H 332 -16.90 0.42 -57.32
CA HIS H 332 -17.21 -0.05 -55.98
C HIS H 332 -17.45 1.12 -55.03
N PHE H 333 -16.87 2.27 -55.35
CA PHE H 333 -17.02 3.47 -54.52
C PHE H 333 -18.38 4.14 -54.78
N ASN H 334 -18.85 4.09 -56.02
CA ASN H 334 -20.24 4.51 -56.31
C ASN H 334 -21.28 3.65 -55.61
N GLN H 335 -20.93 2.40 -55.34
CA GLN H 335 -21.87 1.48 -54.70
C GLN H 335 -22.05 1.83 -53.22
N ILE H 336 -21.04 2.47 -52.63
CA ILE H 336 -21.15 3.01 -51.28
C ILE H 336 -21.91 4.32 -51.31
N LYS H 337 -21.65 5.11 -52.35
CA LYS H 337 -22.41 6.33 -52.58
C LYS H 337 -23.91 6.07 -52.71
N LYS H 338 -24.27 4.96 -53.36
CA LYS H 338 -25.68 4.61 -53.48
C LYS H 338 -26.31 4.29 -52.12
N VAL H 339 -25.61 3.50 -51.33
CA VAL H 339 -26.08 3.22 -49.98
C VAL H 339 -26.22 4.52 -49.18
N SER H 340 -25.24 5.42 -49.32
CA SER H 340 -25.24 6.68 -48.55
C SER H 340 -26.44 7.57 -48.90
N ASP H 341 -26.70 7.73 -50.19
CA ASP H 341 -27.87 8.47 -50.65
C ASP H 341 -29.16 7.95 -49.99
N GLU H 342 -29.37 6.65 -50.07
CA GLU H 342 -30.59 6.05 -49.57
C GLU H 342 -30.64 6.15 -48.05
N MET H 343 -29.46 6.10 -47.42
CA MET H 343 -29.35 6.28 -45.97
C MET H 343 -29.75 7.71 -45.58
N ASN H 344 -29.40 8.68 -46.40
CA ASN H 344 -29.79 10.06 -46.14
C ASN H 344 -31.27 10.25 -46.36
N LYS H 345 -31.83 9.49 -47.29
CA LYS H 345 -33.26 9.53 -47.55
C LYS H 345 -34.03 9.06 -46.32
N GLN H 346 -33.60 7.93 -45.78
CA GLN H 346 -34.40 7.20 -44.81
C GLN H 346 -34.24 7.79 -43.42
N THR H 347 -33.08 8.37 -43.16
CA THR H 347 -32.84 9.01 -41.86
C THR H 347 -33.60 10.34 -41.76
N ASN H 348 -33.81 10.99 -42.89
CA ASN H 348 -34.68 12.18 -42.93
C ASN H 348 -36.15 11.84 -42.83
N GLN H 349 -36.55 10.73 -43.42
CA GLN H 349 -37.88 10.19 -43.22
C GLN H 349 -38.05 9.88 -41.74
N PHE H 350 -37.11 9.15 -41.17
CA PHE H 350 -37.22 8.82 -39.75
C PHE H 350 -37.38 10.13 -38.97
N GLU H 351 -36.57 11.12 -39.31
CA GLU H 351 -36.64 12.37 -38.55
C GLU H 351 -38.05 12.97 -38.68
N ASP H 352 -38.63 12.90 -39.87
CA ASP H 352 -39.97 13.42 -40.12
C ASP H 352 -41.06 12.64 -39.37
N TYR H 353 -40.91 11.33 -39.24
CA TYR H 353 -41.91 10.55 -38.53
C TYR H 353 -41.96 11.01 -37.09
N VAL H 354 -40.80 11.12 -36.46
CA VAL H 354 -40.75 11.26 -35.01
C VAL H 354 -40.91 12.73 -34.60
N THR H 355 -40.87 13.62 -35.59
CA THR H 355 -41.04 15.05 -35.34
C THR H 355 -42.45 15.54 -35.71
N ASN H 356 -43.00 15.00 -36.80
CA ASN H 356 -44.17 15.61 -37.45
C ASN H 356 -45.47 14.81 -37.31
N VAL H 357 -45.37 13.55 -36.88
CA VAL H 357 -46.56 12.78 -36.47
C VAL H 357 -46.75 12.86 -34.96
N GLU H 358 -47.48 13.89 -34.52
CA GLU H 358 -47.60 14.20 -33.10
C GLU H 358 -48.58 13.22 -32.44
N VAL H 359 -48.43 13.06 -31.12
CA VAL H 359 -49.26 12.18 -30.36
C VAL H 359 -49.65 12.86 -29.06
N HIS H 360 -50.95 13.08 -28.85
CA HIS H 360 -51.39 14.06 -27.85
C HIS H 360 -52.36 13.47 -26.83
#